data_7U66
#
_entry.id   7U66
#
_cell.length_a   1.00
_cell.length_b   1.00
_cell.length_c   1.00
_cell.angle_alpha   90.00
_cell.angle_beta   90.00
_cell.angle_gamma   90.00
#
_symmetry.space_group_name_H-M   'P 1'
#
loop_
_entity.id
_entity.type
_entity.pdbx_description
1 polymer 'Deoxyguanosinetriphosphate triphosphohydrolase'
2 polymer 'Inhibitor of dGTPase'
3 non-polymer 'MAGNESIUM ION'
4 non-polymer "2'-DEOXYGUANOSINE-5'-TRIPHOSPHATE"
#
loop_
_entity_poly.entity_id
_entity_poly.type
_entity_poly.pdbx_seq_one_letter_code
_entity_poly.pdbx_strand_id
1 'polypeptide(L)'
;MAQIDFRKKINWHRRYRSPQGVKTEHEILRIFESDRGRIINSPAIRRLQQKTQVFPLERNAAVRTRLTHSMEVQQVGRYI
AKEILSRLKELKLLEAYGLDELTGPFESIVEMSCLMHDIGNPPFGHFGEAAINDWFRQRLHPEDAESQPLTDDRCSVAAL
RLRDGEEPLNELRRKIRQDLCHFEGNAQGIRLVHTLMRMNLTWAQVGGILKYTRPAWWRGETPETHHYLMKKPGYYLSEE
AYIARLRKELNLALYSRFPLTWIMEAADDISYCVADLEDAVEKRIFTVEQLYHHLHEAWGQHEKGSLFSLVVENAWEKSR
SNSLSRSTEDQFFMYLRVNTLNKLVPYAAQRFIDNLPAIFAGTFNHALLEDASECSDLLKLYKNVAVKHVFSHPDVERLE
LQGYRVISGLLEIYRPLLSLSLSDFTELVEKERVKRFPIESRLFHKLSTRHRLAYVEAVSKLPSDSPEFPLWEYYYRCRL
LQDYISGMTDLYAWDEYRRLMAVEQ
;
A,B,C,D,E,F
2 'polypeptide(L)'
;GSFTMGRLYSGNLAAFKAATNKLFQLDLAVIYDDWYDAYTRKDCIRLRIEDRSGNLIDTSTFYHHDEDVLFNMCTDWLNH
MYDQLKDWK
;
G,H,I,J,K,L
#
loop_
_chem_comp.id
_chem_comp.type
_chem_comp.name
_chem_comp.formula
DGT non-polymer 2'-DEOXYGUANOSINE-5'-TRIPHOSPHATE 'C10 H16 N5 O13 P3'
MG non-polymer 'MAGNESIUM ION' 'Mg 2'
#
# COMPACT_ATOMS: atom_id res chain seq x y z
N GLN A 3 -47.37 49.54 4.69
CA GLN A 3 -46.51 50.27 3.76
C GLN A 3 -45.14 49.62 3.67
N ILE A 4 -44.77 49.19 2.47
CA ILE A 4 -43.49 48.54 2.25
C ILE A 4 -42.37 49.57 2.30
N ASP A 5 -41.35 49.30 3.11
CA ASP A 5 -40.20 50.20 3.23
C ASP A 5 -39.00 49.32 3.52
N PHE A 6 -38.06 49.24 2.57
CA PHE A 6 -36.91 48.37 2.70
C PHE A 6 -35.78 48.99 3.53
N ARG A 7 -35.91 50.25 3.95
CA ARG A 7 -34.92 50.84 4.83
C ARG A 7 -35.00 50.29 6.24
N LYS A 8 -36.16 49.81 6.66
CA LYS A 8 -36.32 49.20 7.97
C LYS A 8 -35.95 47.73 7.98
N LYS A 9 -35.55 47.16 6.86
CA LYS A 9 -35.15 45.77 6.76
C LYS A 9 -33.67 45.59 6.48
N ILE A 10 -33.07 46.47 5.67
CA ILE A 10 -31.64 46.40 5.40
C ILE A 10 -30.90 47.12 6.51
N ASN A 11 -30.51 46.38 7.55
CA ASN A 11 -29.83 46.94 8.71
C ASN A 11 -28.33 46.72 8.54
N TRP A 12 -27.55 47.79 8.68
CA TRP A 12 -26.11 47.73 8.52
C TRP A 12 -25.35 47.86 9.83
N HIS A 13 -26.03 47.64 10.96
CA HIS A 13 -25.36 47.64 12.25
C HIS A 13 -24.81 46.25 12.55
N ARG A 14 -23.92 46.19 13.53
CA ARG A 14 -23.26 44.97 13.95
C ARG A 14 -23.58 44.68 15.41
N ARG A 15 -23.03 43.58 15.92
CA ARG A 15 -23.22 43.18 17.31
C ARG A 15 -22.14 43.73 18.22
N TYR A 16 -20.89 43.74 17.77
CA TYR A 16 -19.77 44.29 18.53
C TYR A 16 -19.13 45.42 17.73
N ARG A 17 -18.87 46.53 18.40
CA ARG A 17 -18.22 47.70 17.79
C ARG A 17 -19.01 48.17 16.57
N SER A 18 -20.33 48.21 16.71
CA SER A 18 -21.19 48.57 15.61
C SER A 18 -20.98 50.04 15.24
N PRO A 19 -21.04 50.38 13.95
CA PRO A 19 -20.94 51.78 13.55
C PRO A 19 -22.25 52.51 13.82
N GLN A 20 -22.14 53.74 14.32
CA GLN A 20 -23.28 54.54 14.71
C GLN A 20 -23.28 55.87 13.97
N GLY A 21 -24.45 56.50 13.94
CA GLY A 21 -24.61 57.79 13.29
C GLY A 21 -25.39 57.72 12.00
N VAL A 22 -25.17 58.69 11.11
CA VAL A 22 -25.84 58.76 9.83
C VAL A 22 -24.81 58.61 8.73
N LYS A 23 -25.14 57.80 7.73
CA LYS A 23 -24.19 57.43 6.69
C LYS A 23 -24.75 57.80 5.33
N THR A 24 -23.89 57.71 4.31
CA THR A 24 -24.26 57.96 2.92
C THR A 24 -24.16 56.65 2.13
N GLU A 25 -24.42 56.76 0.83
CA GLU A 25 -24.40 55.57 -0.03
C GLU A 25 -23.02 54.93 -0.09
N HIS A 26 -21.97 55.75 -0.23
CA HIS A 26 -20.62 55.22 -0.34
C HIS A 26 -20.20 54.49 0.92
N GLU A 27 -20.52 55.05 2.09
CA GLU A 27 -20.18 54.40 3.35
C GLU A 27 -20.92 53.09 3.54
N ILE A 28 -22.20 53.03 3.17
CA ILE A 28 -22.95 51.79 3.27
C ILE A 28 -22.38 50.73 2.35
N LEU A 29 -22.02 51.12 1.12
CA LEU A 29 -21.41 50.17 0.20
C LEU A 29 -20.08 49.66 0.74
N ARG A 30 -19.28 50.56 1.33
CA ARG A 30 -18.02 50.13 1.95
C ARG A 30 -18.27 49.17 3.10
N ILE A 31 -19.30 49.41 3.90
CA ILE A 31 -19.62 48.51 5.01
C ILE A 31 -19.95 47.12 4.47
N PHE A 32 -20.77 47.06 3.43
CA PHE A 32 -21.20 45.76 2.90
C PHE A 32 -20.13 45.05 2.10
N GLU A 33 -19.12 45.77 1.58
CA GLU A 33 -18.03 45.10 0.88
C GLU A 33 -17.09 44.39 1.85
N SER A 34 -16.91 44.96 3.04
CA SER A 34 -16.07 44.31 4.05
C SER A 34 -16.65 42.97 4.47
N ASP A 35 -17.98 42.84 4.48
CA ASP A 35 -18.59 41.55 4.80
C ASP A 35 -18.20 40.49 3.78
N ARG A 36 -18.21 40.86 2.50
CA ARG A 36 -17.74 39.93 1.47
C ARG A 36 -16.28 39.58 1.69
N GLY A 37 -15.46 40.59 2.01
CA GLY A 37 -14.05 40.32 2.27
C GLY A 37 -13.85 39.35 3.40
N ARG A 38 -14.64 39.46 4.47
CA ARG A 38 -14.52 38.55 5.59
C ARG A 38 -14.97 37.14 5.21
N ILE A 39 -16.10 37.03 4.52
CA ILE A 39 -16.65 35.71 4.23
C ILE A 39 -15.76 34.95 3.25
N ILE A 40 -15.29 35.61 2.20
CA ILE A 40 -14.55 34.89 1.16
C ILE A 40 -13.22 34.34 1.68
N ASN A 41 -12.54 35.06 2.57
CA ASN A 41 -11.24 34.63 3.08
C ASN A 41 -11.34 33.92 4.42
N SER A 42 -12.40 33.15 4.61
CA SER A 42 -12.64 32.44 5.85
C SER A 42 -12.31 30.95 5.70
N PRO A 43 -11.81 30.31 6.77
CA PRO A 43 -11.51 28.87 6.68
C PRO A 43 -12.72 28.01 6.36
N ALA A 44 -13.91 28.42 6.80
CA ALA A 44 -15.10 27.61 6.55
C ALA A 44 -15.41 27.50 5.06
N ILE A 45 -15.24 28.59 4.32
CA ILE A 45 -15.47 28.54 2.87
C ILE A 45 -14.38 27.74 2.19
N ARG A 46 -13.13 27.88 2.64
CA ARG A 46 -12.04 27.12 2.04
C ARG A 46 -12.23 25.63 2.22
N ARG A 47 -12.74 25.22 3.39
CA ARG A 47 -12.92 23.80 3.68
C ARG A 47 -13.91 23.13 2.74
N LEU A 48 -14.74 23.90 2.04
CA LEU A 48 -15.78 23.32 1.21
C LEU A 48 -15.25 22.60 -0.02
N GLN A 49 -13.98 22.80 -0.36
CA GLN A 49 -13.41 22.15 -1.54
C GLN A 49 -12.94 20.73 -1.26
N GLN A 50 -13.18 20.22 -0.06
CA GLN A 50 -12.87 18.82 0.28
C GLN A 50 -14.12 18.06 0.73
N LYS A 51 -15.30 18.57 0.41
CA LYS A 51 -16.55 17.90 0.74
C LYS A 51 -17.24 17.45 -0.53
N THR A 52 -17.75 16.22 -0.50
CA THR A 52 -18.34 15.59 -1.68
C THR A 52 -19.80 16.00 -1.84
N GLN A 53 -20.17 16.38 -3.07
CA GLN A 53 -21.57 16.68 -3.38
C GLN A 53 -22.34 15.41 -3.71
N VAL A 54 -21.94 14.71 -4.77
CA VAL A 54 -22.57 13.45 -5.14
C VAL A 54 -21.52 12.37 -5.31
N PHE A 55 -20.53 12.61 -6.18
CA PHE A 55 -19.49 11.65 -6.48
C PHE A 55 -18.20 12.00 -5.77
N PRO A 56 -17.54 11.05 -5.11
CA PRO A 56 -16.31 11.30 -4.34
C PRO A 56 -15.11 11.66 -5.20
N ALA A 62 -12.66 16.18 -12.45
CA ALA A 62 -13.43 17.37 -12.78
C ALA A 62 -14.88 17.22 -12.33
N VAL A 63 -15.09 16.64 -11.16
CA VAL A 63 -16.41 16.52 -10.58
C VAL A 63 -16.62 17.64 -9.58
N ARG A 64 -17.87 17.98 -9.34
CA ARG A 64 -18.20 19.17 -8.55
C ARG A 64 -18.10 18.90 -7.05
N THR A 65 -17.46 19.84 -6.36
CA THR A 65 -17.44 19.88 -4.91
C THR A 65 -18.54 20.82 -4.44
N ARG A 66 -18.57 21.11 -3.16
CA ARG A 66 -19.58 21.99 -2.63
C ARG A 66 -19.29 23.45 -2.95
N LEU A 67 -18.03 23.77 -3.18
CA LEU A 67 -17.64 25.14 -3.51
C LEU A 67 -18.11 25.55 -4.90
N THR A 68 -17.89 24.69 -5.90
CA THR A 68 -18.31 25.00 -7.25
C THR A 68 -19.83 25.07 -7.40
N HIS A 69 -20.58 24.22 -6.69
CA HIS A 69 -22.03 24.26 -6.74
C HIS A 69 -22.57 25.55 -6.12
N SER A 70 -21.96 25.99 -5.02
CA SER A 70 -22.30 27.29 -4.44
C SER A 70 -21.95 28.43 -5.38
N MET A 71 -20.85 28.35 -6.12
CA MET A 71 -20.51 29.37 -7.10
C MET A 71 -21.50 29.45 -8.26
N GLU A 72 -22.29 28.41 -8.49
CA GLU A 72 -23.35 28.47 -9.50
C GLU A 72 -24.66 28.99 -8.92
N VAL A 73 -24.98 28.57 -7.69
CA VAL A 73 -26.15 29.11 -7.01
C VAL A 73 -26.02 30.62 -6.85
N GLN A 74 -24.80 31.10 -6.59
CA GLN A 74 -24.57 32.53 -6.45
C GLN A 74 -24.90 33.29 -7.73
N GLN A 75 -24.48 32.76 -8.88
CA GLN A 75 -24.79 33.41 -10.15
C GLN A 75 -26.28 33.42 -10.42
N VAL A 76 -26.97 32.30 -10.15
CA VAL A 76 -28.40 32.25 -10.39
C VAL A 76 -29.13 33.28 -9.51
N GLY A 77 -28.77 33.35 -8.23
CA GLY A 77 -29.39 34.31 -7.35
C GLY A 77 -29.13 35.75 -7.74
N ARG A 78 -27.90 36.05 -8.16
CA ARG A 78 -27.59 37.40 -8.61
C ARG A 78 -28.42 37.77 -9.83
N TYR A 79 -28.58 36.85 -10.78
CA TYR A 79 -29.38 37.14 -11.96
C TYR A 79 -30.83 37.39 -11.59
N ILE A 80 -31.38 36.58 -10.67
CA ILE A 80 -32.76 36.78 -10.24
C ILE A 80 -32.93 38.15 -9.58
N ALA A 81 -31.98 38.52 -8.71
CA ALA A 81 -32.08 39.80 -8.02
C ALA A 81 -32.03 40.97 -9.00
N LYS A 82 -31.13 40.90 -9.99
CA LYS A 82 -31.06 41.97 -10.98
C LYS A 82 -32.33 42.04 -11.81
N GLU A 83 -32.92 40.89 -12.16
CA GLU A 83 -34.17 40.91 -12.91
C GLU A 83 -35.29 41.55 -12.10
N ILE A 84 -35.40 41.22 -10.81
CA ILE A 84 -36.43 41.82 -9.97
C ILE A 84 -36.22 43.32 -9.88
N LEU A 85 -34.98 43.76 -9.69
CA LEU A 85 -34.72 45.19 -9.60
C LEU A 85 -35.02 45.92 -10.90
N SER A 86 -34.72 45.30 -12.04
CA SER A 86 -35.04 45.91 -13.32
C SER A 86 -36.55 46.02 -13.52
N ARG A 87 -37.31 45.00 -13.10
CA ARG A 87 -38.75 45.02 -13.31
C ARG A 87 -39.46 46.07 -12.47
N LEU A 88 -38.84 46.56 -11.39
CA LEU A 88 -39.45 47.59 -10.58
C LEU A 88 -39.16 49.00 -11.08
N LYS A 89 -38.13 49.17 -11.91
CA LYS A 89 -37.88 50.48 -12.51
C LYS A 89 -38.85 50.77 -13.64
N GLU A 90 -39.29 49.74 -14.36
CA GLU A 90 -40.28 49.93 -15.42
C GLU A 90 -41.66 50.31 -14.88
N LEU A 91 -41.87 50.17 -13.57
CA LEU A 91 -43.12 50.59 -12.94
C LEU A 91 -42.91 51.75 -11.97
N LYS A 92 -41.71 52.33 -11.94
CA LYS A 92 -41.40 53.52 -11.12
C LYS A 92 -41.71 53.29 -9.65
N LEU A 93 -41.39 52.11 -9.12
CA LEU A 93 -41.66 51.78 -7.73
C LEU A 93 -40.41 51.70 -6.87
N LEU A 94 -39.25 52.12 -7.39
CA LEU A 94 -38.04 52.09 -6.58
C LEU A 94 -37.93 53.25 -5.60
N GLU A 95 -38.79 54.25 -5.70
CA GLU A 95 -38.83 55.36 -4.75
C GLU A 95 -39.90 55.20 -3.69
N ALA A 96 -41.01 54.55 -4.03
CA ALA A 96 -42.05 54.30 -3.03
C ALA A 96 -41.66 53.16 -2.10
N TYR A 97 -40.84 52.22 -2.58
CA TYR A 97 -40.44 51.06 -1.80
C TYR A 97 -39.13 51.25 -1.05
N GLY A 98 -38.47 52.40 -1.23
CA GLY A 98 -37.27 52.70 -0.48
C GLY A 98 -35.99 52.12 -1.04
N LEU A 99 -36.03 51.47 -2.19
CA LEU A 99 -34.85 50.86 -2.77
C LEU A 99 -34.07 51.81 -3.67
N ASP A 100 -34.32 53.12 -3.56
CA ASP A 100 -33.69 54.08 -4.46
C ASP A 100 -32.18 54.12 -4.26
N GLU A 101 -31.73 54.06 -3.01
CA GLU A 101 -30.32 54.20 -2.68
C GLU A 101 -29.75 52.94 -2.03
N LEU A 102 -30.42 51.81 -2.22
CA LEU A 102 -29.96 50.56 -1.62
C LEU A 102 -29.89 49.42 -2.64
N THR A 103 -29.75 49.73 -3.93
CA THR A 103 -29.68 48.66 -4.93
C THR A 103 -28.42 47.83 -4.80
N GLY A 104 -27.30 48.45 -4.45
CA GLY A 104 -26.03 47.76 -4.33
C GLY A 104 -26.03 46.64 -3.32
N PRO A 105 -26.36 46.95 -2.06
CA PRO A 105 -26.41 45.89 -1.04
C PRO A 105 -27.44 44.81 -1.32
N PHE A 106 -28.46 45.12 -2.11
CA PHE A 106 -29.52 44.14 -2.38
C PHE A 106 -28.96 42.89 -3.06
N GLU A 107 -28.07 43.07 -4.04
CA GLU A 107 -27.46 41.91 -4.68
C GLU A 107 -26.42 41.25 -3.79
N SER A 108 -25.66 42.04 -3.03
CA SER A 108 -24.58 41.49 -2.22
C SER A 108 -25.13 40.57 -1.14
N ILE A 109 -26.22 40.97 -0.49
CA ILE A 109 -26.80 40.13 0.56
C ILE A 109 -27.24 38.80 -0.02
N VAL A 110 -27.92 38.82 -1.16
CA VAL A 110 -28.40 37.59 -1.78
C VAL A 110 -27.24 36.71 -2.17
N GLU A 111 -26.20 37.30 -2.77
CA GLU A 111 -25.07 36.50 -3.24
C GLU A 111 -24.31 35.85 -2.09
N MET A 112 -24.04 36.61 -1.04
CA MET A 112 -23.32 36.06 0.10
C MET A 112 -24.16 35.05 0.87
N SER A 113 -25.49 35.23 0.89
CA SER A 113 -26.35 34.21 1.48
C SER A 113 -26.34 32.94 0.66
N CYS A 114 -26.30 33.06 -0.67
CA CYS A 114 -26.22 31.87 -1.51
C CYS A 114 -24.89 31.16 -1.33
N LEU A 115 -23.80 31.89 -1.12
CA LEU A 115 -22.49 31.25 -1.00
C LEU A 115 -22.40 30.40 0.26
N MET A 116 -22.75 30.98 1.41
CA MET A 116 -22.67 30.25 2.69
C MET A 116 -24.01 29.67 3.09
N HIS A 117 -24.59 28.86 2.21
CA HIS A 117 -25.81 28.12 2.49
C HIS A 117 -25.54 26.66 2.79
N ASP A 118 -24.28 26.25 2.86
CA ASP A 118 -23.94 24.88 3.08
C ASP A 118 -22.71 24.72 3.92
N ILE A 119 -22.50 25.60 4.87
CA ILE A 119 -21.30 25.54 5.70
C ILE A 119 -21.50 24.74 6.97
N GLY A 120 -22.74 24.38 7.30
CA GLY A 120 -23.03 23.64 8.51
C GLY A 120 -23.27 22.16 8.34
N ASN A 121 -23.29 21.66 7.12
CA ASN A 121 -23.58 20.26 6.91
C ASN A 121 -22.43 19.38 7.41
N PRO A 122 -22.73 18.25 8.04
CA PRO A 122 -21.68 17.40 8.58
C PRO A 122 -21.01 16.61 7.47
N PRO A 123 -19.91 15.92 7.76
CA PRO A 123 -19.30 15.04 6.76
C PRO A 123 -20.28 13.95 6.35
N PHE A 124 -20.18 13.54 5.08
CA PHE A 124 -20.96 12.49 4.44
C PHE A 124 -22.41 12.89 4.21
N GLY A 125 -22.81 14.11 4.57
CA GLY A 125 -24.11 14.60 4.16
C GLY A 125 -25.23 14.03 4.99
N HIS A 126 -26.32 13.73 4.31
CA HIS A 126 -27.55 13.21 4.89
C HIS A 126 -27.41 11.97 5.74
N PHE A 127 -26.43 11.14 5.41
CA PHE A 127 -26.23 9.92 6.17
C PHE A 127 -25.32 10.15 7.37
N GLY A 128 -24.72 11.32 7.42
CA GLY A 128 -23.88 11.72 8.52
C GLY A 128 -24.78 12.41 9.53
N GLU A 129 -25.86 13.02 9.08
CA GLU A 129 -26.78 13.69 9.98
C GLU A 129 -27.62 12.71 10.78
N ALA A 130 -28.02 11.60 10.16
CA ALA A 130 -28.79 10.58 10.89
C ALA A 130 -27.94 9.92 11.97
N ALA A 131 -26.68 9.62 11.67
CA ALA A 131 -25.83 8.92 12.62
C ALA A 131 -25.66 9.70 13.91
N ILE A 132 -25.51 11.02 13.81
CA ILE A 132 -25.43 11.85 15.01
C ILE A 132 -26.75 11.81 15.77
N ASN A 133 -27.87 11.80 15.04
CA ASN A 133 -29.17 11.82 15.69
C ASN A 133 -29.52 10.50 16.36
N ASP A 134 -29.25 9.38 15.68
CA ASP A 134 -29.59 8.08 16.22
C ASP A 134 -28.78 7.77 17.48
N TRP A 135 -27.48 7.99 17.43
CA TRP A 135 -26.60 7.69 18.56
C TRP A 135 -27.06 8.40 19.82
N PHE A 136 -27.52 9.64 19.71
CA PHE A 136 -27.98 10.37 20.89
C PHE A 136 -29.36 9.91 21.34
N ARG A 137 -30.19 9.43 20.41
CA ARG A 137 -31.54 9.04 20.79
C ARG A 137 -31.56 7.82 21.71
N GLN A 138 -30.48 7.07 21.70
CA GLN A 138 -30.39 5.90 22.56
C GLN A 138 -29.77 6.27 23.88
N ARG A 139 -29.36 7.50 24.03
CA ARG A 139 -28.76 7.94 25.27
C ARG A 139 -29.70 8.74 26.14
N LEU A 140 -30.65 9.47 25.54
CA LEU A 140 -31.54 10.36 26.27
C LEU A 140 -33.00 9.98 26.20
N HIS A 141 -33.45 9.36 25.10
CA HIS A 141 -34.83 8.91 24.91
C HIS A 141 -35.81 10.05 25.14
N PRO A 142 -35.90 11.02 24.23
CA PRO A 142 -36.82 12.14 24.45
C PRO A 142 -38.27 11.72 24.50
N GLU A 143 -38.65 10.64 23.83
CA GLU A 143 -40.06 10.25 23.75
C GLU A 143 -40.64 9.94 25.12
N ASP A 144 -39.80 9.68 26.11
CA ASP A 144 -40.25 9.34 27.45
C ASP A 144 -40.41 10.57 28.35
N ALA A 145 -40.22 11.78 27.81
CA ALA A 145 -40.36 13.00 28.60
C ALA A 145 -41.52 13.86 28.13
N GLU A 146 -42.49 13.27 27.43
CA GLU A 146 -43.59 14.04 26.85
C GLU A 146 -44.83 14.08 27.72
N SER A 147 -44.81 13.44 28.90
CA SER A 147 -46.00 13.32 29.73
C SER A 147 -45.57 13.42 31.19
N GLN A 148 -46.47 13.00 32.08
CA GLN A 148 -46.16 12.99 33.50
C GLN A 148 -45.00 12.03 33.78
N PRO A 149 -44.18 12.33 34.79
CA PRO A 149 -43.00 11.49 35.07
C PRO A 149 -43.34 10.03 35.28
N LEU A 150 -42.57 9.15 34.64
CA LEU A 150 -42.81 7.72 34.70
C LEU A 150 -42.05 7.09 35.87
N ASP A 153 -38.32 5.04 32.95
CA ASP A 153 -37.43 6.03 32.34
C ASP A 153 -36.12 5.39 31.92
N ARG A 154 -35.78 5.53 30.65
CA ARG A 154 -34.61 4.88 30.08
C ARG A 154 -33.43 5.83 29.89
N CYS A 155 -33.48 7.03 30.48
CA CYS A 155 -32.37 7.96 30.32
C CYS A 155 -31.14 7.47 31.05
N SER A 156 -29.99 7.58 30.39
CA SER A 156 -28.73 7.07 30.92
C SER A 156 -27.99 8.09 31.77
N VAL A 157 -28.48 9.32 31.86
CA VAL A 157 -27.85 10.36 32.66
C VAL A 157 -28.72 10.62 33.88
N ALA A 158 -28.11 10.58 35.06
CA ALA A 158 -28.88 10.70 36.30
C ALA A 158 -29.46 12.10 36.46
N ALA A 159 -28.76 13.12 35.96
CA ALA A 159 -29.17 14.51 36.15
C ALA A 159 -30.22 14.97 35.14
N LEU A 160 -30.75 14.06 34.31
CA LEU A 160 -31.77 14.44 33.34
C LEU A 160 -33.03 13.59 33.42
N ARG A 161 -33.07 12.59 34.28
CA ARG A 161 -34.28 11.78 34.45
C ARG A 161 -35.33 12.58 35.19
N LEU A 162 -36.59 12.38 34.82
CA LEU A 162 -37.69 13.15 35.40
C LEU A 162 -38.01 12.64 36.80
N ARG A 163 -38.12 13.56 37.75
CA ARG A 163 -38.50 13.22 39.12
C ARG A 163 -39.72 14.03 39.54
N GLU A 166 -41.29 18.51 41.05
CA GLU A 166 -40.24 19.37 40.55
C GLU A 166 -40.47 19.76 39.09
N GLU A 167 -41.59 20.40 38.82
CA GLU A 167 -41.96 20.84 37.48
C GLU A 167 -40.99 21.85 36.87
N PRO A 168 -40.55 22.89 37.61
CA PRO A 168 -39.63 23.88 36.99
C PRO A 168 -38.36 23.27 36.42
N LEU A 169 -37.77 22.30 37.11
CA LEU A 169 -36.61 21.61 36.56
C LEU A 169 -37.01 20.61 35.48
N ASN A 170 -38.22 20.06 35.59
CA ASN A 170 -38.68 19.09 34.60
C ASN A 170 -38.81 19.71 33.21
N GLU A 171 -39.28 20.96 33.14
CA GLU A 171 -39.43 21.61 31.85
C GLU A 171 -38.07 21.78 31.17
N LEU A 172 -37.07 22.25 31.91
CA LEU A 172 -35.73 22.38 31.35
C LEU A 172 -35.15 21.03 30.97
N ARG A 173 -35.42 20.00 31.78
CA ARG A 173 -34.95 18.66 31.46
C ARG A 173 -35.50 18.19 30.12
N ARG A 174 -36.82 18.31 29.92
CA ARG A 174 -37.40 17.84 28.67
C ARG A 174 -36.95 18.68 27.49
N LYS A 175 -36.77 19.99 27.68
CA LYS A 175 -36.27 20.82 26.58
C LYS A 175 -34.87 20.39 26.15
N ILE A 176 -33.98 20.19 27.13
CA ILE A 176 -32.61 19.77 26.80
C ILE A 176 -32.61 18.40 26.16
N ARG A 177 -33.45 17.49 26.65
CA ARG A 177 -33.47 16.14 26.08
C ARG A 177 -34.00 16.14 24.64
N GLN A 178 -34.96 17.02 24.34
CA GLN A 178 -35.48 17.07 22.98
C GLN A 178 -34.52 17.75 22.02
N ASP A 179 -33.85 18.82 22.48
CA ASP A 179 -33.03 19.62 21.58
C ASP A 179 -31.84 18.83 21.05
N LEU A 180 -31.19 18.05 21.90
CA LEU A 180 -29.93 17.39 21.55
C LEU A 180 -30.09 16.32 20.48
N CYS A 181 -31.32 15.86 20.21
CA CYS A 181 -31.56 14.83 19.22
C CYS A 181 -32.04 15.39 17.89
N HIS A 182 -32.03 16.71 17.73
CA HIS A 182 -32.40 17.37 16.48
C HIS A 182 -31.20 18.18 16.01
N PHE A 183 -30.32 17.54 15.24
CA PHE A 183 -29.20 18.20 14.62
C PHE A 183 -29.52 18.53 13.17
N GLU A 184 -29.22 19.75 12.76
CA GLU A 184 -29.54 20.22 11.42
C GLU A 184 -28.43 21.15 10.94
N GLY A 185 -28.13 21.07 9.64
CA GLY A 185 -27.08 21.91 9.08
C GLY A 185 -27.44 23.39 9.09
N ASN A 186 -28.69 23.71 8.76
CA ASN A 186 -29.11 25.12 8.76
C ASN A 186 -29.02 25.72 10.15
N ALA A 187 -29.41 24.97 11.18
CA ALA A 187 -29.28 25.45 12.54
C ALA A 187 -27.82 25.56 12.97
N GLN A 188 -26.95 24.71 12.41
CA GLN A 188 -25.54 24.75 12.75
C GLN A 188 -24.81 25.90 12.07
N GLY A 189 -25.32 26.37 10.93
CA GLY A 189 -24.69 27.49 10.26
C GLY A 189 -24.68 28.76 11.09
N ILE A 190 -25.80 29.04 11.77
CA ILE A 190 -25.88 30.22 12.62
C ILE A 190 -24.87 30.13 13.75
N ARG A 191 -24.79 28.97 14.40
CA ARG A 191 -23.82 28.76 15.47
C ARG A 191 -22.39 28.91 14.95
N LEU A 192 -22.14 28.44 13.74
CA LEU A 192 -20.80 28.52 13.16
C LEU A 192 -20.42 29.97 12.88
N VAL A 193 -21.33 30.76 12.35
CA VAL A 193 -20.97 32.13 11.97
C VAL A 193 -20.98 33.06 13.18
N HIS A 194 -21.73 32.73 14.24
CA HIS A 194 -21.82 33.63 15.37
C HIS A 194 -20.83 33.29 16.48
N THR A 195 -20.92 32.08 17.03
CA THR A 195 -20.20 31.75 18.24
C THR A 195 -18.78 31.24 17.99
N LEU A 196 -18.61 30.27 17.10
CA LEU A 196 -17.30 29.64 16.92
C LEU A 196 -16.35 30.51 16.10
N MET A 197 -16.70 30.82 14.86
CA MET A 197 -15.82 31.59 13.98
C MET A 197 -15.72 33.06 14.39
N ARG A 198 -16.80 33.64 14.90
CA ARG A 198 -16.83 35.04 15.32
C ARG A 198 -16.48 35.98 14.16
N MET A 199 -17.34 35.97 13.14
CA MET A 199 -17.13 36.81 11.97
C MET A 199 -17.63 38.24 12.18
N ASN A 200 -18.62 38.42 13.06
CA ASN A 200 -19.18 39.74 13.36
C ASN A 200 -19.74 40.41 12.10
N LEU A 201 -20.76 39.78 11.53
CA LEU A 201 -21.41 40.29 10.34
C LEU A 201 -22.61 41.15 10.68
N THR A 202 -23.11 41.86 9.69
CA THR A 202 -24.27 42.72 9.86
C THR A 202 -25.53 41.88 10.06
N TRP A 203 -26.56 42.51 10.63
CA TRP A 203 -27.81 41.80 10.90
C TRP A 203 -28.47 41.33 9.62
N ALA A 204 -28.45 42.15 8.58
CA ALA A 204 -29.08 41.78 7.32
C ALA A 204 -28.43 40.56 6.70
N GLN A 205 -27.13 40.41 6.87
CA GLN A 205 -26.44 39.27 6.28
C GLN A 205 -26.75 37.99 7.04
N VAL A 206 -26.85 38.06 8.37
CA VAL A 206 -27.19 36.90 9.17
C VAL A 206 -28.64 36.49 8.91
N GLY A 207 -29.54 37.46 8.71
CA GLY A 207 -30.93 37.13 8.49
C GLY A 207 -31.20 36.38 7.20
N GLY A 208 -30.27 36.41 6.25
CA GLY A 208 -30.47 35.72 4.99
C GLY A 208 -30.13 34.25 5.00
N ILE A 209 -29.59 33.75 6.10
CA ILE A 209 -29.25 32.34 6.22
C ILE A 209 -30.10 31.64 7.28
N LEU A 210 -31.24 32.22 7.63
CA LEU A 210 -32.20 31.63 8.57
C LEU A 210 -33.41 31.18 7.74
N LYS A 211 -33.37 29.93 7.28
CA LYS A 211 -34.34 29.46 6.30
C LYS A 211 -35.64 28.99 6.97
N TYR A 212 -35.54 28.27 8.08
CA TYR A 212 -36.71 27.78 8.79
C TYR A 212 -36.73 28.35 10.20
N THR A 213 -37.92 28.38 10.79
CA THR A 213 -38.15 29.11 12.03
C THR A 213 -38.66 28.23 13.16
N ARG A 214 -38.52 26.92 13.05
CA ARG A 214 -38.99 26.05 14.14
C ARG A 214 -37.89 25.87 15.17
N PRO A 215 -38.13 26.18 16.44
CA PRO A 215 -37.13 25.89 17.47
C PRO A 215 -36.87 24.39 17.56
N ALA A 216 -35.61 24.06 17.81
CA ALA A 216 -35.23 22.65 17.83
C ALA A 216 -35.75 21.92 19.06
N TRP A 217 -36.28 22.64 20.06
CA TRP A 217 -36.88 22.02 21.22
C TRP A 217 -38.40 21.89 21.11
N TRP A 218 -38.97 22.24 19.97
CA TRP A 218 -40.42 22.29 19.84
C TRP A 218 -41.01 20.89 19.86
N ARG A 219 -42.04 20.70 20.68
CA ARG A 219 -42.76 19.44 20.77
C ARG A 219 -44.24 19.67 20.47
N GLY A 220 -44.80 18.84 19.61
CA GLY A 220 -46.23 18.91 19.35
C GLY A 220 -46.59 19.25 17.92
N GLU A 221 -47.74 19.90 17.73
CA GLU A 221 -48.25 20.23 16.42
C GLU A 221 -48.00 21.70 16.11
N THR A 222 -47.62 21.97 14.88
CA THR A 222 -47.33 23.32 14.40
C THR A 222 -48.62 24.04 14.04
N PRO A 223 -48.66 25.37 14.16
CA PRO A 223 -49.83 26.13 13.72
C PRO A 223 -50.07 25.94 12.24
N GLU A 224 -51.35 25.95 11.86
CA GLU A 224 -51.73 25.73 10.47
C GLU A 224 -51.29 26.87 9.56
N THR A 225 -51.01 28.05 10.11
CA THR A 225 -50.60 29.18 9.29
C THR A 225 -49.12 29.17 8.96
N HIS A 226 -48.34 28.24 9.51
CA HIS A 226 -46.90 28.20 9.27
C HIS A 226 -46.40 26.78 9.03
N HIS A 227 -47.22 25.91 8.45
CA HIS A 227 -46.84 24.50 8.34
C HIS A 227 -45.75 24.26 7.32
N TYR A 228 -45.38 25.26 6.52
CA TYR A 228 -44.24 25.14 5.62
C TYR A 228 -42.96 25.72 6.21
N LEU A 229 -43.07 26.81 6.96
CA LEU A 229 -41.91 27.42 7.60
C LEU A 229 -41.47 26.67 8.86
N MET A 230 -42.23 25.65 9.27
CA MET A 230 -41.96 24.89 10.50
C MET A 230 -41.58 23.44 10.21
N LYS A 231 -41.23 23.12 8.96
CA LYS A 231 -41.07 21.71 8.64
C LYS A 231 -39.73 21.14 9.10
N LYS A 232 -38.75 21.98 9.40
CA LYS A 232 -37.44 21.53 9.86
C LYS A 232 -36.97 22.48 10.96
N PRO A 233 -36.13 21.99 11.87
CA PRO A 233 -35.60 22.86 12.93
C PRO A 233 -34.81 24.02 12.36
N GLY A 234 -34.92 25.17 13.02
CA GLY A 234 -34.25 26.37 12.55
C GLY A 234 -33.07 26.83 13.39
N TYR A 235 -33.18 26.70 14.70
CA TYR A 235 -32.09 27.13 15.57
C TYR A 235 -32.12 26.33 16.86
N TYR A 236 -30.99 26.35 17.57
CA TYR A 236 -30.80 25.54 18.77
C TYR A 236 -31.23 26.31 20.01
N LEU A 237 -31.13 25.66 21.16
CA LEU A 237 -31.52 26.28 22.43
C LEU A 237 -30.45 27.25 22.93
N SER A 238 -29.23 27.13 22.44
CA SER A 238 -28.14 28.00 22.84
C SER A 238 -28.19 29.37 22.17
N GLU A 239 -29.13 29.58 21.25
CA GLU A 239 -29.27 30.85 20.55
C GLU A 239 -30.62 31.49 20.76
N GLU A 240 -31.32 31.14 21.84
CA GLU A 240 -32.62 31.74 22.10
C GLU A 240 -32.50 33.21 22.45
N ALA A 241 -31.32 33.65 22.88
CA ALA A 241 -31.09 35.06 23.16
C ALA A 241 -30.57 35.83 21.95
N TYR A 242 -29.83 35.16 21.06
CA TYR A 242 -29.31 35.83 19.87
C TYR A 242 -30.37 36.03 18.81
N ILE A 243 -31.36 35.15 18.74
CA ILE A 243 -32.41 35.29 17.74
C ILE A 243 -33.44 36.34 18.16
N ALA A 244 -33.67 36.52 19.46
CA ALA A 244 -34.58 37.56 19.90
C ALA A 244 -34.07 38.95 19.50
N ARG A 245 -32.78 39.19 19.68
CA ARG A 245 -32.20 40.46 19.25
C ARG A 245 -32.25 40.60 17.73
N LEU A 246 -32.05 39.51 17.00
CA LEU A 246 -32.16 39.55 15.54
C LEU A 246 -33.56 39.95 15.11
N ARG A 247 -34.59 39.39 15.75
CA ARG A 247 -35.95 39.76 15.43
C ARG A 247 -36.25 41.20 15.81
N LYS A 248 -35.66 41.68 16.91
CA LYS A 248 -35.85 43.08 17.29
C LYS A 248 -35.18 44.03 16.31
N GLU A 249 -34.01 43.67 15.79
CA GLU A 249 -33.29 44.56 14.87
C GLU A 249 -33.94 44.60 13.48
N LEU A 250 -34.37 43.46 12.96
CA LEU A 250 -34.89 43.38 11.60
C LEU A 250 -36.41 43.48 11.54
N ASN A 251 -37.07 43.80 12.65
CA ASN A 251 -38.52 44.00 12.71
C ASN A 251 -39.27 42.78 12.17
N LEU A 252 -39.09 41.66 12.86
CA LEU A 252 -39.75 40.41 12.51
C LEU A 252 -40.60 39.94 13.68
N ALA A 253 -41.78 39.41 13.38
CA ALA A 253 -42.64 38.85 14.41
C ALA A 253 -42.14 37.45 14.77
N LEU A 254 -42.78 36.81 15.74
CA LEU A 254 -42.46 35.45 16.09
C LEU A 254 -42.84 34.53 14.94
N TYR A 255 -41.93 33.62 14.58
CA TYR A 255 -42.17 32.63 13.54
C TYR A 255 -42.33 33.28 12.16
N SER A 256 -41.42 34.18 11.82
CA SER A 256 -41.42 34.85 10.54
C SER A 256 -40.06 34.74 9.87
N ARG A 257 -40.04 34.97 8.56
CA ARG A 257 -38.85 34.82 7.76
C ARG A 257 -38.47 36.15 7.13
N PHE A 258 -37.17 36.32 6.92
CA PHE A 258 -36.59 37.48 6.22
C PHE A 258 -36.97 37.42 4.74
N PRO A 259 -37.22 38.57 4.11
CA PRO A 259 -37.69 38.54 2.71
C PRO A 259 -36.70 37.93 1.73
N LEU A 260 -35.46 38.42 1.70
CA LEU A 260 -34.49 37.99 0.70
C LEU A 260 -34.23 36.49 0.73
N THR A 261 -34.49 35.83 1.87
CA THR A 261 -34.30 34.39 1.97
C THR A 261 -35.10 33.64 0.92
N TRP A 262 -36.22 34.20 0.46
CA TRP A 262 -37.00 33.50 -0.56
C TRP A 262 -36.24 33.37 -1.87
N ILE A 263 -35.36 34.32 -2.18
CA ILE A 263 -34.61 34.24 -3.44
C ILE A 263 -33.55 33.15 -3.36
N MET A 264 -32.77 33.13 -2.27
CA MET A 264 -31.74 32.11 -2.10
C MET A 264 -32.33 30.71 -2.12
N GLU A 265 -33.55 30.54 -1.62
CA GLU A 265 -34.21 29.24 -1.67
C GLU A 265 -34.56 28.84 -3.10
N ALA A 266 -34.94 29.80 -3.94
CA ALA A 266 -35.30 29.47 -5.31
C ALA A 266 -34.06 29.12 -6.13
N ALA A 267 -32.99 29.89 -5.99
CA ALA A 267 -31.77 29.63 -6.75
C ALA A 267 -31.20 28.25 -6.45
N ASP A 268 -31.35 27.78 -5.21
CA ASP A 268 -30.90 26.44 -4.88
C ASP A 268 -31.75 25.38 -5.56
N ASP A 269 -33.05 25.65 -5.75
CA ASP A 269 -33.93 24.66 -6.35
C ASP A 269 -33.71 24.51 -7.85
N ILE A 270 -33.32 25.59 -8.53
CA ILE A 270 -33.06 25.52 -9.96
C ILE A 270 -31.79 24.71 -10.22
N SER A 271 -30.74 24.95 -9.44
CA SER A 271 -29.48 24.23 -9.57
C SER A 271 -29.42 23.01 -8.66
N TYR A 272 -30.37 22.09 -8.86
CA TYR A 272 -30.48 20.90 -8.03
C TYR A 272 -30.04 19.63 -8.72
N CYS A 273 -30.61 19.33 -9.88
CA CYS A 273 -30.31 18.10 -10.60
C CYS A 273 -29.79 18.30 -12.02
N VAL A 274 -29.29 19.48 -12.37
CA VAL A 274 -28.71 19.67 -13.70
C VAL A 274 -27.23 19.34 -13.73
N ALA A 275 -26.52 19.51 -12.61
CA ALA A 275 -25.08 19.29 -12.57
C ALA A 275 -24.71 17.82 -12.39
N ASP A 276 -25.58 17.10 -11.67
CA ASP A 276 -25.43 15.68 -11.41
C ASP A 276 -25.41 14.90 -12.70
N LEU A 277 -26.30 15.26 -13.61
CA LEU A 277 -26.40 14.62 -14.92
C LEU A 277 -25.11 14.80 -15.72
N GLU A 278 -24.55 16.01 -15.70
CA GLU A 278 -23.28 16.24 -16.36
C GLU A 278 -22.15 15.43 -15.72
N ASP A 279 -22.15 15.34 -14.39
CA ASP A 279 -21.15 14.52 -13.72
C ASP A 279 -21.26 13.06 -14.13
N ALA A 280 -22.49 12.55 -14.22
CA ALA A 280 -22.69 11.16 -14.65
C ALA A 280 -22.24 10.95 -16.09
N VAL A 281 -22.54 11.90 -16.97
CA VAL A 281 -22.18 11.78 -18.38
C VAL A 281 -20.68 11.90 -18.63
N GLU A 282 -19.93 12.31 -17.62
CA GLU A 282 -18.48 12.45 -17.76
C GLU A 282 -17.77 11.50 -16.82
N LYS A 283 -18.52 10.52 -16.33
CA LYS A 283 -18.01 9.49 -15.43
C LYS A 283 -18.29 8.11 -16.02
N ARG A 284 -18.37 8.09 -17.34
CA ARG A 284 -18.60 6.89 -18.14
C ARG A 284 -19.87 6.10 -17.78
N ILE A 285 -20.86 6.74 -17.18
CA ILE A 285 -22.08 6.03 -16.85
C ILE A 285 -22.89 5.80 -18.12
N PHE A 286 -23.54 6.85 -18.61
CA PHE A 286 -24.32 6.72 -19.84
C PHE A 286 -23.92 7.75 -20.88
N THR A 287 -24.49 7.65 -22.08
CA THR A 287 -24.17 8.56 -23.15
C THR A 287 -25.26 9.60 -23.35
N VAL A 288 -24.94 10.66 -24.07
CA VAL A 288 -25.89 11.72 -24.34
C VAL A 288 -27.12 11.12 -25.01
N GLU A 289 -26.91 10.27 -26.01
CA GLU A 289 -28.01 9.63 -26.73
C GLU A 289 -28.97 8.93 -25.76
N GLN A 290 -28.40 8.21 -24.80
CA GLN A 290 -29.18 7.53 -23.79
C GLN A 290 -29.90 8.57 -22.95
N LEU A 291 -29.18 9.64 -22.60
CA LEU A 291 -29.76 10.72 -21.79
C LEU A 291 -30.89 11.37 -22.55
N TYR A 292 -30.70 11.57 -23.86
CA TYR A 292 -31.72 12.17 -24.70
C TYR A 292 -32.96 11.30 -24.63
N HIS A 293 -32.77 10.00 -24.78
CA HIS A 293 -33.88 9.04 -24.76
C HIS A 293 -34.58 8.96 -23.43
N HIS A 294 -33.83 9.10 -22.34
CA HIS A 294 -34.42 9.03 -21.01
C HIS A 294 -35.32 10.23 -20.76
N LEU A 295 -34.85 11.40 -21.19
CA LEU A 295 -35.61 12.63 -21.01
C LEU A 295 -36.87 12.60 -21.88
N HIS A 296 -36.72 12.25 -23.16
CA HIS A 296 -37.89 12.20 -24.04
C HIS A 296 -38.96 11.28 -23.47
N GLU A 297 -38.56 10.12 -22.99
CA GLU A 297 -39.54 9.18 -22.45
C GLU A 297 -40.00 9.57 -21.07
N ALA A 298 -39.43 10.67 -20.56
CA ALA A 298 -39.74 11.15 -19.22
C ALA A 298 -41.12 11.79 -19.06
N TRP A 299 -41.40 12.79 -19.90
CA TRP A 299 -42.68 13.52 -19.86
C TRP A 299 -43.88 12.61 -19.82
N PHE A 308 -42.51 18.11 -24.58
CA PHE A 308 -42.25 18.95 -23.42
C PHE A 308 -41.59 20.26 -23.82
N SER A 309 -42.43 21.22 -24.22
CA SER A 309 -42.02 22.56 -24.63
C SER A 309 -40.97 22.62 -25.74
N LEU A 310 -40.21 23.70 -25.71
CA LEU A 310 -39.17 23.98 -26.68
C LEU A 310 -37.94 24.42 -25.91
N VAL A 311 -37.76 23.85 -24.74
CA VAL A 311 -36.65 24.19 -23.87
C VAL A 311 -35.46 23.25 -23.96
N VAL A 312 -35.75 21.95 -24.07
CA VAL A 312 -34.70 20.94 -24.12
C VAL A 312 -34.39 20.48 -25.53
N GLU A 313 -35.37 20.49 -26.43
CA GLU A 313 -35.11 20.05 -27.81
C GLU A 313 -34.11 20.96 -28.50
N ASN A 314 -34.26 22.27 -28.34
CA ASN A 314 -33.45 23.24 -29.08
C ASN A 314 -31.97 23.18 -28.72
N ALA A 315 -31.60 22.60 -27.58
CA ALA A 315 -30.21 22.53 -27.17
C ALA A 315 -29.42 21.43 -27.87
N TRP A 316 -30.10 20.48 -28.49
CA TRP A 316 -29.42 19.37 -29.15
C TRP A 316 -28.75 19.85 -30.44
N GLU A 317 -29.45 20.67 -31.22
CA GLU A 317 -29.03 21.01 -32.57
C GLU A 317 -28.02 22.15 -32.63
N SER A 327 -16.90 19.78 -29.47
CA SER A 327 -17.49 18.53 -29.03
C SER A 327 -19.00 18.62 -29.01
N THR A 328 -19.64 17.63 -28.38
CA THR A 328 -21.10 17.61 -28.25
C THR A 328 -21.56 17.69 -26.81
N GLU A 329 -20.94 16.94 -25.90
CA GLU A 329 -21.33 16.99 -24.50
C GLU A 329 -21.04 18.37 -23.91
N ASP A 330 -19.91 18.97 -24.30
CA ASP A 330 -19.54 20.28 -23.78
C ASP A 330 -20.47 21.39 -24.23
N GLN A 331 -21.27 21.16 -25.28
CA GLN A 331 -22.14 22.20 -25.81
C GLN A 331 -23.60 21.76 -25.88
N PHE A 332 -23.98 20.74 -25.13
CA PHE A 332 -25.40 20.40 -24.98
C PHE A 332 -25.96 20.97 -23.68
N PHE A 333 -25.31 20.64 -22.55
CA PHE A 333 -25.69 21.27 -21.29
C PHE A 333 -25.46 22.76 -21.34
N MET A 334 -24.42 23.20 -22.06
CA MET A 334 -24.07 24.61 -22.15
C MET A 334 -25.18 25.45 -22.76
N TYR A 335 -26.11 24.83 -23.49
CA TYR A 335 -27.29 25.51 -23.98
C TYR A 335 -28.57 25.11 -23.27
N LEU A 336 -28.65 23.89 -22.73
CA LEU A 336 -29.82 23.50 -21.94
C LEU A 336 -29.93 24.35 -20.69
N ARG A 337 -28.81 24.67 -20.05
CA ARG A 337 -28.82 25.55 -18.88
C ARG A 337 -29.37 26.93 -19.22
N VAL A 338 -28.91 27.49 -20.34
CA VAL A 338 -29.38 28.81 -20.75
C VAL A 338 -30.87 28.76 -21.08
N ASN A 339 -31.31 27.71 -21.76
CA ASN A 339 -32.72 27.58 -22.09
C ASN A 339 -33.59 27.51 -20.84
N THR A 340 -33.18 26.72 -19.85
CA THR A 340 -34.01 26.60 -18.65
C THR A 340 -33.97 27.88 -17.83
N LEU A 341 -32.82 28.58 -17.81
CA LEU A 341 -32.73 29.83 -17.06
C LEU A 341 -33.65 30.89 -17.66
N ASN A 342 -33.61 31.06 -18.98
CA ASN A 342 -34.38 32.12 -19.62
C ASN A 342 -35.88 31.93 -19.47
N LYS A 343 -36.34 30.72 -19.15
CA LYS A 343 -37.75 30.48 -18.94
C LYS A 343 -38.13 30.32 -17.47
N LEU A 344 -37.17 30.13 -16.58
CA LEU A 344 -37.50 29.99 -15.16
C LEU A 344 -37.27 31.25 -14.34
N VAL A 345 -36.24 32.04 -14.65
CA VAL A 345 -35.93 33.23 -13.84
C VAL A 345 -37.06 34.26 -13.86
N PRO A 346 -37.59 34.65 -15.03
CA PRO A 346 -38.68 35.65 -15.02
C PRO A 346 -39.90 35.20 -14.25
N TYR A 347 -40.22 33.91 -14.24
CA TYR A 347 -41.34 33.42 -13.45
C TYR A 347 -41.09 33.66 -11.96
N ALA A 348 -39.87 33.40 -11.49
CA ALA A 348 -39.53 33.66 -10.10
C ALA A 348 -39.63 35.15 -9.78
N ALA A 349 -39.14 36.01 -10.68
CA ALA A 349 -39.24 37.44 -10.45
C ALA A 349 -40.69 37.89 -10.36
N GLN A 350 -41.54 37.38 -11.26
CA GLN A 350 -42.96 37.73 -11.23
C GLN A 350 -43.62 37.25 -9.96
N ARG A 351 -43.29 36.04 -9.51
CA ARG A 351 -43.87 35.54 -8.26
C ARG A 351 -43.44 36.37 -7.07
N PHE A 352 -42.17 36.81 -7.05
CA PHE A 352 -41.71 37.67 -5.97
C PHE A 352 -42.44 39.00 -5.98
N ILE A 353 -42.62 39.61 -7.15
CA ILE A 353 -43.25 40.93 -7.20
C ILE A 353 -44.75 40.84 -6.87
N ASP A 354 -45.44 39.81 -7.37
CA ASP A 354 -46.88 39.71 -7.14
C ASP A 354 -47.22 39.55 -5.67
N ASN A 355 -46.55 38.64 -4.98
CA ASN A 355 -46.78 38.38 -3.56
C ASN A 355 -45.85 39.18 -2.67
N LEU A 356 -45.80 40.50 -2.87
CA LEU A 356 -44.83 41.30 -2.16
C LEU A 356 -45.26 41.63 -0.72
N PRO A 357 -46.51 42.04 -0.47
CA PRO A 357 -46.87 42.36 0.93
C PRO A 357 -46.74 41.19 1.88
N ALA A 358 -47.16 39.99 1.46
CA ALA A 358 -47.07 38.82 2.32
C ALA A 358 -45.62 38.44 2.59
N ILE A 359 -44.77 38.51 1.57
CA ILE A 359 -43.36 38.21 1.76
C ILE A 359 -42.71 39.23 2.69
N PHE A 360 -43.04 40.51 2.49
CA PHE A 360 -42.48 41.56 3.34
C PHE A 360 -42.91 41.40 4.79
N ALA A 361 -44.15 40.97 5.02
CA ALA A 361 -44.58 40.69 6.38
C ALA A 361 -43.89 39.45 6.96
N GLY A 362 -43.34 38.60 6.11
CA GLY A 362 -42.66 37.40 6.57
C GLY A 362 -43.55 36.21 6.83
N THR A 363 -44.81 36.25 6.41
CA THR A 363 -45.76 35.20 6.71
C THR A 363 -46.24 34.45 5.47
N PHE A 364 -45.56 34.57 4.34
CA PHE A 364 -45.91 33.81 3.15
C PHE A 364 -45.59 32.34 3.37
N ASN A 365 -46.54 31.47 3.05
CA ASN A 365 -46.47 30.06 3.42
C ASN A 365 -46.25 29.13 2.23
N HIS A 366 -45.54 29.60 1.20
CA HIS A 366 -45.25 28.78 0.04
C HIS A 366 -43.83 29.08 -0.43
N ALA A 367 -43.45 28.47 -1.54
CA ALA A 367 -42.22 28.79 -2.23
C ALA A 367 -42.52 29.38 -3.60
N LEU A 368 -41.56 30.11 -4.15
CA LEU A 368 -41.80 30.78 -5.42
C LEU A 368 -42.03 29.80 -6.55
N LEU A 369 -41.45 28.61 -6.47
CA LEU A 369 -41.62 27.59 -7.50
C LEU A 369 -42.33 26.35 -6.93
N ALA A 372 -47.56 24.12 -9.34
CA ALA A 372 -48.81 23.80 -10.02
C ALA A 372 -48.86 24.43 -11.40
N SER A 373 -47.70 24.75 -11.95
CA SER A 373 -47.58 25.36 -13.26
C SER A 373 -46.70 24.48 -14.15
N GLU A 374 -46.65 24.84 -15.43
CA GLU A 374 -45.81 24.11 -16.38
C GLU A 374 -44.33 24.30 -16.10
N CYS A 375 -43.95 25.37 -15.41
CA CYS A 375 -42.55 25.58 -15.07
C CYS A 375 -42.07 24.65 -13.96
N SER A 376 -43.00 24.19 -13.11
CA SER A 376 -42.63 23.27 -12.04
C SER A 376 -42.52 21.82 -12.50
N ASP A 377 -43.07 21.48 -13.67
CA ASP A 377 -42.96 20.13 -14.19
C ASP A 377 -41.59 19.83 -14.77
N LEU A 378 -40.96 20.81 -15.40
CA LEU A 378 -39.63 20.62 -15.96
C LEU A 378 -38.61 20.26 -14.90
N LEU A 379 -38.71 20.84 -13.70
CA LEU A 379 -37.80 20.49 -12.62
C LEU A 379 -38.04 19.07 -12.11
N LYS A 380 -39.31 18.69 -11.98
CA LYS A 380 -39.64 17.32 -11.57
C LYS A 380 -39.12 16.32 -12.57
N LEU A 381 -39.06 16.69 -13.85
CA LEU A 381 -38.50 15.81 -14.87
C LEU A 381 -37.05 15.46 -14.56
N TYR A 382 -36.21 16.48 -14.35
CA TYR A 382 -34.82 16.25 -14.02
C TYR A 382 -34.68 15.48 -12.72
N LYS A 383 -35.50 15.82 -11.73
CA LYS A 383 -35.42 15.14 -10.44
C LYS A 383 -35.70 13.65 -10.58
N ASN A 384 -36.74 13.31 -11.35
CA ASN A 384 -37.08 11.91 -11.56
C ASN A 384 -36.00 11.17 -12.31
N VAL A 385 -35.45 11.79 -13.36
CA VAL A 385 -34.39 11.12 -14.12
C VAL A 385 -33.18 10.86 -13.23
N ALA A 386 -32.78 11.85 -12.43
CA ALA A 386 -31.64 11.69 -11.54
C ALA A 386 -31.89 10.62 -10.49
N VAL A 387 -33.10 10.58 -9.93
CA VAL A 387 -33.41 9.56 -8.93
C VAL A 387 -33.36 8.18 -9.54
N LYS A 388 -33.89 8.02 -10.75
CA LYS A 388 -33.98 6.70 -11.36
C LYS A 388 -32.65 6.18 -11.89
N HIS A 389 -31.78 7.05 -12.43
CA HIS A 389 -30.61 6.55 -13.14
C HIS A 389 -29.26 6.97 -12.56
N VAL A 390 -29.21 7.87 -11.57
CA VAL A 390 -27.95 8.37 -11.04
C VAL A 390 -27.80 8.04 -9.56
N PHE A 391 -28.80 8.37 -8.76
CA PHE A 391 -28.73 8.17 -7.32
C PHE A 391 -28.95 6.71 -6.90
N SER A 392 -28.98 5.78 -7.85
CA SER A 392 -29.10 4.36 -7.54
C SER A 392 -27.90 3.55 -8.00
N HIS A 393 -26.84 4.20 -8.47
CA HIS A 393 -25.65 3.49 -8.86
C HIS A 393 -25.00 2.83 -7.65
N PRO A 394 -24.40 1.65 -7.82
CA PRO A 394 -23.83 0.94 -6.65
C PRO A 394 -22.76 1.73 -5.91
N ASP A 395 -21.96 2.54 -6.61
CA ASP A 395 -20.89 3.28 -5.96
C ASP A 395 -21.40 4.39 -5.05
N VAL A 396 -22.53 5.01 -5.39
CA VAL A 396 -23.09 6.06 -4.54
C VAL A 396 -23.63 5.46 -3.24
N GLU A 397 -24.28 4.30 -3.33
CA GLU A 397 -24.91 3.71 -2.17
C GLU A 397 -23.92 3.14 -1.16
N ARG A 398 -22.76 2.68 -1.61
CA ARG A 398 -21.78 2.10 -0.68
C ARG A 398 -21.15 3.16 0.21
N LEU A 399 -20.90 4.33 -0.37
CA LEU A 399 -20.31 5.46 0.34
C LEU A 399 -21.27 6.06 1.33
N GLU A 400 -22.52 5.58 1.31
CA GLU A 400 -23.53 6.05 2.22
C GLU A 400 -23.64 5.11 3.40
N LEU A 401 -23.13 3.90 3.23
CA LEU A 401 -23.14 2.90 4.29
C LEU A 401 -21.83 2.99 5.06
N GLN A 402 -20.78 3.38 4.36
CA GLN A 402 -19.47 3.58 4.97
C GLN A 402 -19.44 4.83 5.84
N GLY A 403 -20.04 5.92 5.39
CA GLY A 403 -20.10 7.13 6.18
C GLY A 403 -20.92 6.97 7.45
N TYR A 404 -22.05 6.28 7.35
CA TYR A 404 -22.83 5.95 8.54
C TYR A 404 -21.98 5.21 9.56
N ARG A 405 -21.27 4.17 9.10
CA ARG A 405 -20.42 3.40 10.01
C ARG A 405 -19.33 4.25 10.63
N VAL A 406 -18.69 5.12 9.83
CA VAL A 406 -17.57 5.91 10.33
C VAL A 406 -18.03 6.90 11.38
N ILE A 407 -19.14 7.59 11.14
CA ILE A 407 -19.62 8.57 12.12
C ILE A 407 -20.08 7.87 13.39
N SER A 408 -20.79 6.74 13.25
CA SER A 408 -21.21 6.01 14.44
C SER A 408 -20.02 5.52 15.25
N GLY A 409 -18.96 5.07 14.59
CA GLY A 409 -17.76 4.64 15.28
C GLY A 409 -17.03 5.77 15.98
N LEU A 410 -16.91 6.92 15.32
CA LEU A 410 -16.25 8.06 15.94
C LEU A 410 -17.02 8.57 17.14
N LEU A 411 -18.35 8.49 17.12
CA LEU A 411 -19.12 8.95 18.27
C LEU A 411 -18.92 8.05 19.49
N GLU A 412 -18.47 6.81 19.28
CA GLU A 412 -18.31 5.85 20.36
C GLU A 412 -16.93 5.90 21.00
N ILE A 413 -15.92 6.38 20.29
CA ILE A 413 -14.58 6.51 20.87
C ILE A 413 -14.57 7.58 21.95
N TYR A 414 -15.31 8.67 21.75
CA TYR A 414 -15.35 9.79 22.68
C TYR A 414 -16.43 9.65 23.73
N ARG A 415 -17.07 8.49 23.83
CA ARG A 415 -18.04 8.20 24.87
C ARG A 415 -17.49 8.38 26.28
N PRO A 416 -16.23 7.99 26.56
CA PRO A 416 -15.69 8.21 27.93
C PRO A 416 -15.77 9.66 28.40
N LEU A 417 -15.63 10.63 27.51
CA LEU A 417 -15.72 12.02 27.93
C LEU A 417 -17.12 12.39 28.43
N LEU A 418 -18.14 11.66 27.99
CA LEU A 418 -19.51 11.93 28.40
C LEU A 418 -19.92 11.18 29.67
N SER A 419 -19.03 10.38 30.24
CA SER A 419 -19.34 9.61 31.44
C SER A 419 -18.72 10.18 32.71
N LEU A 420 -17.90 11.23 32.60
CA LEU A 420 -17.25 11.79 33.77
C LEU A 420 -18.25 12.62 34.58
N SER A 421 -17.80 13.08 35.74
CA SER A 421 -18.59 13.93 36.61
C SER A 421 -18.26 15.39 36.35
N LEU A 422 -19.08 16.27 36.93
CA LEU A 422 -18.88 17.70 36.71
C LEU A 422 -17.54 18.16 37.29
N SER A 423 -17.22 17.71 38.51
CA SER A 423 -15.97 18.09 39.13
C SER A 423 -14.78 17.55 38.35
N ASP A 424 -14.87 16.30 37.87
CA ASP A 424 -13.77 15.71 37.12
C ASP A 424 -13.52 16.47 35.82
N PHE A 425 -14.58 16.80 35.08
CA PHE A 425 -14.40 17.53 33.83
C PHE A 425 -13.90 18.93 34.09
N THR A 426 -14.36 19.58 35.16
CA THR A 426 -13.86 20.90 35.50
C THR A 426 -12.37 20.86 35.81
N GLU A 427 -11.94 19.87 36.61
CA GLU A 427 -10.53 19.74 36.91
C GLU A 427 -9.71 19.46 35.66
N LEU A 428 -10.25 18.64 34.77
CA LEU A 428 -9.56 18.32 33.53
C LEU A 428 -9.40 19.54 32.64
N VAL A 429 -10.44 20.37 32.52
CA VAL A 429 -10.36 21.55 31.65
C VAL A 429 -9.48 22.63 32.29
N GLU A 430 -9.42 22.66 33.63
CA GLU A 430 -8.62 23.68 34.30
C GLU A 430 -7.14 23.32 34.30
N LYS A 431 -6.79 22.20 34.94
CA LYS A 431 -5.39 21.86 35.15
C LYS A 431 -4.69 21.45 33.85
N GLU A 432 -5.38 20.72 32.98
CA GLU A 432 -4.89 20.23 31.69
C GLU A 432 -3.75 19.21 31.82
N ARG A 433 -3.44 18.76 33.03
CA ARG A 433 -2.47 17.69 33.24
C ARG A 433 -2.90 16.94 34.50
N VAL A 434 -3.65 15.86 34.30
CA VAL A 434 -4.29 15.13 35.39
C VAL A 434 -3.66 13.74 35.48
N LYS A 435 -3.27 13.36 36.70
CA LYS A 435 -2.68 12.06 36.95
C LYS A 435 -3.71 11.00 37.33
N ARG A 436 -5.00 11.36 37.35
CA ARG A 436 -6.05 10.41 37.69
C ARG A 436 -6.75 9.85 36.46
N PHE A 437 -6.71 10.55 35.33
CA PHE A 437 -7.39 10.14 34.10
C PHE A 437 -6.40 10.14 32.96
N PRO A 438 -5.62 9.06 32.80
CA PRO A 438 -4.63 9.03 31.71
C PRO A 438 -5.23 8.93 30.32
N ILE A 439 -6.39 8.30 30.15
CA ILE A 439 -6.98 8.12 28.83
C ILE A 439 -7.84 9.32 28.43
N GLU A 440 -8.69 9.78 29.35
CA GLU A 440 -9.59 10.88 29.03
C GLU A 440 -8.84 12.20 28.83
N SER A 441 -7.73 12.40 29.53
CA SER A 441 -6.96 13.63 29.36
C SER A 441 -6.34 13.72 27.98
N ARG A 442 -6.08 12.60 27.33
CA ARG A 442 -5.52 12.60 25.99
C ARG A 442 -6.59 12.71 24.91
N LEU A 443 -7.80 12.22 25.19
CA LEU A 443 -8.90 12.41 24.26
C LEU A 443 -9.34 13.87 24.20
N PHE A 444 -9.27 14.57 25.34
CA PHE A 444 -9.72 15.96 25.40
C PHE A 444 -8.79 16.88 24.64
N HIS A 445 -7.51 16.54 24.54
CA HIS A 445 -6.54 17.41 23.87
C HIS A 445 -6.63 17.34 22.36
N LYS A 446 -7.40 16.41 21.80
CA LYS A 446 -7.57 16.34 20.35
C LYS A 446 -8.65 17.27 19.84
N LEU A 447 -9.51 17.80 20.71
CA LEU A 447 -10.52 18.76 20.29
C LEU A 447 -9.86 20.07 19.89
N SER A 448 -10.43 20.73 18.89
CA SER A 448 -9.86 21.96 18.37
C SER A 448 -9.95 23.06 19.43
N THR A 449 -9.02 24.02 19.33
CA THR A 449 -8.90 25.04 20.37
C THR A 449 -10.15 25.91 20.43
N ARG A 450 -10.67 26.33 19.29
CA ARG A 450 -11.81 27.25 19.26
C ARG A 450 -13.04 26.64 19.92
N HIS A 451 -13.24 25.33 19.76
CA HIS A 451 -14.36 24.67 20.43
C HIS A 451 -14.21 24.72 21.94
N ARG A 452 -12.99 24.53 22.45
CA ARG A 452 -12.78 24.58 23.90
C ARG A 452 -12.98 26.00 24.44
N LEU A 453 -12.52 27.02 23.71
CA LEU A 453 -12.81 28.39 24.13
C LEU A 453 -14.31 28.67 24.11
N ALA A 454 -15.03 28.15 23.11
CA ALA A 454 -16.48 28.33 23.08
C ALA A 454 -17.12 27.71 24.32
N TYR A 455 -16.67 26.53 24.70
CA TYR A 455 -17.23 25.88 25.87
C TYR A 455 -16.93 26.67 27.14
N VAL A 456 -15.71 27.17 27.26
CA VAL A 456 -15.33 27.92 28.46
C VAL A 456 -16.14 29.19 28.58
N GLU A 457 -16.27 29.94 27.47
CA GLU A 457 -17.04 31.16 27.48
C GLU A 457 -18.51 30.91 27.77
N ALA A 458 -19.08 29.83 27.21
CA ALA A 458 -20.47 29.50 27.49
C ALA A 458 -20.69 29.16 28.95
N VAL A 459 -19.77 28.41 29.56
CA VAL A 459 -19.96 28.01 30.95
C VAL A 459 -19.73 29.18 31.91
N SER A 460 -18.81 30.10 31.59
CA SER A 460 -18.47 31.17 32.52
C SER A 460 -19.57 32.22 32.68
N LYS A 461 -20.72 32.07 32.03
CA LYS A 461 -21.81 33.03 32.12
C LYS A 461 -22.99 32.50 32.92
N LEU A 462 -22.83 31.37 33.57
CA LEU A 462 -23.96 30.81 34.31
C LEU A 462 -23.81 31.06 35.80
N PRO A 463 -24.91 31.14 36.54
CA PRO A 463 -24.80 31.30 38.00
C PRO A 463 -24.43 30.00 38.68
N SER A 464 -23.28 29.98 39.34
CA SER A 464 -22.82 28.75 40.01
C SER A 464 -23.75 28.32 41.12
N ASP A 465 -24.30 29.27 41.88
CA ASP A 465 -25.20 28.95 42.98
C ASP A 465 -26.62 28.85 42.42
N SER A 466 -26.87 27.75 41.72
CA SER A 466 -28.17 27.50 41.12
C SER A 466 -28.34 26.00 40.93
N PRO A 467 -29.55 25.47 41.11
CA PRO A 467 -29.75 24.02 40.93
C PRO A 467 -29.74 23.56 39.48
N GLU A 468 -29.72 24.48 38.52
CA GLU A 468 -29.77 24.13 37.11
C GLU A 468 -28.40 24.11 36.44
N PHE A 469 -27.33 24.29 37.22
CA PHE A 469 -25.98 24.28 36.66
C PHE A 469 -25.58 22.97 35.99
N PRO A 470 -25.77 21.79 36.61
CA PRO A 470 -25.34 20.55 35.94
C PRO A 470 -26.04 20.32 34.61
N LEU A 471 -27.31 20.69 34.50
CA LEU A 471 -28.05 20.47 33.27
C LEU A 471 -27.43 21.26 32.12
N TRP A 472 -27.17 22.54 32.35
CA TRP A 472 -26.56 23.37 31.33
C TRP A 472 -25.14 22.90 31.01
N GLU A 473 -24.39 22.47 32.02
CA GLU A 473 -23.04 21.98 31.77
C GLU A 473 -23.07 20.76 30.85
N TYR A 474 -23.97 19.82 31.11
CA TYR A 474 -24.09 18.65 30.25
C TYR A 474 -24.51 19.02 28.85
N TYR A 475 -25.46 19.96 28.73
CA TYR A 475 -25.91 20.38 27.41
C TYR A 475 -24.77 20.97 26.60
N TYR A 476 -23.96 21.83 27.24
CA TYR A 476 -22.86 22.45 26.52
C TYR A 476 -21.75 21.45 26.18
N ARG A 477 -21.53 20.46 27.04
CA ARG A 477 -20.56 19.42 26.71
C ARG A 477 -21.00 18.62 25.49
N CYS A 478 -22.28 18.24 25.43
CA CYS A 478 -22.78 17.54 24.26
C CYS A 478 -22.69 18.40 23.00
N ARG A 479 -22.94 19.69 23.13
CA ARG A 479 -22.85 20.56 21.97
C ARG A 479 -21.41 20.62 21.51
N LEU A 480 -20.48 20.71 22.44
CA LEU A 480 -19.06 20.72 22.07
C LEU A 480 -18.69 19.48 21.28
N LEU A 481 -19.12 18.31 21.74
CA LEU A 481 -18.82 17.08 21.01
C LEU A 481 -19.44 17.09 19.61
N GLN A 482 -20.70 17.54 19.51
CA GLN A 482 -21.36 17.60 18.22
C GLN A 482 -20.65 18.56 17.27
N ASP A 483 -20.23 19.72 17.77
CA ASP A 483 -19.52 20.68 16.93
C ASP A 483 -18.21 20.09 16.42
N TYR A 484 -17.48 19.40 17.29
CA TYR A 484 -16.23 18.79 16.85
C TYR A 484 -16.48 17.74 15.77
N ILE A 485 -17.50 16.90 15.93
CA ILE A 485 -17.77 15.87 14.94
C ILE A 485 -18.18 16.49 13.62
N SER A 486 -19.06 17.50 13.66
CA SER A 486 -19.59 18.07 12.43
C SER A 486 -18.65 19.06 11.76
N GLY A 487 -17.58 19.46 12.41
CA GLY A 487 -16.65 20.38 11.80
C GLY A 487 -15.55 19.78 10.96
N MET A 488 -15.66 18.51 10.58
CA MET A 488 -14.60 17.83 9.85
C MET A 488 -14.91 17.78 8.36
N THR A 489 -13.97 17.19 7.62
CA THR A 489 -14.17 16.79 6.24
C THR A 489 -14.37 15.28 6.17
N ASP A 490 -14.80 14.82 5.02
CA ASP A 490 -15.04 13.41 4.80
C ASP A 490 -13.78 12.59 4.79
N LEU A 491 -12.67 13.20 4.44
CA LEU A 491 -11.40 12.49 4.39
C LEU A 491 -10.69 12.49 5.73
N TYR A 492 -10.68 13.61 6.44
CA TYR A 492 -10.06 13.68 7.76
C TYR A 492 -10.75 12.77 8.75
N ALA A 493 -12.09 12.74 8.74
CA ALA A 493 -12.82 11.84 9.63
C ALA A 493 -12.52 10.38 9.30
N TRP A 494 -12.46 10.05 8.02
CA TRP A 494 -12.15 8.68 7.62
C TRP A 494 -10.76 8.27 8.07
N ASP A 495 -9.78 9.14 7.92
CA ASP A 495 -8.42 8.85 8.34
C ASP A 495 -8.32 8.73 9.86
N GLU A 496 -8.95 9.65 10.60
CA GLU A 496 -8.94 9.56 12.05
C GLU A 496 -9.62 8.30 12.53
N TYR A 497 -10.69 7.87 11.86
CA TYR A 497 -11.36 6.65 12.25
C TYR A 497 -10.47 5.44 12.06
N ARG A 498 -9.70 5.40 10.98
CA ARG A 498 -8.83 4.28 10.78
C ARG A 498 -7.65 4.32 11.75
N ARG A 499 -7.17 5.51 12.08
CA ARG A 499 -6.01 5.64 12.95
C ARG A 499 -6.34 5.32 14.41
N LEU A 500 -7.50 5.77 14.90
CA LEU A 500 -7.85 5.55 16.29
C LEU A 500 -8.27 4.11 16.58
N MET A 501 -8.49 3.29 15.55
CA MET A 501 -8.84 1.89 15.74
C MET A 501 -7.65 0.95 15.51
N ALA A 502 -6.44 1.49 15.43
CA ALA A 502 -5.22 0.69 15.28
C ALA A 502 -5.27 -0.19 14.03
N VAL A 503 -5.71 0.39 12.93
CA VAL A 503 -5.76 -0.31 11.65
C VAL A 503 -4.63 0.20 10.75
N GLU A 504 -4.46 1.52 10.68
CA GLU A 504 -3.39 2.10 9.89
C GLU A 504 -2.21 2.48 10.77
N GLY B 6 -34.40 18.39 -0.53
CA GLY B 6 -35.53 17.79 -1.18
C GLY B 6 -35.88 16.44 -0.58
N ARG B 7 -35.00 15.93 0.27
CA ARG B 7 -35.21 14.65 0.92
C ARG B 7 -36.02 14.84 2.20
N LEU B 8 -36.22 13.74 2.92
CA LEU B 8 -36.99 13.77 4.16
C LEU B 8 -36.04 13.81 5.35
N TYR B 9 -36.25 14.75 6.25
CA TYR B 9 -35.40 14.92 7.41
C TYR B 9 -35.59 13.78 8.40
N SER B 10 -34.50 13.41 9.08
CA SER B 10 -34.51 12.22 9.93
C SER B 10 -35.45 12.37 11.12
N GLY B 11 -35.57 13.59 11.66
CA GLY B 11 -36.41 13.79 12.83
C GLY B 11 -37.87 13.46 12.59
N ASN B 12 -38.40 13.83 11.42
CA ASN B 12 -39.79 13.53 11.10
C ASN B 12 -40.01 12.02 11.02
N LEU B 13 -39.08 11.30 10.41
CA LEU B 13 -39.18 9.85 10.34
C LEU B 13 -39.12 9.22 11.73
N ALA B 14 -38.24 9.74 12.59
CA ALA B 14 -38.15 9.23 13.95
C ALA B 14 -39.45 9.46 14.71
N ALA B 15 -40.05 10.64 14.54
CA ALA B 15 -41.33 10.92 15.20
C ALA B 15 -42.43 9.98 14.68
N PHE B 16 -42.46 9.73 13.38
CA PHE B 16 -43.44 8.80 12.82
C PHE B 16 -43.29 7.41 13.44
N LYS B 17 -42.07 6.89 13.45
CA LYS B 17 -41.83 5.56 14.02
C LYS B 17 -42.17 5.52 15.49
N ALA B 18 -41.84 6.57 16.23
CA ALA B 18 -42.14 6.61 17.66
C ALA B 18 -43.64 6.58 17.90
N ALA B 19 -44.41 7.34 17.09
CA ALA B 19 -45.86 7.32 17.24
C ALA B 19 -46.44 5.94 16.94
N THR B 20 -45.96 5.30 15.86
CA THR B 20 -46.45 3.96 15.54
C THR B 20 -46.16 2.97 16.66
N ASN B 21 -44.93 3.00 17.21
CA ASN B 21 -44.61 2.09 18.31
C ASN B 21 -45.43 2.40 19.54
N LYS B 22 -45.61 3.68 19.85
CA LYS B 22 -46.36 4.07 21.05
C LYS B 22 -47.79 3.56 20.99
N LEU B 23 -48.45 3.70 19.84
CA LEU B 23 -49.83 3.25 19.74
C LEU B 23 -49.94 1.78 19.37
N PHE B 24 -48.84 1.12 19.01
CA PHE B 24 -48.87 -0.32 18.79
C PHE B 24 -48.69 -1.06 20.11
N GLN B 25 -47.97 -0.46 21.05
CA GLN B 25 -47.80 -1.06 22.37
C GLN B 25 -49.07 -0.99 23.22
N LEU B 26 -50.19 -0.59 22.62
CA LEU B 26 -51.50 -0.63 23.27
C LEU B 26 -52.42 -1.66 22.62
N ASP B 27 -51.83 -2.68 21.98
CA ASP B 27 -52.54 -3.75 21.29
C ASP B 27 -53.28 -3.28 20.05
N LEU B 28 -52.65 -2.46 19.22
CA LEU B 28 -53.20 -2.00 17.96
C LEU B 28 -52.25 -2.38 16.82
N ALA B 29 -52.58 -1.93 15.61
CA ALA B 29 -51.70 -2.13 14.46
C ALA B 29 -51.98 -1.05 13.44
N VAL B 30 -50.95 -0.66 12.70
CA VAL B 30 -51.03 0.38 11.68
C VAL B 30 -50.51 -0.17 10.37
N ILE B 31 -51.27 0.04 9.30
CA ILE B 31 -50.84 -0.35 7.96
C ILE B 31 -50.75 0.90 7.10
N TYR B 32 -49.75 0.91 6.23
CA TYR B 32 -49.28 2.09 5.50
C TYR B 32 -49.29 1.80 4.01
N ASP B 33 -49.66 2.79 3.21
CA ASP B 33 -49.43 2.70 1.78
C ASP B 33 -49.23 4.09 1.20
N ASP B 34 -48.44 4.16 0.13
CA ASP B 34 -48.06 5.42 -0.49
C ASP B 34 -48.14 5.30 -2.00
N TRP B 35 -48.51 6.40 -2.67
CA TRP B 35 -48.53 6.42 -4.12
C TRP B 35 -48.47 7.86 -4.61
N TYR B 36 -48.53 8.01 -5.93
CA TYR B 36 -48.50 9.31 -6.59
C TYR B 36 -49.82 9.55 -7.30
N ASP B 37 -50.32 10.78 -7.18
CA ASP B 37 -51.62 11.16 -7.71
C ASP B 37 -51.56 11.37 -9.22
N ALA B 38 -52.72 11.26 -9.85
CA ALA B 38 -52.81 11.36 -11.31
C ALA B 38 -52.55 12.78 -11.79
N TYR B 39 -53.40 13.72 -11.39
CA TYR B 39 -53.29 15.10 -11.87
C TYR B 39 -53.14 16.13 -10.77
N THR B 40 -53.31 15.75 -9.49
CA THR B 40 -53.16 16.70 -8.40
C THR B 40 -51.71 17.08 -8.14
N ARG B 41 -50.76 16.35 -8.72
CA ARG B 41 -49.33 16.64 -8.60
C ARG B 41 -48.88 16.66 -7.14
N LYS B 42 -49.26 15.64 -6.39
CA LYS B 42 -48.86 15.55 -4.99
C LYS B 42 -48.83 14.09 -4.56
N ASP B 43 -47.94 13.79 -3.61
CA ASP B 43 -47.85 12.46 -3.04
C ASP B 43 -49.05 12.16 -2.16
N CYS B 44 -49.37 10.87 -2.03
CA CYS B 44 -50.57 10.41 -1.36
C CYS B 44 -50.20 9.32 -0.36
N ILE B 45 -50.67 9.46 0.88
CA ILE B 45 -50.41 8.49 1.94
C ILE B 45 -51.73 8.06 2.56
N ARG B 46 -51.96 6.75 2.63
CA ARG B 46 -53.13 6.21 3.31
C ARG B 46 -52.68 5.38 4.50
N LEU B 47 -53.28 5.66 5.66
CA LEU B 47 -53.02 4.93 6.89
C LEU B 47 -54.31 4.27 7.35
N ARG B 48 -54.17 3.05 7.91
CA ARG B 48 -55.30 2.34 8.48
C ARG B 48 -54.90 1.78 9.84
N ILE B 49 -55.72 2.07 10.86
CA ILE B 49 -55.51 1.57 12.21
C ILE B 49 -56.50 0.44 12.45
N GLU B 50 -55.98 -0.73 12.82
CA GLU B 50 -56.75 -1.93 13.04
C GLU B 50 -56.37 -2.55 14.39
N ASP B 51 -57.11 -3.57 14.78
CA ASP B 51 -56.87 -4.27 16.04
C ASP B 51 -56.22 -5.62 15.76
N ARG B 52 -55.95 -6.36 16.85
CA ARG B 52 -55.33 -7.67 16.72
C ARG B 52 -56.25 -8.66 16.00
N SER B 53 -57.55 -8.59 16.28
CA SER B 53 -58.53 -9.49 15.68
C SER B 53 -58.77 -9.23 14.20
N GLY B 54 -58.03 -8.31 13.58
CA GLY B 54 -58.18 -8.03 12.17
C GLY B 54 -59.28 -7.05 11.82
N ASN B 55 -60.04 -6.57 12.81
CA ASN B 55 -61.11 -5.62 12.55
C ASN B 55 -60.52 -4.24 12.26
N LEU B 56 -61.05 -3.57 11.24
CA LEU B 56 -60.58 -2.25 10.87
C LEU B 56 -61.26 -1.20 11.74
N ILE B 57 -60.46 -0.39 12.43
CA ILE B 57 -61.03 0.61 13.33
C ILE B 57 -61.15 1.96 12.63
N ASP B 58 -60.10 2.39 11.93
CA ASP B 58 -60.20 3.69 11.26
C ASP B 58 -59.26 3.75 10.07
N THR B 59 -59.56 4.68 9.16
CA THR B 59 -58.76 4.94 7.98
C THR B 59 -58.61 6.43 7.78
N SER B 60 -57.52 6.83 7.11
CA SER B 60 -57.34 8.23 6.75
C SER B 60 -56.40 8.32 5.56
N THR B 61 -56.52 9.44 4.84
CA THR B 61 -55.73 9.67 3.63
C THR B 61 -55.27 11.13 3.61
N PHE B 62 -54.01 11.35 3.25
CA PHE B 62 -53.40 12.67 3.24
C PHE B 62 -52.70 12.92 1.91
N TYR B 63 -52.86 14.13 1.40
CA TYR B 63 -52.32 14.54 0.11
C TYR B 63 -51.40 15.72 0.31
N HIS B 64 -50.16 15.64 -0.20
CA HIS B 64 -49.28 16.81 -0.19
C HIS B 64 -48.07 16.55 -1.07
N HIS B 65 -47.52 17.62 -1.63
CA HIS B 65 -46.39 17.57 -2.53
C HIS B 65 -45.05 17.80 -1.83
N ASP B 66 -45.05 17.93 -0.50
CA ASP B 66 -43.83 18.09 0.28
C ASP B 66 -43.78 16.97 1.32
N GLU B 67 -42.63 16.30 1.40
CA GLU B 67 -42.53 15.11 2.24
C GLU B 67 -42.62 15.46 3.72
N ASP B 68 -41.96 16.54 4.15
CA ASP B 68 -41.93 16.86 5.57
C ASP B 68 -43.31 17.20 6.10
N VAL B 69 -44.05 18.04 5.37
CA VAL B 69 -45.40 18.41 5.80
C VAL B 69 -46.30 17.17 5.83
N LEU B 70 -46.18 16.32 4.83
CA LEU B 70 -47.00 15.12 4.76
C LEU B 70 -46.76 14.21 5.97
N PHE B 71 -45.49 14.01 6.31
CA PHE B 71 -45.19 13.15 7.45
C PHE B 71 -45.58 13.80 8.77
N ASN B 72 -45.48 15.12 8.88
CA ASN B 72 -45.95 15.78 10.08
C ASN B 72 -47.46 15.60 10.27
N MET B 73 -48.22 15.72 9.18
CA MET B 73 -49.66 15.48 9.25
C MET B 73 -49.95 14.04 9.65
N CYS B 74 -49.21 13.09 9.08
CA CYS B 74 -49.42 11.69 9.45
C CYS B 74 -49.15 11.48 10.94
N THR B 75 -48.05 12.05 11.45
CA THR B 75 -47.70 11.86 12.85
C THR B 75 -48.73 12.49 13.78
N ASP B 76 -49.20 13.70 13.48
CA ASP B 76 -50.13 14.32 14.43
C ASP B 76 -51.51 13.68 14.35
N TRP B 77 -51.89 13.17 13.18
CA TRP B 77 -53.12 12.37 13.10
C TRP B 77 -53.01 11.09 13.92
N LEU B 78 -51.85 10.43 13.85
CA LEU B 78 -51.64 9.22 14.65
C LEU B 78 -51.73 9.53 16.15
N ASN B 79 -51.14 10.65 16.57
CA ASN B 79 -51.22 11.05 17.97
C ASN B 79 -52.65 11.36 18.39
N HIS B 80 -53.42 12.03 17.52
CA HIS B 80 -54.82 12.30 17.84
C HIS B 80 -55.61 11.00 17.98
N MET B 81 -55.39 10.04 17.09
CA MET B 81 -56.07 8.75 17.22
C MET B 81 -55.67 8.05 18.50
N TYR B 82 -54.38 8.10 18.85
CA TYR B 82 -53.91 7.45 20.07
C TYR B 82 -54.59 8.04 21.31
N ASP B 83 -54.61 9.36 21.43
CA ASP B 83 -55.18 9.90 22.66
C ASP B 83 -56.70 9.85 22.67
N GLN B 84 -57.36 9.81 21.51
CA GLN B 84 -58.81 9.62 21.53
C GLN B 84 -59.20 8.16 21.72
N LEU B 85 -58.30 7.22 21.49
CA LEU B 85 -58.52 5.83 21.92
C LEU B 85 -58.08 5.58 23.35
N LYS B 86 -57.28 6.46 23.94
CA LYS B 86 -57.03 6.41 25.38
C LYS B 86 -57.96 7.30 26.18
N ASP B 87 -58.83 8.08 25.53
CA ASP B 87 -59.90 8.76 26.25
C ASP B 87 -60.82 7.74 26.92
N TRP B 88 -61.16 6.67 26.20
CA TRP B 88 -61.93 5.57 26.75
C TRP B 88 -61.45 4.29 26.10
N LYS B 89 -61.59 3.18 26.83
CA LYS B 89 -61.06 1.89 26.41
C LYS B 89 -59.57 1.95 26.13
N GLY C 6 6.54 37.02 -10.60
CA GLY C 6 7.61 37.78 -9.98
C GLY C 6 8.96 37.14 -10.17
N ARG C 7 8.95 35.90 -10.66
CA ARG C 7 10.18 35.15 -10.88
C ARG C 7 10.73 35.46 -12.27
N LEU C 8 11.82 34.79 -12.64
CA LEU C 8 12.45 34.99 -13.93
C LEU C 8 12.03 33.89 -14.89
N TYR C 9 11.57 34.28 -16.07
CA TYR C 9 11.10 33.33 -17.06
C TYR C 9 12.26 32.54 -17.65
N SER C 10 11.99 31.27 -17.97
CA SER C 10 13.04 30.35 -18.40
C SER C 10 13.68 30.77 -19.71
N GLY C 11 12.90 31.35 -20.62
CA GLY C 11 13.44 31.74 -21.92
C GLY C 11 14.55 32.77 -21.83
N ASN C 12 14.40 33.75 -20.95
CA ASN C 12 15.43 34.77 -20.79
C ASN C 12 16.73 34.16 -20.28
N LEU C 13 16.63 33.25 -19.32
CA LEU C 13 17.80 32.56 -18.80
C LEU C 13 18.47 31.72 -19.88
N ALA C 14 17.66 31.04 -20.70
CA ALA C 14 18.21 30.25 -21.80
C ALA C 14 18.94 31.13 -22.80
N ALA C 15 18.38 32.30 -23.13
CA ALA C 15 19.04 33.22 -24.03
C ALA C 15 20.36 33.73 -23.45
N PHE C 16 20.37 34.04 -22.15
CA PHE C 16 21.60 34.48 -21.51
C PHE C 16 22.69 33.42 -21.61
N LYS C 17 22.35 32.17 -21.25
CA LYS C 17 23.32 31.09 -21.31
C LYS C 17 23.80 30.85 -22.74
N ALA C 18 22.89 30.92 -23.71
CA ALA C 18 23.26 30.72 -25.09
C ALA C 18 24.23 31.79 -25.56
N ALA C 19 24.00 33.04 -25.19
CA ALA C 19 24.92 34.12 -25.56
C ALA C 19 26.29 33.91 -24.93
N THR C 20 26.33 33.54 -23.65
CA THR C 20 27.62 33.31 -23.00
C THR C 20 28.39 32.17 -23.68
N ASN C 21 27.70 31.07 -23.98
CA ASN C 21 28.39 29.96 -24.66
C ASN C 21 28.84 30.36 -26.07
N LYS C 22 28.00 31.10 -26.79
CA LYS C 22 28.34 31.50 -28.15
C LYS C 22 29.60 32.35 -28.18
N LEU C 23 29.71 33.31 -27.26
CA LEU C 23 30.89 34.16 -27.27
C LEU C 23 32.05 33.57 -26.46
N PHE C 24 31.82 32.49 -25.72
CA PHE C 24 32.92 31.80 -25.07
C PHE C 24 33.61 30.83 -26.03
N GLN C 25 32.85 30.29 -26.98
CA GLN C 25 33.42 29.40 -27.99
C GLN C 25 34.27 30.14 -29.02
N LEU C 26 34.55 31.43 -28.77
CA LEU C 26 35.47 32.21 -29.59
C LEU C 26 36.74 32.57 -28.81
N ASP C 27 37.07 31.78 -27.79
CA ASP C 27 38.23 31.96 -26.93
C ASP C 27 38.13 33.20 -26.04
N LEU C 28 36.96 33.42 -25.43
CA LEU C 28 36.75 34.52 -24.49
C LEU C 28 36.29 33.95 -23.15
N ALA C 29 35.95 34.83 -22.22
CA ALA C 29 35.40 34.43 -20.94
C ALA C 29 34.56 35.57 -20.37
N VAL C 30 33.52 35.21 -19.63
CA VAL C 30 32.60 36.16 -19.03
C VAL C 30 32.50 35.89 -17.54
N ILE C 31 32.64 36.94 -16.74
CA ILE C 31 32.47 36.83 -15.30
C ILE C 31 31.30 37.73 -14.88
N TYR C 32 30.56 37.24 -13.89
CA TYR C 32 29.24 37.74 -13.51
C TYR C 32 29.24 38.08 -12.03
N ASP C 33 28.56 39.18 -11.67
CA ASP C 33 28.26 39.41 -10.26
C ASP C 33 26.97 40.20 -10.13
N ASP C 34 26.27 39.98 -9.02
CA ASP C 34 24.96 40.56 -8.79
C ASP C 34 24.87 41.06 -7.36
N TRP C 35 24.13 42.15 -7.14
CA TRP C 35 23.91 42.65 -5.79
C TRP C 35 22.68 43.54 -5.80
N TYR C 36 22.39 44.11 -4.62
CA TYR C 36 21.26 45.00 -4.41
C TYR C 36 21.76 46.39 -4.05
N ASP C 37 21.13 47.40 -4.65
CA ASP C 37 21.55 48.78 -4.49
C ASP C 37 21.11 49.34 -3.14
N ALA C 38 21.80 50.40 -2.71
CA ALA C 38 21.55 50.97 -1.40
C ALA C 38 20.22 51.71 -1.35
N TYR C 39 20.06 52.75 -2.18
CA TYR C 39 18.86 53.57 -2.15
C TYR C 39 18.13 53.65 -3.48
N THR C 40 18.73 53.16 -4.58
CA THR C 40 18.07 53.21 -5.87
C THR C 40 16.94 52.20 -6.00
N ARG C 41 16.83 51.25 -5.05
CA ARG C 41 15.75 50.27 -5.02
C ARG C 41 15.69 49.46 -6.32
N LYS C 42 16.83 48.94 -6.76
CA LYS C 42 16.87 48.14 -7.96
C LYS C 42 18.06 47.19 -7.90
N ASP C 43 17.90 46.03 -8.54
CA ASP C 43 18.96 45.05 -8.62
C ASP C 43 20.07 45.53 -9.55
N CYS C 44 21.28 45.04 -9.32
CA CYS C 44 22.48 45.49 -10.00
C CYS C 44 23.26 44.29 -10.52
N ILE C 45 23.64 44.33 -11.80
CA ILE C 45 24.39 43.25 -12.43
C ILE C 45 25.62 43.84 -13.10
N ARG C 46 26.79 43.29 -12.78
CA ARG C 46 28.03 43.68 -13.44
C ARG C 46 28.59 42.49 -14.21
N LEU C 47 28.92 42.73 -15.48
CA LEU C 47 29.52 41.75 -16.35
C LEU C 47 30.91 42.22 -16.79
N ARG C 48 31.83 41.28 -16.90
CA ARG C 48 33.18 41.58 -17.40
C ARG C 48 33.58 40.53 -18.42
N ILE C 49 34.00 40.99 -19.59
CA ILE C 49 34.48 40.11 -20.65
C ILE C 49 36.01 40.20 -20.69
N GLU C 50 36.64 39.03 -20.57
CA GLU C 50 38.09 38.90 -20.52
C GLU C 50 38.54 37.84 -21.51
N ASP C 51 39.86 37.73 -21.68
CA ASP C 51 40.45 36.75 -22.59
C ASP C 51 41.06 35.61 -21.79
N ARG C 52 41.65 34.65 -22.52
CA ARG C 52 42.27 33.49 -21.88
C ARG C 52 43.47 33.91 -21.05
N SER C 53 44.25 34.87 -21.55
CA SER C 53 45.46 35.32 -20.86
C SER C 53 45.18 36.14 -19.61
N GLY C 54 43.91 36.26 -19.21
CA GLY C 54 43.56 36.99 -18.01
C GLY C 54 43.42 38.49 -18.18
N ASN C 55 43.66 39.01 -19.37
CA ASN C 55 43.54 40.45 -19.62
C ASN C 55 42.06 40.82 -19.69
N LEU C 56 41.71 41.93 -19.04
CA LEU C 56 40.33 42.40 -19.04
C LEU C 56 40.06 43.21 -20.30
N ILE C 57 39.06 42.81 -21.07
CA ILE C 57 38.77 43.50 -22.32
C ILE C 57 37.68 44.55 -22.12
N ASP C 58 36.59 44.21 -21.42
CA ASP C 58 35.54 45.20 -21.24
C ASP C 58 34.73 44.90 -20.00
N THR C 59 34.06 45.93 -19.49
CA THR C 59 33.18 45.83 -18.33
C THR C 59 31.89 46.59 -18.60
N SER C 60 30.82 46.19 -17.92
CA SER C 60 29.57 46.92 -18.01
C SER C 60 28.73 46.63 -16.77
N THR C 61 27.82 47.56 -16.47
CA THR C 61 26.98 47.47 -15.29
C THR C 61 25.57 47.91 -15.65
N PHE C 62 24.57 47.17 -15.17
CA PHE C 62 23.17 47.41 -15.48
C PHE C 62 22.34 47.44 -14.21
N TYR C 63 21.41 48.38 -14.14
CA TYR C 63 20.57 48.62 -12.98
C TYR C 63 19.11 48.47 -13.40
N HIS C 64 18.35 47.64 -12.68
CA HIS C 64 16.91 47.58 -12.92
C HIS C 64 16.24 46.79 -11.80
N HIS C 65 14.98 47.13 -11.54
CA HIS C 65 14.19 46.52 -10.49
C HIS C 65 13.31 45.37 -10.99
N ASP C 66 13.40 45.02 -12.27
CA ASP C 66 12.67 43.90 -12.85
C ASP C 66 13.66 42.91 -13.45
N GLU C 67 13.49 41.63 -13.11
CA GLU C 67 14.48 40.64 -13.50
C GLU C 67 14.51 40.43 -15.01
N ASP C 68 13.34 40.35 -15.64
CA ASP C 68 13.28 40.04 -17.06
C ASP C 68 13.94 41.12 -17.90
N VAL C 69 13.63 42.39 -17.61
CA VAL C 69 14.23 43.50 -18.35
C VAL C 69 15.74 43.52 -18.15
N LEU C 70 16.18 43.28 -16.92
CA LEU C 70 17.61 43.29 -16.61
C LEU C 70 18.34 42.22 -17.40
N PHE C 71 17.79 41.01 -17.44
CA PHE C 71 18.45 39.95 -18.18
C PHE C 71 18.38 40.17 -19.68
N ASN C 72 17.32 40.77 -20.19
CA ASN C 72 17.28 41.10 -21.61
C ASN C 72 18.36 42.11 -21.96
N MET C 73 18.56 43.13 -21.12
CA MET C 73 19.64 44.08 -21.36
C MET C 73 21.00 43.39 -21.32
N CYS C 74 21.21 42.50 -20.35
CA CYS C 74 22.47 41.78 -20.29
C CYS C 74 22.70 40.97 -21.57
N THR C 75 21.67 40.26 -22.03
CA THR C 75 21.82 39.43 -23.23
C THR C 75 22.12 40.26 -24.47
N ASP C 76 21.41 41.38 -24.66
CA ASP C 76 21.63 42.13 -25.88
C ASP C 76 22.97 42.87 -25.85
N TRP C 77 23.43 43.27 -24.66
CA TRP C 77 24.77 43.82 -24.53
C TRP C 77 25.82 42.77 -24.87
N LEU C 78 25.61 41.54 -24.41
CA LEU C 78 26.57 40.47 -24.73
C LEU C 78 26.60 40.22 -26.24
N ASN C 79 25.44 40.22 -26.88
CA ASN C 79 25.40 40.04 -28.33
C ASN C 79 26.09 41.19 -29.07
N HIS C 80 25.91 42.42 -28.61
CA HIS C 80 26.61 43.55 -29.22
C HIS C 80 28.11 43.41 -29.07
N MET C 81 28.59 43.01 -27.89
CA MET C 81 30.02 42.81 -27.72
C MET C 81 30.53 41.70 -28.62
N TYR C 82 29.76 40.61 -28.75
CA TYR C 82 30.16 39.50 -29.60
C TYR C 82 30.31 39.93 -31.05
N ASP C 83 29.31 40.63 -31.59
CA ASP C 83 29.44 40.96 -33.01
C ASP C 83 30.40 42.12 -33.26
N GLN C 84 30.66 42.98 -32.28
CA GLN C 84 31.69 43.99 -32.47
C GLN C 84 33.10 43.45 -32.26
N LEU C 85 33.25 42.31 -31.58
CA LEU C 85 34.51 41.59 -31.58
C LEU C 85 34.68 40.65 -32.76
N LYS C 86 33.59 40.30 -33.46
CA LYS C 86 33.70 39.62 -34.74
C LYS C 86 33.70 40.56 -35.92
N ASP C 87 33.52 41.88 -35.72
CA ASP C 87 33.76 42.84 -36.79
C ASP C 87 35.22 42.78 -37.24
N TRP C 88 36.14 42.69 -36.28
CA TRP C 88 37.55 42.51 -36.58
C TRP C 88 38.16 41.66 -35.48
N LYS C 89 39.22 40.93 -35.84
CA LYS C 89 39.84 39.96 -34.93
C LYS C 89 38.83 38.92 -34.44
N GLY D 6 9.49 7.16 37.16
CA GLY D 6 9.17 8.44 37.76
C GLY D 6 7.69 8.72 37.74
N ARG D 7 6.95 7.91 37.00
CA ARG D 7 5.51 8.06 36.88
C ARG D 7 4.80 7.33 38.03
N LEU D 8 3.47 7.35 37.99
CA LEU D 8 2.68 6.70 39.01
C LEU D 8 2.20 5.34 38.51
N TYR D 9 2.42 4.31 39.30
CA TYR D 9 2.05 2.95 38.92
C TYR D 9 0.53 2.77 38.94
N SER D 10 0.04 1.94 38.02
CA SER D 10 -1.39 1.81 37.82
C SER D 10 -2.10 1.22 39.03
N GLY D 11 -1.44 0.31 39.74
CA GLY D 11 -2.07 -0.33 40.88
C GLY D 11 -2.44 0.63 41.99
N ASN D 12 -1.58 1.60 42.27
CA ASN D 12 -1.88 2.59 43.30
C ASN D 12 -3.10 3.43 42.92
N LEU D 13 -3.18 3.83 41.66
CA LEU D 13 -4.33 4.58 41.18
C LEU D 13 -5.61 3.75 41.27
N ALA D 14 -5.53 2.47 40.92
CA ALA D 14 -6.68 1.59 41.02
C ALA D 14 -7.14 1.45 42.47
N ALA D 15 -6.19 1.32 43.40
CA ALA D 15 -6.55 1.24 44.81
C ALA D 15 -7.22 2.52 45.29
N PHE D 16 -6.69 3.67 44.88
CA PHE D 16 -7.30 4.95 45.24
C PHE D 16 -8.75 5.03 44.76
N LYS D 17 -8.97 4.71 43.48
CA LYS D 17 -10.32 4.78 42.93
C LYS D 17 -11.24 3.79 43.63
N ALA D 18 -10.74 2.58 43.92
CA ALA D 18 -11.56 1.59 44.60
C ALA D 18 -11.97 2.07 45.99
N ALA D 19 -11.04 2.69 46.72
CA ALA D 19 -11.38 3.20 48.04
C ALA D 19 -12.43 4.31 47.96
N THR D 20 -12.27 5.24 46.99
CA THR D 20 -13.25 6.30 46.84
C THR D 20 -14.63 5.74 46.51
N ASN D 21 -14.71 4.78 45.59
CA ASN D 21 -16.01 4.19 45.26
C ASN D 21 -16.60 3.44 46.45
N LYS D 22 -15.76 2.69 47.18
CA LYS D 22 -16.24 1.91 48.31
C LYS D 22 -16.85 2.80 49.37
N LEU D 23 -16.21 3.91 49.69
CA LEU D 23 -16.76 4.79 50.72
C LEU D 23 -17.76 5.80 50.17
N PHE D 24 -17.90 5.90 48.85
CA PHE D 24 -18.96 6.73 48.27
C PHE D 24 -20.26 5.96 48.20
N GLN D 25 -20.19 4.63 48.04
CA GLN D 25 -21.38 3.80 48.03
C GLN D 25 -22.02 3.66 49.41
N LEU D 26 -21.55 4.43 50.39
CA LEU D 26 -22.16 4.51 51.71
C LEU D 26 -22.79 5.88 51.97
N ASP D 27 -23.16 6.57 50.89
CA ASP D 27 -23.77 7.90 50.93
C ASP D 27 -22.81 8.98 51.42
N LEU D 28 -21.57 8.98 50.94
CA LEU D 28 -20.59 10.01 51.26
C LEU D 28 -20.10 10.66 49.96
N ALA D 29 -19.12 11.54 50.09
CA ALA D 29 -18.49 12.15 48.93
C ALA D 29 -17.07 12.59 49.30
N VAL D 30 -16.17 12.55 48.32
CA VAL D 30 -14.77 12.91 48.50
C VAL D 30 -14.39 13.95 47.48
N ILE D 31 -13.76 15.03 47.94
CA ILE D 31 -13.25 16.06 47.05
C ILE D 31 -11.74 16.13 47.20
N TYR D 32 -11.07 16.38 46.08
CA TYR D 32 -9.64 16.22 45.90
C TYR D 32 -9.03 17.52 45.40
N ASP D 33 -7.84 17.86 45.88
CA ASP D 33 -7.07 18.92 45.24
C ASP D 33 -5.58 18.66 45.44
N ASP D 34 -4.80 19.12 44.47
CA ASP D 34 -3.36 18.87 44.43
C ASP D 34 -2.63 20.14 44.05
N TRP D 35 -1.43 20.33 44.59
CA TRP D 35 -0.60 21.47 44.23
C TRP D 35 0.85 21.17 44.58
N TYR D 36 1.71 22.15 44.34
CA TYR D 36 3.14 22.08 44.60
C TYR D 36 3.51 23.09 45.67
N ASP D 37 4.36 22.66 46.61
CA ASP D 37 4.73 23.47 47.76
C ASP D 37 5.76 24.52 47.37
N ALA D 38 5.84 25.56 48.19
CA ALA D 38 6.71 26.70 47.89
C ALA D 38 8.18 26.33 48.06
N TYR D 39 8.57 25.96 49.28
CA TYR D 39 9.98 25.66 49.57
C TYR D 39 10.21 24.28 50.12
N THR D 40 9.17 23.53 50.48
CA THR D 40 9.36 22.18 51.01
C THR D 40 9.75 21.18 49.93
N ARG D 41 9.65 21.55 48.66
CA ARG D 41 10.07 20.70 47.53
C ARG D 41 9.35 19.35 47.55
N LYS D 42 8.02 19.40 47.70
CA LYS D 42 7.24 18.17 47.70
C LYS D 42 5.81 18.48 47.25
N ASP D 43 5.19 17.49 46.61
CA ASP D 43 3.81 17.61 46.18
C ASP D 43 2.87 17.57 47.38
N CYS D 44 1.70 18.19 47.21
CA CYS D 44 0.74 18.38 48.29
C CYS D 44 -0.64 17.94 47.82
N ILE D 45 -1.30 17.11 48.63
CA ILE D 45 -2.63 16.61 48.32
C ILE D 45 -3.55 16.87 49.50
N ARG D 46 -4.69 17.52 49.24
CA ARG D 46 -5.71 17.73 50.25
C ARG D 46 -6.97 16.98 49.87
N LEU D 47 -7.49 16.20 50.82
CA LEU D 47 -8.74 15.47 50.67
C LEU D 47 -9.75 15.95 51.68
N ARG D 48 -11.02 16.01 51.25
CA ARG D 48 -12.12 16.36 52.15
C ARG D 48 -13.26 15.38 51.97
N ILE D 49 -13.73 14.81 53.06
CA ILE D 49 -14.86 13.89 53.06
C ILE D 49 -16.08 14.64 53.59
N GLU D 50 -17.14 14.65 52.79
CA GLU D 50 -18.38 15.35 53.08
C GLU D 50 -19.56 14.41 52.88
N ASP D 51 -20.75 14.88 53.27
CA ASP D 51 -21.97 14.12 53.14
C ASP D 51 -22.81 14.66 51.98
N ARG D 52 -23.97 14.03 51.75
CA ARG D 52 -24.85 14.46 50.68
C ARG D 52 -25.40 15.85 50.93
N SER D 53 -25.72 16.17 52.19
CA SER D 53 -26.28 17.46 52.55
C SER D 53 -25.28 18.60 52.46
N GLY D 54 -24.06 18.36 51.98
CA GLY D 54 -23.08 19.39 51.84
C GLY D 54 -22.27 19.70 53.08
N ASN D 55 -22.56 19.05 54.19
CA ASN D 55 -21.83 19.28 55.43
C ASN D 55 -20.45 18.64 55.35
N LEU D 56 -19.42 19.36 55.78
CA LEU D 56 -18.06 18.85 55.76
C LEU D 56 -17.82 17.99 56.99
N ILE D 57 -17.41 16.73 56.78
CA ILE D 57 -17.20 15.82 57.89
C ILE D 57 -15.73 15.82 58.32
N ASP D 58 -14.81 15.72 57.36
CA ASP D 58 -13.41 15.70 57.75
C ASP D 58 -12.53 16.20 56.62
N THR D 59 -11.31 16.62 56.99
CA THR D 59 -10.31 17.09 56.04
C THR D 59 -8.96 16.50 56.42
N SER D 60 -8.08 16.38 55.43
CA SER D 60 -6.72 15.95 55.69
C SER D 60 -5.81 16.43 54.56
N THR D 61 -4.52 16.55 54.88
CA THR D 61 -3.52 17.04 53.95
C THR D 61 -2.25 16.20 54.08
N PHE D 62 -1.66 15.84 52.95
CA PHE D 62 -0.48 14.99 52.89
C PHE D 62 0.59 15.61 52.00
N TYR D 63 1.83 15.53 52.45
CA TYR D 63 2.98 16.13 51.78
C TYR D 63 3.98 15.04 51.45
N HIS D 64 4.41 14.95 50.20
CA HIS D 64 5.49 14.04 49.86
C HIS D 64 5.98 14.33 48.44
N HIS D 65 7.26 14.04 48.21
CA HIS D 65 7.91 14.27 46.93
C HIS D 65 7.92 13.05 46.03
N ASP D 66 7.30 11.95 46.44
CA ASP D 66 7.19 10.74 45.63
C ASP D 66 5.72 10.41 45.45
N GLU D 67 5.32 10.15 44.20
CA GLU D 67 3.90 9.98 43.90
C GLU D 67 3.34 8.71 44.53
N ASP D 68 4.07 7.60 44.45
CA ASP D 68 3.56 6.34 44.93
C ASP D 68 3.31 6.37 46.44
N VAL D 69 4.26 6.88 47.21
CA VAL D 69 4.09 6.95 48.65
C VAL D 69 2.92 7.87 48.99
N LEU D 70 2.81 8.99 48.29
CA LEU D 70 1.73 9.94 48.56
C LEU D 70 0.37 9.30 48.33
N PHE D 71 0.23 8.57 47.23
CA PHE D 71 -1.06 7.95 46.95
C PHE D 71 -1.34 6.79 47.89
N ASN D 72 -0.30 6.07 48.33
CA ASN D 72 -0.53 5.03 49.33
C ASN D 72 -1.03 5.62 50.65
N MET D 73 -0.45 6.75 51.07
CA MET D 73 -0.94 7.41 52.28
C MET D 73 -2.38 7.87 52.10
N CYS D 74 -2.70 8.44 50.94
CA CYS D 74 -4.08 8.85 50.70
C CYS D 74 -5.04 7.67 50.79
N THR D 75 -4.67 6.54 50.17
CA THR D 75 -5.55 5.39 50.17
C THR D 75 -5.74 4.82 51.57
N ASP D 76 -4.68 4.71 52.37
CA ASP D 76 -4.84 4.10 53.68
C ASP D 76 -5.57 5.03 54.64
N TRP D 77 -5.40 6.35 54.46
CA TRP D 77 -6.20 7.30 55.23
C TRP D 77 -7.68 7.19 54.87
N LEU D 78 -7.98 7.03 53.58
CA LEU D 78 -9.37 6.87 53.18
C LEU D 78 -9.97 5.59 53.77
N ASN D 79 -9.20 4.51 53.78
CA ASN D 79 -9.68 3.27 54.39
C ASN D 79 -9.90 3.42 55.89
N HIS D 80 -9.01 4.12 56.58
CA HIS D 80 -9.20 4.36 58.01
C HIS D 80 -10.47 5.18 58.25
N MET D 81 -10.71 6.21 57.46
CA MET D 81 -11.94 6.98 57.62
C MET D 81 -13.16 6.12 57.35
N TYR D 82 -13.10 5.27 56.33
CA TYR D 82 -14.22 4.41 56.00
C TYR D 82 -14.56 3.47 57.15
N ASP D 83 -13.56 2.78 57.70
CA ASP D 83 -13.91 1.83 58.74
C ASP D 83 -14.21 2.49 60.08
N GLN D 84 -13.71 3.71 60.34
CA GLN D 84 -14.11 4.41 61.55
C GLN D 84 -15.48 5.08 61.41
N LEU D 85 -15.96 5.29 60.19
CA LEU D 85 -17.36 5.68 59.99
C LEU D 85 -18.29 4.49 59.89
N LYS D 86 -17.77 3.28 59.66
CA LYS D 86 -18.57 2.07 59.83
C LYS D 86 -18.45 1.45 61.21
N ASP D 87 -17.61 1.98 62.08
CA ASP D 87 -17.64 1.58 63.49
C ASP D 87 -19.00 1.91 64.11
N TRP D 88 -19.52 3.09 63.81
CA TRP D 88 -20.85 3.48 64.23
C TRP D 88 -21.46 4.37 63.14
N LYS D 89 -22.78 4.35 63.05
CA LYS D 89 -23.51 5.05 61.99
C LYS D 89 -23.04 4.58 60.61
N GLY E 6 37.07 -10.89 5.10
CA GLY E 6 37.52 -12.18 4.62
C GLY E 6 37.33 -12.33 3.13
N ARG E 7 36.61 -11.40 2.52
CA ARG E 7 36.34 -11.41 1.10
C ARG E 7 37.47 -10.73 0.35
N LEU E 8 37.32 -10.62 -0.96
CA LEU E 8 38.32 -9.99 -1.81
C LEU E 8 37.89 -8.56 -2.13
N TYR E 9 38.80 -7.61 -1.90
CA TYR E 9 38.51 -6.20 -2.12
C TYR E 9 38.40 -5.89 -3.62
N SER E 10 37.53 -4.95 -3.95
CA SER E 10 37.20 -4.68 -5.34
C SER E 10 38.39 -4.13 -6.11
N GLY E 11 39.24 -3.34 -5.45
CA GLY E 11 40.37 -2.74 -6.15
C GLY E 11 41.35 -3.76 -6.70
N ASN E 12 41.62 -4.82 -5.95
CA ASN E 12 42.52 -5.86 -6.43
C ASN E 12 41.96 -6.55 -7.67
N LEU E 13 40.66 -6.83 -7.66
CA LEU E 13 40.01 -7.44 -8.81
C LEU E 13 40.06 -6.51 -10.02
N ALA E 14 39.83 -5.22 -9.80
CA ALA E 14 39.91 -4.26 -10.89
C ALA E 14 41.31 -4.20 -11.48
N ALA E 15 42.33 -4.23 -10.62
CA ALA E 15 43.71 -4.23 -11.11
C ALA E 15 44.01 -5.48 -11.92
N PHE E 16 43.53 -6.64 -11.45
CA PHE E 16 43.73 -7.88 -12.19
C PHE E 16 43.12 -7.80 -13.58
N LYS E 17 41.85 -7.36 -13.65
CA LYS E 17 41.18 -7.26 -14.95
C LYS E 17 41.86 -6.25 -15.85
N ALA E 18 42.32 -5.13 -15.28
CA ALA E 18 43.00 -4.13 -16.08
C ALA E 18 44.30 -4.68 -16.67
N ALA E 19 45.06 -5.43 -15.87
CA ALA E 19 46.29 -6.03 -16.38
C ALA E 19 46.00 -7.02 -17.50
N THR E 20 44.98 -7.88 -17.32
CA THR E 20 44.65 -8.84 -18.36
C THR E 20 44.25 -8.13 -19.65
N ASN E 21 43.40 -7.10 -19.56
CA ASN E 21 43.02 -6.37 -20.77
C ASN E 21 44.21 -5.66 -21.41
N LYS E 22 45.07 -5.06 -20.59
CA LYS E 22 46.23 -4.34 -21.12
C LYS E 22 47.14 -5.26 -21.92
N LEU E 23 47.41 -6.44 -21.39
CA LEU E 23 48.29 -7.35 -22.11
C LEU E 23 47.57 -8.21 -23.13
N PHE E 24 46.23 -8.19 -23.14
CA PHE E 24 45.50 -8.88 -24.20
C PHE E 24 45.37 -7.99 -25.42
N GLN E 25 45.34 -6.67 -25.23
CA GLN E 25 45.29 -5.74 -26.35
C GLN E 25 46.62 -5.66 -27.10
N LEU E 26 47.56 -6.55 -26.80
CA LEU E 26 48.81 -6.68 -27.54
C LEU E 26 48.87 -8.00 -28.31
N ASP E 27 47.71 -8.57 -28.62
CA ASP E 27 47.57 -9.84 -29.33
C ASP E 27 48.04 -11.04 -28.52
N LEU E 28 47.69 -11.11 -27.24
CA LEU E 28 48.01 -12.24 -26.38
C LEU E 28 46.71 -12.82 -25.82
N ALA E 29 46.85 -13.79 -24.92
CA ALA E 29 45.69 -14.35 -24.22
C ALA E 29 46.15 -14.94 -22.90
N VAL E 30 45.27 -14.90 -21.91
CA VAL E 30 45.55 -15.40 -20.56
C VAL E 30 44.47 -16.39 -20.17
N ILE E 31 44.89 -17.54 -19.66
CA ILE E 31 43.95 -18.54 -19.15
C ILE E 31 44.24 -18.76 -17.68
N TYR E 32 43.17 -18.98 -16.93
CA TYR E 32 43.14 -18.92 -15.47
C TYR E 32 42.58 -20.21 -14.92
N ASP E 33 43.14 -20.71 -13.81
CA ASP E 33 42.48 -21.77 -13.07
C ASP E 33 42.84 -21.66 -11.59
N ASP E 34 41.90 -22.11 -10.75
CA ASP E 34 42.02 -21.98 -9.30
C ASP E 34 41.59 -23.28 -8.65
N TRP E 35 42.23 -23.61 -7.52
CA TRP E 35 41.84 -24.79 -6.76
C TRP E 35 42.35 -24.65 -5.33
N TYR E 36 42.10 -25.68 -4.53
CA TYR E 36 42.51 -25.76 -3.14
C TYR E 36 43.51 -26.89 -2.96
N ASP E 37 44.55 -26.61 -2.19
CA ASP E 37 45.65 -27.54 -1.99
C ASP E 37 45.27 -28.64 -1.01
N ALA E 38 45.99 -29.76 -1.10
CA ALA E 38 45.67 -30.93 -0.29
C ALA E 38 46.01 -30.71 1.17
N TYR E 39 47.29 -30.48 1.48
CA TYR E 39 47.73 -30.33 2.86
C TYR E 39 48.43 -29.01 3.15
N THR E 40 48.76 -28.21 2.14
CA THR E 40 49.42 -26.93 2.39
C THR E 40 48.48 -25.89 2.97
N ARG E 41 47.17 -26.15 2.96
CA ARG E 41 46.17 -25.25 3.55
C ARG E 41 46.24 -23.85 2.94
N LYS E 42 46.27 -23.78 1.61
CA LYS E 42 46.30 -22.50 0.93
C LYS E 42 45.70 -22.63 -0.46
N ASP E 43 45.10 -21.55 -0.93
CA ASP E 43 44.53 -21.51 -2.27
C ASP E 43 45.64 -21.49 -3.32
N CYS E 44 45.30 -21.99 -4.51
CA CYS E 44 46.27 -22.19 -5.58
C CYS E 44 45.72 -21.58 -6.87
N ILE E 45 46.54 -20.76 -7.54
CA ILE E 45 46.15 -20.13 -8.80
C ILE E 45 47.21 -20.42 -9.85
N ARG E 46 46.80 -20.92 -11.00
CA ARG E 46 47.68 -21.13 -12.13
C ARG E 46 47.26 -20.24 -13.28
N LEU E 47 48.22 -19.50 -13.84
CA LEU E 47 48.02 -18.66 -15.00
C LEU E 47 48.89 -19.14 -16.15
N ARG E 48 48.34 -19.03 -17.36
CA ARG E 48 49.09 -19.37 -18.57
C ARG E 48 48.89 -18.28 -19.61
N ILE E 49 49.99 -17.76 -20.14
CA ILE E 49 49.97 -16.75 -21.19
C ILE E 49 50.31 -17.43 -22.51
N GLU E 50 49.41 -17.28 -23.48
CA GLU E 50 49.53 -17.89 -24.79
C GLU E 50 49.31 -16.84 -25.87
N ASP E 51 49.53 -17.23 -27.12
CA ASP E 51 49.36 -16.34 -28.25
C ASP E 51 48.09 -16.72 -29.02
N ARG E 52 47.82 -15.97 -30.10
CA ARG E 52 46.63 -16.22 -30.90
C ARG E 52 46.70 -17.59 -31.58
N SER E 53 47.89 -17.97 -32.05
CA SER E 53 48.08 -19.24 -32.75
C SER E 53 47.97 -20.46 -31.83
N GLY E 54 47.64 -20.27 -30.57
CA GLY E 54 47.49 -21.38 -29.65
C GLY E 54 48.76 -21.87 -29.00
N ASN E 55 49.91 -21.28 -29.35
CA ASN E 55 51.18 -21.68 -28.76
C ASN E 55 51.28 -21.15 -27.34
N LEU E 56 51.74 -22.00 -26.42
CA LEU E 56 51.89 -21.61 -25.03
C LEU E 56 53.22 -20.88 -24.83
N ILE E 57 53.16 -19.65 -24.31
CA ILE E 57 54.37 -18.86 -24.15
C ILE E 57 54.93 -19.03 -22.73
N ASP E 58 54.06 -18.92 -21.71
CA ASP E 58 54.59 -19.06 -20.35
C ASP E 58 53.50 -19.54 -19.41
N THR E 59 53.94 -20.09 -18.27
CA THR E 59 53.05 -20.56 -17.22
C THR E 59 53.61 -20.13 -15.87
N SER E 60 52.71 -20.01 -14.90
CA SER E 60 53.14 -19.72 -13.53
C SER E 60 52.07 -20.19 -12.56
N THR E 61 52.50 -20.44 -11.33
CA THR E 61 51.61 -20.94 -10.28
C THR E 61 51.94 -20.24 -8.97
N PHE E 62 50.89 -19.84 -8.24
CA PHE E 62 51.04 -19.09 -6.99
C PHE E 62 50.19 -19.72 -5.90
N TYR E 63 50.77 -19.80 -4.69
CA TYR E 63 50.15 -20.44 -3.54
C TYR E 63 50.02 -19.42 -2.43
N HIS E 64 48.81 -19.25 -1.87
CA HIS E 64 48.67 -18.42 -0.68
C HIS E 64 47.28 -18.63 -0.09
N HIS E 65 47.20 -18.43 1.23
CA HIS E 65 45.96 -18.62 1.98
C HIS E 65 45.18 -17.33 2.18
N ASP E 66 45.65 -16.22 1.61
CA ASP E 66 44.93 -14.95 1.67
C ASP E 66 44.65 -14.47 0.27
N GLU E 67 43.40 -14.08 0.02
CA GLU E 67 42.98 -13.76 -1.34
C GLU E 67 43.66 -12.50 -1.86
N ASP E 68 43.75 -11.46 -1.04
CA ASP E 68 44.30 -10.20 -1.50
C ASP E 68 45.77 -10.32 -1.91
N VAL E 69 46.57 -10.98 -1.07
CA VAL E 69 47.99 -11.17 -1.39
C VAL E 69 48.14 -11.99 -2.66
N LEU E 70 47.32 -13.05 -2.79
CA LEU E 70 47.41 -13.92 -3.96
C LEU E 70 47.11 -13.14 -5.24
N PHE E 71 46.06 -12.31 -5.21
CA PHE E 71 45.72 -11.55 -6.41
C PHE E 71 46.74 -10.45 -6.69
N ASN E 72 47.34 -9.87 -5.65
CA ASN E 72 48.41 -8.90 -5.89
C ASN E 72 49.61 -9.56 -6.57
N MET E 73 49.97 -10.76 -6.12
CA MET E 73 51.07 -11.48 -6.78
C MET E 73 50.72 -11.79 -8.23
N CYS E 74 49.49 -12.23 -8.48
CA CYS E 74 49.09 -12.50 -9.85
C CYS E 74 49.19 -11.25 -10.72
N THR E 75 48.71 -10.11 -10.21
CA THR E 75 48.74 -8.88 -10.99
C THR E 75 50.17 -8.42 -11.27
N ASP E 76 51.06 -8.48 -10.28
CA ASP E 76 52.40 -7.95 -10.54
C ASP E 76 53.20 -8.90 -11.42
N TRP E 77 52.92 -10.21 -11.34
CA TRP E 77 53.53 -11.14 -12.29
C TRP E 77 53.05 -10.87 -13.70
N LEU E 78 51.75 -10.59 -13.87
CA LEU E 78 51.23 -10.27 -15.19
C LEU E 78 51.88 -9.00 -15.74
N ASN E 79 52.06 -7.99 -14.89
CA ASN E 79 52.72 -6.77 -15.33
C ASN E 79 54.19 -7.02 -15.72
N HIS E 80 54.89 -7.86 -14.96
CA HIS E 80 56.26 -8.20 -15.31
C HIS E 80 56.32 -8.91 -16.65
N MET E 81 55.41 -9.85 -16.89
CA MET E 81 55.39 -10.52 -18.19
C MET E 81 55.09 -9.54 -19.31
N TYR E 82 54.15 -8.61 -19.07
CA TYR E 82 53.80 -7.63 -20.09
C TYR E 82 55.01 -6.76 -20.46
N ASP E 83 55.70 -6.22 -19.47
CA ASP E 83 56.79 -5.33 -19.84
C ASP E 83 58.02 -6.07 -20.33
N GLN E 84 58.22 -7.35 -19.96
CA GLN E 84 59.32 -8.11 -20.54
C GLN E 84 58.99 -8.64 -21.93
N LEU E 85 57.72 -8.70 -22.30
CA LEU E 85 57.35 -8.95 -23.70
C LEU E 85 57.28 -7.67 -24.52
N LYS E 86 57.21 -6.51 -23.89
CA LYS E 86 57.41 -5.25 -24.60
C LYS E 86 58.84 -4.75 -24.57
N ASP E 87 59.74 -5.43 -23.86
CA ASP E 87 61.16 -5.14 -24.01
C ASP E 87 61.63 -5.40 -25.44
N TRP E 88 61.18 -6.51 -26.02
CA TRP E 88 61.43 -6.82 -27.42
C TRP E 88 60.22 -7.55 -27.97
N LYS E 89 60.01 -7.40 -29.28
CA LYS E 89 58.83 -7.94 -29.95
C LYS E 89 57.55 -7.41 -29.31
N GLY F 6 -13.26 -36.45 4.63
CA GLY F 6 -12.61 -37.35 5.56
C GLY F 6 -12.60 -36.81 6.97
N ARG F 7 -12.98 -35.55 7.11
CA ARG F 7 -13.02 -34.90 8.41
C ARG F 7 -14.37 -35.15 9.08
N LEU F 8 -14.56 -34.54 10.25
CA LEU F 8 -15.81 -34.70 10.99
C LEU F 8 -16.69 -33.48 10.76
N TYR F 9 -17.94 -33.74 10.40
CA TYR F 9 -18.89 -32.67 10.11
C TYR F 9 -19.29 -31.93 11.38
N SER F 10 -19.53 -30.63 11.25
CA SER F 10 -19.76 -29.77 12.40
C SER F 10 -21.04 -30.15 13.15
N GLY F 11 -22.07 -30.58 12.42
CA GLY F 11 -23.34 -30.90 13.06
C GLY F 11 -23.25 -32.02 14.07
N ASN F 12 -22.48 -33.06 13.75
CA ASN F 12 -22.31 -34.18 14.67
C ASN F 12 -21.62 -33.73 15.95
N LEU F 13 -20.59 -32.89 15.82
CA LEU F 13 -19.90 -32.36 17.00
C LEU F 13 -20.84 -31.49 17.83
N ALA F 14 -21.67 -30.67 17.17
CA ALA F 14 -22.63 -29.86 17.90
C ALA F 14 -23.63 -30.72 18.66
N ALA F 15 -24.10 -31.79 18.03
CA ALA F 15 -25.03 -32.69 18.71
C ALA F 15 -24.37 -33.37 19.91
N PHE F 16 -23.12 -33.78 19.76
CA PHE F 16 -22.39 -34.39 20.88
C PHE F 16 -22.30 -33.41 22.05
N LYS F 17 -21.87 -32.18 21.78
CA LYS F 17 -21.73 -31.19 22.85
C LYS F 17 -23.08 -30.87 23.48
N ALA F 18 -24.13 -30.78 22.67
CA ALA F 18 -25.46 -30.50 23.21
C ALA F 18 -25.91 -31.61 24.13
N ALA F 19 -25.69 -32.87 23.75
CA ALA F 19 -26.06 -33.98 24.62
C ALA F 19 -25.29 -33.95 25.93
N THR F 20 -23.98 -33.69 25.87
CA THR F 20 -23.20 -33.63 27.10
C THR F 20 -23.69 -32.52 28.01
N ASN F 21 -23.96 -31.33 27.46
CA ASN F 21 -24.47 -30.24 28.30
C ASN F 21 -25.84 -30.56 28.86
N LYS F 22 -26.72 -31.16 28.04
CA LYS F 22 -28.07 -31.48 28.49
C LYS F 22 -28.05 -32.43 29.67
N LEU F 23 -27.22 -33.47 29.61
CA LEU F 23 -27.19 -34.43 30.71
C LEU F 23 -26.23 -34.01 31.83
N PHE F 24 -25.42 -32.97 31.61
CA PHE F 24 -24.61 -32.44 32.70
C PHE F 24 -25.40 -31.45 33.54
N GLN F 25 -26.37 -30.77 32.93
CA GLN F 25 -27.24 -29.86 33.67
C GLN F 25 -28.24 -30.59 34.56
N LEU F 26 -28.09 -31.90 34.72
CA LEU F 26 -28.88 -32.70 35.66
C LEU F 26 -28.02 -33.24 36.80
N ASP F 27 -26.90 -32.56 37.08
CA ASP F 27 -25.95 -32.92 38.13
C ASP F 27 -25.19 -34.21 37.83
N LEU F 28 -24.72 -34.38 36.61
CA LEU F 28 -23.90 -35.52 36.21
C LEU F 28 -22.57 -35.02 35.66
N ALA F 29 -21.76 -35.95 35.15
CA ALA F 29 -20.51 -35.59 34.50
C ALA F 29 -20.12 -36.70 33.53
N VAL F 30 -19.46 -36.31 32.44
CA VAL F 30 -19.04 -37.24 31.39
C VAL F 30 -17.54 -37.08 31.17
N ILE F 31 -16.83 -38.19 31.14
CA ILE F 31 -15.41 -38.19 30.83
C ILE F 31 -15.18 -39.01 29.56
N TYR F 32 -14.24 -38.55 28.75
CA TYR F 32 -14.04 -38.95 27.37
C TYR F 32 -12.59 -39.41 27.19
N ASP F 33 -12.39 -40.46 26.39
CA ASP F 33 -11.06 -40.78 25.94
C ASP F 33 -11.13 -41.47 24.58
N ASP F 34 -10.07 -41.27 23.79
CA ASP F 34 -10.01 -41.76 22.41
C ASP F 34 -8.65 -42.36 22.15
N TRP F 35 -8.60 -43.38 21.31
CA TRP F 35 -7.33 -43.97 20.90
C TRP F 35 -7.54 -44.75 19.60
N TYR F 36 -6.45 -45.38 19.15
CA TYR F 36 -6.43 -46.18 17.94
C TYR F 36 -6.15 -47.64 18.29
N ASP F 37 -6.89 -48.53 17.64
CA ASP F 37 -6.82 -49.96 17.93
C ASP F 37 -5.58 -50.58 17.31
N ALA F 38 -5.18 -51.72 17.87
CA ALA F 38 -3.95 -52.39 17.44
C ALA F 38 -4.10 -53.00 16.06
N TYR F 39 -5.01 -53.96 15.90
CA TYR F 39 -5.19 -54.66 14.63
C TYR F 39 -6.58 -54.57 14.05
N THR F 40 -7.57 -54.06 14.79
CA THR F 40 -8.92 -53.94 14.27
C THR F 40 -9.06 -52.82 13.24
N ARG F 41 -8.05 -51.95 13.11
CA ARG F 41 -8.04 -50.87 12.12
C ARG F 41 -9.26 -49.96 12.25
N LYS F 42 -9.52 -49.52 13.48
CA LYS F 42 -10.64 -48.62 13.71
C LYS F 42 -10.38 -47.78 14.96
N ASP F 43 -10.93 -46.57 14.95
CA ASP F 43 -10.82 -45.69 16.10
C ASP F 43 -11.69 -46.18 17.25
N CYS F 44 -11.29 -45.82 18.47
CA CYS F 44 -11.90 -46.33 19.68
C CYS F 44 -12.22 -45.16 20.61
N ILE F 45 -13.46 -45.13 21.11
CA ILE F 45 -13.91 -44.07 22.00
C ILE F 45 -14.52 -44.71 23.25
N ARG F 46 -14.04 -44.29 24.42
CA ARG F 46 -14.60 -44.74 25.69
C ARG F 46 -15.21 -43.55 26.42
N LEU F 47 -16.45 -43.71 26.85
CA LEU F 47 -17.17 -42.71 27.63
C LEU F 47 -17.52 -43.28 28.99
N ARG F 48 -17.46 -42.42 30.02
CA ARG F 48 -17.84 -42.79 31.36
C ARG F 48 -18.73 -41.70 31.96
N ILE F 49 -19.89 -42.10 32.46
CA ILE F 49 -20.82 -41.18 33.12
C ILE F 49 -20.72 -41.40 34.62
N GLU F 50 -20.43 -40.31 35.34
CA GLU F 50 -20.24 -40.32 36.78
C GLU F 50 -21.08 -39.22 37.41
N ASP F 51 -21.12 -39.21 38.74
CA ASP F 51 -21.87 -38.23 39.50
C ASP F 51 -20.92 -37.20 40.12
N ARG F 52 -21.50 -36.24 40.85
CA ARG F 52 -20.70 -35.21 41.49
C ARG F 52 -19.79 -35.79 42.57
N SER F 53 -20.30 -36.78 43.32
CA SER F 53 -19.55 -37.38 44.41
C SER F 53 -18.40 -38.27 43.92
N GLY F 54 -18.14 -38.32 42.62
CA GLY F 54 -17.05 -39.11 42.10
C GLY F 54 -17.36 -40.56 41.85
N ASN F 55 -18.57 -41.01 42.17
CA ASN F 55 -18.96 -42.40 41.96
C ASN F 55 -19.20 -42.65 40.47
N LEU F 56 -18.69 -43.77 39.96
CA LEU F 56 -18.86 -44.12 38.56
C LEU F 56 -20.21 -44.79 38.36
N ILE F 57 -21.04 -44.24 37.48
CA ILE F 57 -22.37 -44.79 37.25
C ILE F 57 -22.37 -45.76 36.08
N ASP F 58 -21.76 -45.38 34.96
CA ASP F 58 -21.76 -46.29 33.82
C ASP F 58 -20.56 -46.01 32.91
N THR F 59 -20.24 -47.02 32.10
CA THR F 59 -19.16 -46.94 31.13
C THR F 59 -19.62 -47.56 29.82
N SER F 60 -19.01 -47.11 28.72
CA SER F 60 -19.27 -47.72 27.43
C SER F 60 -18.11 -47.47 26.49
N THR F 61 -17.98 -48.32 25.49
CA THR F 61 -16.88 -48.26 24.53
C THR F 61 -17.42 -48.54 23.13
N PHE F 62 -16.97 -47.76 22.16
CA PHE F 62 -17.43 -47.85 20.78
C PHE F 62 -16.26 -47.90 19.83
N TYR F 63 -16.37 -48.77 18.82
CA TYR F 63 -15.31 -49.01 17.85
C TYR F 63 -15.85 -48.71 16.45
N HIS F 64 -15.13 -47.88 15.70
CA HIS F 64 -15.51 -47.67 14.29
C HIS F 64 -14.39 -46.91 13.58
N HIS F 65 -14.29 -47.17 12.28
CA HIS F 65 -13.26 -46.57 11.44
C HIS F 65 -13.75 -45.31 10.70
N ASP F 66 -14.98 -44.87 10.96
CA ASP F 66 -15.51 -43.64 10.37
C ASP F 66 -15.92 -42.70 11.50
N GLU F 67 -15.49 -41.44 11.40
CA GLU F 67 -15.70 -40.51 12.51
C GLU F 67 -17.16 -40.17 12.71
N ASP F 68 -17.90 -39.94 11.61
CA ASP F 68 -19.28 -39.52 11.73
C ASP F 68 -20.15 -40.59 12.38
N VAL F 69 -20.01 -41.84 11.95
CA VAL F 69 -20.78 -42.93 12.53
C VAL F 69 -20.44 -43.10 14.00
N LEU F 70 -19.15 -43.01 14.33
CA LEU F 70 -18.71 -43.17 15.71
C LEU F 70 -19.33 -42.11 16.61
N PHE F 71 -19.32 -40.86 16.16
CA PHE F 71 -19.88 -39.79 16.98
C PHE F 71 -21.41 -39.88 17.06
N ASN F 72 -22.06 -40.36 15.99
CA ASN F 72 -23.50 -40.57 16.07
C ASN F 72 -23.85 -41.63 17.11
N MET F 73 -23.08 -42.72 17.14
CA MET F 73 -23.30 -43.75 18.15
C MET F 73 -23.06 -43.19 19.56
N CYS F 74 -22.01 -42.40 19.72
CA CYS F 74 -21.77 -41.80 21.04
C CYS F 74 -22.93 -40.91 21.45
N THR F 75 -23.43 -40.08 20.54
CA THR F 75 -24.52 -39.17 20.89
C THR F 75 -25.80 -39.92 21.23
N ASP F 76 -26.15 -40.96 20.47
CA ASP F 76 -27.43 -41.63 20.75
C ASP F 76 -27.33 -42.47 22.01
N TRP F 77 -26.14 -43.02 22.31
CA TRP F 77 -25.94 -43.69 23.58
C TRP F 77 -26.08 -42.71 24.75
N LEU F 78 -25.52 -41.51 24.60
CA LEU F 78 -25.65 -40.51 25.65
C LEU F 78 -27.11 -40.13 25.87
N ASN F 79 -27.87 -39.99 24.78
CA ASN F 79 -29.30 -39.68 24.90
C ASN F 79 -30.06 -40.82 25.59
N HIS F 80 -29.73 -42.08 25.24
CA HIS F 80 -30.37 -43.21 25.91
C HIS F 80 -30.07 -43.22 27.41
N MET F 81 -28.82 -42.95 27.78
CA MET F 81 -28.49 -42.89 29.20
C MET F 81 -29.24 -41.75 29.89
N TYR F 82 -29.34 -40.60 29.22
CA TYR F 82 -30.05 -39.46 29.79
C TYR F 82 -31.51 -39.80 30.07
N ASP F 83 -32.20 -40.35 29.08
CA ASP F 83 -33.63 -40.57 29.32
C ASP F 83 -33.88 -41.79 30.21
N GLN F 84 -32.96 -42.75 30.30
CA GLN F 84 -33.15 -43.83 31.26
C GLN F 84 -32.76 -43.43 32.67
N LEU F 85 -31.98 -42.37 32.84
CA LEU F 85 -31.79 -41.77 34.16
C LEU F 85 -32.85 -40.75 34.51
N LYS F 86 -33.62 -40.26 33.54
CA LYS F 86 -34.82 -39.48 33.83
C LYS F 86 -36.08 -40.32 33.88
N ASP F 87 -36.00 -41.62 33.58
CA ASP F 87 -37.12 -42.51 33.85
C ASP F 87 -37.43 -42.54 35.34
N TRP F 88 -36.39 -42.63 36.16
CA TRP F 88 -36.53 -42.55 37.61
C TRP F 88 -35.30 -41.84 38.17
N LYS F 89 -35.49 -41.18 39.31
CA LYS F 89 -34.45 -40.34 39.91
C LYS F 89 -33.97 -39.27 38.94
N GLY G 6 -5.56 -15.16 -35.53
CA GLY G 6 -6.25 -14.39 -36.56
C GLY G 6 -5.58 -13.08 -36.85
N ARG G 7 -4.61 -12.72 -36.03
CA ARG G 7 -3.88 -11.48 -36.19
C ARG G 7 -2.68 -11.69 -37.12
N LEU G 8 -1.90 -10.63 -37.30
CA LEU G 8 -0.73 -10.70 -38.17
C LEU G 8 0.52 -10.90 -37.33
N TYR G 9 1.32 -11.90 -37.71
CA TYR G 9 2.54 -12.22 -36.98
C TYR G 9 3.60 -11.15 -37.17
N SER G 10 4.40 -10.93 -36.12
CA SER G 10 5.34 -9.82 -36.11
C SER G 10 6.43 -9.97 -37.16
N GLY G 11 6.85 -11.21 -37.44
CA GLY G 11 7.92 -11.44 -38.39
C GLY G 11 7.59 -10.96 -39.79
N ASN G 12 6.36 -11.20 -40.23
CA ASN G 12 5.94 -10.76 -41.56
C ASN G 12 5.98 -9.23 -41.67
N LEU G 13 5.50 -8.55 -40.62
CA LEU G 13 5.55 -7.09 -40.60
C LEU G 13 6.99 -6.58 -40.62
N ALA G 14 7.87 -7.23 -39.86
CA ALA G 14 9.28 -6.85 -39.86
C ALA G 14 9.89 -7.02 -41.24
N ALA G 15 9.58 -8.13 -41.91
CA ALA G 15 10.10 -8.34 -43.26
C ALA G 15 9.58 -7.28 -44.23
N PHE G 16 8.30 -6.92 -44.13
CA PHE G 16 7.75 -5.87 -44.98
C PHE G 16 8.49 -4.56 -44.78
N LYS G 17 8.65 -4.15 -43.52
CA LYS G 17 9.33 -2.89 -43.24
C LYS G 17 10.78 -2.93 -43.71
N ALA G 18 11.46 -4.07 -43.52
CA ALA G 18 12.84 -4.19 -43.95
C ALA G 18 12.95 -4.06 -45.47
N ALA G 19 12.03 -4.67 -46.21
CA ALA G 19 12.06 -4.53 -47.66
C ALA G 19 11.82 -3.10 -48.09
N THR G 20 10.85 -2.42 -47.47
CA THR G 20 10.60 -1.02 -47.84
C THR G 20 11.82 -0.15 -47.56
N ASN G 21 12.45 -0.32 -46.41
CA ASN G 21 13.65 0.47 -46.10
C ASN G 21 14.79 0.14 -47.06
N LYS G 22 14.98 -1.15 -47.37
CA LYS G 22 16.06 -1.57 -48.25
C LYS G 22 15.93 -0.93 -49.63
N LEU G 23 14.72 -0.93 -50.18
CA LEU G 23 14.55 -0.35 -51.51
C LEU G 23 14.29 1.15 -51.48
N PHE G 24 14.08 1.73 -50.29
CA PHE G 24 13.98 3.19 -50.19
C PHE G 24 15.37 3.81 -50.07
N GLN G 25 16.32 3.08 -49.50
CA GLN G 25 17.68 3.56 -49.40
C GLN G 25 18.42 3.53 -50.73
N LEU G 26 17.69 3.28 -51.83
CA LEU G 26 18.24 3.37 -53.18
C LEU G 26 17.60 4.53 -53.96
N ASP G 27 17.10 5.54 -53.24
CA ASP G 27 16.45 6.72 -53.79
C ASP G 27 15.11 6.41 -54.46
N LEU G 28 14.27 5.60 -53.82
CA LEU G 28 12.93 5.29 -54.29
C LEU G 28 11.92 5.68 -53.21
N ALA G 29 10.65 5.35 -53.47
CA ALA G 29 9.61 5.56 -52.48
C ALA G 29 8.46 4.58 -52.75
N VAL G 30 7.79 4.18 -51.68
CA VAL G 30 6.68 3.22 -51.74
C VAL G 30 5.47 3.83 -51.07
N ILE G 31 4.32 3.77 -51.75
CA ILE G 31 3.07 4.22 -51.17
C ILE G 31 2.11 3.03 -51.10
N TYR G 32 1.33 3.01 -50.03
CA TYR G 32 0.55 1.86 -49.58
C TYR G 32 -0.90 2.25 -49.44
N ASP G 33 -1.82 1.35 -49.82
CA ASP G 33 -3.21 1.53 -49.45
C ASP G 33 -3.89 0.19 -49.31
N ASP G 34 -4.89 0.12 -48.43
CA ASP G 34 -5.58 -1.11 -48.09
C ASP G 34 -7.08 -0.86 -48.04
N TRP G 35 -7.86 -1.87 -48.41
CA TRP G 35 -9.31 -1.78 -48.30
C TRP G 35 -9.90 -3.18 -48.32
N TYR G 36 -11.23 -3.23 -48.28
CA TYR G 36 -12.00 -4.46 -48.28
C TYR G 36 -12.83 -4.54 -49.55
N ASP G 37 -12.86 -5.73 -50.15
CA ASP G 37 -13.52 -5.95 -51.43
C ASP G 37 -15.03 -6.05 -51.25
N ALA G 38 -15.75 -5.80 -52.34
CA ALA G 38 -17.21 -5.77 -52.29
C ALA G 38 -17.79 -7.17 -52.10
N TYR G 39 -17.55 -8.06 -53.06
CA TYR G 39 -18.13 -9.39 -53.01
C TYR G 39 -17.10 -10.51 -53.05
N THR G 40 -15.82 -10.23 -53.30
CA THR G 40 -14.81 -11.28 -53.33
C THR G 40 -14.45 -11.78 -51.94
N ARG G 41 -14.90 -11.09 -50.88
CA ARG G 41 -14.67 -11.52 -49.49
C ARG G 41 -13.19 -11.70 -49.19
N LYS G 42 -12.39 -10.70 -49.55
CA LYS G 42 -10.96 -10.76 -49.27
C LYS G 42 -10.41 -9.34 -49.17
N ASP G 43 -9.37 -9.20 -48.35
CA ASP G 43 -8.69 -7.91 -48.20
C ASP G 43 -7.88 -7.59 -49.45
N CYS G 44 -7.68 -6.29 -49.68
CA CYS G 44 -7.06 -5.78 -50.90
C CYS G 44 -5.95 -4.81 -50.53
N ILE G 45 -4.77 -5.00 -51.12
CA ILE G 45 -3.62 -4.14 -50.88
C ILE G 45 -3.07 -3.65 -52.22
N ARG G 46 -2.91 -2.33 -52.35
CA ARG G 46 -2.30 -1.75 -53.53
C ARG G 46 -1.00 -1.05 -53.13
N LEU G 47 0.07 -1.37 -53.85
CA LEU G 47 1.37 -0.76 -53.66
C LEU G 47 1.78 -0.02 -54.92
N ARG G 48 2.45 1.12 -54.74
CA ARG G 48 2.99 1.88 -55.86
C ARG G 48 4.42 2.30 -55.55
N ILE G 49 5.33 2.01 -56.46
CA ILE G 49 6.73 2.38 -56.34
C ILE G 49 6.98 3.57 -57.26
N GLU G 50 7.49 4.65 -56.68
CA GLU G 50 7.75 5.90 -57.38
C GLU G 50 9.17 6.37 -57.07
N ASP G 51 9.59 7.43 -57.77
CA ASP G 51 10.91 8.01 -57.59
C ASP G 51 10.81 9.31 -56.81
N ARG G 52 11.97 9.94 -56.58
CA ARG G 52 12.00 11.21 -55.85
C ARG G 52 11.29 12.31 -56.62
N SER G 53 11.44 12.33 -57.94
CA SER G 53 10.86 13.36 -58.78
C SER G 53 9.34 13.24 -58.91
N GLY G 54 8.71 12.31 -58.20
CA GLY G 54 7.28 12.14 -58.24
C GLY G 54 6.75 11.30 -59.38
N ASN G 55 7.63 10.81 -60.25
CA ASN G 55 7.20 9.98 -61.36
C ASN G 55 6.85 8.58 -60.86
N LEU G 56 5.73 8.04 -61.35
CA LEU G 56 5.29 6.71 -60.95
C LEU G 56 6.02 5.66 -61.79
N ILE G 57 6.70 4.74 -61.12
CA ILE G 57 7.46 3.72 -61.84
C ILE G 57 6.64 2.44 -62.00
N ASP G 58 6.00 1.97 -60.93
CA ASP G 58 5.22 0.74 -61.07
C ASP G 58 4.11 0.69 -60.03
N THR G 59 3.11 -0.13 -60.33
CA THR G 59 1.97 -0.36 -59.44
C THR G 59 1.67 -1.86 -59.39
N SER G 60 1.06 -2.28 -58.29
CA SER G 60 0.61 -3.66 -58.19
C SER G 60 -0.51 -3.75 -57.15
N THR G 61 -1.33 -4.79 -57.29
CA THR G 61 -2.48 -5.00 -56.41
C THR G 61 -2.59 -6.48 -56.07
N PHE G 62 -2.86 -6.78 -54.80
CA PHE G 62 -2.92 -8.14 -54.30
C PHE G 62 -4.21 -8.34 -53.51
N TYR G 63 -4.83 -9.50 -53.71
CA TYR G 63 -6.11 -9.85 -53.09
C TYR G 63 -5.93 -11.12 -52.29
N HIS G 64 -6.32 -11.09 -51.01
CA HIS G 64 -6.34 -12.33 -50.23
C HIS G 64 -7.09 -12.10 -48.93
N HIS G 65 -7.68 -13.19 -48.42
CA HIS G 65 -8.47 -13.15 -47.20
C HIS G 65 -7.68 -13.55 -45.96
N ASP G 66 -6.38 -13.79 -46.09
CA ASP G 66 -5.52 -14.11 -44.96
C ASP G 66 -4.39 -13.09 -44.91
N GLU G 67 -4.16 -12.52 -43.73
CA GLU G 67 -3.21 -11.42 -43.60
C GLU G 67 -1.78 -11.87 -43.86
N ASP G 68 -1.39 -13.01 -43.32
CA ASP G 68 0.00 -13.46 -43.45
C ASP G 68 0.38 -13.72 -44.90
N VAL G 69 -0.48 -14.43 -45.63
CA VAL G 69 -0.20 -14.71 -47.04
C VAL G 69 -0.13 -13.42 -47.83
N LEU G 70 -1.05 -12.49 -47.56
CA LEU G 70 -1.09 -11.23 -48.28
C LEU G 70 0.21 -10.45 -48.07
N PHE G 71 0.68 -10.38 -46.83
CA PHE G 71 1.90 -9.63 -46.57
C PHE G 71 3.12 -10.34 -47.12
N ASN G 72 3.12 -11.68 -47.14
CA ASN G 72 4.23 -12.39 -47.77
C ASN G 72 4.30 -12.09 -49.27
N MET G 73 3.14 -12.07 -49.93
CA MET G 73 3.12 -11.71 -51.34
C MET G 73 3.61 -10.28 -51.56
N CYS G 74 3.18 -9.35 -50.70
CA CYS G 74 3.66 -7.98 -50.83
C CYS G 74 5.17 -7.91 -50.68
N THR G 75 5.72 -8.61 -49.69
CA THR G 75 7.16 -8.56 -49.45
C THR G 75 7.95 -9.16 -50.61
N ASP G 76 7.51 -10.30 -51.14
CA ASP G 76 8.31 -10.92 -52.20
C ASP G 76 8.19 -10.15 -53.50
N TRP G 77 7.03 -9.52 -53.74
CA TRP G 77 6.91 -8.62 -54.89
C TRP G 77 7.84 -7.43 -54.76
N LEU G 78 7.93 -6.86 -53.54
CA LEU G 78 8.85 -5.74 -53.32
C LEU G 78 10.28 -6.16 -53.56
N ASN G 79 10.67 -7.35 -53.10
CA ASN G 79 12.02 -7.84 -53.34
C ASN G 79 12.29 -8.07 -54.83
N HIS G 80 11.32 -8.59 -55.56
CA HIS G 80 11.47 -8.77 -57.00
C HIS G 80 11.67 -7.42 -57.69
N MET G 81 10.88 -6.42 -57.31
CA MET G 81 11.06 -5.09 -57.91
C MET G 81 12.42 -4.52 -57.56
N TYR G 82 12.87 -4.71 -56.33
CA TYR G 82 14.18 -4.20 -55.92
C TYR G 82 15.30 -4.82 -56.75
N ASP G 83 15.31 -6.15 -56.88
CA ASP G 83 16.44 -6.72 -57.60
C ASP G 83 16.33 -6.55 -59.11
N GLN G 84 15.12 -6.36 -59.66
CA GLN G 84 15.03 -6.05 -61.09
C GLN G 84 15.31 -4.58 -61.39
N LEU G 85 15.24 -3.70 -60.39
CA LEU G 85 15.76 -2.35 -60.53
C LEU G 85 17.25 -2.24 -60.21
N LYS G 86 17.83 -3.22 -59.53
CA LYS G 86 19.27 -3.31 -59.42
C LYS G 86 19.92 -4.18 -60.48
N ASP G 87 19.12 -4.83 -61.35
CA ASP G 87 19.70 -5.46 -62.53
C ASP G 87 20.38 -4.43 -63.43
N TRP G 88 19.72 -3.28 -63.61
CA TRP G 88 20.30 -2.17 -64.33
C TRP G 88 19.81 -0.88 -63.70
N LYS G 89 20.61 0.17 -63.82
CA LYS G 89 20.35 1.46 -63.16
C LYS G 89 20.18 1.28 -61.65
N GLN H 3 -8.87 62.34 -27.47
CA GLN H 3 -10.10 62.36 -26.69
C GLN H 3 -10.45 60.98 -26.18
N ILE H 4 -10.54 60.83 -24.87
CA ILE H 4 -10.84 59.54 -24.26
C ILE H 4 -12.32 59.22 -24.46
N ASP H 5 -12.60 58.03 -24.98
CA ASP H 5 -13.97 57.58 -25.19
C ASP H 5 -13.99 56.08 -25.00
N PHE H 6 -14.65 55.62 -23.94
CA PHE H 6 -14.66 54.20 -23.61
C PHE H 6 -15.69 53.40 -24.40
N ARG H 7 -16.52 54.06 -25.21
CA ARG H 7 -17.44 53.33 -26.07
C ARG H 7 -16.74 52.64 -27.23
N LYS H 8 -15.60 53.16 -27.66
CA LYS H 8 -14.81 52.54 -28.72
C LYS H 8 -13.89 51.44 -28.20
N LYS H 9 -13.87 51.18 -26.90
CA LYS H 9 -13.06 50.13 -26.31
C LYS H 9 -13.87 48.98 -25.77
N ILE H 10 -15.04 49.24 -25.20
CA ILE H 10 -15.91 48.18 -24.70
C ILE H 10 -16.75 47.65 -25.85
N ASN H 11 -16.23 46.62 -26.53
CA ASN H 11 -16.90 46.03 -27.67
C ASN H 11 -17.68 44.80 -27.23
N TRP H 12 -18.96 44.74 -27.58
CA TRP H 12 -19.82 43.63 -27.18
C TRP H 12 -20.16 42.70 -28.35
N HIS H 13 -19.40 42.76 -29.43
CA HIS H 13 -19.59 41.84 -30.53
C HIS H 13 -18.81 40.55 -30.28
N ARG H 14 -19.15 39.52 -31.05
CA ARG H 14 -18.53 38.21 -30.96
C ARG H 14 -17.88 37.84 -32.28
N ARG H 15 -17.28 36.67 -32.32
CA ARG H 15 -16.63 36.15 -33.52
C ARG H 15 -17.57 35.33 -34.39
N TYR H 16 -18.41 34.50 -33.78
CA TYR H 16 -19.40 33.70 -34.49
C TYR H 16 -20.79 34.06 -33.99
N ARG H 17 -21.71 34.25 -34.93
CA ARG H 17 -23.10 34.59 -34.63
C ARG H 17 -23.19 35.84 -33.76
N SER H 18 -22.39 36.84 -34.12
CA SER H 18 -22.33 38.05 -33.33
C SER H 18 -23.65 38.80 -33.41
N PRO H 19 -24.08 39.44 -32.31
CA PRO H 19 -25.30 40.26 -32.37
C PRO H 19 -25.02 41.58 -33.06
N GLN H 20 -25.96 42.01 -33.90
CA GLN H 20 -25.82 43.21 -34.69
C GLN H 20 -26.98 44.17 -34.42
N GLY H 21 -26.76 45.43 -34.77
CA GLY H 21 -27.76 46.46 -34.59
C GLY H 21 -27.44 47.44 -33.49
N VAL H 22 -28.47 48.07 -32.93
CA VAL H 22 -28.33 49.04 -31.85
C VAL H 22 -29.01 48.49 -30.62
N LYS H 23 -28.35 48.62 -29.47
CA LYS H 23 -28.81 48.01 -28.24
C LYS H 23 -28.97 49.08 -27.16
N THR H 24 -29.59 48.67 -26.05
CA THR H 24 -29.77 49.52 -24.89
C THR H 24 -28.96 48.98 -23.72
N GLU H 25 -29.09 49.66 -22.57
CA GLU H 25 -28.31 49.26 -21.39
C GLU H 25 -28.67 47.86 -20.93
N HIS H 26 -29.97 47.54 -20.88
CA HIS H 26 -30.41 46.23 -20.41
C HIS H 26 -29.88 45.11 -21.30
N GLU H 27 -29.93 45.31 -22.61
CA GLU H 27 -29.44 44.28 -23.53
C GLU H 27 -27.94 44.09 -23.41
N ILE H 28 -27.18 45.18 -23.25
CA ILE H 28 -25.73 45.04 -23.06
C ILE H 28 -25.42 44.30 -21.77
N LEU H 29 -26.13 44.63 -20.69
CA LEU H 29 -25.91 43.91 -19.44
C LEU H 29 -26.25 42.44 -19.58
N ARG H 30 -27.33 42.11 -20.30
CA ARG H 30 -27.67 40.72 -20.54
C ARG H 30 -26.59 40.01 -21.35
N ILE H 31 -26.02 40.70 -22.34
CA ILE H 31 -24.95 40.10 -23.13
C ILE H 31 -23.75 39.79 -22.25
N PHE H 32 -23.37 40.72 -21.38
CA PHE H 32 -22.19 40.51 -20.55
C PHE H 32 -22.42 39.53 -19.40
N GLU H 33 -23.67 39.31 -18.99
CA GLU H 33 -23.93 38.31 -17.95
C GLU H 33 -23.79 36.89 -18.49
N SER H 34 -24.16 36.68 -19.76
CA SER H 34 -24.00 35.37 -20.36
C SER H 34 -22.54 34.95 -20.44
N ASP H 35 -21.63 35.91 -20.59
CA ASP H 35 -20.20 35.58 -20.59
C ASP H 35 -19.78 35.01 -19.24
N ARG H 36 -20.27 35.63 -18.15
CA ARG H 36 -20.00 35.08 -16.82
C ARG H 36 -20.59 33.68 -16.69
N GLY H 37 -21.82 33.49 -17.19
CA GLY H 37 -22.43 32.18 -17.12
C GLY H 37 -21.62 31.12 -17.85
N ARG H 38 -21.05 31.47 -19.01
CA ARG H 38 -20.24 30.53 -19.75
C ARG H 38 -18.93 30.23 -19.02
N ILE H 39 -18.26 31.26 -18.50
CA ILE H 39 -16.95 31.07 -17.91
C ILE H 39 -17.05 30.26 -16.62
N ILE H 40 -18.03 30.57 -15.76
CA ILE H 40 -18.09 29.94 -14.46
C ILE H 40 -18.39 28.44 -14.56
N ASN H 41 -19.22 28.03 -15.51
CA ASN H 41 -19.61 26.62 -15.65
C ASN H 41 -18.76 25.90 -16.69
N SER H 42 -17.49 26.24 -16.80
CA SER H 42 -16.59 25.65 -17.78
C SER H 42 -15.67 24.62 -17.11
N PRO H 43 -15.31 23.56 -17.83
CA PRO H 43 -14.40 22.56 -17.24
C PRO H 43 -13.04 23.13 -16.87
N ALA H 44 -12.55 24.14 -17.59
CA ALA H 44 -11.24 24.71 -17.28
C ALA H 44 -11.21 25.35 -15.90
N ILE H 45 -12.27 26.05 -15.53
CA ILE H 45 -12.32 26.66 -14.19
C ILE H 45 -12.49 25.58 -13.12
N ARG H 46 -13.27 24.55 -13.40
CA ARG H 46 -13.46 23.47 -12.42
C ARG H 46 -12.14 22.74 -12.16
N ARG H 47 -11.32 22.55 -13.20
CA ARG H 47 -10.07 21.83 -13.05
C ARG H 47 -9.10 22.52 -12.12
N LEU H 48 -9.31 23.80 -11.82
CA LEU H 48 -8.35 24.56 -11.03
C LEU H 48 -8.32 24.13 -9.57
N GLN H 49 -9.29 23.36 -9.12
CA GLN H 49 -9.33 22.94 -7.73
C GLN H 49 -8.48 21.71 -7.45
N GLN H 50 -7.74 21.23 -8.46
CA GLN H 50 -6.79 20.14 -8.29
C GLN H 50 -5.38 20.54 -8.66
N LYS H 51 -5.10 21.84 -8.71
CA LYS H 51 -3.76 22.35 -9.00
C LYS H 51 -3.18 23.04 -7.77
N THR H 52 -1.92 22.75 -7.48
CA THR H 52 -1.26 23.24 -6.28
C THR H 52 -0.72 24.65 -6.48
N GLN H 53 -0.98 25.52 -5.51
CA GLN H 53 -0.42 26.88 -5.52
C GLN H 53 0.99 26.87 -4.95
N VAL H 54 1.13 26.51 -3.67
CA VAL H 54 2.42 26.43 -3.02
C VAL H 54 2.59 25.07 -2.36
N PHE H 55 1.66 24.72 -1.47
CA PHE H 55 1.73 23.47 -0.71
C PHE H 55 0.77 22.45 -1.30
N PRO H 56 1.23 21.20 -1.51
CA PRO H 56 0.41 20.14 -2.12
C PRO H 56 -0.75 19.68 -1.25
N ALA H 62 -6.91 22.50 4.49
CA ALA H 62 -7.42 23.86 4.30
C ALA H 62 -6.35 24.78 3.71
N VAL H 63 -5.59 24.25 2.77
CA VAL H 63 -4.58 25.02 2.05
C VAL H 63 -5.18 25.49 0.73
N ARG H 64 -4.63 26.57 0.20
CA ARG H 64 -5.22 27.23 -0.95
C ARG H 64 -4.84 26.53 -2.26
N THR H 65 -5.84 26.33 -3.11
CA THR H 65 -5.65 25.88 -4.47
C THR H 65 -5.63 27.11 -5.38
N ARG H 66 -5.64 26.88 -6.68
CA ARG H 66 -5.63 28.00 -7.60
C ARG H 66 -6.98 28.66 -7.72
N LEU H 67 -8.04 27.93 -7.40
CA LEU H 67 -9.39 28.48 -7.48
C LEU H 67 -9.64 29.50 -6.38
N THR H 68 -9.27 29.17 -5.14
CA THR H 68 -9.47 30.10 -4.03
C THR H 68 -8.63 31.35 -4.15
N HIS H 69 -7.40 31.24 -4.65
CA HIS H 69 -6.55 32.41 -4.86
C HIS H 69 -7.12 33.34 -5.93
N SER H 70 -7.66 32.76 -7.00
CA SER H 70 -8.37 33.55 -8.00
C SER H 70 -9.62 34.22 -7.43
N MET H 71 -10.34 33.53 -6.54
CA MET H 71 -11.50 34.14 -5.90
C MET H 71 -11.14 35.31 -4.99
N GLU H 72 -9.88 35.43 -4.57
CA GLU H 72 -9.46 36.61 -3.81
C GLU H 72 -8.97 37.72 -4.71
N VAL H 73 -8.25 37.36 -5.79
CA VAL H 73 -7.85 38.35 -6.77
C VAL H 73 -9.07 39.03 -7.37
N GLN H 74 -10.14 38.26 -7.58
CA GLN H 74 -11.37 38.81 -8.13
C GLN H 74 -11.96 39.89 -7.23
N GLN H 75 -12.00 39.63 -5.91
CA GLN H 75 -12.52 40.62 -4.98
C GLN H 75 -11.65 41.88 -4.96
N VAL H 76 -10.33 41.71 -4.96
CA VAL H 76 -9.45 42.88 -4.95
C VAL H 76 -9.66 43.72 -6.20
N GLY H 77 -9.73 43.08 -7.37
CA GLY H 77 -9.95 43.81 -8.60
C GLY H 77 -11.28 44.52 -8.65
N ARG H 78 -12.34 43.86 -8.16
CA ARG H 78 -13.65 44.50 -8.11
C ARG H 78 -13.63 45.74 -7.22
N TYR H 79 -12.97 45.65 -6.06
CA TYR H 79 -12.90 46.80 -5.16
C TYR H 79 -12.15 47.95 -5.82
N ILE H 80 -11.05 47.64 -6.51
CA ILE H 80 -10.29 48.70 -7.20
C ILE H 80 -11.13 49.36 -8.28
N ALA H 81 -11.86 48.56 -9.05
CA ALA H 81 -12.69 49.12 -10.12
C ALA H 81 -13.77 50.02 -9.56
N LYS H 82 -14.44 49.59 -8.48
CA LYS H 82 -15.46 50.43 -7.88
C LYS H 82 -14.88 51.73 -7.31
N GLU H 83 -13.68 51.66 -6.72
CA GLU H 83 -13.05 52.87 -6.22
C GLU H 83 -12.74 53.84 -7.36
N ILE H 84 -12.21 53.34 -8.47
CA ILE H 84 -11.91 54.21 -9.61
C ILE H 84 -13.18 54.85 -10.13
N LEU H 85 -14.25 54.05 -10.26
CA LEU H 85 -15.51 54.60 -10.76
C LEU H 85 -16.10 55.64 -9.82
N SER H 86 -15.98 55.43 -8.50
CA SER H 86 -16.46 56.42 -7.55
C SER H 86 -15.66 57.71 -7.63
N ARG H 87 -14.35 57.61 -7.82
CA ARG H 87 -13.52 58.81 -7.85
C ARG H 87 -13.77 59.67 -9.09
N LEU H 88 -14.34 59.11 -10.14
CA LEU H 88 -14.64 59.89 -11.34
C LEU H 88 -15.99 60.60 -11.26
N LYS H 89 -16.89 60.15 -10.38
CA LYS H 89 -18.15 60.85 -10.19
C LYS H 89 -17.97 62.12 -9.37
N GLU H 90 -17.02 62.14 -8.44
CA GLU H 90 -16.73 63.34 -7.66
C GLU H 90 -16.10 64.44 -8.50
N LEU H 91 -15.65 64.13 -9.71
CA LEU H 91 -15.11 65.12 -10.63
C LEU H 91 -15.98 65.29 -11.87
N LYS H 92 -17.16 64.67 -11.90
CA LYS H 92 -18.13 64.83 -12.98
C LYS H 92 -17.53 64.48 -14.36
N LEU H 93 -16.73 63.41 -14.42
CA LEU H 93 -16.08 63.01 -15.66
C LEU H 93 -16.64 61.72 -16.24
N LEU H 94 -17.77 61.22 -15.72
CA LEU H 94 -18.35 60.00 -16.28
C LEU H 94 -19.16 60.25 -17.54
N GLU H 95 -19.42 61.50 -17.89
CA GLU H 95 -20.11 61.83 -19.14
C GLU H 95 -19.16 62.25 -20.24
N ALA H 96 -18.04 62.87 -19.90
CA ALA H 96 -17.05 63.22 -20.92
C ALA H 96 -16.25 62.00 -21.36
N TYR H 97 -16.10 61.00 -20.49
CA TYR H 97 -15.31 59.82 -20.80
C TYR H 97 -16.14 58.68 -21.35
N GLY H 98 -17.46 58.84 -21.45
CA GLY H 98 -18.31 57.83 -22.05
C GLY H 98 -18.73 56.70 -21.16
N LEU H 99 -18.38 56.73 -19.87
CA LEU H 99 -18.73 55.66 -18.95
C LEU H 99 -20.09 55.86 -18.30
N ASP H 100 -20.93 56.74 -18.85
CA ASP H 100 -22.20 57.04 -18.21
C ASP H 100 -23.13 55.84 -18.18
N GLU H 101 -23.15 55.06 -19.26
CA GLU H 101 -24.07 53.94 -19.41
C GLU H 101 -23.34 52.60 -19.51
N LEU H 102 -22.07 52.57 -19.08
CA LEU H 102 -21.29 51.34 -19.18
C LEU H 102 -20.61 50.99 -17.86
N THR H 103 -21.14 51.44 -16.72
CA THR H 103 -20.52 51.13 -15.44
C THR H 103 -20.62 49.64 -15.12
N GLY H 104 -21.73 49.01 -15.45
CA GLY H 104 -21.96 47.61 -15.15
C GLY H 104 -20.93 46.67 -15.75
N PRO H 105 -20.76 46.70 -17.07
CA PRO H 105 -19.74 45.84 -17.70
C PRO H 105 -18.32 46.15 -17.26
N PHE H 106 -18.05 47.36 -16.77
CA PHE H 106 -16.70 47.73 -16.37
C PHE H 106 -16.18 46.83 -15.25
N GLU H 107 -17.02 46.54 -14.25
CA GLU H 107 -16.60 45.63 -13.20
C GLU H 107 -16.58 44.19 -13.66
N SER H 108 -17.53 43.79 -14.50
CA SER H 108 -17.63 42.39 -14.92
C SER H 108 -16.40 41.98 -15.73
N ILE H 109 -15.95 42.85 -16.63
CA ILE H 109 -14.78 42.51 -17.44
C ILE H 109 -13.56 42.30 -16.55
N VAL H 110 -13.36 43.20 -15.60
CA VAL H 110 -12.21 43.10 -14.70
C VAL H 110 -12.30 41.83 -13.86
N GLU H 111 -13.49 41.53 -13.34
CA GLU H 111 -13.63 40.37 -12.46
C GLU H 111 -13.40 39.07 -13.22
N MET H 112 -14.00 38.94 -14.41
CA MET H 112 -13.81 37.72 -15.18
C MET H 112 -12.39 37.59 -15.72
N SER H 113 -11.72 38.70 -16.00
CA SER H 113 -10.31 38.64 -16.36
C SER H 113 -9.46 38.20 -15.18
N CYS H 114 -9.80 38.64 -13.98
CA CYS H 114 -9.07 38.19 -12.80
C CYS H 114 -9.29 36.70 -12.54
N LEU H 115 -10.49 36.20 -12.79
CA LEU H 115 -10.77 34.80 -12.50
C LEU H 115 -9.96 33.87 -13.41
N MET H 116 -10.01 34.09 -14.72
CA MET H 116 -9.30 33.23 -15.67
C MET H 116 -7.95 33.83 -16.07
N HIS H 117 -7.12 34.12 -15.07
CA HIS H 117 -5.76 34.57 -15.30
C HIS H 117 -4.74 33.47 -15.08
N ASP H 118 -5.19 32.26 -14.82
CA ASP H 118 -4.28 31.17 -14.53
C ASP H 118 -4.77 29.86 -15.08
N ILE H 119 -5.44 29.88 -16.22
CA ILE H 119 -5.98 28.65 -16.79
C ILE H 119 -5.03 27.98 -17.76
N GLY H 120 -3.95 28.64 -18.14
CA GLY H 120 -3.00 28.09 -19.09
C GLY H 120 -1.74 27.51 -18.50
N ASN H 121 -1.54 27.64 -17.19
CA ASN H 121 -0.30 27.16 -16.60
C ASN H 121 -0.25 25.64 -16.62
N PRO H 122 0.91 25.06 -16.90
CA PRO H 122 1.03 23.60 -16.97
C PRO H 122 1.06 23.00 -15.57
N PRO H 123 0.95 21.68 -15.46
CA PRO H 123 1.11 21.04 -14.16
C PRO H 123 2.49 21.33 -13.58
N PHE H 124 2.54 21.42 -12.25
CA PHE H 124 3.73 21.66 -11.44
C PHE H 124 4.26 23.08 -11.57
N GLY H 125 3.62 23.93 -12.35
CA GLY H 125 3.96 25.35 -12.33
C GLY H 125 5.22 25.65 -13.10
N HIS H 126 6.02 26.54 -12.53
CA HIS H 126 7.26 27.03 -13.11
C HIS H 126 8.27 25.99 -13.49
N PHE H 127 8.27 24.86 -12.77
CA PHE H 127 9.21 23.80 -13.06
C PHE H 127 8.68 22.85 -14.11
N GLY H 128 7.40 23.01 -14.43
CA GLY H 128 6.77 22.23 -15.46
C GLY H 128 6.95 22.99 -16.77
N GLU H 129 7.06 24.31 -16.69
CA GLU H 129 7.23 25.11 -17.90
C GLU H 129 8.64 24.97 -18.47
N ALA H 130 9.64 24.87 -17.60
CA ALA H 130 11.02 24.68 -18.08
C ALA H 130 11.20 23.32 -18.75
N ALA H 131 10.60 22.28 -18.18
CA ALA H 131 10.78 20.93 -18.71
C ALA H 131 10.28 20.83 -20.15
N ILE H 132 9.15 21.46 -20.44
CA ILE H 132 8.66 21.48 -21.82
C ILE H 132 9.62 22.25 -22.72
N ASN H 133 10.19 23.33 -22.21
CA ASN H 133 11.07 24.16 -23.03
C ASN H 133 12.41 23.50 -23.29
N ASP H 134 13.01 22.90 -22.25
CA ASP H 134 14.32 22.27 -22.41
C ASP H 134 14.26 21.08 -23.36
N TRP H 135 13.29 20.20 -23.18
CA TRP H 135 13.17 19.01 -24.00
C TRP H 135 13.10 19.35 -25.48
N PHE H 136 12.40 20.41 -25.85
CA PHE H 136 12.30 20.82 -27.24
C PHE H 136 13.57 21.49 -27.74
N ARG H 137 14.31 22.17 -26.85
CA ARG H 137 15.50 22.89 -27.28
C ARG H 137 16.59 21.95 -27.76
N GLN H 138 16.53 20.70 -27.36
CA GLN H 138 17.51 19.72 -27.77
C GLN H 138 17.07 19.03 -29.03
N ARG H 139 15.88 19.34 -29.49
CA ARG H 139 15.36 18.72 -30.70
C ARG H 139 15.46 19.63 -31.92
N LEU H 140 15.38 20.94 -31.73
CA LEU H 140 15.35 21.89 -32.83
C LEU H 140 16.52 22.84 -32.87
N HIS H 141 17.10 23.19 -31.71
CA HIS H 141 18.25 24.07 -31.61
C HIS H 141 18.01 25.39 -32.34
N PRO H 142 17.16 26.27 -31.81
CA PRO H 142 16.90 27.54 -32.50
C PRO H 142 18.12 28.43 -32.66
N GLU H 143 19.08 28.34 -31.73
CA GLU H 143 20.23 29.24 -31.76
C GLU H 143 21.05 29.09 -33.03
N ASP H 144 20.88 27.98 -33.74
CA ASP H 144 21.64 27.73 -34.97
C ASP H 144 20.93 28.25 -36.21
N ALA H 145 19.80 28.93 -36.07
CA ALA H 145 19.06 29.45 -37.20
C ALA H 145 19.01 30.98 -37.21
N GLU H 146 19.96 31.63 -36.53
CA GLU H 146 19.95 33.07 -36.40
C GLU H 146 20.80 33.78 -37.43
N SER H 147 21.47 33.07 -38.32
CA SER H 147 22.43 33.66 -39.25
C SER H 147 22.33 32.92 -40.58
N GLN H 148 23.35 33.11 -41.43
CA GLN H 148 23.40 32.42 -42.70
C GLN H 148 23.47 30.92 -42.47
N PRO H 149 22.90 30.12 -43.39
CA PRO H 149 22.88 28.67 -43.21
C PRO H 149 24.25 28.06 -42.99
N LEU H 150 24.36 27.19 -41.99
CA LEU H 150 25.62 26.56 -41.63
C LEU H 150 25.84 25.27 -42.41
N ASP H 153 24.68 22.16 -38.45
CA ASP H 153 23.28 22.21 -38.06
C ASP H 153 22.91 20.97 -37.27
N ARG H 154 22.39 21.17 -36.06
CA ARG H 154 22.09 20.09 -35.14
C ARG H 154 20.60 19.75 -35.08
N CYS H 155 19.80 20.26 -36.01
CA CYS H 155 18.37 19.97 -36.00
C CYS H 155 18.12 18.50 -36.33
N SER H 156 17.23 17.88 -35.57
CA SER H 156 16.94 16.46 -35.72
C SER H 156 15.83 16.17 -36.71
N VAL H 157 15.19 17.19 -37.26
CA VAL H 157 14.12 17.02 -38.25
C VAL H 157 14.65 17.46 -39.61
N ALA H 158 14.49 16.60 -40.60
CA ALA H 158 15.07 16.87 -41.91
C ALA H 158 14.37 18.04 -42.60
N ALA H 159 13.08 18.21 -42.35
CA ALA H 159 12.28 19.22 -43.02
C ALA H 159 12.40 20.61 -42.39
N LEU H 160 13.28 20.78 -41.41
CA LEU H 160 13.46 22.08 -40.77
C LEU H 160 14.90 22.57 -40.78
N ARG H 161 15.85 21.78 -41.27
CA ARG H 161 17.23 22.23 -41.36
C ARG H 161 17.38 23.26 -42.48
N LEU H 162 18.25 24.24 -42.25
CA LEU H 162 18.41 25.34 -43.21
C LEU H 162 19.22 24.86 -44.41
N ARG H 163 18.74 25.16 -45.61
CA ARG H 163 19.44 24.85 -46.84
C ARG H 163 19.63 26.10 -47.69
N GLU H 166 17.36 29.30 -50.75
CA GLU H 166 15.96 29.10 -50.40
C GLU H 166 15.58 29.95 -49.18
N GLU H 167 15.71 31.27 -49.31
CA GLU H 167 15.38 32.21 -48.25
C GLU H 167 13.90 32.19 -47.85
N PRO H 168 12.95 32.18 -48.79
CA PRO H 168 11.53 32.21 -48.39
C PRO H 168 11.13 31.07 -47.48
N LEU H 169 11.63 29.85 -47.72
CA LEU H 169 11.37 28.76 -46.81
C LEU H 169 12.22 28.86 -45.54
N ASN H 170 13.40 29.46 -45.65
CA ASN H 170 14.28 29.60 -44.50
C ASN H 170 13.65 30.47 -43.42
N GLU H 171 12.96 31.55 -43.82
CA GLU H 171 12.33 32.42 -42.83
C GLU H 171 11.26 31.68 -42.03
N LEU H 172 10.41 30.91 -42.72
CA LEU H 172 9.40 30.13 -42.03
C LEU H 172 10.04 29.05 -41.16
N ARG H 173 11.13 28.45 -41.64
CA ARG H 173 11.84 27.45 -40.84
C ARG H 173 12.31 28.04 -39.52
N ARG H 174 12.98 29.19 -39.58
CA ARG H 174 13.51 29.77 -38.35
C ARG H 174 12.39 30.25 -37.43
N LYS H 175 11.30 30.77 -38.00
CA LYS H 175 10.17 31.18 -37.17
C LYS H 175 9.58 29.99 -36.42
N ILE H 176 9.35 28.88 -37.12
CA ILE H 176 8.78 27.70 -36.47
C ILE H 176 9.75 27.14 -35.44
N ARG H 177 11.05 27.14 -35.73
CA ARG H 177 12.01 26.61 -34.77
C ARG H 177 12.10 27.47 -33.52
N GLN H 178 11.96 28.79 -33.65
CA GLN H 178 12.03 29.65 -32.47
C GLN H 178 10.74 29.57 -31.66
N ASP H 179 9.59 29.48 -32.32
CA ASP H 179 8.32 29.57 -31.60
C ASP H 179 8.12 28.37 -30.67
N LEU H 180 8.47 27.18 -31.12
CA LEU H 180 8.15 25.96 -30.39
C LEU H 180 8.90 25.83 -29.07
N CYS H 181 9.97 26.61 -28.86
CA CYS H 181 10.76 26.54 -27.65
C CYS H 181 10.40 27.64 -26.65
N HIS H 182 9.35 28.41 -26.92
CA HIS H 182 8.85 29.45 -26.01
C HIS H 182 7.42 29.10 -25.64
N PHE H 183 7.26 28.32 -24.59
CA PHE H 183 5.96 27.99 -24.04
C PHE H 183 5.67 28.88 -22.84
N GLU H 184 4.47 29.44 -22.80
CA GLU H 184 4.09 30.36 -21.74
C GLU H 184 2.62 30.16 -21.41
N GLY H 185 2.28 30.30 -20.12
CA GLY H 185 0.91 30.11 -19.71
C GLY H 185 -0.04 31.19 -20.23
N ASN H 186 0.43 32.44 -20.23
CA ASN H 186 -0.40 33.54 -20.73
C ASN H 186 -0.70 33.36 -22.21
N ALA H 187 0.29 32.93 -22.98
CA ALA H 187 0.05 32.67 -24.40
C ALA H 187 -0.85 31.47 -24.60
N GLN H 188 -0.81 30.50 -23.69
CA GLN H 188 -1.65 29.31 -23.80
C GLN H 188 -3.10 29.58 -23.41
N GLY H 189 -3.33 30.60 -22.57
CA GLY H 189 -4.71 30.93 -22.20
C GLY H 189 -5.55 31.36 -23.38
N ILE H 190 -4.98 32.17 -24.28
CA ILE H 190 -5.71 32.61 -25.46
C ILE H 190 -6.08 31.42 -26.34
N ARG H 191 -5.11 30.52 -26.55
CA ARG H 191 -5.37 29.33 -27.34
C ARG H 191 -6.44 28.45 -26.68
N LEU H 192 -6.43 28.38 -25.35
CA LEU H 192 -7.40 27.57 -24.63
C LEU H 192 -8.80 28.14 -24.77
N VAL H 193 -8.94 29.46 -24.67
CA VAL H 193 -10.29 30.04 -24.70
C VAL H 193 -10.82 30.17 -26.12
N HIS H 194 -9.93 30.25 -27.12
CA HIS H 194 -10.39 30.46 -28.49
C HIS H 194 -10.55 29.16 -29.26
N THR H 195 -9.47 28.39 -29.40
CA THR H 195 -9.45 27.26 -30.33
C THR H 195 -9.97 25.97 -29.72
N LEU H 196 -9.47 25.59 -28.54
CA LEU H 196 -9.80 24.28 -27.98
C LEU H 196 -11.18 24.27 -27.33
N MET H 197 -11.41 25.11 -26.32
CA MET H 197 -12.69 25.11 -25.61
C MET H 197 -13.82 25.71 -26.43
N ARG H 198 -13.54 26.70 -27.26
CA ARG H 198 -14.53 27.37 -28.10
C ARG H 198 -15.66 27.96 -27.25
N MET H 199 -15.29 28.95 -26.44
CA MET H 199 -16.26 29.61 -25.57
C MET H 199 -17.03 30.71 -26.30
N ASN H 200 -16.43 31.31 -27.33
CA ASN H 200 -17.06 32.37 -28.11
C ASN H 200 -17.45 33.57 -27.24
N LEU H 201 -16.42 34.19 -26.67
CA LEU H 201 -16.61 35.34 -25.81
C LEU H 201 -16.50 36.64 -26.59
N THR H 202 -16.90 37.74 -25.96
CA THR H 202 -16.83 39.05 -26.58
C THR H 202 -15.38 39.51 -26.69
N TRP H 203 -15.16 40.47 -27.58
CA TRP H 203 -13.80 40.97 -27.80
C TRP H 203 -13.23 41.62 -26.55
N ALA H 204 -14.05 42.39 -25.84
CA ALA H 204 -13.58 43.08 -24.64
C ALA H 204 -13.13 42.10 -23.57
N GLN H 205 -13.77 40.93 -23.48
CA GLN H 205 -13.41 39.96 -22.47
C GLN H 205 -12.10 39.27 -22.83
N VAL H 206 -11.88 38.97 -24.11
CA VAL H 206 -10.64 38.36 -24.53
C VAL H 206 -9.48 39.33 -24.39
N GLY H 207 -9.72 40.62 -24.64
CA GLY H 207 -8.66 41.61 -24.55
C GLY H 207 -8.11 41.80 -23.15
N GLY H 208 -8.86 41.39 -22.12
CA GLY H 208 -8.41 41.57 -20.76
C GLY H 208 -7.48 40.50 -20.25
N ILE H 209 -7.23 39.45 -21.04
CA ILE H 209 -6.32 38.38 -20.64
C ILE H 209 -5.09 38.34 -21.56
N LEU H 210 -4.80 39.43 -22.25
CA LEU H 210 -3.60 39.56 -23.08
C LEU H 210 -2.65 40.51 -22.36
N LYS H 211 -1.78 39.93 -21.52
CA LYS H 211 -0.97 40.74 -20.62
C LYS H 211 0.28 41.29 -21.28
N TYR H 212 0.97 40.47 -22.07
CA TYR H 212 2.17 40.89 -22.78
C TYR H 212 1.98 40.77 -24.28
N THR H 213 2.77 41.53 -25.02
CA THR H 213 2.54 41.72 -26.45
C THR H 213 3.71 41.28 -27.31
N ARG H 214 4.64 40.49 -26.77
CA ARG H 214 5.76 40.04 -27.58
C ARG H 214 5.40 38.76 -28.32
N PRO H 215 5.52 38.73 -29.65
CA PRO H 215 5.30 37.48 -30.38
C PRO H 215 6.31 36.42 -29.94
N ALA H 216 5.85 35.18 -29.88
CA ALA H 216 6.71 34.11 -29.38
C ALA H 216 7.79 33.73 -30.39
N TRP H 217 7.72 34.22 -31.62
CA TRP H 217 8.75 33.99 -32.61
C TRP H 217 9.76 35.12 -32.71
N TRP H 218 9.65 36.13 -31.84
CA TRP H 218 10.47 37.32 -31.96
C TRP H 218 11.92 37.01 -31.62
N ARG H 219 12.83 37.45 -32.50
CA ARG H 219 14.27 37.28 -32.29
C ARG H 219 14.94 38.65 -32.31
N GLY H 220 15.79 38.91 -31.33
CA GLY H 220 16.56 40.14 -31.32
C GLY H 220 16.29 41.05 -30.15
N GLU H 221 16.46 42.35 -30.36
CA GLU H 221 16.29 43.35 -29.31
C GLU H 221 14.96 44.06 -29.46
N THR H 222 14.32 44.28 -28.33
CA THR H 222 13.02 44.96 -28.26
C THR H 222 13.19 46.47 -28.35
N PRO H 223 12.19 47.17 -28.89
CA PRO H 223 12.26 48.63 -28.90
C PRO H 223 12.31 49.19 -27.49
N GLU H 224 13.03 50.31 -27.33
CA GLU H 224 13.20 50.91 -26.03
C GLU H 224 11.91 51.49 -25.46
N THR H 225 10.90 51.73 -26.31
CA THR H 225 9.64 52.30 -25.84
C THR H 225 8.69 51.24 -25.29
N HIS H 226 9.02 49.96 -25.39
CA HIS H 226 8.14 48.88 -24.93
C HIS H 226 8.90 47.80 -24.18
N HIS H 227 9.99 48.14 -23.49
CA HIS H 227 10.83 47.12 -22.89
C HIS H 227 10.18 46.45 -21.68
N TYR H 228 9.05 46.96 -21.19
CA TYR H 228 8.30 46.29 -20.13
C TYR H 228 7.16 45.43 -20.67
N LEU H 229 6.51 45.87 -21.75
CA LEU H 229 5.44 45.09 -22.35
C LEU H 229 5.95 43.96 -23.23
N MET H 230 7.27 43.86 -23.41
CA MET H 230 7.90 42.86 -24.27
C MET H 230 8.74 41.86 -23.48
N LYS H 231 8.58 41.80 -22.16
CA LYS H 231 9.52 41.00 -21.39
C LYS H 231 9.22 39.51 -21.43
N LYS H 232 8.02 39.12 -21.83
CA LYS H 232 7.64 37.71 -21.92
C LYS H 232 6.79 37.51 -23.17
N PRO H 233 6.80 36.31 -23.74
CA PRO H 233 5.98 36.05 -24.92
C PRO H 233 4.50 36.24 -24.63
N GLY H 234 3.78 36.74 -25.63
CA GLY H 234 2.37 37.03 -25.46
C GLY H 234 1.43 36.11 -26.21
N TYR H 235 1.81 35.70 -27.42
CA TYR H 235 0.96 34.82 -28.20
C TYR H 235 1.80 34.01 -29.16
N TYR H 236 1.21 32.92 -29.66
CA TYR H 236 1.92 31.96 -30.49
C TYR H 236 1.78 32.32 -31.97
N LEU H 237 2.41 31.52 -32.82
CA LEU H 237 2.37 31.77 -34.26
C LEU H 237 1.05 31.31 -34.87
N SER H 238 0.31 30.45 -34.18
CA SER H 238 -0.97 29.96 -34.67
C SER H 238 -2.10 30.95 -34.49
N GLU H 239 -1.84 32.09 -33.84
CA GLU H 239 -2.86 33.10 -33.60
C GLU H 239 -2.49 34.45 -34.21
N GLU H 240 -1.62 34.45 -35.22
CA GLU H 240 -1.25 35.71 -35.85
C GLU H 240 -2.41 36.32 -36.63
N ALA H 241 -3.40 35.50 -36.98
CA ALA H 241 -4.59 36.00 -37.65
C ALA H 241 -5.70 36.39 -36.68
N TYR H 242 -5.77 35.73 -35.53
CA TYR H 242 -6.81 36.06 -34.55
C TYR H 242 -6.48 37.33 -33.78
N ILE H 243 -5.21 37.65 -33.59
CA ILE H 243 -4.84 38.86 -32.86
C ILE H 243 -4.94 40.10 -33.74
N ALA H 244 -4.74 39.96 -35.05
CA ALA H 244 -4.92 41.11 -35.94
C ALA H 244 -6.37 41.58 -35.92
N ARG H 245 -7.33 40.65 -35.97
CA ARG H 245 -8.72 41.04 -35.87
C ARG H 245 -9.05 41.62 -34.50
N LEU H 246 -8.43 41.10 -33.44
CA LEU H 246 -8.64 41.67 -32.11
C LEU H 246 -8.17 43.12 -32.04
N ARG H 247 -7.01 43.40 -32.63
CA ARG H 247 -6.51 44.77 -32.66
C ARG H 247 -7.39 45.67 -33.52
N LYS H 248 -7.94 45.13 -34.61
CA LYS H 248 -8.84 45.92 -35.43
C LYS H 248 -10.16 46.22 -34.71
N GLU H 249 -10.67 45.28 -33.92
CA GLU H 249 -11.94 45.49 -33.23
C GLU H 249 -11.81 46.46 -32.06
N LEU H 250 -10.74 46.34 -31.27
CA LEU H 250 -10.58 47.12 -30.05
C LEU H 250 -9.76 48.38 -30.26
N ASN H 251 -9.40 48.70 -31.50
CA ASN H 251 -8.68 49.92 -31.84
C ASN H 251 -7.36 50.02 -31.08
N LEU H 252 -6.48 49.04 -31.33
CA LEU H 252 -5.17 48.98 -30.72
C LEU H 252 -4.09 49.02 -31.80
N ALA H 253 -3.02 49.74 -31.53
CA ALA H 253 -1.89 49.78 -32.45
C ALA H 253 -1.05 48.52 -32.26
N LEU H 254 -0.01 48.37 -33.07
CA LEU H 254 0.91 47.25 -32.93
C LEU H 254 1.68 47.41 -31.62
N TYR H 255 1.76 46.32 -30.85
CA TYR H 255 2.51 46.30 -29.59
C TYR H 255 1.89 47.20 -28.54
N SER H 256 0.57 47.09 -28.37
CA SER H 256 -0.16 47.87 -27.38
C SER H 256 -1.00 46.95 -26.50
N ARG H 257 -1.40 47.47 -25.35
CA ARG H 257 -2.14 46.72 -24.36
C ARG H 257 -3.51 47.34 -24.13
N PHE H 258 -4.48 46.49 -23.79
CA PHE H 258 -5.83 46.90 -23.41
C PHE H 258 -5.80 47.63 -22.06
N PRO H 259 -6.64 48.64 -21.88
CA PRO H 259 -6.56 49.43 -20.63
C PRO H 259 -6.84 48.63 -19.36
N LEU H 260 -7.98 47.95 -19.31
CA LEU H 260 -8.40 47.28 -18.08
C LEU H 260 -7.40 46.23 -17.61
N THR H 261 -6.55 45.72 -18.50
CA THR H 261 -5.52 44.76 -18.10
C THR H 261 -4.62 45.30 -17.01
N TRP H 262 -4.44 46.62 -16.92
CA TRP H 262 -3.59 47.17 -15.87
C TRP H 262 -4.16 46.91 -14.49
N ILE H 263 -5.49 46.84 -14.36
CA ILE H 263 -6.09 46.60 -13.05
C ILE H 263 -5.87 45.16 -12.61
N MET H 264 -6.16 44.21 -13.50
CA MET H 264 -5.97 42.80 -13.18
C MET H 264 -4.52 42.50 -12.80
N GLU H 265 -3.57 43.20 -13.41
CA GLU H 265 -2.17 43.02 -13.06
C GLU H 265 -1.88 43.51 -11.65
N ALA H 266 -2.52 44.60 -11.22
CA ALA H 266 -2.27 45.12 -9.88
C ALA H 266 -2.89 44.23 -8.81
N ALA H 267 -4.12 43.77 -9.03
CA ALA H 267 -4.78 42.93 -8.05
C ALA H 267 -4.01 41.63 -7.81
N ASP H 268 -3.35 41.11 -8.84
CA ASP H 268 -2.53 39.92 -8.65
C ASP H 268 -1.29 40.22 -7.81
N ASP H 269 -0.74 41.43 -7.92
CA ASP H 269 0.47 41.75 -7.18
C ASP H 269 0.19 41.98 -5.70
N ILE H 270 -0.99 42.47 -5.35
CA ILE H 270 -1.32 42.68 -3.94
C ILE H 270 -1.52 41.33 -3.24
N SER H 271 -2.21 40.40 -3.89
CA SER H 271 -2.43 39.07 -3.34
C SER H 271 -1.38 38.08 -3.81
N TYR H 272 -0.13 38.37 -3.47
CA TYR H 272 1.00 37.55 -3.90
C TYR H 272 1.62 36.73 -2.77
N CYS H 273 2.00 37.39 -1.69
CA CYS H 273 2.66 36.70 -0.58
C CYS H 273 1.96 36.85 0.76
N VAL H 274 0.67 37.21 0.80
CA VAL H 274 -0.04 37.28 2.07
C VAL H 274 -0.69 35.95 2.43
N ALA H 275 -1.08 35.15 1.44
CA ALA H 275 -1.78 33.89 1.70
C ALA H 275 -0.82 32.75 2.05
N ASP H 276 0.38 32.81 1.48
CA ASP H 276 1.43 31.83 1.70
C ASP H 276 1.82 31.80 3.17
N LEU H 277 1.93 32.97 3.77
CA LEU H 277 2.29 33.10 5.18
C LEU H 277 1.22 32.46 6.07
N GLU H 278 -0.05 32.67 5.75
CA GLU H 278 -1.12 32.02 6.50
C GLU H 278 -1.07 30.51 6.32
N ASP H 279 -0.78 30.03 5.11
CA ASP H 279 -0.65 28.60 4.89
C ASP H 279 0.48 28.02 5.73
N ALA H 280 1.61 28.71 5.78
CA ALA H 280 2.74 28.25 6.58
C ALA H 280 2.39 28.23 8.07
N VAL H 281 1.70 29.26 8.55
CA VAL H 281 1.35 29.35 9.96
C VAL H 281 0.29 28.34 10.40
N GLU H 282 -0.31 27.66 9.43
CA GLU H 282 -1.32 26.66 9.74
C GLU H 282 -0.87 25.29 9.28
N LYS H 283 0.43 25.18 9.02
CA LYS H 283 1.06 23.94 8.58
C LYS H 283 2.19 23.59 9.51
N ARG H 284 2.05 24.06 10.75
CA ARG H 284 3.01 23.84 11.83
C ARG H 284 4.44 24.28 11.55
N ILE H 285 4.64 25.21 10.64
CA ILE H 285 6.00 25.67 10.36
C ILE H 285 6.46 26.56 11.50
N PHE H 286 5.97 27.80 11.54
CA PHE H 286 6.35 28.71 12.60
C PHE H 286 5.14 29.29 13.31
N THR H 287 5.38 30.05 14.37
CA THR H 287 4.28 30.63 15.13
C THR H 287 4.12 32.11 14.83
N VAL H 288 2.98 32.67 15.22
CA VAL H 288 2.71 34.08 14.99
C VAL H 288 3.81 34.91 15.61
N GLU H 289 4.17 34.60 16.85
CA GLU H 289 5.23 35.33 17.55
C GLU H 289 6.52 35.39 16.72
N GLN H 290 6.87 34.25 16.14
CA GLN H 290 8.05 34.17 15.29
C GLN H 290 7.82 35.03 14.06
N LEU H 291 6.60 34.95 13.50
CA LEU H 291 6.25 35.74 12.33
C LEU H 291 6.31 37.21 12.65
N TYR H 292 5.83 37.57 13.84
CA TYR H 292 5.85 38.96 14.29
C TYR H 292 7.30 39.43 14.29
N HIS H 293 8.17 38.61 14.87
CA HIS H 293 9.58 38.95 14.99
C HIS H 293 10.29 39.04 13.66
N HIS H 294 9.89 38.19 12.71
CA HIS H 294 10.52 38.19 11.40
C HIS H 294 10.18 39.46 10.64
N LEU H 295 8.92 39.87 10.75
CA LEU H 295 8.46 41.08 10.08
C LEU H 295 9.11 42.31 10.70
N HIS H 296 9.09 42.41 12.04
CA HIS H 296 9.69 43.56 12.70
C HIS H 296 11.15 43.72 12.30
N GLU H 297 11.90 42.62 12.27
CA GLU H 297 13.30 42.70 11.91
C GLU H 297 13.49 42.83 10.42
N ALA H 298 12.39 42.83 9.68
CA ALA H 298 12.41 42.92 8.23
C ALA H 298 12.79 44.30 7.68
N TRP H 299 12.06 45.32 8.10
CA TRP H 299 12.27 46.69 7.63
C TRP H 299 13.72 47.13 7.69
N PHE H 308 7.84 50.56 10.62
CA PHE H 308 7.22 50.45 9.31
C PHE H 308 5.73 50.78 9.38
N SER H 309 5.44 52.07 9.32
CA SER H 309 4.09 52.62 9.34
C SER H 309 3.23 52.19 10.52
N LEU H 310 1.93 52.17 10.27
CA LEU H 310 0.91 51.81 11.25
C LEU H 310 -0.06 50.87 10.58
N VAL H 311 0.47 50.04 9.69
CA VAL H 311 -0.33 49.10 8.93
C VAL H 311 -0.33 47.69 9.51
N VAL H 312 0.83 47.24 9.98
CA VAL H 312 0.96 45.88 10.50
C VAL H 312 0.90 45.83 12.03
N GLU H 313 1.34 46.89 12.71
CA GLU H 313 1.31 46.87 14.18
C GLU H 313 -0.13 46.81 14.69
N ASN H 314 -1.03 47.59 14.10
CA ASN H 314 -2.39 47.72 14.61
C ASN H 314 -3.19 46.42 14.53
N ALA H 315 -2.78 45.47 13.70
CA ALA H 315 -3.52 44.22 13.55
C ALA H 315 -3.25 43.23 14.67
N TRP H 316 -2.18 43.42 15.45
CA TRP H 316 -1.86 42.50 16.53
C TRP H 316 -2.84 42.64 17.69
N GLU H 317 -3.18 43.87 18.05
CA GLU H 317 -3.91 44.16 19.28
C GLU H 317 -5.42 44.02 19.12
N SER H 327 -9.87 33.09 18.64
CA SER H 327 -8.46 32.72 18.53
C SER H 327 -7.61 33.95 18.24
N THR H 328 -6.35 33.72 17.87
CA THR H 328 -5.43 34.79 17.52
C THR H 328 -4.97 34.75 16.07
N GLU H 329 -4.61 33.56 15.57
CA GLU H 329 -4.20 33.46 14.17
C GLU H 329 -5.35 33.80 13.23
N ASP H 330 -6.57 33.38 13.59
CA ASP H 330 -7.73 33.63 12.74
C ASP H 330 -8.09 35.12 12.67
N GLN H 331 -7.60 35.93 13.60
CA GLN H 331 -7.96 37.35 13.64
C GLN H 331 -6.74 38.26 13.61
N PHE H 332 -5.58 37.77 13.17
CA PHE H 332 -4.43 38.63 12.92
C PHE H 332 -4.32 38.97 11.44
N PHE H 333 -4.28 37.94 10.59
CA PHE H 333 -4.33 38.17 9.15
C PHE H 333 -5.65 38.83 8.75
N MET H 334 -6.73 38.49 9.45
CA MET H 334 -8.06 39.01 9.14
C MET H 334 -8.13 40.53 9.29
N TYR H 335 -7.20 41.14 10.02
CA TYR H 335 -7.08 42.58 10.08
C TYR H 335 -5.87 43.14 9.35
N LEU H 336 -4.79 42.36 9.21
CA LEU H 336 -3.65 42.80 8.41
C LEU H 336 -4.04 42.97 6.94
N ARG H 337 -4.88 42.07 6.43
CA ARG H 337 -5.36 42.20 5.04
C ARG H 337 -6.15 43.48 4.85
N VAL H 338 -7.05 43.78 5.80
CA VAL H 338 -7.85 45.00 5.69
C VAL H 338 -6.96 46.23 5.77
N ASN H 339 -5.99 46.21 6.68
CA ASN H 339 -5.07 47.34 6.81
C ASN H 339 -4.29 47.58 5.54
N THR H 340 -3.77 46.53 4.92
CA THR H 340 -2.98 46.73 3.70
C THR H 340 -3.87 47.14 2.53
N LEU H 341 -5.10 46.63 2.47
CA LEU H 341 -6.00 47.01 1.39
C LEU H 341 -6.37 48.48 1.47
N ASN H 342 -6.74 48.95 2.66
CA ASN H 342 -7.19 50.34 2.80
C ASN H 342 -6.10 51.36 2.49
N LYS H 343 -4.84 50.94 2.51
CA LYS H 343 -3.74 51.84 2.17
C LYS H 343 -3.15 51.60 0.80
N LEU H 344 -3.45 50.47 0.16
CA LEU H 344 -2.91 50.20 -1.17
C LEU H 344 -3.90 50.45 -2.30
N VAL H 345 -5.19 50.19 -2.11
CA VAL H 345 -6.17 50.33 -3.20
C VAL H 345 -6.28 51.78 -3.67
N PRO H 346 -6.45 52.77 -2.79
CA PRO H 346 -6.56 54.16 -3.28
C PRO H 346 -5.34 54.63 -4.05
N TYR H 347 -4.15 54.16 -3.69
CA TYR H 347 -2.96 54.52 -4.46
C TYR H 347 -3.05 54.00 -5.89
N ALA H 348 -3.52 52.76 -6.05
CA ALA H 348 -3.71 52.20 -7.38
C ALA H 348 -4.75 52.98 -8.17
N ALA H 349 -5.85 53.36 -7.52
CA ALA H 349 -6.87 54.15 -8.21
C ALA H 349 -6.32 55.49 -8.65
N GLN H 350 -5.55 56.16 -7.79
CA GLN H 350 -4.95 57.44 -8.15
C GLN H 350 -3.97 57.30 -9.30
N ARG H 351 -3.16 56.24 -9.28
CA ARG H 351 -2.22 56.03 -10.37
C ARG H 351 -2.94 55.77 -11.69
N PHE H 352 -4.05 55.02 -11.64
CA PHE H 352 -4.83 54.79 -12.85
C PHE H 352 -5.41 56.10 -13.39
N ILE H 353 -5.96 56.93 -12.50
CA ILE H 353 -6.60 58.15 -12.96
C ILE H 353 -5.58 59.16 -13.48
N ASP H 354 -4.44 59.30 -12.81
CA ASP H 354 -3.44 60.30 -13.20
C ASP H 354 -2.87 60.01 -14.59
N ASN H 355 -2.46 58.77 -14.84
CA ASN H 355 -1.89 58.38 -16.12
C ASN H 355 -2.94 57.81 -17.06
N LEU H 356 -4.01 58.55 -17.28
CA LEU H 356 -5.12 58.01 -18.06
C LEU H 356 -4.89 58.07 -19.56
N PRO H 357 -4.41 59.18 -20.14
CA PRO H 357 -4.20 59.20 -21.60
C PRO H 357 -3.21 58.17 -22.09
N ALA H 358 -2.09 57.97 -21.39
CA ALA H 358 -1.11 56.99 -21.82
C ALA H 358 -1.65 55.58 -21.72
N ILE H 359 -2.40 55.27 -20.65
CA ILE H 359 -3.00 53.95 -20.51
C ILE H 359 -4.03 53.71 -21.60
N PHE H 360 -4.86 54.72 -21.88
CA PHE H 360 -5.88 54.59 -22.92
C PHE H 360 -5.25 54.40 -24.29
N ALA H 361 -4.13 55.05 -24.57
CA ALA H 361 -3.42 54.80 -25.82
C ALA H 361 -2.79 53.41 -25.86
N GLY H 362 -2.60 52.78 -24.71
CA GLY H 362 -2.02 51.46 -24.65
C GLY H 362 -0.50 51.42 -24.66
N THR H 363 0.16 52.56 -24.48
CA THR H 363 1.61 52.62 -24.57
C THR H 363 2.28 52.97 -23.25
N PHE H 364 1.59 52.87 -22.12
CA PHE H 364 2.20 53.10 -20.82
C PHE H 364 3.18 51.97 -20.51
N ASN H 365 4.39 52.34 -20.08
CA ASN H 365 5.51 51.40 -19.98
C ASN H 365 5.89 51.09 -18.54
N HIS H 366 4.93 51.12 -17.61
CA HIS H 366 5.19 50.81 -16.21
C HIS H 366 4.02 50.02 -15.66
N ALA H 367 4.08 49.74 -14.36
CA ALA H 367 2.97 49.16 -13.63
C ALA H 367 2.49 50.16 -12.59
N LEU H 368 1.24 49.98 -12.15
CA LEU H 368 0.66 50.93 -11.21
C LEU H 368 1.38 50.92 -9.88
N LEU H 369 1.97 49.79 -9.49
CA LEU H 369 2.70 49.70 -8.24
C LEU H 369 4.18 49.40 -8.47
N ALA H 372 8.71 52.99 -6.32
CA ALA H 372 9.62 54.00 -5.79
C ALA H 372 8.95 54.81 -4.69
N SER H 373 7.89 54.26 -4.11
CA SER H 373 7.14 54.92 -3.04
C SER H 373 7.13 54.04 -1.80
N GLU H 374 6.61 54.59 -0.71
CA GLU H 374 6.53 53.83 0.54
C GLU H 374 5.52 52.69 0.44
N CYS H 375 4.56 52.77 -0.48
CA CYS H 375 3.60 51.68 -0.64
C CYS H 375 4.22 50.46 -1.32
N SER H 376 5.27 50.66 -2.11
CA SER H 376 5.93 49.55 -2.76
C SER H 376 6.91 48.81 -1.86
N ASP H 377 7.33 49.41 -0.74
CA ASP H 377 8.22 48.75 0.19
C ASP H 377 7.53 47.70 1.04
N LEU H 378 6.28 47.95 1.42
CA LEU H 378 5.52 46.99 2.21
C LEU H 378 5.35 45.66 1.48
N LEU H 379 5.16 45.68 0.17
CA LEU H 379 5.05 44.45 -0.60
C LEU H 379 6.38 43.70 -0.66
N LYS H 380 7.48 44.44 -0.86
CA LYS H 380 8.79 43.82 -0.86
C LYS H 380 9.10 43.17 0.47
N LEU H 381 8.57 43.74 1.57
CA LEU H 381 8.74 43.14 2.88
C LEU H 381 8.18 41.73 2.92
N TYR H 382 6.92 41.57 2.53
CA TYR H 382 6.29 40.25 2.52
C TYR H 382 7.02 39.32 1.56
N LYS H 383 7.42 39.83 0.40
CA LYS H 383 8.10 38.99 -0.58
C LYS H 383 9.40 38.45 -0.02
N ASN H 384 10.18 39.31 0.64
CA ASN H 384 11.44 38.88 1.23
C ASN H 384 11.23 37.86 2.34
N VAL H 385 10.24 38.09 3.21
CA VAL H 385 10.00 37.15 4.29
C VAL H 385 9.60 35.79 3.73
N ALA H 386 8.72 35.78 2.73
CA ALA H 386 8.29 34.53 2.13
C ALA H 386 9.44 33.80 1.44
N VAL H 387 10.30 34.54 0.74
CA VAL H 387 11.44 33.92 0.07
C VAL H 387 12.40 33.31 1.09
N LYS H 388 12.65 34.02 2.19
CA LYS H 388 13.62 33.56 3.17
C LYS H 388 13.13 32.41 4.04
N HIS H 389 11.84 32.37 4.40
CA HIS H 389 11.39 31.41 5.40
C HIS H 389 10.34 30.42 4.94
N VAL H 390 9.77 30.55 3.74
CA VAL H 390 8.70 29.68 3.28
C VAL H 390 9.09 28.92 2.02
N PHE H 391 9.59 29.63 1.01
CA PHE H 391 9.93 29.01 -0.27
C PHE H 391 11.25 28.26 -0.23
N SER H 392 11.84 28.07 0.95
CA SER H 392 13.07 27.30 1.09
C SER H 392 12.90 26.06 1.96
N HIS H 393 11.67 25.74 2.35
CA HIS H 393 11.43 24.55 3.15
C HIS H 393 11.74 23.30 2.30
N PRO H 394 12.27 22.25 2.93
CA PRO H 394 12.65 21.06 2.16
C PRO H 394 11.51 20.42 1.38
N ASP H 395 10.28 20.46 1.90
CA ASP H 395 9.16 19.83 1.22
C ASP H 395 8.76 20.55 -0.06
N VAL H 396 8.91 21.88 -0.11
CA VAL H 396 8.57 22.60 -1.32
C VAL H 396 9.56 22.30 -2.44
N GLU H 397 10.85 22.20 -2.09
CA GLU H 397 11.88 22.00 -3.09
C GLU H 397 11.89 20.60 -3.70
N ARG H 398 11.46 19.58 -2.95
CA ARG H 398 11.46 18.23 -3.48
C ARG H 398 10.40 18.03 -4.56
N LEU H 399 9.25 18.67 -4.35
CA LEU H 399 8.13 18.59 -5.27
C LEU H 399 8.42 19.37 -6.54
N GLU H 400 9.53 20.07 -6.56
CA GLU H 400 9.93 20.83 -7.72
C GLU H 400 10.92 20.03 -8.54
N LEU H 401 11.52 19.02 -7.93
CA LEU H 401 12.47 18.16 -8.60
C LEU H 401 11.73 16.95 -9.15
N GLN H 402 10.67 16.57 -8.46
CA GLN H 402 9.82 15.47 -8.88
C GLN H 402 8.97 15.85 -10.09
N GLY H 403 8.42 17.06 -10.09
CA GLY H 403 7.64 17.51 -11.24
C GLY H 403 8.47 17.67 -12.50
N TYR H 404 9.68 18.21 -12.36
CA TYR H 404 10.60 18.26 -13.49
C TYR H 404 10.82 16.86 -14.09
N ARG H 405 11.12 15.89 -13.22
CA ARG H 405 11.35 14.53 -13.69
C ARG H 405 10.12 13.95 -14.36
N VAL H 406 8.94 14.18 -13.80
CA VAL H 406 7.72 13.58 -14.34
C VAL H 406 7.40 14.15 -15.72
N ILE H 407 7.50 15.47 -15.87
CA ILE H 407 7.18 16.07 -17.17
C ILE H 407 8.21 15.66 -18.21
N SER H 408 9.50 15.63 -17.84
CA SER H 408 10.52 15.18 -18.78
C SER H 408 10.31 13.74 -19.20
N GLY H 409 9.90 12.87 -18.28
CA GLY H 409 9.61 11.49 -18.61
C GLY H 409 8.41 11.33 -19.50
N LEU H 410 7.33 12.08 -19.23
CA LEU H 410 6.15 11.98 -20.06
C LEU H 410 6.41 12.48 -21.48
N LEU H 411 7.28 13.48 -21.64
CA LEU H 411 7.58 13.97 -22.98
C LEU H 411 8.35 12.94 -23.80
N GLU H 412 9.01 11.98 -23.13
CA GLU H 412 9.83 11.00 -23.83
C GLU H 412 9.05 9.74 -24.23
N ILE H 413 7.94 9.45 -23.55
CA ILE H 413 7.12 8.30 -23.93
C ILE H 413 6.46 8.53 -25.29
N TYR H 414 6.04 9.77 -25.56
CA TYR H 414 5.34 10.12 -26.78
C TYR H 414 6.28 10.56 -27.90
N ARG H 415 7.58 10.39 -27.72
CA ARG H 415 8.57 10.65 -28.75
C ARG H 415 8.32 9.88 -30.05
N PRO H 416 7.90 8.60 -30.00
CA PRO H 416 7.61 7.89 -31.25
C PRO H 416 6.62 8.59 -32.17
N LEU H 417 5.63 9.29 -31.63
CA LEU H 417 4.68 9.99 -32.46
C LEU H 417 5.33 11.11 -33.26
N LEU H 418 6.44 11.65 -32.78
CA LEU H 418 7.13 12.73 -33.47
C LEU H 418 8.17 12.24 -34.47
N SER H 419 8.34 10.94 -34.62
CA SER H 419 9.31 10.38 -35.55
C SER H 419 8.70 9.81 -36.82
N LEU H 420 7.37 9.78 -36.92
CA LEU H 420 6.73 9.22 -38.10
C LEU H 420 6.83 10.19 -39.27
N SER H 421 6.39 9.74 -40.43
CA SER H 421 6.36 10.55 -41.64
C SER H 421 4.97 11.16 -41.80
N LEU H 422 4.87 12.10 -42.74
CA LEU H 422 3.61 12.79 -42.97
C LEU H 422 2.54 11.83 -43.45
N SER H 423 2.90 10.95 -44.39
CA SER H 423 1.92 9.98 -44.90
C SER H 423 1.50 9.00 -43.81
N ASP H 424 2.44 8.55 -42.99
CA ASP H 424 2.11 7.62 -41.93
C ASP H 424 1.16 8.24 -40.91
N PHE H 425 1.43 9.47 -40.49
CA PHE H 425 0.56 10.12 -39.53
C PHE H 425 -0.81 10.42 -40.12
N THR H 426 -0.85 10.79 -41.41
CA THR H 426 -2.12 11.03 -42.07
C THR H 426 -2.95 9.75 -42.12
N GLU H 427 -2.32 8.63 -42.48
CA GLU H 427 -3.04 7.36 -42.51
C GLU H 427 -3.51 6.96 -41.12
N LEU H 428 -2.68 7.21 -40.11
CA LEU H 428 -3.07 6.89 -38.74
C LEU H 428 -4.26 7.71 -38.27
N VAL H 429 -4.28 9.01 -38.59
CA VAL H 429 -5.39 9.85 -38.13
C VAL H 429 -6.65 9.56 -38.93
N GLU H 430 -6.50 9.12 -40.19
CA GLU H 430 -7.68 8.84 -41.02
C GLU H 430 -8.30 7.49 -40.67
N LYS H 431 -7.53 6.41 -40.86
CA LYS H 431 -8.10 5.07 -40.73
C LYS H 431 -8.42 4.71 -39.28
N GLU H 432 -7.56 5.12 -38.35
CA GLU H 432 -7.69 4.87 -36.91
C GLU H 432 -7.57 3.40 -36.53
N ARG H 433 -7.22 2.53 -37.48
CA ARG H 433 -6.95 1.12 -37.17
C ARG H 433 -5.90 0.64 -38.18
N VAL H 434 -4.64 0.70 -37.77
CA VAL H 434 -3.51 0.46 -38.66
C VAL H 434 -2.81 -0.81 -38.21
N LYS H 435 -2.55 -1.70 -39.17
CA LYS H 435 -1.85 -2.96 -38.89
C LYS H 435 -0.35 -2.85 -39.08
N ARG H 436 0.17 -1.66 -39.41
CA ARG H 436 1.59 -1.46 -39.58
C ARG H 436 2.27 -0.83 -38.37
N PHE H 437 1.51 -0.13 -37.53
CA PHE H 437 2.06 0.56 -36.36
C PHE H 437 1.25 0.13 -35.13
N PRO H 438 1.60 -1.00 -34.51
CA PRO H 438 0.85 -1.46 -33.34
C PRO H 438 1.06 -0.62 -32.09
N ILE H 439 2.23 0.00 -31.91
CA ILE H 439 2.51 0.78 -30.71
C ILE H 439 2.05 2.22 -30.86
N GLU H 440 2.35 2.85 -32.00
CA GLU H 440 1.99 4.26 -32.18
C GLU H 440 0.49 4.45 -32.29
N SER H 441 -0.23 3.49 -32.85
CA SER H 441 -1.68 3.60 -32.95
C SER H 441 -2.36 3.60 -31.60
N ARG H 442 -1.76 2.98 -30.59
CA ARG H 442 -2.31 2.98 -29.25
C ARG H 442 -1.92 4.21 -28.45
N LEU H 443 -0.75 4.80 -28.73
CA LEU H 443 -0.37 6.05 -28.10
C LEU H 443 -1.25 7.19 -28.57
N PHE H 444 -1.64 7.17 -29.85
CA PHE H 444 -2.45 8.26 -30.42
C PHE H 444 -3.86 8.29 -29.84
N HIS H 445 -4.39 7.13 -29.45
CA HIS H 445 -5.76 7.06 -28.94
C HIS H 445 -5.89 7.56 -27.51
N LYS H 446 -4.79 7.83 -26.82
CA LYS H 446 -4.88 8.38 -25.47
C LYS H 446 -5.02 9.89 -25.46
N LEU H 447 -4.75 10.57 -26.57
CA LEU H 447 -4.95 12.01 -26.63
C LEU H 447 -6.44 12.34 -26.57
N SER H 448 -6.76 13.45 -25.92
CA SER H 448 -8.15 13.84 -25.75
C SER H 448 -8.78 14.19 -27.10
N THR H 449 -10.10 14.02 -27.17
CA THR H 449 -10.80 14.16 -28.44
C THR H 449 -10.71 15.58 -28.98
N ARG H 450 -10.90 16.58 -28.11
CA ARG H 450 -10.92 17.97 -28.56
C ARG H 450 -9.59 18.39 -29.17
N HIS H 451 -8.48 17.88 -28.64
CA HIS H 451 -7.18 18.18 -29.23
C HIS H 451 -7.06 17.62 -30.64
N ARG H 452 -7.58 16.41 -30.87
CA ARG H 452 -7.51 15.83 -32.20
C ARG H 452 -8.40 16.58 -33.18
N LEU H 453 -9.59 17.01 -32.76
CA LEU H 453 -10.41 17.85 -33.63
C LEU H 453 -9.72 19.18 -33.93
N ALA H 454 -9.04 19.76 -32.94
CA ALA H 454 -8.30 20.99 -33.20
C ALA H 454 -7.22 20.78 -34.25
N TYR H 455 -6.52 19.66 -34.17
CA TYR H 455 -5.49 19.36 -35.14
C TYR H 455 -6.07 19.16 -36.54
N VAL H 456 -7.19 18.45 -36.63
CA VAL H 456 -7.81 18.19 -37.92
C VAL H 456 -8.29 19.49 -38.57
N GLU H 457 -8.96 20.34 -37.77
CA GLU H 457 -9.44 21.62 -38.30
C GLU H 457 -8.29 22.51 -38.71
N ALA H 458 -7.21 22.55 -37.93
CA ALA H 458 -6.06 23.37 -38.30
C ALA H 458 -5.42 22.88 -39.60
N VAL H 459 -5.30 21.57 -39.79
CA VAL H 459 -4.66 21.06 -41.00
C VAL H 459 -5.55 21.23 -42.22
N SER H 460 -6.87 21.11 -42.07
CA SER H 460 -7.76 21.15 -43.24
C SER H 460 -7.89 22.52 -43.88
N LYS H 461 -7.16 23.53 -43.40
CA LYS H 461 -7.23 24.88 -43.96
C LYS H 461 -5.96 25.26 -44.73
N LEU H 462 -5.09 24.31 -44.96
CA LEU H 462 -3.85 24.66 -45.64
C LEU H 462 -3.89 24.21 -47.10
N PRO H 463 -3.17 24.88 -47.99
CA PRO H 463 -3.12 24.42 -49.38
C PRO H 463 -2.22 23.21 -49.56
N SER H 464 -2.80 22.10 -49.99
CA SER H 464 -2.04 20.86 -50.14
C SER H 464 -0.94 21.00 -51.21
N ASP H 465 -1.23 21.70 -52.30
CA ASP H 465 -0.25 21.89 -53.37
C ASP H 465 0.60 23.11 -53.04
N SER H 466 1.51 22.92 -52.07
CA SER H 466 2.39 23.99 -51.62
C SER H 466 3.62 23.36 -51.00
N PRO H 467 4.80 23.94 -51.19
CA PRO H 467 6.02 23.38 -50.60
C PRO H 467 6.13 23.57 -49.10
N GLU H 468 5.26 24.36 -48.49
CA GLU H 468 5.34 24.65 -47.05
C GLU H 468 4.42 23.77 -46.22
N PHE H 469 3.74 22.79 -46.82
CA PHE H 469 2.83 21.92 -46.09
C PHE H 469 3.49 21.10 -44.99
N PRO H 470 4.63 20.41 -45.23
CA PRO H 470 5.22 19.61 -44.14
C PRO H 470 5.61 20.43 -42.93
N LEU H 471 6.09 21.67 -43.15
CA LEU H 471 6.50 22.51 -42.04
C LEU H 471 5.33 22.82 -41.12
N TRP H 472 4.21 23.25 -41.70
CA TRP H 472 3.03 23.55 -40.91
C TRP H 472 2.48 22.28 -40.23
N GLU H 473 2.52 21.15 -40.94
CA GLU H 473 2.04 19.92 -40.33
C GLU H 473 2.85 19.55 -39.09
N TYR H 474 4.17 19.66 -39.19
CA TYR H 474 5.01 19.37 -38.02
C TYR H 474 4.75 20.35 -36.90
N TYR H 475 4.59 21.63 -37.22
CA TYR H 475 4.33 22.64 -36.19
C TYR H 475 3.04 22.31 -35.45
N TYR H 476 1.99 21.96 -36.18
CA TYR H 476 0.71 21.67 -35.54
C TYR H 476 0.77 20.37 -34.74
N ARG H 477 1.53 19.38 -35.19
CA ARG H 477 1.70 18.17 -34.41
C ARG H 477 2.38 18.46 -33.08
N CYS H 478 3.45 19.26 -33.10
CA CYS H 478 4.12 19.63 -31.87
C CYS H 478 3.19 20.42 -30.95
N ARG H 479 2.36 21.28 -31.51
CA ARG H 479 1.44 22.04 -30.69
C ARG H 479 0.44 21.11 -30.05
N LEU H 480 -0.04 20.14 -30.80
CA LEU H 480 -0.98 19.17 -30.25
C LEU H 480 -0.37 18.43 -29.04
N LEU H 481 0.88 17.99 -29.18
CA LEU H 481 1.53 17.32 -28.06
C LEU H 481 1.68 18.25 -26.86
N GLN H 482 2.07 19.50 -27.09
CA GLN H 482 2.23 20.45 -26.00
C GLN H 482 0.91 20.74 -25.31
N ASP H 483 -0.18 20.87 -26.09
CA ASP H 483 -1.49 21.11 -25.49
C ASP H 483 -1.92 19.93 -24.62
N TYR H 484 -1.69 18.70 -25.11
CA TYR H 484 -2.05 17.54 -24.30
C TYR H 484 -1.26 17.50 -23.00
N ILE H 485 0.05 17.79 -23.06
CA ILE H 485 0.85 17.74 -21.84
C ILE H 485 0.41 18.81 -20.86
N SER H 486 0.16 20.04 -21.35
CA SER H 486 -0.15 21.14 -20.47
C SER H 486 -1.60 21.17 -20.00
N GLY H 487 -2.46 20.33 -20.58
CA GLY H 487 -3.84 20.31 -20.15
C GLY H 487 -4.18 19.39 -19.00
N MET H 488 -3.19 18.90 -18.27
CA MET H 488 -3.43 17.94 -17.20
C MET H 488 -3.43 18.62 -15.83
N THR H 489 -3.66 17.81 -14.82
CA THR H 489 -3.46 18.17 -13.42
C THR H 489 -2.18 17.51 -12.92
N ASP H 490 -1.75 17.96 -11.75
CA ASP H 490 -0.54 17.45 -11.15
C ASP H 490 -0.67 16.04 -10.68
N LEU H 491 -1.88 15.61 -10.37
CA LEU H 491 -2.11 14.25 -9.91
C LEU H 491 -2.33 13.27 -11.05
N TYR H 492 -3.09 13.66 -12.07
CA TYR H 492 -3.32 12.80 -13.23
C TYR H 492 -2.02 12.53 -13.98
N ALA H 493 -1.18 13.55 -14.16
CA ALA H 493 0.10 13.35 -14.82
C ALA H 493 1.00 12.43 -14.01
N TRP H 494 1.01 12.59 -12.70
CA TRP H 494 1.82 11.74 -11.85
C TRP H 494 1.37 10.29 -11.93
N ASP H 495 0.06 10.07 -11.89
CA ASP H 495 -0.47 8.70 -11.99
C ASP H 495 -0.19 8.09 -13.36
N GLU H 496 -0.41 8.85 -14.44
CA GLU H 496 -0.11 8.34 -15.77
C GLU H 496 1.36 8.02 -15.93
N TYR H 497 2.23 8.83 -15.33
CA TYR H 497 3.66 8.56 -15.42
C TYR H 497 4.03 7.27 -14.71
N ARG H 498 3.42 7.00 -13.57
CA ARG H 498 3.72 5.76 -12.90
C ARG H 498 3.12 4.57 -13.63
N ARG H 499 1.96 4.73 -14.24
CA ARG H 499 1.29 3.64 -14.93
C ARG H 499 1.98 3.27 -16.25
N LEU H 500 2.41 4.26 -17.02
CA LEU H 500 3.02 3.97 -18.30
C LEU H 500 4.44 3.42 -18.19
N MET H 501 5.05 3.47 -17.00
CA MET H 501 6.37 2.92 -16.78
C MET H 501 6.34 1.56 -16.09
N ALA H 502 5.17 0.93 -16.00
CA ALA H 502 5.02 -0.40 -15.41
C ALA H 502 5.53 -0.46 -13.98
N VAL H 503 5.18 0.55 -13.19
CA VAL H 503 5.54 0.60 -11.78
C VAL H 503 4.32 0.29 -10.93
N GLU H 504 3.18 0.89 -11.25
CA GLU H 504 1.95 0.62 -10.54
C GLU H 504 1.08 -0.36 -11.30
N GLN I 3 29.63 -5.15 61.75
CA GLN I 3 30.89 -5.11 61.01
C GLN I 3 30.66 -5.35 59.53
N ILE I 4 31.04 -4.39 58.70
CA ILE I 4 30.83 -4.49 57.26
C ILE I 4 31.84 -5.47 56.68
N ASP I 5 31.35 -6.43 55.91
CA ASP I 5 32.20 -7.43 55.25
C ASP I 5 31.53 -7.79 53.94
N PHE I 6 32.16 -7.42 52.83
CA PHE I 6 31.57 -7.65 51.51
C PHE I 6 31.80 -9.05 50.98
N ARG I 7 32.57 -9.88 51.69
CA ARG I 7 32.72 -11.27 51.29
C ARG I 7 31.47 -12.10 51.53
N LYS I 8 30.65 -11.70 52.50
CA LYS I 8 29.40 -12.38 52.78
C LYS I 8 28.26 -11.91 51.91
N LYS I 9 28.50 -10.94 51.02
CA LYS I 9 27.49 -10.42 50.11
C LYS I 9 27.75 -10.79 48.67
N ILE I 10 29.01 -10.81 48.25
CA ILE I 10 29.35 -11.18 46.88
C ILE I 10 29.45 -12.70 46.81
N ASN I 11 28.33 -13.35 46.47
CA ASN I 11 28.26 -14.80 46.40
C ASN I 11 28.42 -15.22 44.95
N TRP I 12 29.35 -16.16 44.71
CA TRP I 12 29.64 -16.63 43.36
C TRP I 12 29.13 -18.05 43.12
N HIS I 13 28.21 -18.53 43.95
CA HIS I 13 27.60 -19.83 43.72
C HIS I 13 26.39 -19.69 42.79
N ARG I 14 25.95 -20.82 42.26
CA ARG I 14 24.83 -20.88 41.33
C ARG I 14 23.73 -21.77 41.92
N ARG I 15 22.65 -21.90 41.16
CA ARG I 15 21.51 -22.73 41.56
C ARG I 15 21.64 -24.17 41.07
N TYR I 16 22.11 -24.36 39.85
CA TYR I 16 22.33 -25.69 39.28
C TYR I 16 23.79 -25.84 38.92
N ARG I 17 24.37 -26.98 39.29
CA ARG I 17 25.76 -27.31 39.00
C ARG I 17 26.70 -26.23 39.52
N SER I 18 26.42 -25.77 40.74
CA SER I 18 27.19 -24.70 41.33
C SER I 18 28.63 -25.16 41.59
N PRO I 19 29.61 -24.27 41.42
CA PRO I 19 30.99 -24.63 41.74
C PRO I 19 31.21 -24.59 43.25
N GLN I 20 31.95 -25.58 43.74
CA GLN I 20 32.18 -25.74 45.17
C GLN I 20 33.67 -25.75 45.46
N GLY I 21 34.01 -25.50 46.73
CA GLY I 21 35.38 -25.49 47.16
C GLY I 21 35.92 -24.11 47.48
N VAL I 22 37.24 -23.95 47.39
CA VAL I 22 37.90 -22.68 47.65
C VAL I 22 38.57 -22.21 46.36
N LYS I 23 38.42 -20.92 46.08
CA LYS I 23 38.85 -20.36 44.81
C LYS I 23 39.82 -19.22 45.06
N THR I 24 40.46 -18.75 43.99
CA THR I 24 41.37 -17.62 44.01
C THR I 24 40.78 -16.47 43.21
N GLU I 25 41.54 -15.38 43.12
CA GLU I 25 41.06 -14.19 42.42
C GLU I 25 40.81 -14.47 40.94
N HIS I 26 41.73 -15.17 40.28
CA HIS I 26 41.59 -15.45 38.86
C HIS I 26 40.36 -16.30 38.57
N GLU I 27 40.12 -17.31 39.39
CA GLU I 27 38.94 -18.16 39.19
C GLU I 27 37.64 -17.40 39.42
N ILE I 28 37.59 -16.52 40.43
CA ILE I 28 36.39 -15.72 40.65
C ILE I 28 36.14 -14.78 39.47
N LEU I 29 37.20 -14.15 38.97
CA LEU I 29 37.06 -13.28 37.81
C LEU I 29 36.56 -14.05 36.59
N ARG I 30 37.10 -15.27 36.39
CA ARG I 30 36.62 -16.11 35.29
C ARG I 30 35.16 -16.48 35.47
N ILE I 31 34.73 -16.76 36.69
CA ILE I 31 33.33 -17.08 36.94
C ILE I 31 32.45 -15.89 36.57
N PHE I 32 32.84 -14.69 36.98
CA PHE I 32 32.00 -13.52 36.72
C PHE I 32 32.06 -13.04 35.27
N GLU I 33 33.10 -13.40 34.52
CA GLU I 33 33.12 -13.02 33.10
C GLU I 33 32.17 -13.88 32.28
N SER I 34 31.99 -15.15 32.66
CA SER I 34 31.05 -16.01 31.97
C SER I 34 29.62 -15.49 32.10
N ASP I 35 29.29 -14.85 33.21
CA ASP I 35 27.96 -14.26 33.36
C ASP I 35 27.74 -13.17 32.33
N ARG I 36 28.74 -12.32 32.11
CA ARG I 36 28.65 -11.32 31.07
C ARG I 36 28.49 -11.97 29.71
N GLY I 37 29.27 -13.02 29.46
CA GLY I 37 29.15 -13.72 28.19
C GLY I 37 27.75 -14.27 27.95
N ARG I 38 27.13 -14.80 28.99
CA ARG I 38 25.78 -15.33 28.85
C ARG I 38 24.77 -14.20 28.62
N ILE I 39 24.88 -13.12 29.37
CA ILE I 39 23.88 -12.07 29.29
C ILE I 39 23.94 -11.35 27.94
N ILE I 40 25.15 -11.04 27.47
CA ILE I 40 25.27 -10.23 26.26
C ILE I 40 24.76 -10.97 25.02
N ASN I 41 24.96 -12.28 24.94
CA ASN I 41 24.55 -13.06 23.78
C ASN I 41 23.20 -13.73 23.98
N SER I 42 22.29 -13.07 24.68
CA SER I 42 20.98 -13.63 24.97
C SER I 42 19.91 -13.00 24.08
N PRO I 43 18.88 -13.76 23.70
CA PRO I 43 17.83 -13.19 22.86
C PRO I 43 17.09 -12.02 23.52
N ALA I 44 16.97 -12.02 24.84
CA ALA I 44 16.26 -10.95 25.52
C ALA I 44 16.95 -9.60 25.33
N ILE I 45 18.27 -9.58 25.38
CA ILE I 45 19.00 -8.33 25.17
C ILE I 45 18.92 -7.91 23.71
N ARG I 46 18.98 -8.87 22.79
CA ARG I 46 18.90 -8.55 21.37
C ARG I 46 17.54 -7.95 21.03
N ARG I 47 16.48 -8.45 21.65
CA ARG I 47 15.13 -7.97 21.35
C ARG I 47 14.93 -6.50 21.71
N LEU I 48 15.81 -5.93 22.53
CA LEU I 48 15.63 -4.57 23.00
C LEU I 48 15.83 -3.52 21.91
N GLN I 49 16.38 -3.90 20.78
CA GLN I 49 16.62 -2.94 19.71
C GLN I 49 15.39 -2.73 18.83
N GLN I 50 14.26 -3.34 19.18
CA GLN I 50 13.00 -3.11 18.48
C GLN I 50 11.92 -2.58 19.42
N LYS I 51 12.31 -2.04 20.56
CA LYS I 51 11.37 -1.45 21.52
C LYS I 51 11.59 0.05 21.60
N THR I 52 10.50 0.80 21.59
CA THR I 52 10.54 2.25 21.55
C THR I 52 10.71 2.83 22.95
N GLN I 53 11.64 3.79 23.07
CA GLN I 53 11.83 4.51 24.33
C GLN I 53 10.84 5.66 24.44
N VAL I 54 10.93 6.63 23.53
CA VAL I 54 10.02 7.76 23.50
C VAL I 54 9.41 7.91 22.12
N PHE I 55 10.26 8.05 21.10
CA PHE I 55 9.82 8.26 19.73
C PHE I 55 9.92 6.98 18.93
N PRO I 56 8.89 6.60 18.17
CA PRO I 56 8.87 5.36 17.39
C PRO I 56 9.86 5.34 16.23
N ALA I 62 17.99 7.92 13.74
CA ALA I 62 19.01 7.98 14.77
C ALA I 62 18.40 8.33 16.12
N VAL I 63 17.24 7.76 16.42
CA VAL I 63 16.58 7.94 17.70
C VAL I 63 16.91 6.75 18.59
N ARG I 64 16.84 6.96 19.89
CA ARG I 64 17.29 5.97 20.85
C ARG I 64 16.27 4.87 21.07
N THR I 65 16.74 3.63 21.06
CA THR I 65 15.97 2.47 21.46
C THR I 65 16.29 2.17 22.92
N ARG I 66 15.80 1.05 23.41
CA ARG I 66 16.06 0.68 24.79
C ARG I 66 17.47 0.16 24.99
N LEU I 67 18.07 -0.35 23.93
CA LEU I 67 19.43 -0.88 24.02
C LEU I 67 20.47 0.23 24.19
N THR I 68 20.36 1.29 23.39
CA THR I 68 21.30 2.41 23.50
C THR I 68 21.17 3.15 24.83
N HIS I 69 19.96 3.30 25.36
CA HIS I 69 19.77 3.95 26.65
C HIS I 69 20.39 3.13 27.79
N SER I 70 20.23 1.81 27.72
CA SER I 70 20.90 0.93 28.67
C SER I 70 22.43 1.00 28.54
N MET I 71 22.95 1.13 27.32
CA MET I 71 24.39 1.30 27.15
C MET I 71 24.93 2.60 27.71
N GLU I 72 24.08 3.60 27.96
CA GLU I 72 24.52 4.82 28.64
C GLU I 72 24.39 4.70 30.15
N VAL I 73 23.31 4.07 30.61
CA VAL I 73 23.17 3.80 32.04
C VAL I 73 24.33 2.95 32.53
N GLN I 74 24.78 2.01 31.71
CA GLN I 74 25.90 1.16 32.09
C GLN I 74 27.17 1.96 32.32
N GLN I 75 27.46 2.91 31.42
CA GLN I 75 28.65 3.75 31.58
C GLN I 75 28.55 4.61 32.84
N VAL I 76 27.37 5.20 33.08
CA VAL I 76 27.23 6.03 34.27
C VAL I 76 27.45 5.22 35.54
N GLY I 77 26.85 4.02 35.60
CA GLY I 77 27.03 3.17 36.77
C GLY I 77 28.46 2.73 36.97
N ARG I 78 29.15 2.38 35.88
CA ARG I 78 30.55 2.00 35.98
C ARG I 78 31.40 3.15 36.53
N TYR I 79 31.14 4.37 36.05
CA TYR I 79 31.92 5.51 36.53
C TYR I 79 31.66 5.74 38.01
N ILE I 80 30.40 5.63 38.45
CA ILE I 80 30.09 5.81 39.87
C ILE I 80 30.79 4.76 40.72
N ALA I 81 30.77 3.50 40.26
CA ALA I 81 31.42 2.44 41.02
C ALA I 81 32.92 2.66 41.14
N LYS I 82 33.57 3.06 40.05
CA LYS I 82 35.00 3.34 40.11
C LYS I 82 35.30 4.51 41.03
N GLU I 83 34.46 5.54 41.01
CA GLU I 83 34.68 6.67 41.91
C GLU I 83 34.57 6.25 43.38
N ILE I 84 33.56 5.43 43.70
CA ILE I 84 33.40 4.95 45.08
C ILE I 84 34.61 4.13 45.48
N LEU I 85 35.07 3.24 44.61
CA LEU I 85 36.22 2.41 44.94
C LEU I 85 37.49 3.24 45.12
N SER I 86 37.67 4.29 44.30
CA SER I 86 38.83 5.15 44.46
C SER I 86 38.78 5.91 45.77
N ARG I 87 37.59 6.36 46.18
CA ARG I 87 37.48 7.16 47.40
C ARG I 87 37.74 6.34 48.66
N LEU I 88 37.64 5.01 48.59
CA LEU I 88 37.92 4.18 49.75
C LEU I 88 39.39 3.83 49.88
N LYS I 89 40.17 3.93 48.81
CA LYS I 89 41.60 3.72 48.90
C LYS I 89 42.31 4.90 49.55
N GLU I 90 41.81 6.12 49.36
CA GLU I 90 42.38 7.29 50.01
C GLU I 90 42.15 7.30 51.52
N LEU I 91 41.27 6.43 52.02
CA LEU I 91 41.05 6.30 53.46
C LEU I 91 41.49 4.93 53.98
N LYS I 92 42.14 4.12 53.15
CA LYS I 92 42.70 2.83 53.55
C LYS I 92 41.64 1.90 54.16
N LEU I 93 40.44 1.88 53.57
CA LEU I 93 39.35 1.07 54.08
C LEU I 93 39.02 -0.12 53.18
N LEU I 94 39.85 -0.41 52.18
CA LEU I 94 39.59 -1.55 51.31
C LEU I 94 39.99 -2.89 51.93
N GLU I 95 40.71 -2.88 53.04
CA GLU I 95 41.08 -4.10 53.75
C GLU I 95 40.18 -4.38 54.94
N ALA I 96 39.66 -3.34 55.59
CA ALA I 96 38.71 -3.56 56.68
C ALA I 96 37.33 -3.95 56.17
N TYR I 97 36.97 -3.52 54.96
CA TYR I 97 35.66 -3.78 54.40
C TYR I 97 35.63 -5.02 53.52
N GLY I 98 36.76 -5.68 53.32
CA GLY I 98 36.80 -6.93 52.57
C GLY I 98 36.86 -6.80 51.08
N LEU I 99 36.96 -5.59 50.54
CA LEU I 99 36.99 -5.38 49.10
C LEU I 99 38.40 -5.44 48.53
N ASP I 100 39.36 -6.00 49.27
CA ASP I 100 40.75 -6.00 48.81
C ASP I 100 40.92 -6.84 47.56
N GLU I 101 40.26 -7.99 47.49
CA GLU I 101 40.42 -8.93 46.39
C GLU I 101 39.14 -9.11 45.59
N LEU I 102 38.20 -8.17 45.71
CA LEU I 102 36.94 -8.28 44.99
C LEU I 102 36.59 -7.01 44.23
N THR I 103 37.58 -6.20 43.85
CA THR I 103 37.29 -4.98 43.12
C THR I 103 36.74 -5.27 41.72
N GLY I 104 37.26 -6.31 41.06
CA GLY I 104 36.84 -6.64 39.71
C GLY I 104 35.36 -6.94 39.57
N PRO I 105 34.86 -7.92 40.33
CA PRO I 105 33.42 -8.22 40.26
C PRO I 105 32.52 -7.07 40.69
N PHE I 106 33.04 -6.13 41.49
CA PHE I 106 32.22 -5.03 41.97
C PHE I 106 31.68 -4.19 40.82
N GLU I 107 32.52 -3.88 39.83
CA GLU I 107 32.04 -3.14 38.67
C GLU I 107 31.18 -3.99 37.75
N SER I 108 31.53 -5.27 37.59
CA SER I 108 30.81 -6.13 36.66
C SER I 108 29.37 -6.33 37.10
N ILE I 109 29.15 -6.54 38.39
CA ILE I 109 27.79 -6.73 38.89
C ILE I 109 26.94 -5.50 38.61
N VAL I 110 27.48 -4.31 38.91
CA VAL I 110 26.75 -3.07 38.69
C VAL I 110 26.46 -2.88 37.22
N GLU I 111 27.44 -3.13 36.36
CA GLU I 111 27.26 -2.90 34.92
C GLU I 111 26.21 -3.84 34.34
N MET I 112 26.29 -5.12 34.68
CA MET I 112 25.32 -6.07 34.14
C MET I 112 23.93 -5.86 34.74
N SER I 113 23.84 -5.37 35.97
CA SER I 113 22.54 -5.01 36.51
C SER I 113 21.96 -3.80 35.81
N CYS I 114 22.81 -2.84 35.44
CA CYS I 114 22.34 -1.69 34.67
C CYS I 114 21.88 -2.10 33.29
N LEU I 115 22.54 -3.06 32.66
CA LEU I 115 22.18 -3.44 31.30
C LEU I 115 20.79 -4.09 31.26
N MET I 116 20.56 -5.08 32.10
CA MET I 116 19.27 -5.81 32.11
C MET I 116 18.35 -5.27 33.20
N HIS I 117 18.08 -3.96 33.14
CA HIS I 117 17.12 -3.32 34.03
C HIS I 117 15.81 -3.02 33.32
N ASP I 118 15.66 -3.45 32.09
CA ASP I 118 14.47 -3.14 31.32
C ASP I 118 14.08 -4.27 30.42
N ILE I 119 14.31 -5.50 30.83
CA ILE I 119 13.99 -6.65 29.97
C ILE I 119 12.60 -7.20 30.21
N GLY I 120 11.91 -6.75 31.26
CA GLY I 120 10.59 -7.24 31.57
C GLY I 120 9.45 -6.35 31.18
N ASN I 121 9.71 -5.16 30.66
CA ASN I 121 8.64 -4.23 30.33
C ASN I 121 7.85 -4.74 29.13
N PRO I 122 6.53 -4.60 29.15
CA PRO I 122 5.71 -5.10 28.05
C PRO I 122 5.80 -4.18 26.85
N PRO I 123 5.27 -4.58 25.69
CA PRO I 123 5.21 -3.67 24.56
C PRO I 123 4.39 -2.44 24.88
N PHE I 124 4.78 -1.32 24.29
CA PHE I 124 4.16 0.00 24.41
C PHE I 124 4.37 0.63 25.78
N GLY I 125 5.09 -0.01 26.68
CA GLY I 125 5.50 0.65 27.90
C GLY I 125 4.37 0.75 28.91
N HIS I 126 4.33 1.90 29.56
CA HIS I 126 3.38 2.21 30.62
C HIS I 126 1.92 2.04 30.27
N PHE I 127 1.59 2.24 29.00
CA PHE I 127 0.21 2.09 28.57
C PHE I 127 -0.12 0.66 28.19
N GLY I 128 0.91 -0.16 28.12
CA GLY I 128 0.76 -1.56 27.84
C GLY I 128 0.59 -2.27 29.17
N GLU I 129 1.17 -1.70 30.23
CA GLU I 129 1.06 -2.32 31.55
C GLU I 129 -0.33 -2.13 32.14
N ALA I 130 -0.96 -0.98 31.91
CA ALA I 130 -2.32 -0.76 32.40
C ALA I 130 -3.32 -1.67 31.71
N ALA I 131 -3.17 -1.86 30.40
CA ALA I 131 -4.13 -2.66 29.65
C ALA I 131 -4.19 -4.10 30.16
N ILE I 132 -3.03 -4.67 30.50
CA ILE I 132 -3.02 -6.01 31.07
C ILE I 132 -3.70 -6.01 32.43
N ASN I 133 -3.50 -4.95 33.21
CA ASN I 133 -4.06 -4.89 34.56
C ASN I 133 -5.56 -4.67 34.54
N ASP I 134 -6.04 -3.76 33.71
CA ASP I 134 -7.47 -3.46 33.67
C ASP I 134 -8.28 -4.65 33.19
N TRP I 135 -7.84 -5.28 32.10
CA TRP I 135 -8.58 -6.42 31.53
C TRP I 135 -8.79 -7.53 32.55
N PHE I 136 -7.79 -7.79 33.39
CA PHE I 136 -7.93 -8.83 34.41
C PHE I 136 -8.80 -8.37 35.58
N ARG I 137 -8.81 -7.07 35.88
CA ARG I 137 -9.56 -6.59 37.04
C ARG I 137 -11.06 -6.77 36.84
N GLN I 138 -11.50 -6.89 35.60
CA GLN I 138 -12.91 -7.09 35.33
C GLN I 138 -13.24 -8.55 35.30
N ARG I 139 -12.25 -9.39 35.43
CA ARG I 139 -12.48 -10.84 35.41
C ARG I 139 -12.48 -11.46 36.79
N LEU I 140 -11.72 -10.89 37.74
CA LEU I 140 -11.55 -11.48 39.05
C LEU I 140 -12.07 -10.60 40.19
N HIS I 141 -12.04 -9.28 40.03
CA HIS I 141 -12.52 -8.32 41.03
C HIS I 141 -11.90 -8.58 42.40
N PRO I 142 -10.61 -8.26 42.58
CA PRO I 142 -9.97 -8.53 43.88
C PRO I 142 -10.60 -7.75 45.03
N GLU I 143 -11.17 -6.58 44.76
CA GLU I 143 -11.68 -5.73 45.84
C GLU I 143 -12.79 -6.40 46.62
N ASP I 144 -13.41 -7.43 46.05
CA ASP I 144 -14.51 -8.13 46.69
C ASP I 144 -14.04 -9.30 47.54
N ALA I 145 -12.73 -9.50 47.69
CA ALA I 145 -12.20 -10.60 48.49
C ALA I 145 -11.43 -10.11 49.71
N GLU I 146 -11.69 -8.88 50.15
CA GLU I 146 -10.94 -8.29 51.25
C GLU I 146 -11.60 -8.45 52.60
N SER I 147 -12.77 -9.08 52.67
CA SER I 147 -13.52 -9.16 53.91
C SER I 147 -14.19 -10.53 53.98
N GLN I 148 -15.18 -10.66 54.87
CA GLN I 148 -15.94 -11.89 54.98
C GLN I 148 -16.67 -12.18 53.69
N PRO I 149 -16.85 -13.47 53.35
CA PRO I 149 -17.49 -13.83 52.07
C PRO I 149 -18.85 -13.20 51.87
N LEU I 150 -19.07 -12.64 50.68
CA LEU I 150 -20.31 -11.94 50.37
C LEU I 150 -21.34 -12.91 49.80
N ASP I 153 -20.75 -11.36 44.91
CA ASP I 153 -19.46 -11.70 44.33
C ASP I 153 -19.52 -11.67 42.81
N ARG I 154 -18.64 -10.88 42.21
CA ARG I 154 -18.65 -10.66 40.77
C ARG I 154 -17.58 -11.46 40.03
N CYS I 155 -16.94 -12.42 40.69
CA CYS I 155 -15.90 -13.20 40.03
C CYS I 155 -16.50 -14.08 38.95
N SER I 156 -15.85 -14.12 37.79
CA SER I 156 -16.34 -14.87 36.64
C SER I 156 -15.85 -16.31 36.60
N VAL I 157 -15.00 -16.71 37.53
CA VAL I 157 -14.49 -18.08 37.58
C VAL I 157 -15.11 -18.76 38.79
N ALA I 158 -15.70 -19.94 38.58
CA ALA I 158 -16.42 -20.62 39.64
C ALA I 158 -15.47 -21.12 40.73
N ALA I 159 -14.25 -21.49 40.36
CA ALA I 159 -13.30 -22.07 41.30
C ALA I 159 -12.54 -21.03 42.12
N LEU I 160 -12.89 -19.75 42.01
CA LEU I 160 -12.22 -18.71 42.78
C LEU I 160 -13.17 -17.85 43.60
N ARG I 161 -14.47 -18.05 43.49
CA ARG I 161 -15.42 -17.29 44.30
C ARG I 161 -15.37 -17.76 45.74
N LEU I 162 -15.54 -16.83 46.67
CA LEU I 162 -15.43 -17.15 48.10
C LEU I 162 -16.67 -17.88 48.57
N ARG I 163 -16.47 -18.98 49.29
CA ARG I 163 -17.57 -19.73 49.88
C ARG I 163 -17.37 -19.89 51.38
N GLU I 166 -14.84 -22.38 54.87
CA GLU I 166 -13.67 -22.84 54.14
C GLU I 166 -12.59 -21.76 54.07
N GLU I 167 -12.10 -21.34 55.24
CA GLU I 167 -11.06 -20.33 55.34
C GLU I 167 -9.73 -20.73 54.69
N PRO I 168 -9.23 -21.96 54.91
CA PRO I 168 -7.92 -22.31 54.30
C PRO I 168 -7.88 -22.17 52.79
N LEU I 169 -8.96 -22.53 52.09
CA LEU I 169 -9.01 -22.30 50.66
C LEU I 169 -9.29 -20.84 50.34
N ASN I 170 -10.01 -20.14 51.22
CA ASN I 170 -10.32 -18.74 50.99
C ASN I 170 -9.07 -17.88 50.95
N GLU I 171 -8.09 -18.17 51.82
CA GLU I 171 -6.86 -17.38 51.82
C GLU I 171 -6.12 -17.52 50.50
N LEU I 172 -5.99 -18.75 49.99
CA LEU I 172 -5.33 -18.96 48.71
C LEU I 172 -6.12 -18.31 47.58
N ARG I 173 -7.45 -18.37 47.66
CA ARG I 173 -8.29 -17.73 46.65
C ARG I 173 -8.01 -16.23 46.58
N ARG I 174 -8.02 -15.56 47.73
CA ARG I 174 -7.81 -14.11 47.72
C ARG I 174 -6.39 -13.76 47.30
N LYS I 175 -5.41 -14.56 47.70
CA LYS I 175 -4.03 -14.30 47.26
C LYS I 175 -3.90 -14.39 45.75
N ILE I 176 -4.46 -15.45 45.15
CA ILE I 176 -4.39 -15.61 43.70
C ILE I 176 -5.15 -14.49 43.00
N ARG I 177 -6.31 -14.11 43.53
CA ARG I 177 -7.07 -13.04 42.89
C ARG I 177 -6.36 -11.70 42.95
N GLN I 178 -5.64 -11.42 44.05
CA GLN I 178 -4.93 -10.16 44.14
C GLN I 178 -3.67 -10.15 43.29
N ASP I 179 -2.96 -11.27 43.22
CA ASP I 179 -1.66 -11.28 42.55
C ASP I 179 -1.81 -11.04 41.04
N LEU I 180 -2.81 -11.65 40.41
CA LEU I 180 -2.93 -11.62 38.96
C LEU I 180 -3.23 -10.23 38.40
N CYS I 181 -3.66 -9.29 39.23
CA CYS I 181 -3.99 -7.95 38.78
C CYS I 181 -2.87 -6.95 39.03
N HIS I 182 -1.71 -7.41 39.49
CA HIS I 182 -0.54 -6.57 39.72
C HIS I 182 0.59 -7.09 38.82
N PHE I 183 0.65 -6.58 37.60
CA PHE I 183 1.72 -6.89 36.68
C PHE I 183 2.73 -5.76 36.69
N GLU I 184 4.01 -6.12 36.76
CA GLU I 184 5.09 -5.14 36.85
C GLU I 184 6.30 -5.66 36.09
N GLY I 185 7.01 -4.74 35.43
CA GLY I 185 8.18 -5.15 34.66
C GLY I 185 9.32 -5.65 35.53
N ASN I 186 9.56 -5.00 36.67
CA ASN I 186 10.62 -5.43 37.57
C ASN I 186 10.35 -6.83 38.11
N ALA I 187 9.10 -7.12 38.45
CA ALA I 187 8.75 -8.46 38.90
C ALA I 187 8.84 -9.48 37.77
N GLN I 188 8.62 -9.05 36.54
CA GLN I 188 8.70 -9.95 35.40
C GLN I 188 10.14 -10.24 34.99
N GLY I 189 11.07 -9.34 35.30
CA GLY I 189 12.46 -9.59 34.98
C GLY I 189 13.03 -10.82 35.68
N ILE I 190 12.68 -10.98 36.97
CA ILE I 190 13.16 -12.14 37.72
C ILE I 190 12.62 -13.42 37.11
N ARG I 191 11.34 -13.44 36.78
CA ARG I 191 10.73 -14.61 36.15
C ARG I 191 11.38 -14.90 34.80
N LEU I 192 11.72 -13.85 34.06
CA LEU I 192 12.33 -14.02 32.75
C LEU I 192 13.73 -14.62 32.86
N VAL I 193 14.52 -14.16 33.84
CA VAL I 193 15.90 -14.63 33.93
C VAL I 193 15.98 -15.98 34.62
N HIS I 194 15.00 -16.33 35.45
CA HIS I 194 15.08 -17.58 36.20
C HIS I 194 14.35 -18.73 35.50
N THR I 195 13.05 -18.58 35.26
CA THR I 195 12.22 -19.69 34.85
C THR I 195 12.19 -19.90 33.34
N LEU I 196 11.93 -18.84 32.57
CA LEU I 196 11.74 -18.99 31.14
C LEU I 196 13.06 -19.16 30.38
N MET I 197 13.95 -18.17 30.46
CA MET I 197 15.21 -18.21 29.74
C MET I 197 16.20 -19.22 30.31
N ARG I 198 16.20 -19.42 31.63
CA ARG I 198 17.10 -20.35 32.31
C ARG I 198 18.57 -20.01 32.02
N MET I 199 18.98 -18.84 32.49
CA MET I 199 20.35 -18.39 32.29
C MET I 199 21.30 -18.98 33.33
N ASN I 200 20.81 -19.30 34.52
CA ASN I 200 21.61 -19.89 35.59
C ASN I 200 22.76 -18.95 35.99
N LEU I 201 22.40 -17.78 36.49
CA LEU I 201 23.36 -16.79 36.92
C LEU I 201 23.67 -16.92 38.41
N THR I 202 24.72 -16.24 38.84
CA THR I 202 25.12 -16.25 40.24
C THR I 202 24.11 -15.48 41.09
N TRP I 203 24.14 -15.76 42.40
CA TRP I 203 23.20 -15.11 43.30
C TRP I 203 23.42 -13.60 43.35
N ALA I 204 24.68 -13.17 43.36
CA ALA I 204 24.96 -11.74 43.43
C ALA I 204 24.43 -11.00 42.21
N GLN I 205 24.43 -11.64 41.04
CA GLN I 205 23.95 -10.97 39.84
C GLN I 205 22.43 -10.86 39.85
N VAL I 206 21.74 -11.88 40.34
CA VAL I 206 20.28 -11.83 40.44
C VAL I 206 19.85 -10.81 41.48
N GLY I 207 20.60 -10.70 42.57
CA GLY I 207 20.22 -9.78 43.63
C GLY I 207 20.28 -8.32 43.22
N GLY I 208 20.99 -7.99 42.15
CA GLY I 208 21.11 -6.62 41.71
C GLY I 208 19.97 -6.12 40.85
N ILE I 209 19.03 -6.99 40.50
CA ILE I 209 17.87 -6.59 39.70
C ILE I 209 16.58 -6.74 40.49
N LEU I 210 16.66 -6.78 41.82
CA LEU I 210 15.50 -6.83 42.70
C LEU I 210 15.38 -5.46 43.36
N LYS I 211 14.63 -4.56 42.73
CA LYS I 211 14.63 -3.15 43.14
C LYS I 211 13.67 -2.91 44.28
N TYR I 212 12.48 -3.49 44.23
CA TYR I 212 11.48 -3.32 45.29
C TYR I 212 11.15 -4.66 45.91
N THR I 213 10.65 -4.62 47.15
CA THR I 213 10.51 -5.81 47.97
C THR I 213 9.07 -6.07 48.41
N ARG I 214 8.09 -5.47 47.75
CA ARG I 214 6.70 -5.73 48.15
C ARG I 214 6.17 -6.93 47.40
N PRO I 215 5.67 -7.96 48.08
CA PRO I 215 5.02 -9.07 47.38
C PRO I 215 3.81 -8.58 46.62
N ALA I 216 3.61 -9.18 45.44
CA ALA I 216 2.51 -8.74 44.59
C ALA I 216 1.15 -9.13 45.12
N TRP I 217 1.08 -10.01 46.12
CA TRP I 217 -0.17 -10.38 46.75
C TRP I 217 -0.47 -9.57 48.00
N TRP I 218 0.36 -8.59 48.33
CA TRP I 218 0.23 -7.88 49.60
C TRP I 218 -1.02 -7.01 49.60
N ARG I 219 -1.82 -7.12 50.66
CA ARG I 219 -3.01 -6.30 50.84
C ARG I 219 -2.91 -5.54 52.15
N GLY I 220 -3.20 -4.23 52.10
CA GLY I 220 -3.23 -3.44 53.31
C GLY I 220 -2.22 -2.32 53.35
N GLU I 221 -1.78 -1.96 54.56
CA GLU I 221 -0.87 -0.85 54.77
C GLU I 221 0.54 -1.38 55.03
N THR I 222 1.52 -0.71 54.44
CA THR I 222 2.93 -1.05 54.56
C THR I 222 3.50 -0.53 55.87
N PRO I 223 4.49 -1.21 56.43
CA PRO I 223 5.16 -0.68 57.62
C PRO I 223 5.80 0.66 57.37
N GLU I 224 5.79 1.51 58.39
CA GLU I 224 6.33 2.86 58.26
C GLU I 224 7.84 2.88 58.04
N THR I 225 8.54 1.79 58.38
CA THR I 225 9.98 1.75 58.23
C THR I 225 10.42 1.36 56.82
N HIS I 226 9.49 1.01 55.93
CA HIS I 226 9.83 0.58 54.58
C HIS I 226 8.89 1.18 53.54
N HIS I 227 8.37 2.39 53.77
CA HIS I 227 7.36 2.94 52.88
C HIS I 227 7.91 3.36 51.53
N TYR I 228 9.23 3.38 51.36
CA TYR I 228 9.84 3.64 50.06
C TYR I 228 10.19 2.35 49.31
N LEU I 229 10.64 1.32 50.03
CA LEU I 229 10.97 0.05 49.40
C LEU I 229 9.73 -0.79 49.10
N MET I 230 8.55 -0.33 49.50
CA MET I 230 7.29 -1.06 49.31
C MET I 230 6.34 -0.36 48.35
N LYS I 231 6.83 0.60 47.57
CA LYS I 231 5.90 1.41 46.80
C LYS I 231 5.40 0.72 45.54
N LYS I 232 6.08 -0.31 45.08
CA LYS I 232 5.68 -1.05 43.89
C LYS I 232 5.92 -2.53 44.13
N PRO I 233 5.16 -3.40 43.46
CA PRO I 233 5.37 -4.84 43.62
C PRO I 233 6.76 -5.26 43.19
N GLY I 234 7.30 -6.25 43.91
CA GLY I 234 8.65 -6.69 43.63
C GLY I 234 8.75 -8.07 43.01
N TYR I 235 7.90 -9.00 43.42
CA TYR I 235 7.96 -10.34 42.87
C TYR I 235 6.57 -10.98 42.95
N TYR I 236 6.39 -12.03 42.16
CA TYR I 236 5.09 -12.69 42.02
C TYR I 236 4.96 -13.83 43.04
N LEU I 237 3.79 -14.48 43.02
CA LEU I 237 3.53 -15.57 43.96
C LEU I 237 4.21 -16.86 43.53
N SER I 238 4.60 -16.96 42.26
CA SER I 238 5.27 -18.14 41.74
C SER I 238 6.74 -18.20 42.12
N GLU I 239 7.27 -17.17 42.77
CA GLU I 239 8.66 -17.12 43.16
C GLU I 239 8.84 -16.98 44.67
N GLU I 240 7.84 -17.36 45.46
CA GLU I 240 7.96 -17.26 46.90
C GLU I 240 8.99 -18.24 47.45
N ALA I 241 9.30 -19.30 46.69
CA ALA I 241 10.33 -20.24 47.09
C ALA I 241 11.72 -19.87 46.57
N TYR I 242 11.79 -19.19 45.43
CA TYR I 242 13.09 -18.80 44.89
C TYR I 242 13.67 -17.60 45.61
N ILE I 243 12.82 -16.71 46.13
CA ILE I 243 13.31 -15.54 46.83
C ILE I 243 13.75 -15.87 48.25
N ALA I 244 13.14 -16.87 48.89
CA ALA I 244 13.58 -17.28 50.21
C ALA I 244 15.01 -17.81 50.17
N ARG I 245 15.34 -18.63 49.16
CA ARG I 245 16.70 -19.11 49.01
C ARG I 245 17.65 -17.96 48.68
N LEU I 246 17.20 -16.98 47.89
CA LEU I 246 18.04 -15.82 47.60
C LEU I 246 18.37 -15.04 48.87
N ARG I 247 17.38 -14.86 49.74
CA ARG I 247 17.63 -14.17 51.00
C ARG I 247 18.53 -14.98 51.90
N LYS I 248 18.41 -16.31 51.87
CA LYS I 248 19.30 -17.14 52.68
C LYS I 248 20.75 -17.10 52.16
N GLU I 249 20.94 -17.03 50.85
CA GLU I 249 22.29 -17.03 50.29
C GLU I 249 22.99 -15.69 50.50
N LEU I 250 22.29 -14.58 50.30
CA LEU I 250 22.88 -13.25 50.35
C LEU I 250 22.75 -12.59 51.71
N ASN I 251 22.27 -13.31 52.72
CA ASN I 251 22.16 -12.81 54.09
C ASN I 251 21.34 -11.51 54.16
N LEU I 252 20.07 -11.63 53.75
CA LEU I 252 19.14 -10.51 53.78
C LEU I 252 17.96 -10.86 54.68
N ALA I 253 17.51 -9.87 55.43
CA ALA I 253 16.33 -10.04 56.27
C ALA I 253 15.07 -9.92 55.40
N LEU I 254 13.91 -10.11 56.01
CA LEU I 254 12.65 -9.92 55.29
C LEU I 254 12.49 -8.44 54.97
N TYR I 255 12.10 -8.16 53.72
CA TYR I 255 11.83 -6.79 53.27
C TYR I 255 13.11 -5.94 53.27
N SER I 256 14.18 -6.48 52.71
CA SER I 256 15.45 -5.77 52.60
C SER I 256 15.95 -5.79 51.17
N ARG I 257 16.88 -4.88 50.88
CA ARG I 257 17.42 -4.70 49.54
C ARG I 257 18.92 -4.97 49.53
N PHE I 258 19.38 -5.46 48.39
CA PHE I 258 20.81 -5.68 48.12
C PHE I 258 21.53 -4.33 48.02
N PRO I 259 22.77 -4.24 48.50
CA PRO I 259 23.45 -2.93 48.50
C PRO I 259 23.66 -2.32 47.12
N LEU I 260 24.30 -3.06 46.21
CA LEU I 260 24.67 -2.50 44.91
C LEU I 260 23.48 -1.99 44.12
N THR I 261 22.26 -2.47 44.42
CA THR I 261 21.07 -1.99 43.75
C THR I 261 20.90 -0.48 43.88
N TRP I 262 21.43 0.12 44.94
CA TRP I 262 21.30 1.56 45.09
C TRP I 262 22.05 2.32 44.00
N ILE I 263 23.14 1.75 43.49
CA ILE I 263 23.90 2.44 42.44
C ILE I 263 23.15 2.40 41.12
N MET I 264 22.67 1.22 40.72
CA MET I 264 21.92 1.09 39.48
C MET I 264 20.69 1.99 39.47
N GLU I 265 20.07 2.20 40.63
CA GLU I 265 18.93 3.11 40.70
C GLU I 265 19.35 4.55 40.45
N ALA I 266 20.53 4.95 40.93
CA ALA I 266 20.97 6.33 40.73
C ALA I 266 21.35 6.58 39.27
N ALA I 267 22.09 5.66 38.66
CA ALA I 267 22.50 5.84 37.27
C ALA I 267 21.31 5.97 36.34
N ASP I 268 20.21 5.28 36.64
CA ASP I 268 19.01 5.42 35.83
C ASP I 268 18.38 6.79 35.99
N ASP I 269 18.49 7.39 37.18
CA ASP I 269 17.86 8.69 37.41
C ASP I 269 18.63 9.83 36.75
N ILE I 270 19.94 9.70 36.62
CA ILE I 270 20.73 10.74 35.96
C ILE I 270 20.44 10.75 34.46
N SER I 271 20.37 9.57 33.85
CA SER I 271 20.07 9.45 32.42
C SER I 271 18.57 9.25 32.18
N TYR I 272 17.79 10.23 32.61
CA TYR I 272 16.33 10.16 32.49
C TYR I 272 15.75 11.07 31.42
N CYS I 273 16.08 12.36 31.50
CA CYS I 273 15.53 13.33 30.56
C CYS I 273 16.56 14.13 29.79
N VAL I 274 17.81 13.66 29.70
CA VAL I 274 18.80 14.36 28.88
C VAL I 274 18.80 13.88 27.43
N ALA I 275 18.44 12.62 27.18
CA ALA I 275 18.48 12.06 25.84
C ALA I 275 17.24 12.42 25.01
N ASP I 276 16.12 12.56 25.71
CA ASP I 276 14.83 12.92 25.11
C ASP I 276 14.93 14.27 24.43
N LEU I 277 15.58 15.21 25.10
CA LEU I 277 15.77 16.55 24.59
C LEU I 277 16.58 16.53 23.30
N GLU I 278 17.64 15.73 23.26
CA GLU I 278 18.42 15.59 22.03
C GLU I 278 17.60 14.96 20.93
N ASP I 279 16.78 13.96 21.25
CA ASP I 279 15.91 13.36 20.25
C ASP I 279 14.94 14.38 19.68
N ALA I 280 14.36 15.22 20.55
CA ALA I 280 13.44 16.26 20.09
C ALA I 280 14.15 17.27 19.20
N VAL I 281 15.36 17.67 19.59
CA VAL I 281 16.11 18.67 18.82
C VAL I 281 16.61 18.16 17.47
N GLU I 282 16.50 16.86 17.25
CA GLU I 282 16.94 16.27 15.99
C GLU I 282 15.75 15.66 15.26
N LYS I 283 14.56 16.04 15.69
CA LYS I 283 13.31 15.56 15.11
C LYS I 283 12.48 16.76 14.66
N ARG I 284 13.19 17.84 14.36
CA ARG I 284 12.61 19.10 13.90
C ARG I 284 11.56 19.72 14.81
N ILE I 285 11.58 19.41 16.10
CA ILE I 285 10.62 19.99 17.00
C ILE I 285 11.00 21.44 17.27
N PHE I 286 12.01 21.65 18.11
CA PHE I 286 12.45 23.01 18.40
C PHE I 286 13.94 23.18 18.14
N THR I 287 14.42 24.41 18.28
CA THR I 287 15.83 24.70 18.03
C THR I 287 16.59 24.87 19.33
N VAL I 288 17.91 24.83 19.23
CA VAL I 288 18.76 24.98 20.41
C VAL I 288 18.45 26.31 21.09
N GLU I 289 18.35 27.37 20.29
CA GLU I 289 18.03 28.70 20.84
C GLU I 289 16.77 28.68 21.68
N GLN I 290 15.75 28.00 21.17
CA GLN I 290 14.50 27.85 21.89
C GLN I 290 14.75 27.04 23.15
N LEU I 291 15.54 25.98 23.02
CA LEU I 291 15.87 25.13 24.16
C LEU I 291 16.64 25.93 25.19
N TYR I 292 17.56 26.78 24.74
CA TYR I 292 18.34 27.62 25.62
C TYR I 292 17.38 28.48 26.41
N HIS I 293 16.44 29.10 25.72
CA HIS I 293 15.48 30.00 26.34
C HIS I 293 14.54 29.29 27.31
N HIS I 294 14.18 28.05 27.00
CA HIS I 294 13.27 27.31 27.86
C HIS I 294 13.96 26.97 29.17
N LEU I 295 15.22 26.57 29.08
CA LEU I 295 15.99 26.23 30.27
C LEU I 295 16.24 27.46 31.11
N HIS I 296 16.70 28.56 30.50
CA HIS I 296 16.95 29.78 31.26
C HIS I 296 15.71 30.22 32.03
N GLU I 297 14.55 30.19 31.37
CA GLU I 297 13.33 30.62 32.03
C GLU I 297 12.80 29.55 32.97
N ALA I 298 13.51 28.42 33.02
CA ALA I 298 13.09 27.29 33.86
C ALA I 298 13.30 27.49 35.35
N TRP I 299 14.52 27.83 35.75
CA TRP I 299 14.87 28.02 37.16
C TRP I 299 13.90 28.93 37.90
N PHE I 308 21.27 29.60 37.42
CA PHE I 308 21.35 28.20 37.84
C PHE I 308 22.75 27.65 37.63
N SER I 309 23.60 27.89 38.62
CA SER I 309 24.99 27.43 38.65
C SER I 309 25.84 27.82 37.44
N LEU I 310 26.83 26.98 37.19
CA LEU I 310 27.78 27.16 36.10
C LEU I 310 27.92 25.82 35.39
N VAL I 311 26.82 25.09 35.34
CA VAL I 311 26.80 23.77 34.74
C VAL I 311 26.29 23.74 33.32
N VAL I 312 25.26 24.53 33.05
CA VAL I 312 24.63 24.55 31.73
C VAL I 312 25.10 25.73 30.88
N GLU I 313 25.45 26.86 31.49
CA GLU I 313 25.90 28.01 30.71
C GLU I 313 27.20 27.70 29.98
N ASN I 314 28.15 27.06 30.65
CA ASN I 314 29.48 26.86 30.09
C ASN I 314 29.48 25.96 28.86
N ALA I 315 28.44 25.16 28.64
CA ALA I 315 28.40 24.26 27.50
C ALA I 315 28.02 24.95 26.20
N TRP I 316 27.47 26.16 26.27
CA TRP I 316 27.07 26.87 25.05
C TRP I 316 28.28 27.37 24.28
N GLU I 317 29.26 27.93 24.99
CA GLU I 317 30.37 28.65 24.37
C GLU I 317 31.50 27.74 23.90
N SER I 327 29.70 21.45 14.06
CA SER I 327 28.33 21.94 14.24
C SER I 327 28.14 22.54 15.62
N THR I 328 26.89 22.77 15.99
CA THR I 328 26.55 23.30 17.30
C THR I 328 25.72 22.35 18.15
N GLU I 329 24.71 21.71 17.57
CA GLU I 329 23.91 20.75 18.32
C GLU I 329 24.75 19.56 18.75
N ASP I 330 25.64 19.10 17.87
CA ASP I 330 26.48 17.94 18.18
C ASP I 330 27.47 18.22 19.30
N GLN I 331 27.74 19.49 19.63
CA GLN I 331 28.73 19.82 20.63
C GLN I 331 28.17 20.71 21.74
N PHE I 332 26.85 20.74 21.91
CA PHE I 332 26.25 21.40 23.07
C PHE I 332 25.89 20.37 24.13
N PHE I 333 25.12 19.35 23.76
CA PHE I 333 24.84 18.26 24.68
C PHE I 333 26.13 17.52 25.03
N MET I 334 27.06 17.44 24.08
CA MET I 334 28.32 16.73 24.27
C MET I 334 29.15 17.33 25.39
N TYR I 335 28.89 18.57 25.77
CA TYR I 335 29.52 19.17 26.93
C TYR I 335 28.58 19.36 28.13
N LEU I 336 27.27 19.51 27.88
CA LEU I 336 26.33 19.58 28.99
C LEU I 336 26.30 18.26 29.77
N ARG I 337 26.39 17.13 29.06
CA ARG I 337 26.45 15.84 29.73
C ARG I 337 27.67 15.74 30.65
N VAL I 338 28.83 16.15 30.13
CA VAL I 338 30.05 16.09 30.93
C VAL I 338 29.94 17.01 32.14
N ASN I 339 29.40 18.22 31.94
CA ASN I 339 29.24 19.15 33.04
C ASN I 339 28.33 18.59 34.14
N THR I 340 27.21 17.98 33.75
CA THR I 340 26.30 17.45 34.77
C THR I 340 26.89 16.23 35.46
N LEU I 341 27.63 15.41 34.71
CA LEU I 341 28.25 14.22 35.31
C LEU I 341 29.29 14.61 36.35
N ASN I 342 30.18 15.55 36.01
CA ASN I 342 31.26 15.91 36.91
C ASN I 342 30.77 16.55 38.21
N LYS I 343 29.53 17.03 38.24
CA LYS I 343 28.97 17.60 39.46
C LYS I 343 27.96 16.70 40.15
N LEU I 344 27.47 15.65 39.48
CA LEU I 344 26.51 14.76 40.11
C LEU I 344 27.12 13.45 40.61
N VAL I 345 28.11 12.89 39.92
CA VAL I 345 28.67 11.59 40.32
C VAL I 345 29.33 11.64 41.69
N PRO I 346 30.21 12.61 41.99
CA PRO I 346 30.83 12.64 43.32
C PRO I 346 29.83 12.77 44.45
N TYR I 347 28.72 13.48 44.24
CA TYR I 347 27.69 13.56 45.27
C TYR I 347 27.10 12.19 45.56
N ALA I 348 26.83 11.40 44.51
CA ALA I 348 26.32 10.05 44.70
C ALA I 348 27.33 9.18 45.43
N ALA I 349 28.61 9.29 45.08
CA ALA I 349 29.64 8.51 45.77
C ALA I 349 29.70 8.88 47.25
N GLN I 350 29.64 10.18 47.56
CA GLN I 350 29.68 10.62 48.95
C GLN I 350 28.46 10.13 49.72
N ARG I 351 27.28 10.17 49.09
CA ARG I 351 26.08 9.68 49.75
C ARG I 351 26.16 8.18 50.02
N PHE I 352 26.73 7.42 49.08
CA PHE I 352 26.91 5.99 49.29
C PHE I 352 27.87 5.72 50.44
N ILE I 353 28.98 6.45 50.50
CA ILE I 353 29.97 6.19 51.54
C ILE I 353 29.47 6.62 52.92
N ASP I 354 28.78 7.77 53.00
CA ASP I 354 28.35 8.27 54.30
C ASP I 354 27.33 7.34 54.95
N ASN I 355 26.32 6.91 54.21
CA ASN I 355 25.27 6.02 54.72
C ASN I 355 25.59 4.56 54.44
N LEU I 356 26.78 4.12 54.84
CA LEU I 356 27.19 2.77 54.48
C LEU I 356 26.59 1.69 55.39
N PRO I 357 26.57 1.85 56.72
CA PRO I 357 25.99 0.78 57.55
C PRO I 357 24.52 0.50 57.26
N ALA I 358 23.72 1.55 57.06
CA ALA I 358 22.30 1.35 56.78
C ALA I 358 22.09 0.68 55.44
N ILE I 359 22.86 1.07 54.43
CA ILE I 359 22.75 0.44 53.11
C ILE I 359 23.18 -1.02 53.19
N PHE I 360 24.26 -1.30 53.91
CA PHE I 360 24.74 -2.67 54.04
C PHE I 360 23.72 -3.55 54.77
N ALA I 361 23.04 -2.99 55.77
CA ALA I 361 21.97 -3.74 56.43
C ALA I 361 20.77 -3.94 55.51
N GLY I 362 20.64 -3.13 54.46
CA GLY I 362 19.53 -3.25 53.54
C GLY I 362 18.27 -2.55 53.95
N THR I 363 18.32 -1.69 54.97
CA THR I 363 17.13 -1.03 55.49
C THR I 363 17.13 0.48 55.29
N PHE I 364 17.98 1.01 54.41
CA PHE I 364 17.97 2.43 54.10
C PHE I 364 16.71 2.77 53.33
N ASN I 365 16.01 3.83 53.75
CA ASN I 365 14.68 4.14 53.26
C ASN I 365 14.62 5.39 52.39
N HIS I 366 15.70 5.67 51.65
CA HIS I 366 15.74 6.82 50.75
C HIS I 366 16.47 6.42 49.49
N ALA I 367 16.67 7.39 48.61
CA ALA I 367 17.52 7.26 47.44
C ALA I 367 18.70 8.19 47.56
N LEU I 368 19.77 7.88 46.83
CA LEU I 368 21.00 8.67 46.94
C LEU I 368 20.78 10.10 46.45
N LEU I 369 19.86 10.30 45.51
CA LEU I 369 19.58 11.64 45.00
C LEU I 369 18.15 12.06 45.31
N ALA I 372 16.79 17.23 48.41
CA ALA I 372 16.69 18.44 49.21
C ALA I 372 17.96 19.28 49.10
N SER I 373 18.74 19.03 48.05
CA SER I 373 19.98 19.75 47.80
C SER I 373 19.92 20.45 46.45
N GLU I 374 20.94 21.26 46.18
CA GLU I 374 21.01 21.96 44.89
C GLU I 374 21.24 21.01 43.74
N CYS I 375 21.81 19.83 44.00
CA CYS I 375 22.02 18.87 42.93
C CYS I 375 20.73 18.20 42.48
N SER I 376 19.72 18.14 43.36
CA SER I 376 18.44 17.55 42.99
C SER I 376 17.55 18.52 42.21
N ASP I 377 17.82 19.81 42.24
CA ASP I 377 17.04 20.78 41.49
C ASP I 377 17.34 20.76 40.00
N LEU I 378 18.61 20.55 39.64
CA LEU I 378 18.99 20.49 38.23
C LEU I 378 18.27 19.37 37.49
N LEU I 379 18.05 18.23 38.13
CA LEU I 379 17.33 17.13 37.51
C LEU I 379 15.86 17.47 37.33
N LYS I 380 15.25 18.09 38.35
CA LYS I 380 13.86 18.52 38.24
C LYS I 380 13.69 19.53 37.11
N LEU I 381 14.71 20.34 36.85
CA LEU I 381 14.66 21.28 35.73
C LEU I 381 14.46 20.55 34.41
N TYR I 382 15.31 19.57 34.12
CA TYR I 382 15.17 18.81 32.88
C TYR I 382 13.84 18.08 32.84
N LYS I 383 13.42 17.51 33.97
CA LYS I 383 12.17 16.77 34.00
C LYS I 383 10.98 17.67 33.65
N ASN I 384 10.96 18.88 34.23
CA ASN I 384 9.88 19.81 33.94
C ASN I 384 9.89 20.26 32.48
N VAL I 385 11.06 20.56 31.94
CA VAL I 385 11.12 20.99 30.54
C VAL I 385 10.63 19.87 29.62
N ALA I 386 11.05 18.64 29.89
CA ALA I 386 10.62 17.52 29.05
C ALA I 386 9.12 17.28 29.17
N VAL I 387 8.57 17.39 30.38
CA VAL I 387 7.14 17.19 30.56
C VAL I 387 6.35 18.27 29.82
N LYS I 388 6.81 19.52 29.89
CA LYS I 388 6.07 20.62 29.30
C LYS I 388 6.17 20.69 27.78
N HIS I 389 7.31 20.33 27.18
CA HIS I 389 7.51 20.59 25.77
C HIS I 389 7.76 19.37 24.89
N VAL I 390 7.95 18.17 25.46
CA VAL I 390 8.26 16.99 24.69
C VAL I 390 7.20 15.91 24.84
N PHE I 391 6.84 15.58 26.08
CA PHE I 391 5.89 14.51 26.35
C PHE I 391 4.45 14.93 26.11
N SER I 392 4.21 16.09 25.51
CA SER I 392 2.87 16.54 25.17
C SER I 392 2.66 16.73 23.69
N HIS I 393 3.63 16.35 22.86
CA HIS I 393 3.47 16.45 21.42
C HIS I 393 2.38 15.52 20.95
N PRO I 394 1.61 15.92 19.93
CA PRO I 394 0.48 15.07 19.48
C PRO I 394 0.89 13.67 19.05
N ASP I 395 2.08 13.50 18.45
CA ASP I 395 2.48 12.19 17.97
C ASP I 395 2.81 11.21 19.09
N VAL I 396 3.31 11.70 20.23
CA VAL I 396 3.60 10.81 21.35
C VAL I 396 2.29 10.31 21.96
N GLU I 397 1.29 11.17 22.08
CA GLU I 397 0.04 10.80 22.74
C GLU I 397 -0.81 9.83 21.93
N ARG I 398 -0.74 9.88 20.60
CA ARG I 398 -1.56 8.99 19.78
C ARG I 398 -1.09 7.55 19.87
N LEU I 399 0.23 7.36 19.94
CA LEU I 399 0.84 6.06 20.03
C LEU I 399 0.62 5.43 21.39
N GLU I 400 0.03 6.21 22.29
CA GLU I 400 -0.26 5.72 23.63
C GLU I 400 -1.71 5.27 23.69
N LEU I 401 -2.52 5.71 22.74
CA LEU I 401 -3.92 5.34 22.68
C LEU I 401 -4.05 4.13 21.77
N GLN I 402 -3.16 4.05 20.79
CA GLN I 402 -3.12 2.90 19.87
C GLN I 402 -2.59 1.65 20.56
N GLY I 403 -1.55 1.79 21.38
CA GLY I 403 -1.03 0.65 22.11
C GLY I 403 -2.01 0.09 23.13
N TYR I 404 -2.70 0.98 23.84
CA TYR I 404 -3.76 0.53 24.74
C TYR I 404 -4.78 -0.31 23.99
N ARG I 405 -5.25 0.20 22.85
CA ARG I 405 -6.25 -0.53 22.06
C ARG I 405 -5.71 -1.88 21.59
N VAL I 406 -4.46 -1.92 21.13
CA VAL I 406 -3.91 -3.15 20.58
C VAL I 406 -3.77 -4.21 21.65
N ILE I 407 -3.25 -3.84 22.83
CA ILE I 407 -3.09 -4.84 23.89
C ILE I 407 -4.44 -5.31 24.40
N SER I 408 -5.40 -4.39 24.55
CA SER I 408 -6.73 -4.81 24.99
C SER I 408 -7.38 -5.75 23.97
N GLY I 409 -7.20 -5.49 22.68
CA GLY I 409 -7.72 -6.37 21.66
C GLY I 409 -7.08 -7.73 21.63
N LEU I 410 -5.76 -7.78 21.78
CA LEU I 410 -5.06 -9.06 21.79
C LEU I 410 -5.45 -9.90 23.01
N LEU I 411 -5.72 -9.26 24.14
CA LEU I 411 -6.13 -10.03 25.31
C LEU I 411 -7.51 -10.66 25.14
N GLU I 412 -8.32 -10.14 24.22
CA GLU I 412 -9.67 -10.64 24.02
C GLU I 412 -9.77 -11.76 23.00
N ILE I 413 -8.80 -11.86 22.10
CA ILE I 413 -8.79 -12.96 21.12
C ILE I 413 -8.53 -14.29 21.82
N TYR I 414 -7.65 -14.29 22.83
CA TYR I 414 -7.26 -15.50 23.54
C TYR I 414 -8.15 -15.78 24.75
N ARG I 415 -9.26 -15.07 24.90
CA ARG I 415 -10.24 -15.32 25.93
C ARG I 415 -10.79 -16.75 25.91
N PRO I 416 -11.05 -17.35 24.73
CA PRO I 416 -11.53 -18.74 24.72
C PRO I 416 -10.65 -19.72 25.47
N LEU I 417 -9.33 -19.53 25.46
CA LEU I 417 -8.44 -20.43 26.19
C LEU I 417 -8.66 -20.37 27.69
N LEU I 418 -9.20 -19.26 28.20
CA LEU I 418 -9.42 -19.11 29.63
C LEU I 418 -10.81 -19.58 30.05
N SER I 419 -11.63 -20.06 29.13
CA SER I 419 -12.97 -20.52 29.45
C SER I 419 -13.12 -22.03 29.47
N LEU I 420 -12.08 -22.77 29.11
CA LEU I 420 -12.16 -24.22 29.08
C LEU I 420 -12.11 -24.78 30.50
N SER I 421 -12.29 -26.09 30.60
CA SER I 421 -12.23 -26.81 31.87
C SER I 421 -10.84 -27.39 32.05
N LEU I 422 -10.59 -27.87 33.27
CA LEU I 422 -9.27 -28.44 33.57
C LEU I 422 -9.01 -29.68 32.72
N SER I 423 -9.99 -30.57 32.61
CA SER I 423 -9.81 -31.77 31.82
C SER I 423 -9.62 -31.45 30.35
N ASP I 424 -10.38 -30.48 29.83
CA ASP I 424 -10.25 -30.10 28.42
C ASP I 424 -8.87 -29.54 28.13
N PHE I 425 -8.37 -28.64 28.98
CA PHE I 425 -7.05 -28.07 28.74
C PHE I 425 -5.96 -29.12 28.91
N THR I 426 -6.12 -30.04 29.85
CA THR I 426 -5.15 -31.12 30.01
C THR I 426 -5.10 -32.00 28.76
N GLU I 427 -6.28 -32.36 28.23
CA GLU I 427 -6.31 -33.17 27.02
C GLU I 427 -5.70 -32.41 25.85
N LEU I 428 -5.97 -31.11 25.77
CA LEU I 428 -5.42 -30.30 24.68
C LEU I 428 -3.89 -30.23 24.75
N VAL I 429 -3.33 -30.05 25.95
CA VAL I 429 -1.89 -29.93 26.07
C VAL I 429 -1.21 -31.29 25.89
N GLU I 430 -1.92 -32.38 26.23
CA GLU I 430 -1.33 -33.70 26.08
C GLU I 430 -1.37 -34.20 24.64
N LYS I 431 -2.59 -34.34 24.09
CA LYS I 431 -2.73 -34.97 22.78
C LYS I 431 -2.22 -34.09 21.65
N GLU I 432 -2.45 -32.78 21.74
CA GLU I 432 -2.04 -31.77 20.76
C GLU I 432 -2.75 -31.91 19.41
N ARG I 433 -3.74 -32.80 19.31
CA ARG I 433 -4.57 -32.90 18.09
C ARG I 433 -5.95 -33.37 18.55
N VAL I 434 -6.85 -32.41 18.75
CA VAL I 434 -8.16 -32.65 19.34
C VAL I 434 -9.23 -32.38 18.30
N LYS I 435 -10.15 -33.32 18.14
CA LYS I 435 -11.25 -33.20 17.20
C LYS I 435 -12.49 -32.57 17.83
N ARG I 436 -12.43 -32.19 19.09
CA ARG I 436 -13.55 -31.56 19.76
C ARG I 436 -13.46 -30.05 19.83
N PHE I 437 -12.24 -29.49 19.75
CA PHE I 437 -12.01 -28.06 19.85
C PHE I 437 -11.21 -27.61 18.64
N PRO I 438 -11.86 -27.32 17.51
CA PRO I 438 -11.11 -26.91 16.32
C PRO I 438 -10.52 -25.51 16.42
N ILE I 439 -11.13 -24.59 17.16
CA ILE I 439 -10.63 -23.22 17.24
C ILE I 439 -9.59 -23.07 18.35
N GLU I 440 -9.87 -23.62 19.53
CA GLU I 440 -8.95 -23.47 20.64
C GLU I 440 -7.64 -24.21 20.43
N SER I 441 -7.68 -25.35 19.71
CA SER I 441 -6.46 -26.10 19.45
C SER I 441 -5.50 -25.34 18.55
N ARG I 442 -6.02 -24.44 17.71
CA ARG I 442 -5.16 -23.64 16.85
C ARG I 442 -4.65 -22.37 17.53
N LEU I 443 -5.41 -21.85 18.49
CA LEU I 443 -4.92 -20.72 19.28
C LEU I 443 -3.79 -21.14 20.20
N PHE I 444 -3.84 -22.36 20.71
CA PHE I 444 -2.83 -22.83 21.65
C PHE I 444 -1.49 -23.05 20.96
N HIS I 445 -1.50 -23.39 19.67
CA HIS I 445 -0.26 -23.67 18.97
C HIS I 445 0.52 -22.43 18.59
N LYS I 446 -0.06 -21.23 18.77
CA LYS I 446 0.68 -20.01 18.49
C LYS I 446 1.54 -19.54 19.65
N LEU I 447 1.32 -20.09 20.85
CA LEU I 447 2.17 -19.74 21.99
C LEU I 447 3.57 -20.31 21.79
N SER I 448 4.57 -19.56 22.25
CA SER I 448 5.95 -19.96 22.08
C SER I 448 6.24 -21.23 22.86
N THR I 449 7.23 -21.99 22.38
CA THR I 449 7.51 -23.31 22.95
C THR I 449 7.96 -23.21 24.40
N ARG I 450 8.86 -22.25 24.69
CA ARG I 450 9.42 -22.16 26.03
C ARG I 450 8.35 -21.86 27.08
N HIS I 451 7.34 -21.06 26.72
CA HIS I 451 6.24 -20.81 27.64
C HIS I 451 5.46 -22.07 27.96
N ARG I 452 5.23 -22.92 26.95
CA ARG I 452 4.50 -24.17 27.19
C ARG I 452 5.32 -25.13 28.05
N LEU I 453 6.63 -25.22 27.82
CA LEU I 453 7.46 -26.03 28.71
C LEU I 453 7.44 -25.48 30.14
N ALA I 454 7.46 -24.16 30.29
CA ALA I 454 7.38 -23.57 31.63
C ALA I 454 6.08 -23.98 32.31
N TYR I 455 4.98 -23.96 31.57
CA TYR I 455 3.71 -24.34 32.15
C TYR I 455 3.69 -25.81 32.54
N VAL I 456 4.23 -26.67 31.68
CA VAL I 456 4.23 -28.10 31.97
C VAL I 456 5.07 -28.40 33.20
N GLU I 457 6.27 -27.81 33.28
CA GLU I 457 7.12 -28.03 34.44
C GLU I 457 6.50 -27.49 35.71
N ALA I 458 5.85 -26.33 35.65
CA ALA I 458 5.20 -25.80 36.84
C ALA I 458 4.06 -26.68 37.31
N VAL I 459 3.27 -27.24 36.39
CA VAL I 459 2.14 -28.06 36.79
C VAL I 459 2.59 -29.42 37.30
N SER I 460 3.67 -29.98 36.75
CA SER I 460 4.08 -31.34 37.10
C SER I 460 4.66 -31.45 38.52
N LYS I 461 4.70 -30.36 39.30
CA LYS I 461 5.24 -30.40 40.64
C LYS I 461 4.16 -30.27 41.71
N LEU I 462 2.91 -30.35 41.33
CA LEU I 462 1.86 -30.17 42.32
C LEU I 462 1.25 -31.51 42.69
N PRO I 463 0.72 -31.65 43.91
CA PRO I 463 0.05 -32.91 44.28
C PRO I 463 -1.33 -33.02 43.66
N SER I 464 -1.52 -34.04 42.81
CA SER I 464 -2.80 -34.21 42.13
C SER I 464 -3.93 -34.48 43.10
N ASP I 465 -3.68 -35.25 44.16
CA ASP I 465 -4.70 -35.58 45.14
C ASP I 465 -4.72 -34.47 46.20
N SER I 466 -5.26 -33.32 45.81
CA SER I 466 -5.35 -32.18 46.70
C SER I 466 -6.49 -31.28 46.23
N PRO I 467 -7.23 -30.66 47.14
CA PRO I 467 -8.34 -29.80 46.73
C PRO I 467 -7.90 -28.47 46.14
N GLU I 468 -6.61 -28.12 46.20
CA GLU I 468 -6.12 -26.84 45.72
C GLU I 468 -5.53 -26.91 44.31
N PHE I 469 -5.63 -28.06 43.65
CA PHE I 469 -5.10 -28.23 42.30
C PHE I 469 -5.73 -27.28 41.26
N PRO I 470 -7.06 -27.16 41.16
CA PRO I 470 -7.62 -26.27 40.13
C PRO I 470 -7.19 -24.82 40.28
N LEU I 471 -7.04 -24.35 41.51
CA LEU I 471 -6.66 -22.96 41.75
C LEU I 471 -5.27 -22.69 41.18
N TRP I 472 -4.31 -23.56 41.49
CA TRP I 472 -2.96 -23.39 40.97
C TRP I 472 -2.92 -23.55 39.46
N GLU I 473 -3.71 -24.49 38.93
CA GLU I 473 -3.74 -24.65 37.47
C GLU I 473 -4.22 -23.38 36.78
N TYR I 474 -5.29 -22.77 37.30
CA TYR I 474 -5.78 -21.54 36.71
C TYR I 474 -4.76 -20.42 36.83
N TYR I 475 -4.10 -20.32 38.00
CA TYR I 475 -3.09 -19.29 38.19
C TYR I 475 -1.97 -19.42 37.16
N TYR I 476 -1.49 -20.64 36.95
CA TYR I 476 -0.40 -20.85 36.01
C TYR I 476 -0.84 -20.62 34.58
N ARG I 477 -2.09 -20.95 34.24
CA ARG I 477 -2.59 -20.65 32.90
C ARG I 477 -2.61 -19.15 32.64
N CYS I 478 -3.11 -18.38 33.62
CA CYS I 478 -3.12 -16.93 33.46
C CYS I 478 -1.70 -16.38 33.35
N ARG I 479 -0.77 -16.94 34.10
CA ARG I 479 0.60 -16.46 34.02
C ARG I 479 1.15 -16.75 32.64
N LEU I 480 0.87 -17.93 32.12
CA LEU I 480 1.33 -18.27 30.77
C LEU I 480 0.82 -17.25 29.74
N LEU I 481 -0.47 -16.91 29.82
CA LEU I 481 -1.00 -15.92 28.89
C LEU I 481 -0.31 -14.56 29.05
N GLN I 482 -0.11 -14.14 30.29
CA GLN I 482 0.55 -12.85 30.54
C GLN I 482 1.98 -12.85 30.02
N ASP I 483 2.71 -13.95 30.22
CA ASP I 483 4.08 -14.03 29.72
C ASP I 483 4.11 -13.95 28.20
N TYR I 484 3.18 -14.64 27.53
CA TYR I 484 3.15 -14.57 26.07
C TYR I 484 2.86 -13.15 25.60
N ILE I 485 1.91 -12.46 26.23
CA ILE I 485 1.58 -11.11 25.79
C ILE I 485 2.75 -10.17 26.03
N SER I 486 3.40 -10.26 27.19
CA SER I 486 4.46 -9.32 27.54
C SER I 486 5.79 -9.65 26.89
N GLY I 487 5.93 -10.82 26.27
CA GLY I 487 7.19 -11.15 25.63
C GLY I 487 7.36 -10.71 24.20
N MET I 488 6.51 -9.81 23.71
CA MET I 488 6.55 -9.38 22.31
C MET I 488 7.29 -8.07 22.15
N THR I 489 7.39 -7.63 20.90
CA THR I 489 7.80 -6.29 20.53
C THR I 489 6.57 -5.48 20.12
N ASP I 490 6.78 -4.19 20.00
CA ASP I 490 5.71 -3.28 19.63
C ASP I 490 5.27 -3.45 18.21
N LEU I 491 6.13 -3.94 17.36
CA LEU I 491 5.81 -4.15 15.96
C LEU I 491 5.17 -5.50 15.69
N TYR I 492 5.69 -6.56 16.31
CA TYR I 492 5.12 -7.90 16.15
C TYR I 492 3.71 -7.96 16.70
N ALA I 493 3.47 -7.35 17.86
CA ALA I 493 2.11 -7.32 18.42
C ALA I 493 1.16 -6.55 17.53
N TRP I 494 1.62 -5.43 16.97
CA TRP I 494 0.78 -4.64 16.08
C TRP I 494 0.43 -5.43 14.82
N ASP I 495 1.40 -6.12 14.25
CA ASP I 495 1.15 -6.91 13.06
C ASP I 495 0.22 -8.09 13.35
N GLU I 496 0.45 -8.80 14.45
CA GLU I 496 -0.43 -9.90 14.82
C GLU I 496 -1.84 -9.41 15.08
N TYR I 497 -1.99 -8.23 15.68
CA TYR I 497 -3.32 -7.70 15.92
C TYR I 497 -4.05 -7.39 14.62
N ARG I 498 -3.34 -6.88 13.63
CA ARG I 498 -3.99 -6.61 12.37
C ARG I 498 -4.31 -7.89 11.62
N ARG I 499 -3.44 -8.89 11.73
CA ARG I 499 -3.63 -10.14 11.01
C ARG I 499 -4.75 -10.99 11.59
N LEU I 500 -4.86 -11.07 12.91
CA LEU I 500 -5.88 -11.90 13.53
C LEU I 500 -7.28 -11.31 13.44
N MET I 501 -7.41 -10.04 13.04
CA MET I 501 -8.70 -9.41 12.87
C MET I 501 -9.13 -9.33 11.42
N ALA I 502 -8.45 -10.04 10.52
CA ALA I 502 -8.81 -10.10 9.10
C ALA I 502 -8.83 -8.71 8.46
N VAL I 503 -7.82 -7.91 8.76
CA VAL I 503 -7.68 -6.58 8.18
C VAL I 503 -6.58 -6.60 7.13
N GLU I 504 -5.45 -7.21 7.45
CA GLU I 504 -4.35 -7.31 6.50
C GLU I 504 -4.34 -8.70 5.85
N GLN J 3 64.49 -2.46 23.56
CA GLN J 3 63.87 -2.55 24.88
C GLN J 3 62.39 -2.18 24.81
N ILE J 4 61.52 -3.10 25.19
CA ILE J 4 60.08 -2.87 25.14
C ILE J 4 59.69 -1.94 26.29
N ASP J 5 58.96 -0.88 25.95
CA ASP J 5 58.48 0.08 26.94
C ASP J 5 57.15 0.61 26.44
N PHE J 6 56.07 0.28 27.14
CA PHE J 6 54.74 0.65 26.71
C PHE J 6 54.35 2.07 27.10
N ARG J 7 55.19 2.77 27.86
CA ARG J 7 54.93 4.16 28.17
C ARG J 7 55.13 5.08 26.97
N LYS J 8 55.98 4.69 26.03
CA LYS J 8 56.20 5.45 24.81
C LYS J 8 55.18 5.14 23.73
N LYS J 9 54.25 4.23 23.97
CA LYS J 9 53.21 3.88 23.03
C LYS J 9 51.82 4.33 23.47
N ILE J 10 51.52 4.27 24.76
CA ILE J 10 50.23 4.73 25.27
C ILE J 10 50.29 6.23 25.48
N ASN J 11 49.93 6.99 24.47
CA ASN J 11 49.97 8.44 24.52
C ASN J 11 48.59 8.98 24.87
N TRP J 12 48.52 9.84 25.88
CA TRP J 12 47.24 10.39 26.34
C TRP J 12 47.08 11.86 25.98
N HIS J 13 47.86 12.35 25.02
CA HIS J 13 47.69 13.71 24.54
C HIS J 13 46.64 13.76 23.43
N ARG J 14 46.18 14.96 23.14
CA ARG J 14 45.16 15.20 22.13
C ARG J 14 45.71 16.12 21.05
N ARG J 15 44.87 16.42 20.06
CA ARG J 15 45.23 17.31 18.96
C ARG J 15 44.88 18.76 19.26
N TYR J 16 43.73 19.01 19.86
CA TYR J 16 43.30 20.36 20.23
C TYR J 16 43.09 20.41 21.74
N ARG J 17 43.61 21.46 22.37
CA ARG J 17 43.48 21.67 23.80
C ARG J 17 44.00 20.48 24.59
N SER J 18 45.14 19.96 24.15
CA SER J 18 45.70 18.78 24.78
C SER J 18 46.14 19.08 26.21
N PRO J 19 45.97 18.12 27.13
CA PRO J 19 46.46 18.33 28.49
C PRO J 19 47.97 18.15 28.55
N GLN J 20 48.61 19.03 29.32
CA GLN J 20 50.07 19.06 29.42
C GLN J 20 50.50 18.92 30.88
N GLY J 21 51.76 18.54 31.06
CA GLY J 21 52.32 18.37 32.38
C GLY J 21 52.56 16.92 32.77
N VAL J 22 52.59 16.66 34.07
CA VAL J 22 52.80 15.31 34.61
C VAL J 22 51.54 14.89 35.34
N LYS J 23 51.13 13.65 35.12
CA LYS J 23 49.86 13.15 35.64
C LYS J 23 50.11 11.91 36.48
N THR J 24 49.06 11.48 37.18
CA THR J 24 49.07 10.27 37.99
C THR J 24 48.12 9.24 37.39
N GLU J 25 48.00 8.09 38.06
CA GLU J 25 47.16 7.02 37.56
C GLU J 25 45.69 7.43 37.49
N HIS J 26 45.19 8.10 38.52
CA HIS J 26 43.78 8.50 38.56
C HIS J 26 43.46 9.47 37.42
N GLU J 27 44.34 10.44 37.18
CA GLU J 27 44.12 11.40 36.11
C GLU J 27 44.14 10.74 34.74
N ILE J 28 45.06 9.80 34.51
CA ILE J 28 45.10 9.09 33.24
C ILE J 28 43.83 8.27 33.04
N LEU J 29 43.37 7.59 34.09
CA LEU J 29 42.13 6.83 33.98
C LEU J 29 40.95 7.74 33.68
N ARG J 30 40.90 8.91 34.33
CA ARG J 30 39.85 9.88 34.03
C ARG J 30 39.91 10.36 32.59
N ILE J 31 41.11 10.59 32.07
CA ILE J 31 41.26 11.00 30.68
C ILE J 31 40.71 9.94 29.74
N PHE J 32 41.04 8.67 29.99
CA PHE J 32 40.60 7.61 29.10
C PHE J 32 39.14 7.24 29.26
N GLU J 33 38.52 7.56 30.40
CA GLU J 33 37.08 7.31 30.52
C GLU J 33 36.24 8.31 29.73
N SER J 34 36.72 9.54 29.63
CA SER J 34 36.02 10.54 28.83
C SER J 34 35.97 10.15 27.37
N ASP J 35 36.99 9.45 26.86
CA ASP J 35 36.96 8.97 25.49
C ASP J 35 35.82 7.99 25.28
N ARG J 36 35.64 7.07 26.23
CA ARG J 36 34.49 6.16 26.16
C ARG J 36 33.19 6.93 26.19
N GLY J 37 33.11 7.93 27.07
CA GLY J 37 31.89 8.74 27.14
C GLY J 37 31.58 9.42 25.82
N ARG J 38 32.60 9.92 25.14
CA ARG J 38 32.38 10.58 23.86
C ARG J 38 31.95 9.58 22.80
N ILE J 39 32.62 8.43 22.73
CA ILE J 39 32.35 7.48 21.66
C ILE J 39 30.97 6.87 21.81
N ILE J 40 30.57 6.49 23.02
CA ILE J 40 29.32 5.77 23.20
C ILE J 40 28.11 6.64 22.88
N ASN J 41 28.16 7.93 23.19
CA ASN J 41 27.03 8.84 22.97
C ASN J 41 27.16 9.61 21.67
N SER J 42 27.72 8.99 20.64
CA SER J 42 27.94 9.63 19.35
C SER J 42 26.89 9.18 18.34
N PRO J 43 26.48 10.05 17.42
CA PRO J 43 25.50 9.64 16.40
C PRO J 43 25.99 8.50 15.51
N ALA J 44 27.30 8.41 15.27
CA ALA J 44 27.81 7.35 14.40
C ALA J 44 27.57 5.97 14.99
N ILE J 45 27.75 5.82 16.30
CA ILE J 45 27.48 4.54 16.94
C ILE J 45 25.99 4.24 16.98
N ARG J 46 25.17 5.26 17.21
CA ARG J 46 23.72 5.05 17.24
C ARG J 46 23.21 4.60 15.88
N ARG J 47 23.77 5.15 14.79
CA ARG J 47 23.31 4.82 13.46
C ARG J 47 23.52 3.35 13.10
N LEU J 48 24.36 2.64 13.85
CA LEU J 48 24.70 1.27 13.51
C LEU J 48 23.55 0.30 13.72
N GLN J 49 22.50 0.71 14.42
CA GLN J 49 21.38 -0.18 14.69
C GLN J 49 20.37 -0.21 13.54
N GLN J 50 20.67 0.47 12.44
CA GLN J 50 19.84 0.41 11.23
C GLN J 50 20.62 -0.08 10.03
N LYS J 51 21.76 -0.75 10.25
CA LYS J 51 22.56 -1.33 9.18
C LYS J 51 22.53 -2.84 9.27
N THR J 52 22.36 -3.49 8.12
CA THR J 52 22.20 -4.93 8.05
C THR J 52 23.55 -5.63 8.03
N GLN J 53 23.67 -6.67 8.86
CA GLN J 53 24.88 -7.51 8.87
C GLN J 53 24.79 -8.57 7.79
N VAL J 54 23.80 -9.47 7.88
CA VAL J 54 23.60 -10.52 6.89
C VAL J 54 22.15 -10.50 6.40
N PHE J 55 21.22 -10.63 7.35
CA PHE J 55 19.79 -10.69 7.02
C PHE J 55 19.12 -9.37 7.32
N PRO J 56 18.30 -8.84 6.40
CA PRO J 56 17.64 -7.54 6.56
C PRO J 56 16.59 -7.52 7.65
N ALA J 62 14.65 -10.61 15.75
CA ALA J 62 15.76 -10.85 16.66
C ALA J 62 17.01 -11.25 15.89
N VAL J 63 17.25 -10.60 14.76
CA VAL J 63 18.44 -10.82 13.96
C VAL J 63 19.45 -9.73 14.29
N ARG J 64 20.72 -10.04 14.07
CA ARG J 64 21.80 -9.18 14.52
C ARG J 64 22.02 -8.01 13.56
N THR J 65 22.16 -6.82 14.14
CA THR J 65 22.59 -5.63 13.43
C THR J 65 24.09 -5.48 13.62
N ARG J 66 24.63 -4.35 13.18
CA ARG J 66 26.05 -4.13 13.32
C ARG J 66 26.43 -3.74 14.75
N LEU J 67 25.48 -3.21 15.50
CA LEU J 67 25.74 -2.81 16.87
C LEU J 67 25.91 -4.02 17.80
N THR J 68 25.02 -5.01 17.68
CA THR J 68 25.12 -6.21 18.51
C THR J 68 26.36 -7.04 18.20
N HIS J 69 26.76 -7.12 16.93
CA HIS J 69 27.96 -7.85 16.56
C HIS J 69 29.22 -7.19 17.12
N SER J 70 29.25 -5.85 17.08
CA SER J 70 30.33 -5.11 17.72
C SER J 70 30.33 -5.31 19.23
N MET J 71 29.17 -5.39 19.87
CA MET J 71 29.11 -5.67 21.30
C MET J 71 29.61 -7.06 21.68
N GLU J 72 29.69 -7.99 20.72
CA GLU J 72 30.29 -9.29 21.00
C GLU J 72 31.79 -9.28 20.73
N VAL J 73 32.21 -8.59 19.66
CA VAL J 73 33.64 -8.43 19.39
C VAL J 73 34.31 -7.73 20.56
N GLN J 74 33.62 -6.77 21.17
CA GLN J 74 34.16 -6.06 22.31
C GLN J 74 34.44 -6.98 23.49
N GLN J 75 33.49 -7.88 23.79
CA GLN J 75 33.69 -8.83 24.88
C GLN J 75 34.85 -9.78 24.58
N VAL J 76 34.93 -10.27 23.35
CA VAL J 76 36.04 -11.19 23.02
C VAL J 76 37.38 -10.49 23.17
N GLY J 77 37.50 -9.26 22.67
CA GLY J 77 38.74 -8.52 22.80
C GLY J 77 39.11 -8.22 24.23
N ARG J 78 38.13 -7.85 25.06
CA ARG J 78 38.39 -7.61 26.47
C ARG J 78 38.91 -8.87 27.16
N TYR J 79 38.30 -10.02 26.86
CA TYR J 79 38.75 -11.27 27.48
C TYR J 79 40.18 -11.59 27.06
N ILE J 80 40.50 -11.40 25.77
CA ILE J 80 41.86 -11.66 25.31
C ILE J 80 42.86 -10.74 26.01
N ALA J 81 42.52 -9.45 26.13
CA ALA J 81 43.43 -8.52 26.78
C ALA J 81 43.67 -8.89 28.25
N LYS J 82 42.61 -9.26 28.97
CA LYS J 82 42.78 -9.66 30.35
C LYS J 82 43.62 -10.92 30.47
N GLU J 83 43.44 -11.88 29.55
CA GLU J 83 44.26 -13.08 29.59
C GLU J 83 45.73 -12.77 29.36
N ILE J 84 46.02 -11.90 28.40
CA ILE J 84 47.42 -11.52 28.14
C ILE J 84 48.01 -10.84 29.37
N LEU J 85 47.26 -9.93 29.98
CA LEU J 85 47.77 -9.24 31.16
C LEU J 85 47.99 -10.19 32.33
N SER J 86 47.10 -11.17 32.51
CA SER J 86 47.30 -12.15 33.57
C SER J 86 48.52 -13.01 33.32
N ARG J 87 48.78 -13.38 32.07
CA ARG J 87 49.91 -14.25 31.77
C ARG J 87 51.24 -13.56 31.97
N LEU J 88 51.29 -12.23 31.99
CA LEU J 88 52.54 -11.52 32.21
C LEU J 88 52.84 -11.31 33.70
N LYS J 89 51.83 -11.40 34.56
CA LYS J 89 52.09 -11.33 36.00
C LYS J 89 52.69 -12.61 36.53
N GLU J 90 52.35 -13.76 35.95
CA GLU J 90 52.94 -15.03 36.37
C GLU J 90 54.41 -15.14 35.99
N LEU J 91 54.90 -14.24 35.14
CA LEU J 91 56.32 -14.19 34.78
C LEU J 91 57.00 -12.92 35.27
N LYS J 92 56.30 -12.10 36.06
CA LYS J 92 56.88 -10.91 36.69
C LYS J 92 57.46 -9.94 35.66
N LEU J 93 56.76 -9.76 34.53
CA LEU J 93 57.23 -8.90 33.46
C LEU J 93 56.42 -7.62 33.32
N LEU J 94 55.53 -7.32 34.26
CA LEU J 94 54.74 -6.10 34.18
C LEU J 94 55.51 -4.86 34.63
N GLU J 95 56.69 -5.02 35.23
CA GLU J 95 57.52 -3.90 35.62
C GLU J 95 58.64 -3.63 34.63
N ALA J 96 59.15 -4.66 33.96
CA ALA J 96 60.16 -4.45 32.94
C ALA J 96 59.56 -3.90 31.66
N TYR J 97 58.29 -4.20 31.39
CA TYR J 97 57.63 -3.78 30.16
C TYR J 97 56.86 -2.47 30.32
N GLY J 98 56.82 -1.90 31.51
CA GLY J 98 56.21 -0.61 31.73
C GLY J 98 54.71 -0.63 31.93
N LEU J 99 54.08 -1.79 31.99
CA LEU J 99 52.64 -1.89 32.15
C LEU J 99 52.21 -1.91 33.61
N ASP J 100 53.08 -1.50 34.52
CA ASP J 100 52.77 -1.59 35.95
C ASP J 100 51.60 -0.67 36.31
N GLU J 101 51.57 0.53 35.75
CA GLU J 101 50.58 1.54 36.10
C GLU J 101 49.68 1.90 34.93
N LEU J 102 49.63 1.04 33.91
CA LEU J 102 48.81 1.32 32.74
C LEU J 102 47.91 0.15 32.36
N THR J 103 47.56 -0.71 33.31
CA THR J 103 46.69 -1.85 33.00
C THR J 103 45.29 -1.40 32.63
N GLY J 104 44.77 -0.36 33.29
CA GLY J 104 43.42 0.11 33.04
C GLY J 104 43.17 0.54 31.61
N PRO J 105 43.96 1.51 31.11
CA PRO J 105 43.78 1.93 29.72
C PRO J 105 44.03 0.85 28.69
N PHE J 106 44.79 -0.20 29.05
CA PHE J 106 45.10 -1.26 28.10
C PHE J 106 43.84 -1.96 27.61
N GLU J 107 42.89 -2.25 28.52
CA GLU J 107 41.64 -2.86 28.10
C GLU J 107 40.73 -1.85 27.41
N SER J 108 40.71 -0.60 27.87
CA SER J 108 39.79 0.38 27.32
C SER J 108 40.11 0.68 25.86
N ILE J 109 41.40 0.79 25.53
CA ILE J 109 41.77 1.07 24.14
C ILE J 109 41.31 -0.06 23.24
N VAL J 110 41.55 -1.30 23.65
CA VAL J 110 41.16 -2.45 22.85
C VAL J 110 39.66 -2.50 22.68
N GLU J 111 38.91 -2.28 23.76
CA GLU J 111 37.46 -2.38 23.71
C GLU J 111 36.86 -1.30 22.80
N MET J 112 37.32 -0.06 22.95
CA MET J 112 36.78 1.02 22.13
C MET J 112 37.21 0.88 20.67
N SER J 113 38.39 0.31 20.42
CA SER J 113 38.78 0.03 19.05
C SER J 113 37.92 -1.07 18.44
N CYS J 114 37.55 -2.07 19.24
CA CYS J 114 36.65 -3.11 18.75
C CYS J 114 35.26 -2.56 18.46
N LEU J 115 34.79 -1.61 19.26
CA LEU J 115 33.44 -1.08 19.07
C LEU J 115 33.32 -0.32 17.76
N MET J 116 34.22 0.62 17.52
CA MET J 116 34.18 1.45 16.31
C MET J 116 35.12 0.92 15.24
N HIS J 117 34.93 -0.35 14.88
CA HIS J 117 35.67 -0.97 13.78
C HIS J 117 34.81 -1.10 12.52
N ASP J 118 33.61 -0.56 12.53
CA ASP J 118 32.72 -0.70 11.41
C ASP J 118 31.88 0.53 11.20
N ILE J 119 32.42 1.70 11.49
CA ILE J 119 31.64 2.93 11.36
C ILE J 119 31.79 3.59 9.99
N GLY J 120 32.72 3.12 9.18
CA GLY J 120 32.97 3.70 7.87
C GLY J 120 32.38 2.94 6.70
N ASN J 121 31.79 1.77 6.92
CA ASN J 121 31.29 0.98 5.82
C ASN J 121 30.07 1.65 5.19
N PRO J 122 29.95 1.64 3.87
CA PRO J 122 28.82 2.29 3.22
C PRO J 122 27.56 1.46 3.34
N PRO J 123 26.40 2.00 2.96
CA PRO J 123 25.19 1.19 2.95
C PRO J 123 25.33 0.00 2.00
N PHE J 124 24.68 -1.10 2.36
CA PHE J 124 24.63 -2.35 1.62
C PHE J 124 25.94 -3.11 1.64
N GLY J 125 26.97 -2.61 2.31
CA GLY J 125 28.16 -3.39 2.54
C GLY J 125 29.04 -3.47 1.32
N HIS J 126 29.59 -4.66 1.11
CA HIS J 126 30.52 -4.97 0.04
C HIS J 126 30.05 -4.64 -1.36
N PHE J 127 28.75 -4.70 -1.57
CA PHE J 127 28.21 -4.40 -2.89
C PHE J 127 27.93 -2.93 -3.05
N GLY J 128 28.01 -2.19 -1.96
CA GLY J 128 27.85 -0.77 -1.97
C GLY J 128 29.21 -0.16 -2.21
N GLU J 129 30.28 -0.85 -1.79
CA GLU J 129 31.62 -0.33 -1.99
C GLU J 129 32.07 -0.43 -3.43
N ALA J 130 31.67 -1.50 -4.13
CA ALA J 130 32.02 -1.64 -5.54
C ALA J 130 31.32 -0.60 -6.39
N ALA J 131 30.05 -0.32 -6.10
CA ALA J 131 29.28 0.62 -6.91
C ALA J 131 29.91 2.01 -6.90
N ILE J 132 30.40 2.45 -5.75
CA ILE J 132 31.09 3.73 -5.68
C ILE J 132 32.38 3.68 -6.49
N ASN J 133 33.08 2.55 -6.45
CA ASN J 133 34.36 2.44 -7.14
C ASN J 133 34.18 2.36 -8.66
N ASP J 134 33.23 1.57 -9.13
CA ASP J 134 33.02 1.39 -10.56
C ASP J 134 32.58 2.69 -11.22
N TRP J 135 31.60 3.37 -10.62
CA TRP J 135 31.07 4.60 -11.21
C TRP J 135 32.16 5.63 -11.43
N PHE J 136 33.10 5.74 -10.49
CA PHE J 136 34.18 6.70 -10.66
C PHE J 136 35.23 6.24 -11.66
N ARG J 137 35.41 4.93 -11.82
CA ARG J 137 36.44 4.43 -12.71
C ARG J 137 36.13 4.75 -14.17
N GLN J 138 34.88 5.01 -14.47
CA GLN J 138 34.49 5.36 -15.81
C GLN J 138 34.55 6.84 -16.03
N ARG J 139 34.84 7.58 -14.99
CA ARG J 139 34.94 9.03 -15.10
C ARG J 139 36.36 9.54 -15.18
N LEU J 140 37.31 8.83 -14.57
CA LEU J 140 38.69 9.29 -14.49
C LEU J 140 39.70 8.38 -15.19
N HIS J 141 39.43 7.07 -15.25
CA HIS J 141 40.28 6.10 -15.91
C HIS J 141 41.73 6.19 -15.41
N PRO J 142 42.00 5.74 -14.18
CA PRO J 142 43.37 5.84 -13.65
C PRO J 142 44.38 5.04 -14.45
N GLU J 143 43.96 3.94 -15.08
CA GLU J 143 44.91 3.06 -15.76
C GLU J 143 45.63 3.77 -16.89
N ASP J 144 45.10 4.90 -17.37
CA ASP J 144 45.70 5.64 -18.46
C ASP J 144 46.69 6.69 -17.99
N ALA J 145 46.97 6.77 -16.69
CA ALA J 145 47.91 7.75 -16.15
C ALA J 145 49.14 7.09 -15.55
N GLU J 146 49.46 5.85 -15.95
CA GLU J 146 50.56 5.11 -15.36
C GLU J 146 51.86 5.22 -16.14
N SER J 147 51.87 5.96 -17.25
CA SER J 147 53.05 6.01 -18.12
C SER J 147 53.17 7.41 -18.68
N GLN J 148 53.96 7.56 -19.74
CA GLN J 148 54.12 8.84 -20.40
C GLN J 148 52.79 9.30 -20.97
N PRO J 149 52.55 10.63 -21.01
CA PRO J 149 51.26 11.14 -21.49
C PRO J 149 50.87 10.64 -22.87
N LEU J 150 49.63 10.20 -23.01
CA LEU J 150 49.14 9.66 -24.27
C LEU J 150 48.56 10.75 -25.16
N ASP J 153 43.63 9.54 -24.21
CA ASP J 153 43.22 9.81 -22.84
C ASP J 153 41.70 9.91 -22.75
N ARG J 154 41.11 9.09 -21.89
CA ARG J 154 39.66 8.99 -21.77
C ARG J 154 39.10 9.74 -20.57
N CYS J 155 39.89 10.58 -19.92
CA CYS J 155 39.40 11.32 -18.76
C CYS J 155 38.36 12.34 -19.18
N SER J 156 37.27 12.41 -18.40
CA SER J 156 36.14 13.28 -18.72
C SER J 156 36.28 14.67 -18.12
N VAL J 157 37.32 14.92 -17.33
CA VAL J 157 37.54 16.22 -16.73
C VAL J 157 38.74 16.87 -17.40
N ALA J 158 38.56 18.10 -17.87
CA ALA J 158 39.62 18.77 -18.63
C ALA J 158 40.83 19.08 -17.76
N ALA J 159 40.60 19.38 -16.49
CA ALA J 159 41.67 19.79 -15.58
C ALA J 159 42.46 18.62 -15.01
N LEU J 160 42.21 17.40 -15.45
CA LEU J 160 42.95 16.24 -14.94
C LEU J 160 43.60 15.41 -16.03
N ARG J 161 43.39 15.74 -17.30
CA ARG J 161 44.04 15.00 -18.38
C ARG J 161 45.52 15.36 -18.44
N LEU J 162 46.35 14.37 -18.78
CA LEU J 162 47.79 14.57 -18.78
C LEU J 162 48.21 15.36 -20.00
N ARG J 163 49.04 16.38 -19.78
CA ARG J 163 49.58 17.18 -20.87
C ARG J 163 51.12 17.20 -20.81
N GLU J 166 55.03 19.16 -18.46
CA GLU J 166 54.44 19.57 -17.18
C GLU J 166 54.38 18.41 -16.18
N GLU J 167 55.55 17.87 -15.85
CA GLU J 167 55.67 16.76 -14.91
C GLU J 167 55.18 17.09 -13.50
N PRO J 168 55.54 18.25 -12.91
CA PRO J 168 55.09 18.53 -11.55
C PRO J 168 53.59 18.50 -11.37
N LEU J 169 52.83 19.01 -12.33
CA LEU J 169 51.38 18.90 -12.26
C LEU J 169 50.90 17.51 -12.62
N ASN J 170 51.65 16.81 -13.48
CA ASN J 170 51.27 15.45 -13.87
C ASN J 170 51.27 14.49 -12.69
N GLU J 171 52.25 14.62 -11.79
CA GLU J 171 52.30 13.74 -10.64
C GLU J 171 51.08 13.91 -9.75
N LEU J 172 50.70 15.16 -9.48
CA LEU J 172 49.50 15.41 -8.68
C LEU J 172 48.25 14.92 -9.41
N ARG J 173 48.20 15.09 -10.73
CA ARG J 173 47.08 14.61 -11.51
C ARG J 173 46.90 13.11 -11.35
N ARG J 174 47.98 12.34 -11.53
CA ARG J 174 47.86 10.90 -11.44
C ARG J 174 47.55 10.45 -10.01
N LYS J 175 48.11 11.14 -9.01
CA LYS J 175 47.78 10.78 -7.63
C LYS J 175 46.30 10.98 -7.34
N ILE J 176 45.74 12.12 -7.75
CA ILE J 176 44.32 12.39 -7.51
C ILE J 176 43.46 11.40 -8.29
N ARG J 177 43.85 11.08 -9.52
CA ARG J 177 43.04 10.15 -10.31
C ARG J 177 43.06 8.75 -9.72
N GLN J 178 44.18 8.33 -9.14
CA GLN J 178 44.23 6.99 -8.55
C GLN J 178 43.51 6.94 -7.21
N ASP J 179 43.61 7.99 -6.41
CA ASP J 179 43.06 7.94 -5.05
C ASP J 179 41.53 7.83 -5.06
N LEU J 180 40.87 8.57 -5.95
CA LEU J 180 39.41 8.67 -5.91
C LEU J 180 38.71 7.36 -6.27
N CYS J 181 39.41 6.40 -6.86
CA CYS J 181 38.82 5.14 -7.26
C CYS J 181 39.09 4.03 -6.25
N HIS J 182 39.68 4.35 -5.11
CA HIS J 182 39.94 3.39 -4.03
C HIS J 182 39.22 3.87 -2.79
N PHE J 183 37.96 3.46 -2.66
CA PHE J 183 37.17 3.75 -1.46
C PHE J 183 37.17 2.53 -0.55
N GLU J 184 37.40 2.76 0.73
CA GLU J 184 37.49 1.68 1.71
C GLU J 184 36.90 2.16 3.03
N GLY J 185 36.24 1.24 3.73
CA GLY J 185 35.62 1.59 5.00
C GLY J 185 36.63 1.92 6.08
N ASN J 186 37.73 1.16 6.15
CA ASN J 186 38.75 1.42 7.15
C ASN J 186 39.38 2.79 6.95
N ALA J 187 39.62 3.18 5.69
CA ALA J 187 40.17 4.50 5.41
C ALA J 187 39.15 5.58 5.70
N GLN J 188 37.86 5.28 5.56
CA GLN J 188 36.81 6.26 5.83
C GLN J 188 36.57 6.45 7.32
N GLY J 189 36.89 5.45 8.15
CA GLY J 189 36.71 5.60 9.58
C GLY J 189 37.58 6.70 10.16
N ILE J 190 38.83 6.80 9.71
CA ILE J 190 39.72 7.84 10.20
C ILE J 190 39.18 9.22 9.83
N ARG J 191 38.74 9.37 8.59
CA ARG J 191 38.15 10.64 8.16
C ARG J 191 36.91 10.98 8.95
N LEU J 192 36.11 9.96 9.28
CA LEU J 192 34.88 10.18 10.03
C LEU J 192 35.18 10.64 11.45
N VAL J 193 36.17 10.03 12.11
CA VAL J 193 36.43 10.38 13.49
C VAL J 193 37.24 11.66 13.62
N HIS J 194 38.01 12.02 12.60
CA HIS J 194 38.87 13.20 12.70
C HIS J 194 38.21 14.46 12.14
N THR J 195 37.84 14.44 10.87
CA THR J 195 37.45 15.67 10.17
C THR J 195 35.96 15.98 10.31
N LEU J 196 35.08 15.02 10.04
CA LEU J 196 33.66 15.29 10.01
C LEU J 196 33.05 15.40 11.41
N MET J 197 33.13 14.33 12.20
CA MET J 197 32.53 14.32 13.53
C MET J 197 33.27 15.19 14.53
N ARG J 198 34.60 15.27 14.42
CA ARG J 198 35.43 16.07 15.32
C ARG J 198 35.25 15.63 16.78
N MET J 199 35.66 14.39 17.04
CA MET J 199 35.56 13.84 18.40
C MET J 199 36.72 14.25 19.28
N ASN J 200 37.89 14.53 18.69
CA ASN J 200 39.08 14.95 19.43
C ASN J 200 39.50 13.89 20.45
N LEU J 201 39.86 12.72 19.94
CA LEU J 201 40.29 11.61 20.78
C LEU J 201 41.80 11.60 20.94
N THR J 202 42.27 10.79 21.89
CA THR J 202 43.69 10.66 22.15
C THR J 202 44.37 9.92 21.00
N TRP J 203 45.69 10.09 20.91
CA TRP J 203 46.45 9.45 19.84
C TRP J 203 46.38 7.93 19.93
N ALA J 204 46.48 7.39 21.13
CA ALA J 204 46.44 5.94 21.31
C ALA J 204 45.13 5.35 20.84
N GLN J 205 44.03 6.07 21.00
CA GLN J 205 42.73 5.55 20.60
C GLN J 205 42.58 5.57 19.07
N VAL J 206 43.10 6.62 18.42
CA VAL J 206 43.05 6.69 16.97
C VAL J 206 43.96 5.64 16.35
N GLY J 207 45.11 5.37 16.97
CA GLY J 207 46.04 4.40 16.43
C GLY J 207 45.51 2.98 16.40
N GLY J 208 44.47 2.68 17.19
CA GLY J 208 43.94 1.34 17.24
C GLY J 208 42.94 1.02 16.15
N ILE J 209 42.58 1.98 15.32
CA ILE J 209 41.65 1.77 14.23
C ILE J 209 42.32 1.96 12.87
N LEU J 210 43.64 1.89 12.83
CA LEU J 210 44.41 1.97 11.59
C LEU J 210 44.94 0.57 11.29
N LYS J 211 44.17 -0.21 10.54
CA LYS J 211 44.45 -1.62 10.39
C LYS J 211 45.49 -1.89 9.29
N TYR J 212 45.37 -1.20 8.16
CA TYR J 212 46.31 -1.35 7.06
C TYR J 212 47.01 -0.04 6.78
N THR J 213 48.19 -0.14 6.16
CA THR J 213 49.09 1.00 6.04
C THR J 213 49.41 1.35 4.58
N ARG J 214 48.63 0.88 3.62
CA ARG J 214 48.91 1.23 2.23
C ARG J 214 48.21 2.54 1.88
N PRO J 215 48.95 3.54 1.39
CA PRO J 215 48.28 4.76 0.91
C PRO J 215 47.37 4.46 -0.25
N ALA J 216 46.24 5.16 -0.30
CA ALA J 216 45.24 4.88 -1.32
C ALA J 216 45.68 5.36 -2.69
N TRP J 217 46.75 6.14 -2.79
CA TRP J 217 47.29 6.59 -4.06
C TRP J 217 48.44 5.70 -4.56
N TRP J 218 48.75 4.63 -3.84
CA TRP J 218 49.94 3.84 -4.16
C TRP J 218 49.74 3.08 -5.47
N ARG J 219 50.72 3.18 -6.35
CA ARG J 219 50.73 2.46 -7.62
C ARG J 219 51.96 1.59 -7.72
N GLY J 220 51.77 0.33 -8.10
CA GLY J 220 52.90 -0.55 -8.32
C GLY J 220 52.94 -1.76 -7.41
N GLU J 221 54.15 -2.24 -7.14
CA GLU J 221 54.34 -3.45 -6.33
C GLU J 221 54.78 -3.07 -4.93
N THR J 222 54.22 -3.77 -3.95
CA THR J 222 54.51 -3.57 -2.54
C THR J 222 55.83 -4.24 -2.15
N PRO J 223 56.52 -3.70 -1.15
CA PRO J 223 57.73 -4.37 -0.67
C PRO J 223 57.41 -5.75 -0.11
N GLU J 224 58.35 -6.67 -0.29
CA GLU J 224 58.14 -8.06 0.15
C GLU J 224 58.08 -8.19 1.67
N THR J 225 58.58 -7.20 2.41
CA THR J 225 58.55 -7.27 3.86
C THR J 225 57.23 -6.82 4.47
N HIS J 226 56.30 -6.31 3.66
CA HIS J 226 55.03 -5.82 4.17
C HIS J 226 53.85 -6.25 3.30
N HIS J 227 53.93 -7.41 2.65
CA HIS J 227 52.91 -7.79 1.70
C HIS J 227 51.58 -8.16 2.34
N TYR J 228 51.54 -8.29 3.68
CA TYR J 228 50.28 -8.48 4.38
C TYR J 228 49.68 -7.19 4.92
N LEU J 229 50.53 -6.26 5.36
CA LEU J 229 50.05 -4.98 5.86
C LEU J 229 49.70 -4.01 4.73
N MET J 230 49.94 -4.39 3.48
CA MET J 230 49.71 -3.54 2.32
C MET J 230 48.61 -4.08 1.41
N LYS J 231 47.80 -5.01 1.90
CA LYS J 231 46.88 -5.68 0.98
C LYS J 231 45.64 -4.85 0.67
N LYS J 232 45.34 -3.84 1.48
CA LYS J 232 44.18 -2.98 1.27
C LYS J 232 44.57 -1.55 1.59
N PRO J 233 43.91 -0.57 0.98
CA PRO J 233 44.21 0.83 1.29
C PRO J 233 43.96 1.16 2.75
N GLY J 234 44.81 2.03 3.29
CA GLY J 234 44.70 2.38 4.69
C GLY J 234 44.20 3.79 4.97
N TYR J 235 44.61 4.76 4.16
CA TYR J 235 44.19 6.13 4.38
C TYR J 235 44.21 6.88 3.05
N TYR J 236 43.49 8.00 3.03
CA TYR J 236 43.29 8.78 1.81
C TYR J 236 44.39 9.84 1.66
N LEU J 237 44.31 10.60 0.57
CA LEU J 237 45.31 11.63 0.30
C LEU J 237 45.05 12.88 1.13
N SER J 238 43.85 13.04 1.65
CA SER J 238 43.49 14.20 2.46
C SER J 238 44.02 14.09 3.89
N GLU J 239 44.62 12.96 4.26
CA GLU J 239 45.14 12.76 5.61
C GLU J 239 46.63 12.49 5.62
N GLU J 240 47.35 12.90 4.57
CA GLU J 240 48.79 12.67 4.54
C GLU J 240 49.52 13.51 5.59
N ALA J 241 48.89 14.59 6.05
CA ALA J 241 49.46 15.41 7.12
C ALA J 241 49.05 14.95 8.50
N TYR J 242 47.85 14.37 8.65
CA TYR J 242 47.40 13.90 9.95
C TYR J 242 48.07 12.60 10.35
N ILE J 243 48.44 11.75 9.39
CA ILE J 243 49.07 10.48 9.71
C ILE J 243 50.55 10.67 10.04
N ALA J 244 51.21 11.67 9.44
CA ALA J 244 52.60 11.93 9.79
C ALA J 244 52.74 12.33 11.25
N ARG J 245 51.84 13.19 11.73
CA ARG J 245 51.86 13.56 13.15
C ARG J 245 51.53 12.36 14.04
N LEU J 246 50.62 11.49 13.59
CA LEU J 246 50.30 10.29 14.36
C LEU J 246 51.51 9.39 14.48
N ARG J 247 52.27 9.21 13.40
CA ARG J 247 53.49 8.42 13.46
C ARG J 247 54.54 9.07 14.34
N LYS J 248 54.61 10.40 14.33
CA LYS J 248 55.57 11.09 15.21
C LYS J 248 55.19 10.95 16.68
N GLU J 249 53.89 10.97 17.00
CA GLU J 249 53.47 10.90 18.39
C GLU J 249 53.62 9.49 18.95
N LEU J 250 53.26 8.46 18.18
CA LEU J 250 53.25 7.09 18.67
C LEU J 250 54.54 6.33 18.35
N ASN J 251 55.54 7.01 17.82
CA ASN J 251 56.86 6.41 17.54
C ASN J 251 56.73 5.21 16.62
N LEU J 252 56.23 5.46 15.41
CA LEU J 252 56.06 4.43 14.39
C LEU J 252 56.87 4.81 13.16
N ALA J 253 57.49 3.80 12.55
CA ALA J 253 58.23 4.02 11.31
C ALA J 253 57.24 4.08 10.15
N LEU J 254 57.76 4.32 8.95
CA LEU J 254 56.91 4.31 7.76
C LEU J 254 56.45 2.88 7.50
N TYR J 255 55.15 2.73 7.22
CA TYR J 255 54.55 1.43 6.89
C TYR J 255 54.60 0.47 8.09
N SER J 256 54.19 0.95 9.25
CA SER J 256 54.15 0.15 10.46
C SER J 256 52.77 0.24 11.11
N ARG J 257 52.48 -0.73 11.97
CA ARG J 257 51.19 -0.85 12.62
C ARG J 257 51.35 -0.71 14.14
N PHE J 258 50.30 -0.19 14.77
CA PHE J 258 50.19 -0.07 16.22
C PHE J 258 50.03 -1.46 16.83
N PRO J 259 50.62 -1.71 18.01
CA PRO J 259 50.58 -3.07 18.57
C PRO J 259 49.18 -3.58 18.87
N LEU J 260 48.40 -2.83 19.65
CA LEU J 260 47.09 -3.32 20.10
C LEU J 260 46.15 -3.66 18.96
N THR J 261 46.38 -3.10 17.76
CA THR J 261 45.55 -3.42 16.62
C THR J 261 45.53 -4.90 16.31
N TRP J 262 46.59 -5.64 16.68
CA TRP J 262 46.60 -7.07 16.42
C TRP J 262 45.51 -7.80 17.21
N ILE J 263 45.17 -7.30 18.40
CA ILE J 263 44.14 -7.96 19.19
C ILE J 263 42.76 -7.75 18.58
N MET J 264 42.43 -6.50 18.24
CA MET J 264 41.14 -6.20 17.63
C MET J 264 40.93 -7.00 16.34
N GLU J 265 42.01 -7.24 15.59
CA GLU J 265 41.90 -8.04 14.38
C GLU J 265 41.56 -9.50 14.70
N ALA J 266 42.10 -10.03 15.79
CA ALA J 266 41.83 -11.42 16.13
C ALA J 266 40.40 -11.60 16.64
N ALA J 267 39.94 -10.69 17.51
CA ALA J 267 38.58 -10.80 18.04
C ALA J 267 37.54 -10.75 16.94
N ASP J 268 37.79 -9.99 15.88
CA ASP J 268 36.86 -9.96 14.76
C ASP J 268 36.86 -11.28 14.01
N ASP J 269 37.98 -11.98 13.95
CA ASP J 269 38.05 -13.22 13.20
C ASP J 269 37.35 -14.38 13.93
N ILE J 270 37.36 -14.36 15.26
CA ILE J 270 36.69 -15.41 16.02
C ILE J 270 35.18 -15.28 15.89
N SER J 271 34.66 -14.05 15.97
CA SER J 271 33.23 -13.78 15.82
C SER J 271 32.86 -13.44 14.39
N TYR J 272 33.13 -14.37 13.49
CA TYR J 272 32.89 -14.16 12.06
C TYR J 272 31.70 -14.93 11.52
N CYS J 273 31.70 -16.25 11.72
CA CYS J 273 30.63 -17.10 11.19
C CYS J 273 29.89 -17.91 12.23
N VAL J 274 29.95 -17.55 13.52
CA VAL J 274 29.17 -18.26 14.52
C VAL J 274 27.78 -17.68 14.70
N ALA J 275 27.61 -16.38 14.48
CA ALA J 275 26.32 -15.72 14.68
C ALA J 275 25.36 -15.89 13.52
N ASP J 276 25.93 -15.99 12.32
CA ASP J 276 25.19 -16.18 11.08
C ASP J 276 24.42 -17.48 11.13
N LEU J 277 25.05 -18.52 11.64
CA LEU J 277 24.44 -19.84 11.77
C LEU J 277 23.24 -19.79 12.70
N GLU J 278 23.38 -19.09 13.83
CA GLU J 278 22.24 -18.92 14.74
C GLU J 278 21.12 -18.13 14.08
N ASP J 279 21.46 -17.09 13.31
CA ASP J 279 20.44 -16.34 12.60
C ASP J 279 19.68 -17.23 11.61
N ALA J 280 20.42 -18.07 10.88
CA ALA J 280 19.79 -18.98 9.93
C ALA J 280 18.89 -19.99 10.64
N VAL J 281 19.35 -20.52 11.77
CA VAL J 281 18.57 -21.52 12.51
C VAL J 281 17.32 -20.95 13.18
N GLU J 282 17.21 -19.63 13.20
CA GLU J 282 16.05 -18.99 13.81
C GLU J 282 15.27 -18.21 12.76
N LYS J 283 15.55 -18.52 11.50
CA LYS J 283 14.89 -17.89 10.36
C LYS J 283 14.28 -18.97 9.48
N ARG J 284 13.94 -20.09 10.12
CA ARG J 284 13.32 -21.24 9.50
C ARG J 284 14.08 -21.84 8.31
N ILE J 285 15.39 -21.63 8.23
CA ILE J 285 16.15 -22.21 7.13
C ILE J 285 16.31 -23.69 7.36
N PHE J 286 17.22 -24.06 8.27
CA PHE J 286 17.44 -25.46 8.58
C PHE J 286 17.30 -25.75 10.06
N THR J 287 17.37 -27.02 10.42
CA THR J 287 17.24 -27.42 11.81
C THR J 287 18.59 -27.77 12.43
N VAL J 288 18.62 -27.82 13.75
CA VAL J 288 19.84 -28.15 14.47
C VAL J 288 20.38 -29.49 13.97
N GLU J 289 19.49 -30.48 13.87
CA GLU J 289 19.87 -31.81 13.41
C GLU J 289 20.60 -31.74 12.06
N GLN J 290 20.06 -30.94 11.16
CA GLN J 290 20.66 -30.74 9.85
C GLN J 290 22.01 -30.06 10.04
N LEU J 291 22.05 -29.06 10.92
CA LEU J 291 23.28 -28.34 11.20
C LEU J 291 24.32 -29.28 11.80
N TYR J 292 23.87 -30.16 12.70
CA TYR J 292 24.75 -31.14 13.31
C TYR J 292 25.37 -31.98 12.21
N HIS J 293 24.53 -32.45 11.30
CA HIS J 293 24.98 -33.29 10.20
C HIS J 293 25.92 -32.60 9.24
N HIS J 294 25.68 -31.31 9.01
CA HIS J 294 26.52 -30.55 8.09
C HIS J 294 27.91 -30.38 8.66
N LEU J 295 27.98 -30.10 9.95
CA LEU J 295 29.25 -29.92 10.63
C LEU J 295 30.02 -31.23 10.69
N HIS J 296 29.35 -32.31 11.12
CA HIS J 296 30.03 -33.61 11.20
C HIS J 296 30.62 -33.98 9.85
N GLU J 297 29.88 -33.81 8.78
CA GLU J 297 30.37 -34.17 7.46
C GLU J 297 31.35 -33.14 6.93
N ALA J 298 31.57 -32.09 7.71
CA ALA J 298 32.45 -30.99 7.31
C ALA J 298 33.95 -31.33 7.35
N TRP J 299 34.42 -31.81 8.50
CA TRP J 299 35.83 -32.14 8.69
C TRP J 299 36.40 -33.01 7.57
N PHE J 308 36.55 -34.30 14.87
CA PHE J 308 37.09 -32.95 15.02
C PHE J 308 37.07 -32.50 16.48
N SER J 309 38.10 -32.91 17.21
CA SER J 309 38.31 -32.58 18.61
C SER J 309 37.15 -32.94 19.55
N LEU J 310 37.06 -32.18 20.63
CA LEU J 310 36.05 -32.35 21.66
C LEU J 310 35.48 -30.99 21.97
N VAL J 311 35.40 -30.15 20.96
CA VAL J 311 34.91 -28.79 21.10
C VAL J 311 33.45 -28.60 20.75
N VAL J 312 33.03 -29.28 19.67
CA VAL J 312 31.65 -29.14 19.19
C VAL J 312 30.75 -30.28 19.65
N GLU J 313 31.30 -31.48 19.84
CA GLU J 313 30.47 -32.60 20.27
C GLU J 313 29.89 -32.37 21.65
N ASN J 314 30.70 -31.86 22.58
CA ASN J 314 30.28 -31.73 23.97
C ASN J 314 29.14 -30.75 24.17
N ALA J 315 28.90 -29.84 23.23
CA ALA J 315 27.84 -28.85 23.36
C ALA J 315 26.45 -29.41 23.07
N TRP J 316 26.36 -30.56 22.42
CA TRP J 316 25.07 -31.14 22.08
C TRP J 316 24.37 -31.68 23.32
N GLU J 317 25.12 -32.37 24.18
CA GLU J 317 24.54 -33.14 25.28
C GLU J 317 24.25 -32.30 26.52
N SER J 327 14.87 -25.13 26.23
CA SER J 327 14.88 -25.49 24.82
C SER J 327 16.18 -26.19 24.44
N THR J 328 16.42 -26.33 23.14
CA THR J 328 17.63 -26.94 22.63
C THR J 328 18.48 -25.98 21.81
N GLU J 329 17.86 -25.21 20.91
CA GLU J 329 18.62 -24.25 20.12
C GLU J 329 19.23 -23.17 21.01
N ASP J 330 18.48 -22.73 22.02
CA ASP J 330 18.97 -21.68 22.91
C ASP J 330 20.15 -22.12 23.76
N GLN J 331 20.38 -23.43 23.89
CA GLN J 331 21.44 -23.93 24.75
C GLN J 331 22.42 -24.85 24.01
N PHE J 332 22.45 -24.78 22.68
CA PHE J 332 23.49 -25.47 21.92
C PHE J 332 24.61 -24.51 21.53
N PHE J 333 24.25 -23.40 20.88
CA PHE J 333 25.23 -22.35 20.62
C PHE J 333 25.76 -21.77 21.92
N MET J 334 24.91 -21.69 22.94
CA MET J 334 25.28 -21.11 24.23
C MET J 334 26.42 -21.87 24.90
N TYR J 335 26.67 -23.11 24.50
CA TYR J 335 27.83 -23.85 24.96
C TYR J 335 28.89 -24.06 23.89
N LEU J 336 28.53 -24.07 22.60
CA LEU J 336 29.53 -24.13 21.55
C LEU J 336 30.41 -22.89 21.55
N ARG J 337 29.82 -21.72 21.81
CA ARG J 337 30.61 -20.49 21.89
C ARG J 337 31.62 -20.57 23.02
N VAL J 338 31.20 -21.05 24.19
CA VAL J 338 32.11 -21.16 25.33
C VAL J 338 33.22 -22.16 25.03
N ASN J 339 32.86 -23.28 24.40
CA ASN J 339 33.85 -24.29 24.06
C ASN J 339 34.90 -23.74 23.10
N THR J 340 34.48 -23.00 22.07
CA THR J 340 35.45 -22.48 21.12
C THR J 340 36.28 -21.37 21.73
N LEU J 341 35.69 -20.56 22.62
CA LEU J 341 36.44 -19.49 23.26
C LEU J 341 37.54 -20.05 24.16
N ASN J 342 37.19 -21.03 24.99
CA ASN J 342 38.16 -21.56 25.95
C ASN J 342 39.35 -22.25 25.28
N LYS J 343 39.23 -22.63 24.01
CA LYS J 343 40.33 -23.23 23.29
C LYS J 343 41.00 -22.30 22.29
N LEU J 344 40.39 -21.17 21.95
CA LEU J 344 40.99 -20.23 21.01
C LEU J 344 41.67 -19.03 21.67
N VAL J 345 41.11 -18.51 22.76
CA VAL J 345 41.67 -17.30 23.38
C VAL J 345 43.10 -17.53 23.89
N PRO J 346 43.39 -18.59 24.66
CA PRO J 346 44.76 -18.77 25.14
C PRO J 346 45.79 -18.90 24.03
N TYR J 347 45.40 -19.50 22.89
CA TYR J 347 46.33 -19.57 21.76
C TYR J 347 46.68 -18.17 21.25
N ALA J 348 45.69 -17.29 21.16
CA ALA J 348 45.95 -15.92 20.75
C ALA J 348 46.85 -15.20 21.74
N ALA J 349 46.60 -15.40 23.04
CA ALA J 349 47.45 -14.77 24.05
C ALA J 349 48.89 -15.25 23.94
N GLN J 350 49.07 -16.57 23.74
CA GLN J 350 50.42 -17.11 23.61
C GLN J 350 51.11 -16.58 22.36
N ARG J 351 50.37 -16.47 21.25
CA ARG J 351 50.97 -15.92 20.03
C ARG J 351 51.36 -14.47 20.21
N PHE J 352 50.55 -13.69 20.92
CA PHE J 352 50.90 -12.30 21.20
C PHE J 352 52.15 -12.20 22.06
N ILE J 353 52.25 -13.04 23.10
CA ILE J 353 53.40 -12.94 23.99
C ILE J 353 54.68 -13.43 23.32
N ASP J 354 54.61 -14.51 22.54
CA ASP J 354 55.81 -15.08 21.93
C ASP J 354 56.44 -14.11 20.94
N ASN J 355 55.64 -13.55 20.04
CA ASN J 355 56.14 -12.61 19.03
C ASN J 355 56.02 -11.16 19.49
N LEU J 356 56.56 -10.86 20.66
CA LEU J 356 56.36 -9.53 21.22
C LEU J 356 57.29 -8.48 20.62
N PRO J 357 58.61 -8.74 20.46
CA PRO J 357 59.46 -7.68 19.88
C PRO J 357 59.06 -7.26 18.48
N ALA J 358 58.70 -8.22 17.61
CA ALA J 358 58.31 -7.87 16.26
C ALA J 358 57.01 -7.08 16.23
N ILE J 359 56.05 -7.46 17.07
CA ILE J 359 54.79 -6.71 17.14
C ILE J 359 55.03 -5.30 17.67
N PHE J 360 55.86 -5.18 18.71
CA PHE J 360 56.16 -3.87 19.27
C PHE J 360 56.87 -2.97 18.26
N ALA J 361 57.76 -3.54 17.45
CA ALA J 361 58.37 -2.75 16.38
C ALA J 361 57.37 -2.38 15.30
N GLY J 362 56.24 -3.09 15.21
CA GLY J 362 55.23 -2.79 14.21
C GLY J 362 55.46 -3.42 12.86
N THR J 363 56.41 -4.35 12.73
CA THR J 363 56.76 -4.95 11.46
C THR J 363 56.42 -6.43 11.35
N PHE J 364 55.59 -6.95 12.24
CA PHE J 364 55.16 -8.34 12.14
C PHE J 364 54.23 -8.50 10.94
N ASN J 365 54.50 -9.52 10.12
CA ASN J 365 53.87 -9.68 8.82
C ASN J 365 52.88 -10.84 8.76
N HIS J 366 52.22 -11.16 9.87
CA HIS J 366 51.24 -12.23 9.90
C HIS J 366 50.08 -11.80 10.80
N ALA J 367 49.15 -12.72 11.00
CA ALA J 367 48.08 -12.56 11.97
C ALA J 367 48.23 -13.62 13.06
N LEU J 368 47.63 -13.34 14.21
CA LEU J 368 47.78 -14.24 15.35
C LEU J 368 47.15 -15.60 15.07
N LEU J 369 46.12 -15.65 14.23
CA LEU J 369 45.47 -16.91 13.90
C LEU J 369 45.61 -17.22 12.42
N ALA J 372 48.10 -22.47 10.33
CA ALA J 372 48.79 -23.74 10.06
C ALA J 372 48.73 -24.66 11.27
N SER J 373 47.77 -24.42 12.15
CA SER J 373 47.59 -25.22 13.36
C SER J 373 46.17 -25.80 13.37
N GLU J 374 45.92 -26.68 14.34
CA GLU J 374 44.60 -27.28 14.48
C GLU J 374 43.56 -26.26 14.92
N CYS J 375 43.97 -25.16 15.55
CA CYS J 375 43.02 -24.14 15.94
C CYS J 375 42.51 -23.32 14.76
N SER J 376 43.28 -23.25 13.67
CA SER J 376 42.86 -22.53 12.49
C SER J 376 41.92 -23.34 11.60
N ASP J 377 41.86 -24.66 11.77
CA ASP J 377 40.96 -25.49 10.98
C ASP J 377 39.51 -25.38 11.44
N LEU J 378 39.29 -25.24 12.75
CA LEU J 378 37.94 -25.11 13.27
C LEU J 378 37.23 -23.88 12.73
N LEU J 379 37.95 -22.77 12.54
CA LEU J 379 37.36 -21.57 11.96
C LEU J 379 37.01 -21.76 10.49
N LYS J 380 37.91 -22.41 9.74
CA LYS J 380 37.63 -22.70 8.35
C LYS J 380 36.41 -23.60 8.20
N LEU J 381 36.18 -24.47 9.18
CA LEU J 381 34.99 -25.31 9.17
C LEU J 381 33.71 -24.47 9.15
N TYR J 382 33.59 -23.54 10.11
CA TYR J 382 32.41 -22.68 10.16
C TYR J 382 32.31 -21.83 8.90
N LYS J 383 33.45 -21.32 8.42
CA LYS J 383 33.42 -20.47 7.23
C LYS J 383 32.90 -21.24 6.02
N ASN J 384 33.35 -22.48 5.84
CA ASN J 384 32.90 -23.29 4.72
C ASN J 384 31.41 -23.61 4.84
N VAL J 385 30.95 -23.98 6.04
CA VAL J 385 29.54 -24.29 6.20
C VAL J 385 28.68 -23.08 5.89
N ALA J 386 29.08 -21.91 6.39
CA ALA J 386 28.32 -20.68 6.14
C ALA J 386 28.31 -20.33 4.66
N VAL J 387 29.44 -20.49 3.98
CA VAL J 387 29.50 -20.17 2.56
C VAL J 387 28.61 -21.11 1.77
N LYS J 388 28.62 -22.40 2.11
CA LYS J 388 27.86 -23.38 1.35
C LYS J 388 26.36 -23.33 1.59
N HIS J 389 25.91 -23.04 2.82
CA HIS J 389 24.50 -23.20 3.14
C HIS J 389 23.76 -21.95 3.57
N VAL J 390 24.44 -20.83 3.79
CA VAL J 390 23.80 -19.61 4.28
C VAL J 390 23.95 -18.45 3.30
N PHE J 391 25.18 -18.19 2.85
CA PHE J 391 25.45 -17.07 1.96
C PHE J 391 25.04 -17.34 0.51
N SER J 392 24.32 -18.42 0.25
CA SER J 392 23.82 -18.72 -1.09
C SER J 392 22.31 -18.77 -1.16
N HIS J 393 21.62 -18.41 -0.08
CA HIS J 393 20.17 -18.39 -0.10
C HIS J 393 19.68 -17.32 -1.07
N PRO J 394 18.56 -17.56 -1.75
CA PRO J 394 18.09 -16.59 -2.76
C PRO J 394 17.82 -15.21 -2.20
N ASP J 395 17.34 -15.10 -0.95
CA ASP J 395 17.02 -13.80 -0.39
C ASP J 395 18.25 -12.94 -0.10
N VAL J 396 19.38 -13.56 0.25
CA VAL J 396 20.59 -12.79 0.48
C VAL J 396 21.14 -12.22 -0.82
N GLU J 397 21.08 -13.00 -1.90
CA GLU J 397 21.65 -12.58 -3.18
C GLU J 397 20.85 -11.47 -3.87
N ARG J 398 19.53 -11.43 -3.66
CA ARG J 398 18.72 -10.41 -4.32
C ARG J 398 18.98 -9.01 -3.75
N LEU J 399 19.18 -8.96 -2.43
CA LEU J 399 19.45 -7.72 -1.72
C LEU J 399 20.83 -7.20 -2.04
N GLU J 400 21.61 -7.98 -2.77
CA GLU J 400 22.94 -7.58 -3.16
C GLU J 400 22.92 -7.00 -4.56
N LEU J 401 21.85 -7.30 -5.30
CA LEU J 401 21.69 -6.80 -6.65
C LEU J 401 20.89 -5.51 -6.59
N GLN J 402 20.01 -5.43 -5.61
CA GLN J 402 19.20 -4.23 -5.38
C GLN J 402 20.04 -3.09 -4.83
N GLY J 403 20.94 -3.38 -3.88
CA GLY J 403 21.81 -2.35 -3.35
C GLY J 403 22.77 -1.79 -4.37
N TYR J 404 23.35 -2.67 -5.21
CA TYR J 404 24.18 -2.19 -6.31
C TYR J 404 23.41 -1.21 -7.19
N ARG J 405 22.18 -1.58 -7.57
CA ARG J 405 21.38 -0.70 -8.42
C ARG J 405 21.07 0.61 -7.73
N VAL J 406 20.74 0.58 -6.44
CA VAL J 406 20.35 1.80 -5.74
C VAL J 406 21.53 2.76 -5.62
N ILE J 407 22.71 2.26 -5.26
CA ILE J 407 23.86 3.13 -5.12
C ILE J 407 24.28 3.69 -6.47
N SER J 408 24.27 2.86 -7.52
CA SER J 408 24.61 3.35 -8.85
C SER J 408 23.62 4.43 -9.31
N GLY J 409 22.34 4.25 -9.02
CA GLY J 409 21.34 5.25 -9.38
C GLY J 409 21.51 6.56 -8.62
N LEU J 410 21.78 6.46 -7.31
CA LEU J 410 21.96 7.68 -6.53
C LEU J 410 23.20 8.45 -6.96
N LEU J 411 24.25 7.75 -7.40
CA LEU J 411 25.45 8.46 -7.86
C LEU J 411 25.19 9.22 -9.15
N GLU J 412 24.17 8.85 -9.91
CA GLU J 412 23.88 9.48 -11.19
C GLU J 412 22.95 10.68 -11.08
N ILE J 413 22.15 10.77 -10.03
CA ILE J 413 21.29 11.93 -9.84
C ILE J 413 22.12 13.17 -9.53
N TYR J 414 23.20 13.01 -8.77
CA TYR J 414 24.05 14.12 -8.36
C TYR J 414 25.19 14.40 -9.34
N ARG J 415 25.17 13.78 -10.51
CA ARG J 415 26.14 14.03 -11.57
C ARG J 415 26.18 15.50 -11.99
N PRO J 416 25.04 16.21 -12.08
CA PRO J 416 25.10 17.64 -12.44
C PRO J 416 26.01 18.47 -11.56
N LEU J 417 26.11 18.16 -10.27
CA LEU J 417 27.00 18.92 -9.39
C LEU J 417 28.46 18.77 -9.77
N LEU J 418 28.82 17.66 -10.43
CA LEU J 418 30.20 17.42 -10.82
C LEU J 418 30.55 17.98 -12.19
N SER J 419 29.58 18.61 -12.88
CA SER J 419 29.82 19.16 -14.21
C SER J 419 29.96 20.67 -14.23
N LEU J 420 29.77 21.33 -13.09
CA LEU J 420 29.85 22.78 -13.05
C LEU J 420 31.30 23.23 -13.10
N SER J 421 31.52 24.53 -13.20
CA SER J 421 32.84 25.14 -13.20
C SER J 421 33.19 25.59 -11.80
N LEU J 422 34.47 25.94 -11.62
CA LEU J 422 34.95 26.36 -10.30
C LEU J 422 34.23 27.64 -9.85
N SER J 423 34.11 28.62 -10.74
CA SER J 423 33.44 29.86 -10.39
C SER J 423 31.97 29.63 -10.08
N ASP J 424 31.30 28.78 -10.85
CA ASP J 424 29.89 28.50 -10.63
C ASP J 424 29.67 27.85 -9.27
N PHE J 425 30.48 26.84 -8.93
CA PHE J 425 30.33 26.18 -7.64
C PHE J 425 30.67 27.11 -6.49
N THR J 426 31.68 27.96 -6.67
CA THR J 426 32.02 28.93 -5.63
C THR J 426 30.87 29.90 -5.39
N GLU J 427 30.26 30.40 -6.47
CA GLU J 427 29.13 31.31 -6.33
C GLU J 427 27.95 30.60 -5.66
N LEU J 428 27.73 29.34 -6.02
CA LEU J 428 26.65 28.57 -5.43
C LEU J 428 26.85 28.35 -3.94
N VAL J 429 28.07 28.03 -3.52
CA VAL J 429 28.32 27.77 -2.10
C VAL J 429 28.32 29.08 -1.31
N GLU J 430 28.69 30.19 -1.95
CA GLU J 430 28.71 31.48 -1.24
C GLU J 430 27.32 32.08 -1.11
N LYS J 431 26.67 32.38 -2.24
CA LYS J 431 25.41 33.12 -2.20
C LYS J 431 24.27 32.28 -1.65
N GLU J 432 24.22 31.00 -2.00
CA GLU J 432 23.20 30.04 -1.58
C GLU J 432 21.81 30.35 -2.13
N ARG J 433 21.68 31.32 -3.04
CA ARG J 433 20.42 31.59 -3.72
C ARG J 433 20.77 32.14 -5.09
N VAL J 434 20.81 31.25 -6.09
CA VAL J 434 21.29 31.56 -7.42
C VAL J 434 20.14 31.48 -8.40
N LYS J 435 19.98 32.51 -9.22
CA LYS J 435 18.93 32.56 -10.23
C LYS J 435 19.38 32.01 -11.58
N ARG J 436 20.61 31.51 -11.67
CA ARG J 436 21.11 30.93 -12.92
C ARG J 436 21.07 29.41 -12.94
N PHE J 437 21.05 28.77 -11.77
CA PHE J 437 21.04 27.31 -11.67
C PHE J 437 19.88 26.88 -10.79
N PRO J 438 18.67 26.75 -11.35
CA PRO J 438 17.52 26.36 -10.53
C PRO J 438 17.55 24.92 -10.05
N ILE J 439 18.16 24.00 -10.81
CA ILE J 439 18.16 22.58 -10.44
C ILE J 439 19.34 22.26 -9.53
N GLU J 440 20.53 22.74 -9.87
CA GLU J 440 21.72 22.41 -9.09
C GLU J 440 21.69 23.07 -7.71
N SER J 441 21.08 24.25 -7.59
CA SER J 441 21.00 24.90 -6.29
C SER J 441 20.12 24.13 -5.32
N ARG J 442 19.16 23.35 -5.80
CA ARG J 442 18.31 22.55 -4.94
C ARG J 442 18.93 21.20 -4.61
N LEU J 443 19.77 20.66 -5.50
CA LEU J 443 20.50 19.44 -5.18
C LEU J 443 21.55 19.68 -4.11
N PHE J 444 22.17 20.86 -4.13
CA PHE J 444 23.23 21.17 -3.17
C PHE J 444 22.69 21.31 -1.75
N HIS J 445 21.44 21.75 -1.60
CA HIS J 445 20.87 21.98 -0.28
C HIS J 445 20.47 20.69 0.42
N LYS J 446 20.48 19.56 -0.26
CA LYS J 446 20.17 18.29 0.39
C LYS J 446 21.37 17.66 1.08
N LEU J 447 22.58 18.12 0.80
CA LEU J 447 23.75 17.61 1.49
C LEU J 447 23.74 18.06 2.95
N SER J 448 24.23 17.19 3.84
CA SER J 448 24.22 17.49 5.26
C SER J 448 25.13 18.67 5.56
N THR J 449 24.81 19.37 6.66
CA THR J 449 25.52 20.60 6.98
C THR J 449 26.99 20.35 7.28
N ARG J 450 27.28 19.30 8.07
CA ARG J 450 28.66 19.05 8.48
C ARG J 450 29.56 18.77 7.28
N HIS J 451 29.04 18.10 6.26
CA HIS J 451 29.83 17.86 5.06
C HIS J 451 30.19 19.17 4.36
N ARG J 452 29.24 20.11 4.29
CA ARG J 452 29.52 21.39 3.65
C ARG J 452 30.53 22.21 4.45
N LEU J 453 30.44 22.20 5.79
CA LEU J 453 31.47 22.86 6.58
C LEU J 453 32.83 22.20 6.38
N ALA J 454 32.87 20.87 6.27
CA ALA J 454 34.15 20.20 6.01
C ALA J 454 34.73 20.67 4.69
N TYR J 455 33.90 20.79 3.67
CA TYR J 455 34.38 21.24 2.38
C TYR J 455 34.90 22.67 2.43
N VAL J 456 34.17 23.55 3.13
CA VAL J 456 34.58 24.94 3.22
C VAL J 456 35.90 25.07 3.95
N GLU J 457 36.04 24.38 5.08
CA GLU J 457 37.29 24.41 5.84
C GLU J 457 38.45 23.84 5.05
N ALA J 458 38.22 22.75 4.32
CA ALA J 458 39.30 22.19 3.50
C ALA J 458 39.73 23.14 2.40
N VAL J 459 38.79 23.82 1.75
CA VAL J 459 39.16 24.72 0.66
C VAL J 459 39.83 25.99 1.17
N SER J 460 39.43 26.50 2.34
CA SER J 460 39.95 27.77 2.82
C SER J 460 41.41 27.72 3.26
N LYS J 461 42.08 26.57 3.13
CA LYS J 461 43.47 26.44 3.54
C LYS J 461 44.42 26.34 2.35
N LEU J 462 43.93 26.55 1.16
CA LEU J 462 44.81 26.40 0.01
C LEU J 462 45.24 27.76 -0.53
N PRO J 463 46.40 27.84 -1.16
CA PRO J 463 46.82 29.12 -1.76
C PRO J 463 46.08 29.41 -3.06
N SER J 464 45.32 30.50 -3.08
CA SER J 464 44.53 30.84 -4.26
C SER J 464 45.42 31.13 -5.47
N ASP J 465 46.56 31.80 -5.26
CA ASP J 465 47.47 32.13 -6.34
C ASP J 465 48.42 30.95 -6.56
N SER J 466 47.88 29.90 -7.16
CA SER J 466 48.65 28.68 -7.42
C SER J 466 48.00 27.94 -8.57
N PRO J 467 48.79 27.32 -9.45
CA PRO J 467 48.19 26.59 -10.58
C PRO J 467 47.53 25.27 -10.19
N GLU J 468 47.69 24.81 -8.96
CA GLU J 468 47.14 23.54 -8.52
C GLU J 468 45.81 23.67 -7.79
N PHE J 469 45.24 24.87 -7.74
CA PHE J 469 43.97 25.10 -7.06
C PHE J 469 42.80 24.30 -7.65
N PRO J 470 42.56 24.30 -8.97
CA PRO J 470 41.41 23.54 -9.50
C PRO J 470 41.47 22.06 -9.20
N LEU J 471 42.67 21.48 -9.22
CA LEU J 471 42.81 20.05 -8.97
C LEU J 471 42.36 19.70 -7.56
N TRP J 472 42.84 20.45 -6.58
CA TRP J 472 42.43 20.21 -5.20
C TRP J 472 40.95 20.48 -5.00
N GLU J 473 40.42 21.53 -5.65
CA GLU J 473 39.00 21.81 -5.52
C GLU J 473 38.15 20.65 -6.03
N TYR J 474 38.51 20.10 -7.19
CA TYR J 474 37.78 18.95 -7.72
C TYR J 474 37.91 17.74 -6.81
N TYR J 475 39.10 17.50 -6.27
CA TYR J 475 39.30 16.36 -5.38
C TYR J 475 38.40 16.48 -4.15
N TYR J 476 38.34 17.66 -3.56
CA TYR J 476 37.53 17.84 -2.36
C TYR J 476 36.04 17.77 -2.67
N ARG J 477 35.62 18.24 -3.85
CA ARG J 477 34.21 18.09 -4.24
C ARG J 477 33.83 16.62 -4.37
N CYS J 478 34.68 15.82 -5.01
CA CYS J 478 34.41 14.39 -5.13
C CYS J 478 34.38 13.73 -3.75
N ARG J 479 35.25 14.14 -2.86
CA ARG J 479 35.26 13.56 -1.53
C ARG J 479 33.97 13.90 -0.81
N LEU J 480 33.53 15.14 -0.95
CA LEU J 480 32.27 15.53 -0.34
C LEU J 480 31.11 14.66 -0.82
N LEU J 481 31.03 14.42 -2.13
CA LEU J 481 29.97 13.56 -2.65
C LEU J 481 30.09 12.14 -2.10
N GLN J 482 31.30 11.60 -2.05
CA GLN J 482 31.49 10.26 -1.52
C GLN J 482 31.11 10.16 -0.06
N ASP J 483 31.47 11.17 0.73
CA ASP J 483 31.11 11.17 2.15
C ASP J 483 29.60 11.19 2.33
N TYR J 484 28.90 12.03 1.53
CA TYR J 484 27.45 12.07 1.64
C TYR J 484 26.83 10.72 1.28
N ILE J 485 27.32 10.08 0.22
CA ILE J 485 26.73 8.80 -0.17
C ILE J 485 26.99 7.74 0.89
N SER J 486 28.22 7.69 1.43
CA SER J 486 28.57 6.63 2.37
C SER J 486 28.08 6.89 3.78
N GLY J 487 27.58 8.08 4.08
CA GLY J 487 27.10 8.35 5.41
C GLY J 487 25.65 8.01 5.68
N MET J 488 25.01 7.22 4.83
CA MET J 488 23.60 6.92 4.97
C MET J 488 23.38 5.55 5.61
N THR J 489 22.10 5.22 5.79
CA THR J 489 21.66 3.87 6.13
C THR J 489 21.07 3.21 4.89
N ASP J 490 20.86 1.91 4.99
CA ASP J 490 20.32 1.15 3.90
C ASP J 490 18.87 1.46 3.62
N LEU J 491 18.16 1.94 4.61
CA LEU J 491 16.75 2.29 4.44
C LEU J 491 16.56 3.71 3.95
N TYR J 492 17.31 4.66 4.49
CA TYR J 492 17.22 6.05 4.05
C TYR J 492 17.64 6.20 2.59
N ALA J 493 18.71 5.52 2.18
CA ALA J 493 19.14 5.58 0.79
C ALA J 493 18.09 4.96 -0.13
N TRP J 494 17.49 3.86 0.28
CA TRP J 494 16.46 3.22 -0.51
C TRP J 494 15.25 4.13 -0.67
N ASP J 495 14.83 4.76 0.40
CA ASP J 495 13.69 5.68 0.33
C ASP J 495 14.00 6.90 -0.52
N GLU J 496 15.17 7.50 -0.35
CA GLU J 496 15.55 8.65 -1.17
C GLU J 496 15.63 8.26 -2.63
N TYR J 497 16.11 7.06 -2.93
CA TYR J 497 16.17 6.63 -4.32
C TYR J 497 14.79 6.50 -4.93
N ARG J 498 13.84 6.00 -4.18
CA ARG J 498 12.51 5.88 -4.73
C ARG J 498 11.84 7.25 -4.86
N ARG J 499 12.12 8.15 -3.92
CA ARG J 499 11.50 9.47 -3.93
C ARG J 499 12.04 10.37 -5.04
N LEU J 500 13.36 10.35 -5.26
CA LEU J 500 13.94 11.22 -6.28
C LEU J 500 13.67 10.76 -7.70
N MET J 501 13.15 9.55 -7.89
CA MET J 501 12.81 9.05 -9.21
C MET J 501 11.31 9.13 -9.50
N ALA J 502 10.55 9.84 -8.67
CA ALA J 502 9.12 10.04 -8.88
C ALA J 502 8.35 8.71 -8.96
N VAL J 503 8.68 7.81 -8.05
CA VAL J 503 8.00 6.52 -7.96
C VAL J 503 7.06 6.52 -6.76
N GLU J 504 7.54 7.00 -5.62
CA GLU J 504 6.71 7.09 -4.43
C GLU J 504 6.19 8.50 -4.23
N GLN K 3 -33.63 -58.89 -11.01
CA GLN K 3 -32.97 -58.87 -12.32
C GLN K 3 -32.38 -57.50 -12.61
N ILE K 4 -31.06 -57.45 -12.82
CA ILE K 4 -30.38 -56.19 -13.07
C ILE K 4 -30.69 -55.74 -14.49
N ASP K 5 -31.12 -54.49 -14.64
CA ASP K 5 -31.42 -53.91 -15.94
C ASP K 5 -31.10 -52.42 -15.85
N PHE K 6 -30.07 -51.99 -16.57
CA PHE K 6 -29.62 -50.61 -16.50
C PHE K 6 -30.42 -49.66 -17.37
N ARG K 7 -31.36 -50.18 -18.17
CA ARG K 7 -32.24 -49.30 -18.95
C ARG K 7 -33.26 -48.59 -18.07
N LYS K 8 -33.62 -49.17 -16.93
CA LYS K 8 -34.54 -48.54 -16.00
C LYS K 8 -33.85 -47.56 -15.06
N LYS K 9 -32.54 -47.43 -15.15
CA LYS K 9 -31.78 -46.50 -14.31
C LYS K 9 -31.22 -45.32 -15.09
N ILE K 10 -30.78 -45.53 -16.33
CA ILE K 10 -30.27 -44.44 -17.15
C ILE K 10 -31.44 -43.74 -17.82
N ASN K 11 -31.98 -42.71 -17.16
CA ASN K 11 -33.13 -41.97 -17.67
C ASN K 11 -32.64 -40.72 -18.38
N TRP K 12 -33.10 -40.51 -19.61
CA TRP K 12 -32.69 -39.37 -20.41
C TRP K 12 -33.79 -38.34 -20.56
N HIS K 13 -34.80 -38.36 -19.71
CA HIS K 13 -35.83 -37.34 -19.71
C HIS K 13 -35.40 -36.15 -18.86
N ARG K 14 -36.10 -35.04 -19.03
CA ARG K 14 -35.82 -33.80 -18.32
C ARG K 14 -37.05 -33.39 -17.51
N ARG K 15 -36.92 -32.27 -16.82
CA ARG K 15 -38.01 -31.71 -16.02
C ARG K 15 -38.89 -30.75 -16.80
N TYR K 16 -38.28 -29.90 -17.63
CA TYR K 16 -39.00 -28.96 -18.46
C TYR K 16 -38.68 -29.25 -19.93
N ARG K 17 -39.71 -29.27 -20.76
CA ARG K 17 -39.58 -29.50 -22.20
C ARG K 17 -38.83 -30.80 -22.47
N SER K 18 -39.19 -31.84 -21.72
CA SER K 18 -38.52 -33.12 -21.84
C SER K 18 -38.79 -33.75 -23.21
N PRO K 19 -37.81 -34.42 -23.79
CA PRO K 19 -38.05 -35.12 -25.05
C PRO K 19 -38.83 -36.41 -24.82
N GLN K 20 -39.78 -36.68 -25.70
CA GLN K 20 -40.66 -37.83 -25.57
C GLN K 20 -40.59 -38.69 -26.82
N GLY K 21 -41.03 -39.94 -26.67
CA GLY K 21 -41.04 -40.88 -27.77
C GLY K 21 -40.01 -41.98 -27.64
N VAL K 22 -39.60 -42.56 -28.77
CA VAL K 22 -38.61 -43.62 -28.81
C VAL K 22 -37.40 -43.11 -29.58
N LYS K 23 -36.21 -43.39 -29.04
CA LYS K 23 -34.97 -42.84 -29.57
C LYS K 23 -34.02 -43.98 -29.92
N THR K 24 -32.94 -43.62 -30.61
CA THR K 24 -31.88 -44.54 -30.99
C THR K 24 -30.59 -44.17 -30.26
N GLU K 25 -29.53 -44.91 -30.55
CA GLU K 25 -28.25 -44.68 -29.87
C GLU K 25 -27.70 -43.30 -30.16
N HIS K 26 -27.75 -42.88 -31.43
CA HIS K 26 -27.20 -41.58 -31.80
C HIS K 26 -27.93 -40.44 -31.11
N GLU K 27 -29.26 -40.52 -31.04
CA GLU K 27 -30.03 -39.48 -30.38
C GLU K 27 -29.76 -39.43 -28.87
N ILE K 28 -29.61 -40.58 -28.23
CA ILE K 28 -29.29 -40.59 -26.81
C ILE K 28 -27.92 -39.99 -26.57
N LEU K 29 -26.94 -40.33 -27.41
CA LEU K 29 -25.62 -39.76 -27.26
C LEU K 29 -25.65 -38.24 -27.46
N ARG K 30 -26.43 -37.77 -28.44
CA ARG K 30 -26.58 -36.33 -28.64
C ARG K 30 -27.22 -35.67 -27.43
N ILE K 31 -28.21 -36.31 -26.82
CA ILE K 31 -28.84 -35.76 -25.63
C ILE K 31 -27.82 -35.61 -24.51
N PHE K 32 -27.01 -36.65 -24.29
CA PHE K 32 -26.06 -36.60 -23.19
C PHE K 32 -24.85 -35.71 -23.46
N GLU K 33 -24.54 -35.41 -24.72
CA GLU K 33 -23.44 -34.48 -25.00
C GLU K 33 -23.84 -33.04 -24.70
N SER K 34 -25.12 -32.70 -24.92
CA SER K 34 -25.58 -31.36 -24.59
C SER K 34 -25.47 -31.06 -23.11
N ASP K 35 -25.63 -32.09 -22.26
CA ASP K 35 -25.47 -31.89 -20.82
C ASP K 35 -24.04 -31.47 -20.50
N ARG K 36 -23.06 -32.12 -21.14
CA ARG K 36 -21.67 -31.71 -20.96
C ARG K 36 -21.47 -30.28 -21.44
N GLY K 37 -22.06 -29.95 -22.60
CA GLY K 37 -21.94 -28.60 -23.10
C GLY K 37 -22.48 -27.57 -22.14
N ARG K 38 -23.61 -27.87 -21.50
CA ARG K 38 -24.18 -26.93 -20.54
C ARG K 38 -23.31 -26.81 -19.29
N ILE K 39 -22.84 -27.94 -18.77
CA ILE K 39 -22.10 -27.91 -17.51
C ILE K 39 -20.75 -27.21 -17.68
N ILE K 40 -20.04 -27.50 -18.76
CA ILE K 40 -18.68 -26.97 -18.90
C ILE K 40 -18.68 -25.45 -19.07
N ASN K 41 -19.67 -24.89 -19.76
CA ASN K 41 -19.71 -23.44 -20.01
C ASN K 41 -20.61 -22.72 -19.02
N SER K 42 -20.61 -23.17 -17.77
CA SER K 42 -21.45 -22.57 -16.73
C SER K 42 -20.62 -21.69 -15.81
N PRO K 43 -21.19 -20.61 -15.29
CA PRO K 43 -20.44 -19.75 -14.36
C PRO K 43 -19.99 -20.46 -13.10
N ALA K 44 -20.75 -21.45 -12.62
CA ALA K 44 -20.38 -22.15 -11.40
C ALA K 44 -19.06 -22.90 -11.56
N ILE K 45 -18.85 -23.54 -12.71
CA ILE K 45 -17.59 -24.24 -12.95
C ILE K 45 -16.44 -23.25 -13.13
N ARG K 46 -16.70 -22.13 -13.80
CA ARG K 46 -15.65 -21.12 -13.99
C ARG K 46 -15.20 -20.54 -12.65
N ARG K 47 -16.15 -20.34 -11.73
CA ARG K 47 -15.81 -19.74 -10.45
C ARG K 47 -14.86 -20.58 -9.62
N LEU K 48 -14.71 -21.87 -9.96
CA LEU K 48 -13.89 -22.77 -9.16
C LEU K 48 -12.41 -22.47 -9.23
N GLN K 49 -11.97 -21.65 -10.19
CA GLN K 49 -10.56 -21.34 -10.33
C GLN K 49 -10.11 -20.22 -9.41
N GLN K 50 -10.98 -19.73 -8.54
CA GLN K 50 -10.63 -18.74 -7.54
C GLN K 50 -10.90 -19.24 -6.13
N LYS K 51 -11.04 -20.55 -5.94
CA LYS K 51 -11.25 -21.14 -4.63
C LYS K 51 -10.04 -21.98 -4.24
N THR K 52 -9.61 -21.83 -2.99
CA THR K 52 -8.41 -22.47 -2.50
C THR K 52 -8.67 -23.90 -2.05
N GLN K 53 -7.82 -24.82 -2.48
CA GLN K 53 -7.89 -26.21 -2.03
C GLN K 53 -7.19 -26.38 -0.69
N VAL K 54 -5.88 -26.14 -0.66
CA VAL K 54 -5.10 -26.23 0.57
C VAL K 54 -4.31 -24.94 0.78
N PHE K 55 -3.49 -24.58 -0.21
CA PHE K 55 -2.62 -23.41 -0.11
C PHE K 55 -3.20 -22.26 -0.92
N PRO K 56 -3.26 -21.04 -0.36
CA PRO K 56 -3.85 -19.88 -1.02
C PRO K 56 -3.04 -19.39 -2.22
N ALA K 62 1.82 -22.12 -9.13
CA ALA K 62 1.47 -23.40 -9.72
C ALA K 62 0.90 -24.35 -8.68
N VAL K 63 0.08 -23.82 -7.79
CA VAL K 63 -0.61 -24.62 -6.77
C VAL K 63 -2.02 -24.92 -7.27
N ARG K 64 -2.59 -26.00 -6.76
CA ARG K 64 -3.85 -26.51 -7.28
C ARG K 64 -5.04 -25.75 -6.72
N THR K 65 -5.96 -25.39 -7.60
CA THR K 65 -7.25 -24.85 -7.24
C THR K 65 -8.26 -26.00 -7.23
N ARG K 66 -9.53 -25.66 -7.10
CA ARG K 66 -10.54 -26.69 -7.07
C ARG K 66 -10.86 -27.23 -8.46
N LEU K 67 -10.57 -26.44 -9.49
CA LEU K 67 -10.82 -26.86 -10.86
C LEU K 67 -9.85 -27.94 -11.31
N THR K 68 -8.55 -27.75 -11.03
CA THR K 68 -7.55 -28.73 -11.42
C THR K 68 -7.71 -30.05 -10.67
N HIS K 69 -8.09 -30.01 -9.39
CA HIS K 69 -8.31 -31.23 -8.62
C HIS K 69 -9.50 -32.01 -9.16
N SER K 70 -10.56 -31.30 -9.54
CA SER K 70 -11.69 -31.94 -10.20
C SER K 70 -11.32 -32.54 -11.55
N MET K 71 -10.43 -31.87 -12.30
CA MET K 71 -9.96 -32.42 -13.56
C MET K 71 -9.13 -33.69 -13.39
N GLU K 72 -8.60 -33.96 -12.19
CA GLU K 72 -7.92 -35.22 -11.94
C GLU K 72 -8.87 -36.30 -11.45
N VAL K 73 -9.83 -35.91 -10.61
CA VAL K 73 -10.86 -36.85 -10.18
C VAL K 73 -11.63 -37.36 -11.39
N GLN K 74 -11.87 -36.49 -12.37
CA GLN K 74 -12.57 -36.89 -13.58
C GLN K 74 -11.83 -37.98 -14.34
N GLN K 75 -10.51 -37.83 -14.49
CA GLN K 75 -9.72 -38.84 -15.17
C GLN K 75 -9.74 -40.16 -14.42
N VAL K 76 -9.60 -40.12 -13.09
CA VAL K 76 -9.61 -41.35 -12.32
C VAL K 76 -10.95 -42.07 -12.47
N GLY K 77 -12.05 -41.33 -12.37
CA GLY K 77 -13.36 -41.94 -12.52
C GLY K 77 -13.59 -42.51 -13.90
N ARG K 78 -13.15 -41.82 -14.94
CA ARG K 78 -13.28 -42.33 -16.30
C ARG K 78 -12.51 -43.63 -16.47
N TYR K 79 -11.29 -43.70 -15.91
CA TYR K 79 -10.50 -44.92 -16.04
C TYR K 79 -11.18 -46.08 -15.31
N ILE K 80 -11.73 -45.81 -14.13
CA ILE K 80 -12.44 -46.87 -13.39
C ILE K 80 -13.64 -47.37 -14.16
N ALA K 81 -14.41 -46.44 -14.75
CA ALA K 81 -15.60 -46.84 -15.51
C ALA K 81 -15.22 -47.69 -16.71
N LYS K 82 -14.17 -47.29 -17.44
CA LYS K 82 -13.74 -48.08 -18.59
C LYS K 82 -13.25 -49.47 -18.16
N GLU K 83 -12.55 -49.55 -17.03
CA GLU K 83 -12.10 -50.86 -16.56
C GLU K 83 -13.28 -51.76 -16.21
N ILE K 84 -14.29 -51.20 -15.54
CA ILE K 84 -15.48 -52.00 -15.19
C ILE K 84 -16.17 -52.48 -16.45
N LEU K 85 -16.32 -51.59 -17.44
CA LEU K 85 -16.99 -51.99 -18.68
C LEU K 85 -16.20 -53.05 -19.43
N SER K 86 -14.87 -52.95 -19.44
CA SER K 86 -14.05 -53.97 -20.09
C SER K 86 -14.18 -55.31 -19.39
N ARG K 87 -14.24 -55.30 -18.06
CA ARG K 87 -14.29 -56.56 -17.33
C ARG K 87 -15.61 -57.30 -17.52
N LEU K 88 -16.67 -56.61 -17.94
CA LEU K 88 -17.95 -57.27 -18.18
C LEU K 88 -18.06 -57.86 -19.58
N LYS K 89 -17.24 -57.40 -20.52
CA LYS K 89 -17.23 -58.00 -21.85
C LYS K 89 -16.51 -59.35 -21.86
N GLU K 90 -15.50 -59.52 -21.00
CA GLU K 90 -14.82 -60.80 -20.90
C GLU K 90 -15.68 -61.88 -20.27
N LEU K 91 -16.82 -61.51 -19.68
CA LEU K 91 -17.76 -62.48 -19.13
C LEU K 91 -19.10 -62.46 -19.88
N LYS K 92 -19.18 -61.74 -20.99
CA LYS K 92 -20.36 -61.72 -21.86
C LYS K 92 -21.62 -61.32 -21.11
N LEU K 93 -21.52 -60.33 -20.22
CA LEU K 93 -22.65 -59.88 -19.41
C LEU K 93 -23.17 -58.51 -19.82
N LEU K 94 -22.71 -57.95 -20.94
CA LEU K 94 -23.20 -56.65 -21.37
C LEU K 94 -24.56 -56.71 -22.05
N GLU K 95 -25.04 -57.91 -22.38
CA GLU K 95 -26.38 -58.07 -22.97
C GLU K 95 -27.42 -58.49 -21.95
N ALA K 96 -27.02 -59.23 -20.91
CA ALA K 96 -27.97 -59.58 -19.85
C ALA K 96 -28.24 -58.40 -18.93
N TYR K 97 -27.27 -57.49 -18.78
CA TYR K 97 -27.39 -56.36 -17.88
C TYR K 97 -27.91 -55.11 -18.56
N GLY K 98 -28.16 -55.15 -19.86
CA GLY K 98 -28.74 -54.04 -20.57
C GLY K 98 -27.79 -52.94 -20.99
N LEU K 99 -26.49 -53.10 -20.77
CA LEU K 99 -25.51 -52.09 -21.12
C LEU K 99 -25.01 -52.22 -22.55
N ASP K 100 -25.71 -52.96 -23.40
CA ASP K 100 -25.23 -53.21 -24.75
C ASP K 100 -25.17 -51.94 -25.57
N GLU K 101 -26.17 -51.08 -25.43
CA GLU K 101 -26.31 -49.87 -26.23
C GLU K 101 -26.22 -48.60 -25.39
N LEU K 102 -25.68 -48.71 -24.18
CA LEU K 102 -25.59 -47.55 -23.30
C LEU K 102 -24.19 -47.38 -22.73
N THR K 103 -23.15 -47.87 -23.41
CA THR K 103 -21.79 -47.71 -22.90
C THR K 103 -21.35 -46.26 -22.91
N GLY K 104 -21.72 -45.50 -23.93
CA GLY K 104 -21.31 -44.12 -24.07
C GLY K 104 -21.73 -43.24 -22.90
N PRO K 105 -23.03 -43.16 -22.62
CA PRO K 105 -23.48 -42.35 -21.47
C PRO K 105 -22.93 -42.82 -20.13
N PHE K 106 -22.53 -44.08 -20.02
CA PHE K 106 -22.05 -44.60 -18.75
C PHE K 106 -20.81 -43.85 -18.27
N GLU K 107 -19.88 -43.56 -19.17
CA GLU K 107 -18.71 -42.78 -18.80
C GLU K 107 -19.03 -41.30 -18.62
N SER K 108 -19.92 -40.77 -19.44
CA SER K 108 -20.22 -39.34 -19.38
C SER K 108 -20.87 -38.96 -18.05
N ILE K 109 -21.80 -39.79 -17.58
CA ILE K 109 -22.46 -39.50 -16.31
C ILE K 109 -21.45 -39.47 -15.18
N VAL K 110 -20.56 -40.46 -15.14
CA VAL K 110 -19.56 -40.54 -14.09
C VAL K 110 -18.62 -39.33 -14.16
N GLU K 111 -18.18 -38.97 -15.37
CA GLU K 111 -17.22 -37.88 -15.51
C GLU K 111 -17.84 -36.55 -15.09
N MET K 112 -19.06 -36.28 -15.56
CA MET K 112 -19.70 -35.01 -15.20
C MET K 112 -20.08 -34.97 -13.73
N SER K 113 -20.40 -36.11 -13.12
CA SER K 113 -20.62 -36.13 -11.69
C SER K 113 -19.35 -35.87 -10.92
N CYS K 114 -18.21 -36.38 -11.41
CA CYS K 114 -16.93 -36.09 -10.77
C CYS K 114 -16.57 -34.63 -10.89
N LEU K 115 -16.88 -33.99 -12.02
CA LEU K 115 -16.50 -32.59 -12.22
C LEU K 115 -17.23 -31.67 -11.25
N MET K 116 -18.56 -31.78 -11.18
CA MET K 116 -19.36 -30.92 -10.31
C MET K 116 -19.70 -31.60 -8.99
N HIS K 117 -18.64 -32.04 -8.29
CA HIS K 117 -18.79 -32.59 -6.95
C HIS K 117 -18.36 -31.60 -5.87
N ASP K 118 -18.05 -30.38 -6.24
CA ASP K 118 -17.57 -29.41 -5.29
C ASP K 118 -18.05 -28.02 -5.62
N ILE K 119 -19.24 -27.89 -6.16
CA ILE K 119 -19.75 -26.57 -6.55
C ILE K 119 -20.56 -25.90 -5.46
N GLY K 120 -20.90 -26.62 -4.39
CA GLY K 120 -21.69 -26.09 -3.32
C GLY K 120 -20.95 -25.67 -2.08
N ASN K 121 -19.64 -25.93 -2.02
CA ASN K 121 -18.90 -25.62 -0.81
C ASN K 121 -18.76 -24.10 -0.64
N PRO K 122 -18.89 -23.60 0.58
CA PRO K 122 -18.81 -22.16 0.82
C PRO K 122 -17.38 -21.67 0.76
N PRO K 123 -17.16 -20.36 0.75
CA PRO K 123 -15.78 -19.86 0.83
C PRO K 123 -15.10 -20.30 2.11
N PHE K 124 -13.80 -20.52 2.02
CA PHE K 124 -12.90 -20.93 3.09
C PHE K 124 -13.11 -22.37 3.53
N GLY K 125 -14.02 -23.10 2.90
CA GLY K 125 -14.10 -24.53 3.13
C GLY K 125 -14.77 -24.87 4.43
N HIS K 126 -14.21 -25.87 5.09
CA HIS K 126 -14.71 -26.43 6.34
C HIS K 126 -14.89 -25.45 7.46
N PHE K 127 -14.08 -24.39 7.49
CA PHE K 127 -14.19 -23.40 8.53
C PHE K 127 -15.19 -22.32 8.18
N GLY K 128 -15.65 -22.34 6.93
CA GLY K 128 -16.66 -21.43 6.47
C GLY K 128 -18.00 -22.09 6.72
N GLU K 129 -18.04 -23.42 6.71
CA GLU K 129 -19.30 -24.12 6.96
C GLU K 129 -19.71 -24.07 8.42
N ALA K 130 -18.75 -24.12 9.34
CA ALA K 130 -19.07 -24.02 10.76
C ALA K 130 -19.60 -22.63 11.11
N ALA K 131 -18.99 -21.59 10.54
CA ALA K 131 -19.38 -20.22 10.89
C ALA K 131 -20.85 -19.96 10.54
N ILE K 132 -21.31 -20.46 9.40
CA ILE K 132 -22.71 -20.32 9.05
C ILE K 132 -23.58 -21.10 10.03
N ASN K 133 -23.12 -22.27 10.46
CA ASN K 133 -23.93 -23.10 11.35
C ASN K 133 -23.99 -22.54 12.75
N ASP K 134 -22.86 -22.08 13.30
CA ASP K 134 -22.84 -21.57 14.66
C ASP K 134 -23.68 -20.31 14.79
N TRP K 135 -23.51 -19.36 13.87
CA TRP K 135 -24.24 -18.10 13.94
C TRP K 135 -25.74 -18.31 13.99
N PHE K 136 -26.26 -19.27 13.25
CA PHE K 136 -27.69 -19.54 13.27
C PHE K 136 -28.11 -20.29 14.52
N ARG K 137 -27.24 -21.10 15.11
CA ARG K 137 -27.62 -21.88 16.27
C ARG K 137 -27.91 -21.01 17.48
N GLN K 138 -27.40 -19.79 17.47
CA GLN K 138 -27.63 -18.88 18.56
C GLN K 138 -28.87 -18.06 18.31
N ARG K 139 -29.45 -18.21 17.15
CA ARG K 139 -30.65 -17.45 16.81
C ARG K 139 -31.93 -18.26 16.96
N LEU K 140 -31.86 -19.58 16.76
CA LEU K 140 -33.05 -20.42 16.76
C LEU K 140 -33.06 -21.47 17.86
N HIS K 141 -31.89 -21.96 18.29
CA HIS K 141 -31.76 -22.95 19.35
C HIS K 141 -32.62 -24.18 19.07
N PRO K 142 -32.25 -25.02 18.11
CA PRO K 142 -33.08 -26.20 17.81
C PRO K 142 -33.20 -27.18 18.97
N GLU K 143 -32.19 -27.24 19.84
CA GLU K 143 -32.18 -28.25 20.91
C GLU K 143 -33.35 -28.07 21.86
N ASP K 144 -33.97 -26.89 21.87
CA ASP K 144 -35.10 -26.61 22.75
C ASP K 144 -36.44 -26.96 22.14
N ALA K 145 -36.47 -27.54 20.94
CA ALA K 145 -37.72 -27.91 20.28
C ALA K 145 -37.87 -29.42 20.12
N GLU K 146 -37.15 -30.20 20.94
CA GLU K 146 -37.16 -31.65 20.79
C GLU K 146 -38.16 -32.36 21.69
N SER K 147 -38.91 -31.62 22.51
CA SER K 147 -39.80 -32.22 23.50
C SER K 147 -41.05 -31.37 23.60
N GLN K 148 -41.82 -31.58 24.67
CA GLN K 148 -43.01 -30.79 24.91
C GLN K 148 -42.65 -29.32 25.08
N PRO K 149 -43.54 -28.41 24.67
CA PRO K 149 -43.23 -26.97 24.74
C PRO K 149 -42.83 -26.51 26.13
N LEU K 150 -41.75 -25.74 26.21
CA LEU K 150 -41.23 -25.26 27.47
C LEU K 150 -41.86 -23.93 27.87
N ASP K 153 -37.77 -21.06 26.57
CA ASP K 153 -37.52 -21.02 25.13
C ASP K 153 -36.66 -19.82 24.78
N ARG K 154 -35.52 -20.08 24.13
CA ARG K 154 -34.54 -19.05 23.83
C ARG K 154 -34.59 -18.59 22.37
N CYS K 155 -35.64 -18.94 21.63
CA CYS K 155 -35.73 -18.53 20.23
C CYS K 155 -35.95 -17.03 20.14
N SER K 156 -35.22 -16.39 19.22
CA SER K 156 -35.26 -14.94 19.06
C SER K 156 -36.34 -14.48 18.09
N VAL K 157 -37.03 -15.39 17.43
CA VAL K 157 -38.10 -15.05 16.49
C VAL K 157 -39.43 -15.42 17.11
N ALA K 158 -40.36 -14.46 17.13
CA ALA K 158 -41.64 -14.68 17.80
C ALA K 158 -42.47 -15.73 17.08
N ALA K 159 -42.37 -15.80 15.76
CA ALA K 159 -43.20 -16.68 14.96
C ALA K 159 -42.69 -18.11 14.91
N LEU K 160 -41.64 -18.45 15.67
CA LEU K 160 -41.11 -19.80 15.68
C LEU K 160 -41.03 -20.43 17.06
N ARG K 161 -41.36 -19.69 18.12
CA ARG K 161 -41.35 -20.24 19.47
C ARG K 161 -42.54 -21.18 19.65
N LEU K 162 -42.33 -22.25 20.41
CA LEU K 162 -43.36 -23.28 20.57
C LEU K 162 -44.43 -22.78 21.54
N ARG K 163 -45.69 -22.94 21.15
CA ARG K 163 -46.82 -22.58 22.01
C ARG K 163 -47.75 -23.77 22.18
N GLU K 166 -51.29 -26.50 19.98
CA GLU K 166 -51.05 -26.22 18.57
C GLU K 166 -49.96 -27.12 17.99
N GLU K 167 -50.19 -28.42 18.04
CA GLU K 167 -49.25 -29.42 17.53
C GLU K 167 -48.99 -29.31 16.03
N PRO K 168 -50.02 -29.14 15.18
CA PRO K 168 -49.75 -29.07 13.73
C PRO K 168 -48.78 -27.98 13.33
N LEU K 169 -48.87 -26.80 13.95
CA LEU K 169 -47.89 -25.75 13.68
C LEU K 169 -46.58 -26.04 14.39
N ASN K 170 -46.62 -26.73 15.53
CA ASN K 170 -45.40 -27.05 16.27
C ASN K 170 -44.48 -27.94 15.46
N GLU K 171 -45.02 -28.91 14.74
CA GLU K 171 -44.18 -29.80 13.94
C GLU K 171 -43.43 -29.03 12.86
N LEU K 172 -44.13 -28.14 12.15
CA LEU K 172 -43.46 -27.33 11.13
C LEU K 172 -42.45 -26.40 11.77
N ARG K 173 -42.77 -25.85 12.95
CA ARG K 173 -41.81 -24.98 13.64
C ARG K 173 -40.52 -25.73 13.94
N ARG K 174 -40.61 -26.92 14.51
CA ARG K 174 -39.39 -27.65 14.87
C ARG K 174 -38.64 -28.10 13.63
N LYS K 175 -39.35 -28.48 12.56
CA LYS K 175 -38.66 -28.84 11.33
C LYS K 175 -37.87 -27.67 10.76
N ILE K 176 -38.48 -26.49 10.70
CA ILE K 176 -37.79 -25.32 10.16
C ILE K 176 -36.62 -24.94 11.05
N ARG K 177 -36.79 -25.03 12.38
CA ARG K 177 -35.71 -24.66 13.27
C ARG K 177 -34.53 -25.63 13.17
N GLN K 178 -34.80 -26.91 12.93
CA GLN K 178 -33.70 -27.87 12.81
C GLN K 178 -33.00 -27.74 11.47
N ASP K 179 -33.76 -27.51 10.39
CA ASP K 179 -33.16 -27.54 9.06
C ASP K 179 -32.17 -26.41 8.85
N LEU K 180 -32.47 -25.21 9.34
CA LEU K 180 -31.66 -24.03 9.06
C LEU K 180 -30.28 -24.08 9.67
N CYS K 181 -30.04 -24.96 10.65
CA CYS K 181 -28.75 -25.07 11.32
C CYS K 181 -27.90 -26.20 10.77
N HIS K 182 -28.34 -26.86 9.69
CA HIS K 182 -27.57 -27.92 9.03
C HIS K 182 -27.31 -27.48 7.60
N PHE K 183 -26.20 -26.77 7.40
CA PHE K 183 -25.76 -26.37 6.08
C PHE K 183 -24.67 -27.33 5.60
N GLU K 184 -24.79 -27.79 4.36
CA GLU K 184 -23.86 -28.75 3.80
C GLU K 184 -23.66 -28.45 2.33
N GLY K 185 -22.42 -28.66 1.85
CA GLY K 185 -22.12 -28.39 0.45
C GLY K 185 -22.83 -29.33 -0.51
N ASN K 186 -22.89 -30.62 -0.15
CA ASN K 186 -23.56 -31.59 -1.00
C ASN K 186 -25.05 -31.27 -1.14
N ALA K 187 -25.69 -30.85 -0.04
CA ALA K 187 -27.09 -30.47 -0.12
C ALA K 187 -27.27 -29.17 -0.89
N GLN K 188 -26.27 -28.29 -0.87
CA GLN K 188 -26.35 -27.03 -1.60
C GLN K 188 -26.11 -27.22 -3.09
N GLY K 189 -25.40 -28.27 -3.50
CA GLY K 189 -25.19 -28.50 -4.91
C GLY K 189 -26.48 -28.77 -5.68
N ILE K 190 -27.39 -29.54 -5.07
CA ILE K 190 -28.67 -29.82 -5.72
C ILE K 190 -29.47 -28.53 -5.90
N ARG K 191 -29.51 -27.71 -4.85
CA ARG K 191 -30.21 -26.43 -4.94
C ARG K 191 -29.59 -25.53 -5.99
N LEU K 192 -28.26 -25.56 -6.10
CA LEU K 192 -27.56 -24.72 -7.08
C LEU K 192 -27.88 -25.16 -8.50
N VAL K 193 -27.91 -26.46 -8.76
CA VAL K 193 -28.11 -26.92 -10.12
C VAL K 193 -29.59 -26.90 -10.52
N HIS K 194 -30.51 -26.97 -9.55
CA HIS K 194 -31.92 -27.03 -9.89
C HIS K 194 -32.59 -25.65 -9.86
N THR K 195 -32.55 -24.98 -8.71
CA THR K 195 -33.38 -23.79 -8.51
C THR K 195 -32.70 -22.49 -8.98
N LEU K 196 -31.45 -22.26 -8.58
CA LEU K 196 -30.80 -20.99 -8.86
C LEU K 196 -30.29 -20.90 -10.30
N MET K 197 -29.39 -21.80 -10.69
CA MET K 197 -28.81 -21.75 -12.02
C MET K 197 -29.78 -22.17 -13.11
N ARG K 198 -30.67 -23.12 -12.83
CA ARG K 198 -31.65 -23.62 -13.79
C ARG K 198 -30.97 -24.18 -15.04
N MET K 199 -30.22 -25.26 -14.83
CA MET K 199 -29.51 -25.90 -15.94
C MET K 199 -30.40 -26.87 -16.71
N ASN K 200 -31.42 -27.43 -16.06
CA ASN K 200 -32.36 -28.37 -16.69
C ASN K 200 -31.63 -29.59 -17.25
N LEU K 201 -31.01 -30.34 -16.35
CA LEU K 201 -30.28 -31.54 -16.72
C LEU K 201 -31.17 -32.78 -16.62
N THR K 202 -30.67 -33.89 -17.17
CA THR K 202 -31.40 -35.15 -17.15
C THR K 202 -31.42 -35.72 -15.73
N TRP K 203 -32.37 -36.62 -15.49
CA TRP K 203 -32.51 -37.22 -14.17
C TRP K 203 -31.27 -38.02 -13.78
N ALA K 204 -30.70 -38.77 -14.73
CA ALA K 204 -29.54 -39.58 -14.43
C ALA K 204 -28.35 -38.74 -14.03
N GLN K 205 -28.22 -37.53 -14.59
CA GLN K 205 -27.08 -36.68 -14.24
C GLN K 205 -27.25 -36.08 -12.85
N VAL K 206 -28.48 -35.70 -12.49
CA VAL K 206 -28.74 -35.16 -11.16
C VAL K 206 -28.57 -36.25 -10.10
N GLY K 207 -28.96 -37.48 -10.42
CA GLY K 207 -28.86 -38.56 -9.45
C GLY K 207 -27.43 -38.92 -9.07
N GLY K 208 -26.45 -38.53 -9.88
CA GLY K 208 -25.07 -38.85 -9.59
C GLY K 208 -24.38 -37.91 -8.63
N ILE K 209 -25.05 -36.84 -8.22
CA ILE K 209 -24.48 -35.89 -7.27
C ILE K 209 -25.25 -35.87 -5.96
N LEU K 210 -26.01 -36.94 -5.68
CA LEU K 210 -26.74 -37.10 -4.42
C LEU K 210 -26.02 -38.18 -3.62
N LYS K 211 -25.06 -37.75 -2.80
CA LYS K 211 -24.15 -38.70 -2.16
C LYS K 211 -24.75 -39.30 -0.89
N TYR K 212 -25.39 -38.48 -0.06
CA TYR K 212 -26.01 -38.95 1.17
C TYR K 212 -27.51 -38.68 1.13
N THR K 213 -28.25 -39.46 1.93
CA THR K 213 -29.70 -39.51 1.84
C THR K 213 -30.40 -39.10 3.13
N ARG K 214 -29.71 -38.45 4.06
CA ARG K 214 -30.37 -38.04 5.29
C ARG K 214 -31.02 -36.67 5.10
N PRO K 215 -32.32 -36.54 5.35
CA PRO K 215 -32.95 -35.21 5.31
C PRO K 215 -32.33 -34.30 6.35
N ALA K 216 -32.20 -33.03 5.99
CA ALA K 216 -31.54 -32.08 6.87
C ALA K 216 -32.39 -31.72 8.08
N TRP K 217 -33.67 -32.10 8.09
CA TRP K 217 -34.53 -31.87 9.24
C TRP K 217 -34.63 -33.09 10.15
N TRP K 218 -33.87 -34.15 9.88
CA TRP K 218 -34.03 -35.39 10.62
C TRP K 218 -33.52 -35.24 12.04
N ARG K 219 -34.34 -35.68 13.00
CA ARG K 219 -33.99 -35.66 14.41
C ARG K 219 -34.08 -37.07 14.97
N GLY K 220 -33.04 -37.49 15.69
CA GLY K 220 -33.07 -38.77 16.36
C GLY K 220 -32.01 -39.75 15.90
N GLU K 221 -32.32 -41.05 15.99
CA GLU K 221 -31.39 -42.10 15.64
C GLU K 221 -31.72 -42.67 14.27
N THR K 222 -30.69 -42.94 13.49
CA THR K 222 -30.79 -43.50 12.15
C THR K 222 -31.01 -45.00 12.21
N PRO K 223 -31.70 -45.57 11.23
CA PRO K 223 -31.83 -47.03 11.17
C PRO K 223 -30.48 -47.70 11.03
N GLU K 224 -30.36 -48.89 11.64
CA GLU K 224 -29.10 -49.61 11.63
C GLU K 224 -28.71 -50.11 10.25
N THR K 225 -29.67 -50.19 9.31
CA THR K 225 -29.37 -50.68 7.97
C THR K 225 -28.83 -49.60 7.05
N HIS K 226 -28.78 -48.34 7.50
CA HIS K 226 -28.31 -47.24 6.67
C HIS K 226 -27.40 -46.29 7.43
N HIS K 227 -26.64 -46.78 8.42
CA HIS K 227 -25.87 -45.88 9.26
C HIS K 227 -24.67 -45.26 8.56
N TYR K 228 -24.34 -45.72 7.34
CA TYR K 228 -23.31 -45.06 6.55
C TYR K 228 -23.87 -44.07 5.55
N LEU K 229 -25.03 -44.36 4.96
CA LEU K 229 -25.66 -43.44 4.02
C LEU K 229 -26.39 -42.30 4.72
N MET K 230 -26.43 -42.30 6.05
CA MET K 230 -27.13 -41.29 6.84
C MET K 230 -26.19 -40.44 7.67
N LYS K 231 -24.89 -40.47 7.39
CA LYS K 231 -23.96 -39.82 8.30
C LYS K 231 -23.90 -38.31 8.13
N LYS K 232 -24.37 -37.78 7.01
CA LYS K 232 -24.37 -36.35 6.75
C LYS K 232 -25.67 -35.97 6.06
N PRO K 233 -26.12 -34.73 6.22
CA PRO K 233 -27.35 -34.31 5.55
C PRO K 233 -27.22 -34.40 4.03
N GLY K 234 -28.33 -34.75 3.39
CA GLY K 234 -28.32 -34.92 1.95
C GLY K 234 -29.06 -33.85 1.17
N TYR K 235 -30.19 -33.39 1.69
CA TYR K 235 -30.96 -32.38 0.99
C TYR K 235 -31.77 -31.56 1.99
N TYR K 236 -32.21 -30.39 1.54
CA TYR K 236 -32.89 -29.43 2.41
C TYR K 236 -34.40 -29.66 2.38
N LEU K 237 -35.12 -28.85 3.16
CA LEU K 237 -36.57 -28.98 3.25
C LEU K 237 -37.25 -28.35 2.04
N SER K 238 -36.56 -27.50 1.31
CA SER K 238 -37.12 -26.85 0.12
C SER K 238 -37.13 -27.76 -1.10
N GLU K 239 -36.57 -28.95 -0.99
CA GLU K 239 -36.51 -29.90 -2.11
C GLU K 239 -37.21 -31.21 -1.78
N GLU K 240 -38.14 -31.21 -0.82
CA GLU K 240 -38.84 -32.44 -0.49
C GLU K 240 -39.77 -32.88 -1.62
N ALA K 241 -40.15 -31.95 -2.49
CA ALA K 241 -40.97 -32.29 -3.65
C ALA K 241 -40.14 -32.66 -4.88
N TYR K 242 -38.94 -32.10 -5.02
CA TYR K 242 -38.10 -32.41 -6.16
C TYR K 242 -37.42 -33.76 -6.02
N ILE K 243 -37.14 -34.20 -4.80
CA ILE K 243 -36.49 -35.49 -4.60
C ILE K 243 -37.48 -36.64 -4.72
N ALA K 244 -38.75 -36.42 -4.37
CA ALA K 244 -39.75 -37.47 -4.56
C ALA K 244 -39.92 -37.82 -6.03
N ARG K 245 -39.96 -36.81 -6.90
CA ARG K 245 -40.03 -37.07 -8.33
C ARG K 245 -38.76 -37.74 -8.84
N LEU K 246 -37.60 -37.36 -8.29
CA LEU K 246 -36.36 -38.01 -8.68
C LEU K 246 -36.38 -39.50 -8.32
N ARG K 247 -36.87 -39.83 -7.14
CA ARG K 247 -36.98 -41.23 -6.76
C ARG K 247 -38.00 -41.97 -7.61
N LYS K 248 -39.07 -41.30 -8.01
CA LYS K 248 -40.05 -41.95 -8.88
C LYS K 248 -39.48 -42.19 -10.27
N GLU K 249 -38.67 -41.27 -10.79
CA GLU K 249 -38.12 -41.42 -12.14
C GLU K 249 -37.03 -42.49 -12.20
N LEU K 250 -36.14 -42.53 -11.22
CA LEU K 250 -34.99 -43.41 -11.24
C LEU K 250 -35.22 -44.72 -10.50
N ASN K 251 -36.46 -44.97 -10.06
CA ASN K 251 -36.84 -46.23 -9.39
C ASN K 251 -35.95 -46.50 -8.17
N LEU K 252 -36.04 -45.58 -7.20
CA LEU K 252 -35.30 -45.70 -5.95
C LEU K 252 -36.28 -45.74 -4.79
N ALA K 253 -35.98 -46.57 -3.80
CA ALA K 253 -36.79 -46.63 -2.59
C ALA K 253 -36.41 -45.46 -1.68
N LEU K 254 -37.10 -45.35 -0.55
CA LEU K 254 -36.76 -44.33 0.44
C LEU K 254 -35.41 -44.67 1.05
N TYR K 255 -34.55 -43.65 1.14
CA TYR K 255 -33.23 -43.79 1.76
C TYR K 255 -32.32 -44.72 0.96
N SER K 256 -32.26 -44.52 -0.35
CA SER K 256 -31.42 -45.30 -1.24
C SER K 256 -30.55 -44.39 -2.09
N ARG K 257 -29.50 -44.96 -2.64
CA ARG K 257 -28.51 -44.23 -3.42
C ARG K 257 -28.47 -44.75 -4.86
N PHE K 258 -28.15 -43.85 -5.78
CA PHE K 258 -27.94 -44.16 -7.18
C PHE K 258 -26.66 -44.99 -7.34
N PRO K 259 -26.65 -45.95 -8.27
CA PRO K 259 -25.47 -46.83 -8.38
C PRO K 259 -24.18 -46.12 -8.73
N LEU K 260 -24.16 -45.35 -9.82
CA LEU K 260 -22.92 -44.74 -10.30
C LEU K 260 -22.26 -43.84 -9.27
N THR K 261 -23.02 -43.34 -8.29
CA THR K 261 -22.45 -42.50 -7.25
C THR K 261 -21.33 -43.21 -6.49
N TRP K 262 -21.35 -44.53 -6.44
CA TRP K 262 -20.28 -45.24 -5.75
C TRP K 262 -18.93 -45.04 -6.43
N ILE K 263 -18.92 -44.87 -7.75
CA ILE K 263 -17.66 -44.68 -8.46
C ILE K 263 -17.07 -43.31 -8.17
N MET K 264 -17.90 -42.27 -8.30
CA MET K 264 -17.43 -40.91 -8.03
C MET K 264 -16.90 -40.77 -6.61
N GLU K 265 -17.48 -41.50 -5.66
CA GLU K 265 -16.98 -41.46 -4.29
C GLU K 265 -15.60 -42.10 -4.18
N ALA K 266 -15.33 -43.16 -4.95
CA ALA K 266 -14.04 -43.81 -4.89
C ALA K 266 -12.94 -42.96 -5.52
N ALA K 267 -13.23 -42.38 -6.69
CA ALA K 267 -12.24 -41.56 -7.38
C ALA K 267 -11.82 -40.37 -6.54
N ASP K 268 -12.73 -39.82 -5.74
CA ASP K 268 -12.36 -38.73 -4.85
C ASP K 268 -11.45 -39.20 -3.73
N ASP K 269 -11.60 -40.44 -3.27
CA ASP K 269 -10.79 -40.93 -2.17
C ASP K 269 -9.37 -41.24 -2.60
N ILE K 270 -9.17 -41.67 -3.86
CA ILE K 270 -7.83 -41.95 -4.34
C ILE K 270 -7.03 -40.66 -4.50
N SER K 271 -7.66 -39.63 -5.04
CA SER K 271 -7.01 -38.32 -5.22
C SER K 271 -7.29 -37.39 -4.04
N TYR K 272 -6.87 -37.82 -2.86
CA TYR K 272 -7.11 -37.07 -1.64
C TYR K 272 -5.87 -36.40 -1.08
N CYS K 273 -4.80 -37.17 -0.86
CA CYS K 273 -3.58 -36.64 -0.27
C CYS K 273 -2.33 -36.84 -1.10
N VAL K 274 -2.45 -37.10 -2.41
CA VAL K 274 -1.26 -37.20 -3.25
C VAL K 274 -0.84 -35.84 -3.83
N ALA K 275 -1.79 -34.93 -4.04
CA ALA K 275 -1.48 -33.64 -4.66
C ALA K 275 -0.95 -32.63 -3.66
N ASP K 276 -1.41 -32.74 -2.42
CA ASP K 276 -1.00 -31.89 -1.32
C ASP K 276 0.49 -32.00 -1.08
N LEU K 277 0.99 -33.22 -1.13
CA LEU K 277 2.41 -33.51 -0.93
C LEU K 277 3.25 -32.84 -2.02
N GLU K 278 2.79 -32.92 -3.27
CA GLU K 278 3.50 -32.23 -4.35
C GLU K 278 3.46 -30.73 -4.17
N ASP K 279 2.34 -30.18 -3.72
CA ASP K 279 2.26 -28.75 -3.46
C ASP K 279 3.24 -28.33 -2.37
N ALA K 280 3.34 -29.13 -1.31
CA ALA K 280 4.28 -28.84 -0.23
C ALA K 280 5.72 -28.92 -0.72
N VAL K 281 6.04 -29.91 -1.54
CA VAL K 281 7.40 -30.09 -2.04
C VAL K 281 7.82 -29.02 -3.05
N GLU K 282 6.88 -28.23 -3.50
CA GLU K 282 7.17 -27.16 -4.45
C GLU K 282 6.88 -25.80 -3.84
N LYS K 283 6.74 -25.79 -2.52
CA LYS K 283 6.48 -24.58 -1.76
C LYS K 283 7.56 -24.41 -0.70
N ARG K 284 8.73 -24.97 -1.00
CA ARG K 284 9.91 -24.91 -0.15
C ARG K 284 9.73 -25.45 1.27
N ILE K 285 8.75 -26.32 1.49
CA ILE K 285 8.56 -26.88 2.82
C ILE K 285 9.66 -27.89 3.10
N PHE K 286 9.54 -29.08 2.51
CA PHE K 286 10.55 -30.11 2.70
C PHE K 286 11.08 -30.63 1.38
N THR K 287 12.09 -31.50 1.45
CA THR K 287 12.70 -32.04 0.25
C THR K 287 12.24 -33.47 0.00
N VAL K 288 12.47 -33.95 -1.22
CA VAL K 288 12.10 -35.31 -1.59
C VAL K 288 12.73 -36.29 -0.61
N GLU K 289 14.02 -36.10 -0.35
CA GLU K 289 14.76 -36.98 0.57
C GLU K 289 14.04 -37.08 1.92
N GLN K 290 13.61 -35.93 2.43
CA GLN K 290 12.88 -35.89 3.69
C GLN K 290 11.56 -36.62 3.51
N LEU K 291 10.90 -36.40 2.37
CA LEU K 291 9.63 -37.04 2.08
C LEU K 291 9.83 -38.55 1.98
N TYR K 292 10.94 -38.96 1.35
CA TYR K 292 11.25 -40.37 1.22
C TYR K 292 11.36 -40.97 2.62
N HIS K 293 12.08 -40.29 3.48
CA HIS K 293 12.30 -40.75 4.84
C HIS K 293 11.04 -40.79 5.69
N HIS K 294 10.14 -39.84 5.45
CA HIS K 294 8.89 -39.79 6.21
C HIS K 294 8.01 -40.96 5.85
N LEU K 295 7.96 -41.26 4.55
CA LEU K 295 7.14 -42.37 4.07
C LEU K 295 7.71 -43.70 4.55
N HIS K 296 9.02 -43.91 4.38
CA HIS K 296 9.62 -45.15 4.83
C HIS K 296 9.35 -45.40 6.30
N GLU K 297 9.49 -44.38 7.13
CA GLU K 297 9.26 -44.55 8.56
C GLU K 297 7.79 -44.58 8.89
N ALA K 298 6.95 -44.43 7.86
CA ALA K 298 5.51 -44.40 8.03
C ALA K 298 4.88 -45.74 8.34
N TRP K 299 5.13 -46.74 7.49
CA TRP K 299 4.56 -48.08 7.64
C TRP K 299 4.72 -48.64 9.04
N PHE K 308 6.77 -51.77 2.65
CA PHE K 308 5.41 -51.50 2.17
C PHE K 308 5.31 -51.70 0.66
N SER K 309 5.11 -52.95 0.27
CA SER K 309 4.95 -53.38 -1.11
C SER K 309 6.09 -52.97 -2.06
N LEU K 310 5.72 -52.82 -3.32
CA LEU K 310 6.63 -52.46 -4.38
C LEU K 310 5.96 -51.37 -5.21
N VAL K 311 5.20 -50.53 -4.53
CA VAL K 311 4.46 -49.46 -5.17
C VAL K 311 5.15 -48.11 -5.13
N VAL K 312 5.77 -47.81 -3.99
CA VAL K 312 6.41 -46.51 -3.80
C VAL K 312 7.93 -46.57 -4.01
N GLU K 313 8.56 -47.72 -3.72
CA GLU K 313 10.00 -47.82 -3.91
C GLU K 313 10.39 -47.67 -5.37
N ASN K 314 9.65 -48.32 -6.27
CA ASN K 314 10.02 -48.37 -7.68
C ASN K 314 9.98 -47.01 -8.36
N ALA K 315 9.28 -46.03 -7.79
CA ALA K 315 9.17 -44.71 -8.41
C ALA K 315 10.40 -43.84 -8.18
N TRP K 316 11.25 -44.20 -7.21
CA TRP K 316 12.43 -43.39 -6.94
C TRP K 316 13.47 -43.54 -8.04
N GLU K 317 13.70 -44.77 -8.50
CA GLU K 317 14.81 -45.09 -9.39
C GLU K 317 14.54 -44.80 -10.84
N SER K 327 14.61 -33.51 -14.34
CA SER K 327 14.67 -33.27 -12.90
C SER K 327 14.36 -34.55 -12.12
N THR K 328 14.13 -34.39 -10.82
CA THR K 328 13.78 -35.50 -9.95
C THR K 328 12.40 -35.38 -9.36
N GLU K 329 12.02 -34.20 -8.85
CA GLU K 329 10.70 -34.02 -8.30
C GLU K 329 9.62 -34.18 -9.36
N ASP K 330 9.90 -33.69 -10.58
CA ASP K 330 8.92 -33.77 -11.65
C ASP K 330 8.69 -35.20 -12.12
N GLN K 331 9.59 -36.13 -11.80
CA GLN K 331 9.45 -37.50 -12.28
C GLN K 331 9.46 -38.52 -11.14
N PHE K 332 9.18 -38.10 -9.91
CA PHE K 332 8.97 -39.03 -8.81
C PHE K 332 7.47 -39.25 -8.58
N PHE K 333 6.73 -38.17 -8.37
CA PHE K 333 5.27 -38.27 -8.30
C PHE K 333 4.70 -38.79 -9.61
N MET K 334 5.32 -38.41 -10.73
CA MET K 334 4.85 -38.78 -12.06
C MET K 334 4.84 -40.29 -12.26
N TYR K 335 5.60 -41.03 -11.46
CA TYR K 335 5.54 -42.49 -11.47
C TYR K 335 4.88 -43.08 -10.24
N LEU K 336 4.91 -42.40 -9.10
CA LEU K 336 4.19 -42.88 -7.92
C LEU K 336 2.68 -42.90 -8.17
N ARG K 337 2.17 -41.88 -8.88
CA ARG K 337 0.75 -41.85 -9.21
C ARG K 337 0.37 -43.04 -10.08
N VAL K 338 1.18 -43.33 -11.09
CA VAL K 338 0.91 -44.46 -11.98
C VAL K 338 0.96 -45.77 -11.20
N ASN K 339 1.95 -45.91 -10.32
CA ASN K 339 2.08 -47.13 -9.52
C ASN K 339 0.85 -47.33 -8.63
N THR K 340 0.38 -46.28 -7.97
CA THR K 340 -0.76 -46.45 -7.09
C THR K 340 -2.05 -46.69 -7.89
N LEU K 341 -2.18 -46.07 -9.06
CA LEU K 341 -3.36 -46.27 -9.87
C LEU K 341 -3.45 -47.71 -10.36
N ASN K 342 -2.35 -48.24 -10.89
CA ASN K 342 -2.38 -49.59 -11.45
C ASN K 342 -2.67 -50.66 -10.42
N LYS K 343 -2.50 -50.37 -9.13
CA LYS K 343 -2.82 -51.34 -8.10
C LYS K 343 -4.10 -51.03 -7.35
N LEU K 344 -4.66 -49.83 -7.49
CA LEU K 344 -5.91 -49.50 -6.80
C LEU K 344 -7.14 -49.57 -7.69
N VAL K 345 -7.05 -49.21 -8.96
CA VAL K 345 -8.23 -49.18 -9.83
C VAL K 345 -8.84 -50.58 -10.02
N PRO K 346 -8.07 -51.61 -10.35
CA PRO K 346 -8.69 -52.94 -10.52
C PRO K 346 -9.39 -53.45 -9.27
N TYR K 347 -8.88 -53.12 -8.09
CA TYR K 347 -9.55 -53.52 -6.86
C TYR K 347 -10.93 -52.87 -6.77
N ALA K 348 -11.02 -51.59 -7.12
CA ALA K 348 -12.32 -50.91 -7.12
C ALA K 348 -13.27 -51.53 -8.14
N ALA K 349 -12.76 -51.86 -9.33
CA ALA K 349 -13.61 -52.51 -10.33
C ALA K 349 -14.12 -53.85 -9.85
N GLN K 350 -13.25 -54.65 -9.22
CA GLN K 350 -13.66 -55.94 -8.70
C GLN K 350 -14.70 -55.80 -7.59
N ARG K 351 -14.51 -54.82 -6.71
CA ARG K 351 -15.48 -54.60 -5.65
C ARG K 351 -16.83 -54.17 -6.21
N PHE K 352 -16.82 -53.34 -7.25
CA PHE K 352 -18.08 -52.95 -7.88
C PHE K 352 -18.77 -54.13 -8.52
N ILE K 353 -18.03 -54.99 -9.22
CA ILE K 353 -18.66 -56.12 -9.90
C ILE K 353 -19.16 -57.17 -8.92
N ASP K 354 -18.39 -57.45 -7.85
CA ASP K 354 -18.79 -58.50 -6.92
C ASP K 354 -20.08 -58.15 -6.19
N ASN K 355 -20.18 -56.93 -5.66
CA ASN K 355 -21.36 -56.49 -4.93
C ASN K 355 -22.35 -55.76 -5.83
N LEU K 356 -22.73 -56.38 -6.94
CA LEU K 356 -23.55 -55.68 -7.91
C LEU K 356 -25.03 -55.65 -7.53
N PRO K 357 -25.65 -56.75 -7.09
CA PRO K 357 -27.08 -56.66 -6.74
C PRO K 357 -27.39 -55.68 -5.63
N ALA K 358 -26.57 -55.64 -4.58
CA ALA K 358 -26.81 -54.73 -3.46
C ALA K 358 -26.64 -53.27 -3.91
N ILE K 359 -25.62 -53.00 -4.73
CA ILE K 359 -25.42 -51.64 -5.23
C ILE K 359 -26.58 -51.23 -6.12
N PHE K 360 -27.02 -52.14 -7.00
CA PHE K 360 -28.14 -51.83 -7.89
C PHE K 360 -29.43 -51.57 -7.12
N ALA K 361 -29.65 -52.31 -6.03
CA ALA K 361 -30.80 -52.03 -5.18
C ALA K 361 -30.65 -50.70 -4.44
N GLY K 362 -29.44 -50.18 -4.32
CA GLY K 362 -29.21 -48.92 -3.64
C GLY K 362 -29.07 -49.01 -2.14
N THR K 363 -28.94 -50.22 -1.59
CA THR K 363 -28.89 -50.41 -0.15
C THR K 363 -27.55 -50.92 0.36
N PHE K 364 -26.49 -50.84 -0.44
CA PHE K 364 -25.18 -51.24 0.03
C PHE K 364 -24.67 -50.23 1.05
N ASN K 365 -24.17 -50.73 2.18
CA ASN K 365 -23.87 -49.90 3.35
C ASN K 365 -22.37 -49.76 3.61
N HIS K 366 -21.55 -49.77 2.56
CA HIS K 366 -20.12 -49.60 2.71
C HIS K 366 -19.60 -48.75 1.56
N ALA K 367 -18.29 -48.59 1.51
CA ALA K 367 -17.61 -47.98 0.38
C ALA K 367 -16.71 -49.01 -0.29
N LEU K 368 -16.38 -48.75 -1.55
CA LEU K 368 -15.58 -49.72 -2.31
C LEU K 368 -14.19 -49.89 -1.73
N LEU K 369 -13.66 -48.85 -1.08
CA LEU K 369 -12.33 -48.93 -0.48
C LEU K 369 -12.40 -48.74 1.03
N ALA K 372 -10.17 -52.87 5.03
CA ALA K 372 -9.64 -54.01 5.79
C ALA K 372 -8.70 -54.84 4.94
N SER K 373 -8.17 -54.25 3.89
CA SER K 373 -7.24 -54.92 2.98
C SER K 373 -5.93 -54.14 2.92
N GLU K 374 -4.95 -54.73 2.24
CA GLU K 374 -3.66 -54.07 2.10
C GLU K 374 -3.74 -52.85 1.21
N CYS K 375 -4.75 -52.76 0.34
CA CYS K 375 -4.90 -51.59 -0.51
C CYS K 375 -5.41 -50.39 0.26
N SER K 376 -6.11 -50.61 1.37
CA SER K 376 -6.59 -49.50 2.19
C SER K 376 -5.54 -48.93 3.12
N ASP K 377 -4.45 -49.66 3.37
CA ASP K 377 -3.38 -49.16 4.22
C ASP K 377 -2.52 -48.12 3.53
N LEU K 378 -2.28 -48.29 2.23
CA LEU K 378 -1.47 -47.34 1.48
C LEU K 378 -2.08 -45.94 1.49
N LEU K 379 -3.42 -45.84 1.43
CA LEU K 379 -4.07 -44.54 1.49
C LEU K 379 -3.95 -43.92 2.87
N LYS K 380 -4.11 -44.73 3.92
CA LYS K 380 -3.92 -44.23 5.28
C LYS K 380 -2.51 -43.73 5.50
N LEU K 381 -1.53 -44.32 4.83
CA LEU K 381 -0.16 -43.86 4.91
C LEU K 381 -0.04 -42.40 4.46
N TYR K 382 -0.54 -42.11 3.26
CA TYR K 382 -0.49 -40.74 2.74
C TYR K 382 -1.28 -39.80 3.64
N LYS K 383 -2.45 -40.25 4.11
CA LYS K 383 -3.28 -39.39 4.94
C LYS K 383 -2.55 -39.02 6.23
N ASN K 384 -1.90 -40.00 6.87
CA ASN K 384 -1.16 -39.72 8.10
C ASN K 384 0.02 -38.79 7.85
N VAL K 385 0.76 -39.01 6.77
CA VAL K 385 1.90 -38.13 6.49
C VAL K 385 1.42 -36.70 6.26
N ALA K 386 0.34 -36.53 5.48
CA ALA K 386 -0.17 -35.19 5.22
C ALA K 386 -0.69 -34.53 6.49
N VAL K 387 -1.36 -35.28 7.36
CA VAL K 387 -1.86 -34.71 8.60
C VAL K 387 -0.71 -34.28 9.49
N LYS K 388 0.34 -35.09 9.57
CA LYS K 388 1.44 -34.80 10.49
C LYS K 388 2.36 -33.68 9.99
N HIS K 389 2.59 -33.55 8.69
CA HIS K 389 3.64 -32.65 8.21
C HIS K 389 3.17 -31.52 7.29
N VAL K 390 1.91 -31.52 6.84
CA VAL K 390 1.44 -30.52 5.90
C VAL K 390 0.29 -29.70 6.48
N PHE K 391 -0.73 -30.36 7.01
CA PHE K 391 -1.90 -29.68 7.53
C PHE K 391 -1.67 -29.05 8.90
N SER K 392 -0.44 -29.00 9.38
CA SER K 392 -0.12 -28.36 10.65
C SER K 392 0.85 -27.18 10.48
N HIS K 393 1.15 -26.79 9.25
CA HIS K 393 2.02 -25.64 9.03
C HIS K 393 1.33 -24.38 9.53
N PRO K 394 2.10 -23.42 10.07
CA PRO K 394 1.47 -22.21 10.62
C PRO K 394 0.65 -21.42 9.61
N ASP K 395 1.04 -21.40 8.34
CA ASP K 395 0.32 -20.61 7.35
C ASP K 395 -1.05 -21.19 7.01
N VAL K 396 -1.20 -22.51 7.06
CA VAL K 396 -2.51 -23.11 6.79
C VAL K 396 -3.48 -22.81 7.93
N GLU K 397 -3.00 -22.84 9.17
CA GLU K 397 -3.88 -22.66 10.32
C GLU K 397 -4.36 -21.22 10.49
N ARG K 398 -3.57 -20.23 10.08
CA ARG K 398 -3.98 -18.84 10.23
C ARG K 398 -5.13 -18.47 9.31
N LEU K 399 -5.08 -19.01 8.09
CA LEU K 399 -6.09 -18.76 7.08
C LEU K 399 -7.40 -19.46 7.43
N GLU K 400 -7.38 -20.25 8.49
CA GLU K 400 -8.56 -20.95 8.94
C GLU K 400 -9.21 -20.17 10.07
N LEU K 401 -8.45 -19.28 10.68
CA LEU K 401 -8.96 -18.45 11.76
C LEU K 401 -9.45 -17.14 11.17
N GLN K 402 -8.83 -16.72 10.08
CA GLN K 402 -9.24 -15.51 9.37
C GLN K 402 -10.55 -15.72 8.62
N GLY K 403 -10.72 -16.88 7.98
CA GLY K 403 -11.97 -17.17 7.29
C GLY K 403 -13.15 -17.29 8.23
N TYR K 404 -12.95 -17.94 9.37
CA TYR K 404 -13.99 -17.98 10.39
C TYR K 404 -14.43 -16.57 10.78
N ARG K 405 -13.46 -15.70 11.07
CA ARG K 405 -13.78 -14.33 11.45
C ARG K 405 -14.52 -13.59 10.34
N VAL K 406 -14.08 -13.76 9.10
CA VAL K 406 -14.69 -13.01 8.00
C VAL K 406 -16.13 -13.44 7.77
N ILE K 407 -16.40 -14.75 7.77
CA ILE K 407 -17.76 -15.21 7.55
C ILE K 407 -18.66 -14.79 8.71
N SER K 408 -18.17 -14.92 9.95
CA SER K 408 -18.98 -14.49 11.09
C SER K 408 -19.28 -13.00 11.03
N GLY K 409 -18.32 -12.19 10.61
CA GLY K 409 -18.54 -10.76 10.47
C GLY K 409 -19.54 -10.41 9.37
N LEU K 410 -19.43 -11.09 8.23
CA LEU K 410 -20.37 -10.82 7.14
C LEU K 410 -21.78 -11.23 7.50
N LEU K 411 -21.95 -12.29 8.30
CA LEU K 411 -23.30 -12.68 8.70
C LEU K 411 -23.94 -11.66 9.63
N GLU K 412 -23.14 -10.82 10.29
CA GLU K 412 -23.66 -9.86 11.25
C GLU K 412 -24.02 -8.52 10.62
N ILE K 413 -23.43 -8.18 9.47
CA ILE K 413 -23.78 -6.94 8.79
C ILE K 413 -25.20 -7.00 8.25
N TYR K 414 -25.62 -8.17 7.75
CA TYR K 414 -26.94 -8.35 7.16
C TYR K 414 -27.99 -8.78 8.17
N ARG K 415 -27.68 -8.74 9.46
CA ARG K 415 -28.63 -9.01 10.53
C ARG K 415 -29.87 -8.11 10.46
N PRO K 416 -29.74 -6.82 10.14
CA PRO K 416 -30.95 -5.98 10.05
C PRO K 416 -32.01 -6.51 9.11
N LEU K 417 -31.63 -7.16 8.01
CA LEU K 417 -32.62 -7.71 7.09
C LEU K 417 -33.45 -8.81 7.73
N LEU K 418 -32.92 -9.49 8.75
CA LEU K 418 -33.63 -10.56 9.41
C LEU K 418 -34.49 -10.09 10.58
N SER K 419 -34.50 -8.78 10.87
CA SER K 419 -35.28 -8.25 11.97
C SER K 419 -36.54 -7.53 11.53
N LEU K 420 -36.76 -7.37 10.24
CA LEU K 420 -37.94 -6.67 9.75
C LEU K 420 -39.18 -7.55 9.90
N SER K 421 -40.33 -6.96 9.61
CA SER K 421 -41.60 -7.65 9.64
C SER K 421 -41.95 -8.14 8.24
N LEU K 422 -42.98 -8.99 8.16
CA LEU K 422 -43.39 -9.54 6.87
C LEU K 422 -43.87 -8.44 5.94
N SER K 423 -44.70 -7.53 6.44
CA SER K 423 -45.21 -6.45 5.62
C SER K 423 -44.09 -5.52 5.16
N ASP K 424 -43.14 -5.23 6.04
CA ASP K 424 -42.03 -4.35 5.69
C ASP K 424 -41.17 -4.96 4.59
N PHE K 425 -40.84 -6.25 4.73
CA PHE K 425 -40.02 -6.90 3.71
C PHE K 425 -40.77 -7.03 2.39
N THR K 426 -42.08 -7.28 2.46
CA THR K 426 -42.87 -7.35 1.23
C THR K 426 -42.88 -6.01 0.52
N GLU K 427 -43.08 -4.92 1.27
CA GLU K 427 -43.07 -3.59 0.67
C GLU K 427 -41.70 -3.27 0.08
N LEU K 428 -40.64 -3.67 0.78
CA LEU K 428 -39.29 -3.43 0.29
C LEU K 428 -39.00 -4.18 -1.00
N VAL K 429 -39.44 -5.45 -1.10
CA VAL K 429 -39.17 -6.22 -2.30
C VAL K 429 -40.06 -5.76 -3.45
N GLU K 430 -41.24 -5.23 -3.15
CA GLU K 430 -42.15 -4.79 -4.20
C GLU K 430 -41.74 -3.41 -4.74
N LYS K 431 -41.76 -2.39 -3.88
CA LYS K 431 -41.57 -1.02 -4.35
C LYS K 431 -40.13 -0.76 -4.78
N GLU K 432 -39.16 -1.31 -4.07
CA GLU K 432 -37.73 -1.18 -4.32
C GLU K 432 -37.20 0.25 -4.13
N ARG K 433 -38.03 1.17 -3.61
CA ARG K 433 -37.58 2.51 -3.26
C ARG K 433 -38.44 2.97 -2.07
N VAL K 434 -37.92 2.77 -0.87
CA VAL K 434 -38.67 2.98 0.36
C VAL K 434 -38.06 4.14 1.12
N LYS K 435 -38.89 5.08 1.54
CA LYS K 435 -38.44 6.25 2.30
C LYS K 435 -38.50 6.03 3.81
N ARG K 436 -38.89 4.83 4.25
CA ARG K 436 -38.94 4.51 5.67
C ARG K 436 -37.73 3.73 6.16
N PHE K 437 -37.03 3.03 5.27
CA PHE K 437 -35.87 2.21 5.63
C PHE K 437 -34.70 2.60 4.76
N PRO K 438 -33.96 3.64 5.12
CA PRO K 438 -32.82 4.07 4.29
C PRO K 438 -31.64 3.11 4.31
N ILE K 439 -31.41 2.38 5.40
CA ILE K 439 -30.26 1.49 5.51
C ILE K 439 -30.58 0.11 4.94
N GLU K 440 -31.73 -0.45 5.30
CA GLU K 440 -32.08 -1.80 4.86
C GLU K 440 -32.35 -1.86 3.36
N SER K 441 -32.87 -0.78 2.78
CA SER K 441 -33.12 -0.77 1.35
C SER K 441 -31.85 -0.81 0.53
N ARG K 442 -30.73 -0.34 1.08
CA ARG K 442 -29.45 -0.39 0.39
C ARG K 442 -28.73 -1.72 0.60
N LEU K 443 -28.96 -2.37 1.74
CA LEU K 443 -28.41 -3.70 1.95
C LEU K 443 -29.06 -4.73 1.04
N PHE K 444 -30.36 -4.56 0.78
CA PHE K 444 -31.09 -5.52 -0.04
C PHE K 444 -30.66 -5.47 -1.49
N HIS K 445 -30.21 -4.32 -1.98
CA HIS K 445 -29.84 -4.16 -3.37
C HIS K 445 -28.48 -4.77 -3.70
N LYS K 446 -27.71 -5.19 -2.70
CA LYS K 446 -26.43 -5.83 -2.96
C LYS K 446 -26.57 -7.33 -3.22
N LEU K 447 -27.71 -7.93 -2.90
CA LEU K 447 -27.91 -9.34 -3.21
C LEU K 447 -28.03 -9.54 -4.72
N SER K 448 -27.51 -10.67 -5.18
CA SER K 448 -27.51 -10.95 -6.61
C SER K 448 -28.94 -11.13 -7.13
N THR K 449 -29.11 -10.83 -8.42
CA THR K 449 -30.45 -10.81 -9.01
C THR K 449 -31.11 -12.19 -8.96
N ARG K 450 -30.36 -13.23 -9.32
CA ARG K 450 -30.93 -14.57 -9.41
C ARG K 450 -31.44 -15.06 -8.06
N HIS K 451 -30.76 -14.69 -6.97
CA HIS K 451 -31.25 -15.06 -5.64
C HIS K 451 -32.60 -14.40 -5.34
N ARG K 452 -32.76 -13.13 -5.73
CA ARG K 452 -34.02 -12.44 -5.50
C ARG K 452 -35.16 -13.04 -6.33
N LEU K 453 -34.88 -13.38 -7.59
CA LEU K 453 -35.89 -14.09 -8.37
C LEU K 453 -36.24 -15.44 -7.77
N ALA K 454 -35.25 -16.16 -7.24
CA ALA K 454 -35.55 -17.42 -6.58
C ALA K 454 -36.47 -17.22 -5.38
N TYR K 455 -36.22 -16.18 -4.61
CA TYR K 455 -37.07 -15.90 -3.47
C TYR K 455 -38.49 -15.53 -3.89
N VAL K 456 -38.61 -14.72 -4.93
CA VAL K 456 -39.93 -14.30 -5.39
C VAL K 456 -40.73 -15.50 -5.91
N GLU K 457 -40.09 -16.35 -6.72
CA GLU K 457 -40.77 -17.52 -7.24
C GLU K 457 -41.14 -18.49 -6.13
N ALA K 458 -40.27 -18.68 -5.14
CA ALA K 458 -40.62 -19.57 -4.03
C ALA K 458 -41.80 -19.04 -3.23
N VAL K 459 -41.86 -17.73 -2.99
CA VAL K 459 -42.95 -17.19 -2.19
C VAL K 459 -44.27 -17.17 -2.96
N SER K 460 -44.23 -16.95 -4.27
CA SER K 460 -45.46 -16.80 -5.04
C SER K 460 -46.24 -18.12 -5.21
N LYS K 461 -45.79 -19.23 -4.62
CA LYS K 461 -46.47 -20.51 -4.74
C LYS K 461 -47.14 -20.93 -3.43
N LEU K 462 -47.21 -20.06 -2.47
CA LEU K 462 -47.80 -20.44 -1.20
C LEU K 462 -49.20 -19.87 -1.07
N PRO K 463 -50.07 -20.53 -0.30
CA PRO K 463 -51.42 -19.97 -0.08
C PRO K 463 -51.39 -18.83 0.92
N SER K 464 -51.79 -17.63 0.48
CA SER K 464 -51.76 -16.46 1.36
C SER K 464 -52.71 -16.62 2.53
N ASP K 465 -53.89 -17.20 2.30
CA ASP K 465 -54.87 -17.38 3.37
C ASP K 465 -54.57 -18.69 4.08
N SER K 466 -53.51 -18.67 4.90
CA SER K 466 -53.09 -19.84 5.64
C SER K 466 -52.29 -19.38 6.85
N PRO K 467 -52.43 -20.05 8.00
CA PRO K 467 -51.67 -19.63 9.19
C PRO K 467 -50.19 -19.96 9.13
N GLU K 468 -49.73 -20.72 8.14
CA GLU K 468 -48.33 -21.13 8.05
C GLU K 468 -47.51 -20.24 7.12
N PHE K 469 -48.09 -19.16 6.59
CA PHE K 469 -47.38 -18.27 5.69
C PHE K 469 -46.15 -17.61 6.30
N PRO K 470 -46.21 -17.01 7.50
CA PRO K 470 -45.00 -16.36 8.04
C PRO K 470 -43.84 -17.31 8.24
N LEU K 471 -44.12 -18.55 8.63
CA LEU K 471 -43.06 -19.52 8.88
C LEU K 471 -42.28 -19.79 7.60
N TRP K 472 -43.00 -20.07 6.50
CA TRP K 472 -42.36 -20.32 5.23
C TRP K 472 -41.63 -19.09 4.72
N GLU K 473 -42.23 -17.91 4.92
CA GLU K 473 -41.55 -16.68 4.48
C GLU K 473 -40.22 -16.50 5.19
N TYR K 474 -40.19 -16.71 6.51
CA TYR K 474 -38.94 -16.60 7.24
C TYR K 474 -37.93 -17.64 6.79
N TYR K 475 -38.39 -18.87 6.56
CA TYR K 475 -37.49 -19.93 6.12
C TYR K 475 -36.83 -19.55 4.78
N TYR K 476 -37.63 -19.05 3.84
CA TYR K 476 -37.08 -18.70 2.54
C TYR K 476 -36.17 -17.48 2.62
N ARG K 477 -36.47 -16.53 3.50
CA ARG K 477 -35.55 -15.40 3.68
C ARG K 477 -34.20 -15.86 4.21
N CYS K 478 -34.20 -16.75 5.20
CA CYS K 478 -32.94 -17.28 5.72
C CYS K 478 -32.19 -18.05 4.64
N ARG K 479 -32.89 -18.79 3.80
CA ARG K 479 -32.24 -19.54 2.74
C ARG K 479 -31.61 -18.57 1.76
N LEU K 480 -32.32 -17.50 1.44
CA LEU K 480 -31.77 -16.50 0.53
C LEU K 480 -30.46 -15.92 1.06
N LEU K 481 -30.43 -15.59 2.36
CA LEU K 481 -29.20 -15.06 2.94
C LEU K 481 -28.08 -16.10 2.89
N GLN K 482 -28.39 -17.36 3.21
CA GLN K 482 -27.38 -18.41 3.18
C GLN K 482 -26.84 -18.61 1.77
N ASP K 483 -27.72 -18.60 0.76
CA ASP K 483 -27.28 -18.76 -0.62
C ASP K 483 -26.36 -17.63 -1.03
N TYR K 484 -26.70 -16.39 -0.66
CA TYR K 484 -25.83 -15.27 -1.00
C TYR K 484 -24.46 -15.41 -0.35
N ILE K 485 -24.42 -15.80 0.93
CA ILE K 485 -23.14 -15.92 1.60
C ILE K 485 -22.30 -17.04 0.98
N SER K 486 -22.92 -18.18 0.68
CA SER K 486 -22.17 -19.34 0.20
C SER K 486 -21.85 -19.26 -1.28
N GLY K 487 -22.42 -18.32 -2.01
CA GLY K 487 -22.13 -18.21 -3.43
C GLY K 487 -20.94 -17.36 -3.80
N MET K 488 -20.08 -17.01 -2.86
CA MET K 488 -18.96 -16.13 -3.12
C MET K 488 -17.66 -16.91 -3.32
N THR K 489 -16.60 -16.17 -3.59
CA THR K 489 -15.24 -16.66 -3.56
C THR K 489 -14.55 -16.17 -2.29
N ASP K 490 -13.40 -16.74 -2.01
CA ASP K 490 -12.64 -16.39 -0.83
C ASP K 490 -12.06 -15.01 -0.90
N LEU K 491 -11.84 -14.51 -2.09
CA LEU K 491 -11.27 -13.17 -2.27
C LEU K 491 -12.34 -12.09 -2.28
N TYR K 492 -13.45 -12.33 -2.97
CA TYR K 492 -14.54 -11.36 -3.00
C TYR K 492 -15.15 -11.14 -1.62
N ALA K 493 -15.34 -12.22 -0.85
CA ALA K 493 -15.85 -12.08 0.50
C ALA K 493 -14.88 -11.31 1.38
N TRP K 494 -13.59 -11.58 1.25
CA TRP K 494 -12.59 -10.87 2.03
C TRP K 494 -12.59 -9.38 1.71
N ASP K 495 -12.66 -9.05 0.43
CA ASP K 495 -12.69 -7.64 0.02
C ASP K 495 -13.96 -6.95 0.49
N GLU K 496 -15.12 -7.60 0.32
CA GLU K 496 -16.37 -7.00 0.78
C GLU K 496 -16.36 -6.81 2.30
N TYR K 497 -15.75 -7.74 3.03
CA TYR K 497 -15.68 -7.59 4.47
C TYR K 497 -14.83 -6.40 4.87
N ARG K 498 -13.74 -6.17 4.17
CA ARG K 498 -12.92 -5.01 4.50
C ARG K 498 -13.60 -3.72 4.08
N ARG K 499 -14.33 -3.73 2.97
CA ARG K 499 -14.98 -2.52 2.47
C ARG K 499 -16.18 -2.11 3.31
N LEU K 500 -17.00 -3.07 3.74
CA LEU K 500 -18.19 -2.74 4.50
C LEU K 500 -17.90 -2.32 5.93
N MET K 501 -16.67 -2.52 6.41
CA MET K 501 -16.27 -2.11 7.75
C MET K 501 -15.47 -0.82 7.76
N ALA K 502 -15.43 -0.10 6.64
CA ALA K 502 -14.75 1.20 6.54
C ALA K 502 -13.27 1.10 6.90
N VAL K 503 -12.62 0.05 6.39
CA VAL K 503 -11.19 -0.14 6.60
C VAL K 503 -10.43 0.21 5.33
N GLU K 504 -10.91 -0.27 4.19
CA GLU K 504 -10.29 0.05 2.92
C GLU K 504 -11.04 1.17 2.21
N GLN L 3 -4.22 -45.33 -51.46
CA GLN L 3 -5.13 -46.05 -50.58
C GLN L 3 -5.03 -45.53 -49.14
N ILE L 4 -6.14 -45.04 -48.62
CA ILE L 4 -6.18 -44.48 -47.28
C ILE L 4 -6.12 -45.62 -46.27
N ASP L 5 -5.19 -45.51 -45.31
CA ASP L 5 -5.05 -46.51 -44.26
C ASP L 5 -4.56 -45.76 -43.02
N PHE L 6 -5.40 -45.71 -41.99
CA PHE L 6 -5.09 -44.95 -40.79
C PHE L 6 -4.22 -45.72 -39.80
N ARG L 7 -3.93 -47.00 -40.08
CA ARG L 7 -3.01 -47.76 -39.23
C ARG L 7 -1.57 -47.31 -39.41
N LYS L 8 -1.22 -46.76 -40.57
CA LYS L 8 0.12 -46.25 -40.81
C LYS L 8 0.30 -44.81 -40.33
N LYS L 9 -0.74 -44.20 -39.77
CA LYS L 9 -0.67 -42.85 -39.24
C LYS L 9 -0.78 -42.79 -37.73
N ILE L 10 -1.61 -43.65 -37.13
CA ILE L 10 -1.74 -43.69 -35.68
C ILE L 10 -0.63 -44.56 -35.11
N ASN L 11 0.50 -43.94 -34.79
CA ASN L 11 1.66 -44.65 -34.26
C ASN L 11 1.66 -44.55 -32.75
N TRP L 12 1.78 -45.70 -32.08
CA TRP L 12 1.77 -45.76 -30.62
C TRP L 12 3.12 -46.06 -30.02
N HIS L 13 4.19 -45.87 -30.79
CA HIS L 13 5.54 -46.02 -30.26
C HIS L 13 6.02 -44.72 -29.62
N ARG L 14 7.08 -44.83 -28.85
CA ARG L 14 7.66 -43.70 -28.14
C ARG L 14 9.11 -43.51 -28.58
N ARG L 15 9.76 -42.50 -28.00
CA ARG L 15 11.15 -42.20 -28.29
C ARG L 15 12.12 -42.92 -27.36
N TYR L 16 11.79 -43.01 -26.08
CA TYR L 16 12.59 -43.71 -25.09
C TYR L 16 11.76 -44.82 -24.47
N ARG L 17 12.36 -46.01 -24.36
CA ARG L 17 11.72 -47.17 -23.76
C ARG L 17 10.38 -47.47 -24.45
N SER L 18 10.40 -47.40 -25.78
CA SER L 18 9.19 -47.60 -26.54
C SER L 18 8.71 -49.05 -26.42
N PRO L 19 7.40 -49.27 -26.37
CA PRO L 19 6.88 -50.65 -26.35
C PRO L 19 6.96 -51.27 -27.73
N GLN L 20 7.36 -52.54 -27.77
CA GLN L 20 7.57 -53.26 -29.01
C GLN L 20 6.73 -54.52 -29.04
N GLY L 21 6.52 -55.04 -30.26
CA GLY L 21 5.75 -56.25 -30.45
C GLY L 21 4.40 -56.02 -31.10
N VAL L 22 3.46 -56.93 -30.86
CA VAL L 22 2.11 -56.83 -31.40
C VAL L 22 1.13 -56.69 -30.24
N LYS L 23 0.18 -55.78 -30.40
CA LYS L 23 -0.73 -55.41 -29.33
C LYS L 23 -2.17 -55.61 -29.77
N THR L 24 -3.09 -55.52 -28.81
CA THR L 24 -4.51 -55.62 -29.05
C THR L 24 -5.17 -54.28 -28.77
N GLU L 25 -6.50 -54.25 -28.89
CA GLU L 25 -7.24 -53.01 -28.70
C GLU L 25 -7.12 -52.50 -27.27
N HIS L 26 -7.23 -53.39 -26.28
CA HIS L 26 -7.17 -52.98 -24.88
C HIS L 26 -5.80 -52.38 -24.55
N GLU L 27 -4.72 -53.01 -25.03
CA GLU L 27 -3.39 -52.50 -24.75
C GLU L 27 -3.15 -51.14 -25.42
N ILE L 28 -3.64 -50.95 -26.64
CA ILE L 28 -3.49 -49.65 -27.30
C ILE L 28 -4.27 -48.57 -26.54
N LEU L 29 -5.48 -48.90 -26.10
CA LEU L 29 -6.26 -47.94 -25.31
C LEU L 29 -5.55 -47.59 -24.01
N ARG L 30 -4.96 -48.61 -23.34
CA ARG L 30 -4.20 -48.34 -22.13
C ARG L 30 -2.99 -47.46 -22.40
N ILE L 31 -2.31 -47.67 -23.53
CA ILE L 31 -1.17 -46.83 -23.89
C ILE L 31 -1.62 -45.38 -24.06
N PHE L 32 -2.72 -45.16 -24.76
CA PHE L 32 -3.16 -43.80 -25.02
C PHE L 32 -3.80 -43.13 -23.82
N GLU L 33 -4.27 -43.89 -22.83
CA GLU L 33 -4.81 -43.26 -21.62
C GLU L 33 -3.69 -42.71 -20.73
N SER L 34 -2.54 -43.39 -20.71
CA SER L 34 -1.41 -42.91 -19.94
C SER L 34 -0.92 -41.56 -20.44
N ASP L 35 -1.04 -41.31 -21.75
CA ASP L 35 -0.66 -40.01 -22.29
C ASP L 35 -1.54 -38.90 -21.70
N ARG L 36 -2.85 -39.15 -21.61
CA ARG L 36 -3.74 -38.21 -20.97
C ARG L 36 -3.35 -38.01 -19.51
N GLY L 37 -3.04 -39.10 -18.82
CA GLY L 37 -2.63 -39.00 -17.43
C GLY L 37 -1.39 -38.13 -17.25
N ARG L 38 -0.43 -38.26 -18.16
CA ARG L 38 0.78 -37.45 -18.08
C ARG L 38 0.48 -35.99 -18.37
N ILE L 39 -0.31 -35.72 -19.41
CA ILE L 39 -0.52 -34.33 -19.83
C ILE L 39 -1.34 -33.58 -18.79
N ILE L 40 -2.40 -34.19 -18.25
CA ILE L 40 -3.29 -33.46 -17.36
C ILE L 40 -2.61 -33.08 -16.04
N ASN L 41 -1.72 -33.92 -15.52
CA ASN L 41 -1.06 -33.66 -14.24
C ASN L 41 0.32 -33.05 -14.44
N SER L 42 0.48 -32.20 -15.45
CA SER L 42 1.76 -31.57 -15.75
C SER L 42 1.77 -30.13 -15.29
N PRO L 43 2.93 -29.62 -14.85
CA PRO L 43 2.99 -28.21 -14.42
C PRO L 43 2.65 -27.22 -15.52
N ALA L 44 2.93 -27.55 -16.78
CA ALA L 44 2.64 -26.62 -17.87
C ALA L 44 1.15 -26.37 -18.00
N ILE L 45 0.32 -27.40 -17.86
CA ILE L 45 -1.12 -27.21 -17.93
C ILE L 45 -1.64 -26.46 -16.71
N ARG L 46 -1.07 -26.74 -15.54
CA ARG L 46 -1.50 -26.05 -14.32
C ARG L 46 -1.20 -24.56 -14.42
N ARG L 47 -0.06 -24.20 -15.00
CA ARG L 47 0.34 -22.81 -15.09
C ARG L 47 -0.62 -21.97 -15.92
N LEU L 48 -1.47 -22.61 -16.73
CA LEU L 48 -2.34 -21.87 -17.64
C LEU L 48 -3.44 -21.11 -16.92
N GLN L 49 -3.68 -21.38 -15.65
CA GLN L 49 -4.73 -20.70 -14.91
C GLN L 49 -4.30 -19.36 -14.35
N GLN L 50 -3.07 -18.92 -14.67
CA GLN L 50 -2.59 -17.60 -14.28
C GLN L 50 -2.19 -16.77 -15.50
N LYS L 51 -2.66 -17.14 -16.69
CA LYS L 51 -2.40 -16.39 -17.91
C LYS L 51 -3.69 -15.77 -18.43
N THR L 52 -3.60 -14.51 -18.83
CA THR L 52 -4.76 -13.74 -19.26
C THR L 52 -5.10 -14.00 -20.72
N GLN L 53 -6.38 -14.24 -20.99
CA GLN L 53 -6.86 -14.40 -22.36
C GLN L 53 -7.13 -13.03 -22.99
N VAL L 54 -8.09 -12.29 -22.42
CA VAL L 54 -8.41 -10.95 -22.91
C VAL L 54 -8.38 -9.96 -21.76
N PHE L 55 -9.17 -10.23 -20.71
CA PHE L 55 -9.28 -9.33 -19.57
C PHE L 55 -8.48 -9.86 -18.40
N PRO L 56 -7.68 -9.02 -17.73
CA PRO L 56 -6.82 -9.44 -16.61
C PRO L 56 -7.60 -9.84 -15.36
N ALA L 62 -14.95 -13.97 -12.55
CA ALA L 62 -15.46 -15.06 -13.38
C ALA L 62 -15.14 -14.82 -14.86
N VAL L 63 -13.95 -14.32 -15.14
CA VAL L 63 -13.48 -14.11 -16.50
C VAL L 63 -12.61 -15.30 -16.90
N ARG L 64 -12.52 -15.53 -18.20
CA ARG L 64 -11.88 -16.75 -18.70
C ARG L 64 -10.37 -16.61 -18.72
N THR L 65 -9.69 -17.65 -18.24
CA THR L 65 -8.26 -17.81 -18.37
C THR L 65 -7.98 -18.68 -19.59
N ARG L 66 -6.73 -19.07 -19.77
CA ARG L 66 -6.39 -19.90 -20.90
C ARG L 66 -6.81 -21.35 -20.71
N LEU L 67 -6.95 -21.77 -19.45
CA LEU L 67 -7.35 -23.13 -19.15
C LEU L 67 -8.83 -23.39 -19.50
N THR L 68 -9.71 -22.47 -19.12
CA THR L 68 -11.12 -22.63 -19.42
C THR L 68 -11.42 -22.55 -20.91
N HIS L 69 -10.71 -21.69 -21.65
CA HIS L 69 -10.90 -21.60 -23.09
C HIS L 69 -10.45 -22.88 -23.79
N SER L 70 -9.34 -23.47 -23.34
CA SER L 70 -8.92 -24.76 -23.84
C SER L 70 -9.91 -25.87 -23.51
N MET L 71 -10.54 -25.81 -22.32
CA MET L 71 -11.56 -26.79 -21.98
C MET L 71 -12.81 -26.68 -22.84
N GLU L 72 -13.03 -25.55 -23.52
CA GLU L 72 -14.13 -25.45 -24.47
C GLU L 72 -13.72 -25.89 -25.87
N VAL L 73 -12.51 -25.54 -26.27
CA VAL L 73 -11.98 -26.03 -27.55
C VAL L 73 -11.96 -27.55 -27.56
N GLN L 74 -11.63 -28.15 -26.42
CA GLN L 74 -11.58 -29.61 -26.31
C GLN L 74 -12.95 -30.22 -26.58
N GLN L 75 -14.01 -29.66 -26.00
CA GLN L 75 -15.36 -30.17 -26.23
C GLN L 75 -15.76 -30.01 -27.69
N VAL L 76 -15.46 -28.87 -28.29
CA VAL L 76 -15.84 -28.67 -29.70
C VAL L 76 -15.13 -29.69 -30.58
N GLY L 77 -13.83 -29.90 -30.36
CA GLY L 77 -13.09 -30.86 -31.16
C GLY L 77 -13.58 -32.29 -30.97
N ARG L 78 -13.91 -32.66 -29.73
CA ARG L 78 -14.45 -33.99 -29.49
C ARG L 78 -15.77 -34.19 -30.22
N TYR L 79 -16.63 -33.19 -30.20
CA TYR L 79 -17.92 -33.31 -30.89
C TYR L 79 -17.71 -33.46 -32.40
N ILE L 80 -16.78 -32.68 -32.96
CA ILE L 80 -16.51 -32.79 -34.40
C ILE L 80 -15.98 -34.18 -34.75
N ALA L 81 -15.06 -34.71 -33.92
CA ALA L 81 -14.50 -36.03 -34.20
C ALA L 81 -15.58 -37.10 -34.15
N LYS L 82 -16.46 -37.04 -33.14
CA LYS L 82 -17.53 -38.03 -33.06
C LYS L 82 -18.48 -37.92 -34.24
N GLU L 83 -18.78 -36.70 -34.70
CA GLU L 83 -19.65 -36.55 -35.87
C GLU L 83 -19.01 -37.14 -37.11
N ILE L 84 -17.72 -36.90 -37.31
CA ILE L 84 -17.02 -37.48 -38.47
C ILE L 84 -17.05 -39.00 -38.41
N LEU L 85 -16.79 -39.56 -37.23
CA LEU L 85 -16.79 -41.02 -37.10
C LEU L 85 -18.18 -41.59 -37.32
N SER L 86 -19.22 -40.92 -36.86
CA SER L 86 -20.59 -41.39 -37.09
C SER L 86 -20.93 -41.35 -38.58
N ARG L 87 -20.49 -40.32 -39.28
CA ARG L 87 -20.84 -40.18 -40.69
C ARG L 87 -20.17 -41.23 -41.57
N LEU L 88 -19.09 -41.85 -41.10
CA LEU L 88 -18.42 -42.89 -41.88
C LEU L 88 -19.03 -44.27 -41.65
N LYS L 89 -19.76 -44.47 -40.57
CA LYS L 89 -20.45 -45.74 -40.36
C LYS L 89 -21.70 -45.86 -41.23
N GLU L 90 -22.36 -44.73 -41.51
CA GLU L 90 -23.52 -44.75 -42.40
C GLU L 90 -23.15 -45.04 -43.85
N LEU L 91 -21.85 -44.99 -44.18
CA LEU L 91 -21.39 -45.34 -45.52
C LEU L 91 -20.51 -46.59 -45.51
N LYS L 92 -20.41 -47.27 -44.37
CA LYS L 92 -19.69 -48.54 -44.25
C LYS L 92 -18.22 -48.42 -44.69
N LEU L 93 -17.57 -47.31 -44.33
CA LEU L 93 -16.20 -47.07 -44.71
C LEU L 93 -15.21 -47.18 -43.55
N LEU L 94 -15.65 -47.66 -42.38
CA LEU L 94 -14.73 -47.80 -41.26
C LEU L 94 -13.85 -49.03 -41.35
N GLU L 95 -14.13 -49.95 -42.28
CA GLU L 95 -13.28 -51.11 -42.50
C GLU L 95 -12.32 -50.95 -43.66
N ALA L 96 -12.70 -50.18 -44.67
CA ALA L 96 -11.79 -49.91 -45.78
C ALA L 96 -10.73 -48.89 -45.39
N TYR L 97 -11.03 -48.00 -44.46
CA TYR L 97 -10.12 -46.94 -44.05
C TYR L 97 -9.28 -47.31 -42.84
N GLY L 98 -9.49 -48.49 -42.26
CA GLY L 98 -8.66 -48.96 -41.18
C GLY L 98 -9.04 -48.46 -39.79
N LEU L 99 -10.13 -47.71 -39.67
CA LEU L 99 -10.54 -47.17 -38.38
C LEU L 99 -11.44 -48.12 -37.60
N ASP L 100 -11.47 -49.40 -37.97
CA ASP L 100 -12.39 -50.33 -37.32
C ASP L 100 -12.05 -50.52 -35.85
N GLU L 101 -10.77 -50.61 -35.53
CA GLU L 101 -10.31 -50.91 -34.18
C GLU L 101 -9.51 -49.76 -33.57
N LEU L 102 -9.65 -48.55 -34.14
CA LEU L 102 -8.91 -47.40 -33.63
C LEU L 102 -9.81 -46.20 -33.38
N THR L 103 -11.10 -46.40 -33.13
CA THR L 103 -11.99 -45.28 -32.86
C THR L 103 -11.66 -44.58 -31.55
N GLY L 104 -11.27 -45.33 -30.53
CA GLY L 104 -10.98 -44.76 -29.23
C GLY L 104 -9.87 -43.74 -29.24
N PRO L 105 -8.68 -44.11 -29.72
CA PRO L 105 -7.58 -43.14 -29.78
C PRO L 105 -7.86 -41.95 -30.70
N PHE L 106 -8.77 -42.09 -31.65
CA PHE L 106 -9.05 -41.01 -32.59
C PHE L 106 -9.56 -39.77 -31.87
N GLU L 107 -10.46 -39.94 -30.91
CA GLU L 107 -10.94 -38.80 -30.13
C GLU L 107 -9.89 -38.31 -29.14
N SER L 108 -9.14 -39.23 -28.52
CA SER L 108 -8.18 -38.83 -27.50
C SER L 108 -7.08 -37.96 -28.07
N ILE L 109 -6.58 -38.31 -29.26
CA ILE L 109 -5.52 -37.52 -29.88
C ILE L 109 -6.01 -36.10 -30.14
N VAL L 110 -7.22 -35.98 -30.70
CA VAL L 110 -7.76 -34.66 -31.01
C VAL L 110 -7.97 -33.85 -29.74
N GLU L 111 -8.52 -34.49 -28.70
CA GLU L 111 -8.81 -33.76 -27.46
C GLU L 111 -7.53 -33.28 -26.79
N MET L 112 -6.53 -34.15 -26.68
CA MET L 112 -5.29 -33.74 -26.04
C MET L 112 -4.52 -32.73 -26.87
N SER L 113 -4.63 -32.79 -28.21
CA SER L 113 -4.04 -31.75 -29.02
C SER L 113 -4.74 -30.42 -28.85
N CYS L 114 -6.06 -30.44 -28.68
CA CYS L 114 -6.79 -29.20 -28.40
C CYS L 114 -6.42 -28.62 -27.04
N LEU L 115 -6.18 -29.47 -26.04
CA LEU L 115 -5.87 -28.97 -24.71
C LEU L 115 -4.53 -28.22 -24.68
N MET L 116 -3.47 -28.86 -25.20
CA MET L 116 -2.14 -28.26 -25.18
C MET L 116 -1.81 -27.58 -26.51
N HIS L 117 -2.68 -26.66 -26.92
CA HIS L 117 -2.45 -25.84 -28.10
C HIS L 117 -2.00 -24.43 -27.74
N ASP L 118 -1.77 -24.15 -26.48
CA ASP L 118 -1.40 -22.83 -26.05
C ASP L 118 -0.43 -22.84 -24.91
N ILE L 119 0.45 -23.82 -24.86
CA ILE L 119 1.39 -23.93 -23.75
C ILE L 119 2.71 -23.22 -24.02
N GLY L 120 2.94 -22.78 -25.24
CA GLY L 120 4.19 -22.12 -25.60
C GLY L 120 4.12 -20.62 -25.69
N ASN L 121 2.94 -20.01 -25.55
CA ASN L 121 2.83 -18.57 -25.70
C ASN L 121 3.52 -17.85 -24.54
N PRO L 122 4.22 -16.76 -24.81
CA PRO L 122 4.92 -16.05 -23.75
C PRO L 122 3.96 -15.24 -22.92
N PRO L 123 4.42 -14.68 -21.79
CA PRO L 123 3.56 -13.77 -21.03
C PRO L 123 3.16 -12.56 -21.85
N PHE L 124 1.95 -12.08 -21.59
CA PHE L 124 1.33 -10.92 -22.21
C PHE L 124 0.93 -11.16 -23.66
N GLY L 125 1.14 -12.35 -24.20
CA GLY L 125 0.57 -12.71 -25.48
C GLY L 125 1.34 -12.10 -26.63
N HIS L 126 0.58 -11.64 -27.62
CA HIS L 126 1.08 -11.07 -28.85
C HIS L 126 2.05 -9.92 -28.70
N PHE L 127 1.89 -9.16 -27.63
CA PHE L 127 2.77 -8.02 -27.40
C PHE L 127 4.03 -8.42 -26.65
N GLY L 128 4.02 -9.65 -26.15
CA GLY L 128 5.16 -10.21 -25.47
C GLY L 128 6.02 -10.89 -26.52
N GLU L 129 5.41 -11.37 -27.60
CA GLU L 129 6.17 -12.03 -28.66
C GLU L 129 6.96 -11.04 -29.49
N ALA L 130 6.41 -9.84 -29.73
CA ALA L 130 7.15 -8.83 -30.48
C ALA L 130 8.36 -8.33 -29.70
N ALA L 131 8.21 -8.12 -28.39
CA ALA L 131 9.29 -7.58 -27.58
C ALA L 131 10.52 -8.48 -27.62
N ILE L 132 10.31 -9.79 -27.57
CA ILE L 132 11.45 -10.71 -27.68
C ILE L 132 12.07 -10.61 -29.06
N ASN L 133 11.25 -10.44 -30.09
CA ASN L 133 11.76 -10.40 -31.46
C ASN L 133 12.50 -9.11 -31.76
N ASP L 134 11.96 -7.97 -31.34
CA ASP L 134 12.59 -6.69 -31.62
C ASP L 134 13.93 -6.56 -30.93
N TRP L 135 13.99 -6.89 -29.64
CA TRP L 135 15.21 -6.76 -28.87
C TRP L 135 16.37 -7.52 -29.50
N PHE L 136 16.10 -8.71 -30.04
CA PHE L 136 17.15 -9.48 -30.69
C PHE L 136 17.51 -8.94 -32.06
N ARG L 137 16.55 -8.32 -32.76
CA ARG L 137 16.84 -7.83 -34.10
C ARG L 137 17.85 -6.70 -34.12
N GLN L 138 18.02 -6.04 -32.98
CA GLN L 138 18.98 -4.97 -32.89
C GLN L 138 20.32 -5.49 -32.44
N ARG L 139 20.39 -6.77 -32.14
CA ARG L 139 21.64 -7.36 -31.71
C ARG L 139 22.34 -8.14 -32.80
N LEU L 140 21.59 -8.72 -33.74
CA LEU L 140 22.16 -9.58 -34.76
C LEU L 140 21.97 -9.07 -36.18
N HIS L 141 20.91 -8.33 -36.46
CA HIS L 141 20.62 -7.75 -37.76
C HIS L 141 20.65 -8.81 -38.86
N PRO L 142 19.66 -9.68 -38.93
CA PRO L 142 19.68 -10.74 -39.96
C PRO L 142 19.65 -10.19 -41.38
N GLU L 143 19.03 -9.02 -41.59
CA GLU L 143 18.85 -8.50 -42.95
C GLU L 143 20.18 -8.25 -43.64
N ASP L 144 21.27 -8.15 -42.88
CA ASP L 144 22.59 -7.89 -43.44
C ASP L 144 23.35 -9.16 -43.79
N ALA L 145 22.73 -10.33 -43.65
CA ALA L 145 23.38 -11.60 -43.96
C ALA L 145 22.73 -12.31 -45.14
N GLU L 146 22.00 -11.58 -45.99
CA GLU L 146 21.26 -12.20 -47.07
C GLU L 146 22.00 -12.19 -48.40
N SER L 147 23.23 -11.66 -48.45
CA SER L 147 23.94 -11.50 -49.70
C SER L 147 25.42 -11.74 -49.43
N GLN L 148 26.27 -11.33 -50.39
CA GLN L 148 27.71 -11.46 -50.23
C GLN L 148 28.17 -10.63 -49.02
N PRO L 149 29.23 -11.08 -48.34
CA PRO L 149 29.69 -10.39 -47.13
C PRO L 149 30.00 -8.91 -47.36
N LEU L 150 29.50 -8.07 -46.46
CA LEU L 150 29.67 -6.62 -46.59
C LEU L 150 30.95 -6.16 -45.90
N ASP L 153 28.60 -4.23 -41.73
CA ASP L 153 27.99 -5.24 -40.88
C ASP L 153 27.77 -4.70 -39.49
N ARG L 154 26.52 -4.76 -39.02
CA ARG L 154 26.12 -4.18 -37.75
C ARG L 154 25.96 -5.20 -36.64
N CYS L 155 26.43 -6.43 -36.85
CA CYS L 155 26.31 -7.46 -35.82
C CYS L 155 27.18 -7.13 -34.63
N SER L 156 26.63 -7.29 -33.43
CA SER L 156 27.33 -6.95 -32.20
C SER L 156 28.15 -8.09 -31.63
N VAL L 157 28.08 -9.27 -32.22
CA VAL L 157 28.85 -10.43 -31.77
C VAL L 157 29.94 -10.72 -32.78
N ALA L 158 31.18 -10.82 -32.29
CA ALA L 158 32.32 -10.98 -33.18
C ALA L 158 32.30 -12.32 -33.89
N ALA L 159 31.79 -13.35 -33.24
CA ALA L 159 31.81 -14.71 -33.77
C ALA L 159 30.67 -14.98 -34.75
N LEU L 160 29.88 -13.98 -35.11
CA LEU L 160 28.78 -14.18 -36.05
C LEU L 160 28.82 -13.23 -37.24
N ARG L 161 29.76 -12.30 -37.29
CA ARG L 161 29.87 -11.41 -38.44
C ARG L 161 30.45 -12.16 -39.63
N LEU L 162 29.97 -11.82 -40.83
CA LEU L 162 30.37 -12.53 -42.03
C LEU L 162 31.77 -12.11 -42.45
N ARG L 163 32.62 -13.08 -42.74
CA ARG L 163 33.97 -12.83 -43.22
C ARG L 163 34.22 -13.56 -44.54
N GLU L 166 35.16 -17.97 -46.62
CA GLU L 166 34.68 -18.90 -45.60
C GLU L 166 33.18 -19.14 -45.71
N GLU L 167 32.75 -19.66 -46.85
CA GLU L 167 31.34 -19.95 -47.11
C GLU L 167 30.74 -20.99 -46.16
N PRO L 168 31.42 -22.12 -45.88
CA PRO L 168 30.81 -23.13 -45.00
C PRO L 168 30.43 -22.61 -43.64
N LEU L 169 31.26 -21.75 -43.03
CA LEU L 169 30.87 -21.13 -41.77
C LEU L 169 29.86 -20.01 -41.99
N ASN L 170 29.90 -19.36 -43.14
CA ASN L 170 28.96 -18.27 -43.42
C ASN L 170 27.52 -18.77 -43.46
N GLU L 171 27.29 -19.96 -44.02
CA GLU L 171 25.94 -20.49 -44.08
C GLU L 171 25.37 -20.72 -42.68
N LEU L 172 26.17 -21.33 -41.81
CA LEU L 172 25.73 -21.55 -40.43
C LEU L 172 25.53 -20.22 -39.71
N ARG L 173 26.39 -19.25 -39.97
CA ARG L 173 26.24 -17.93 -39.37
C ARG L 173 24.90 -17.30 -39.73
N ARG L 174 24.57 -17.30 -41.02
CA ARG L 174 23.31 -16.67 -41.43
C ARG L 174 22.10 -17.45 -40.94
N LYS L 175 22.20 -18.78 -40.89
CA LYS L 175 21.09 -19.57 -40.35
C LYS L 175 20.84 -19.23 -38.88
N ILE L 176 21.91 -19.19 -38.08
CA ILE L 176 21.74 -18.88 -36.66
C ILE L 176 21.23 -17.46 -36.47
N ARG L 177 21.72 -16.51 -37.28
CA ARG L 177 21.26 -15.13 -37.14
C ARG L 177 19.80 -14.98 -37.52
N GLN L 178 19.32 -15.73 -38.51
CA GLN L 178 17.92 -15.62 -38.89
C GLN L 178 17.00 -16.33 -37.89
N ASP L 179 17.43 -17.47 -37.36
CA ASP L 179 16.53 -18.27 -36.53
C ASP L 179 16.20 -17.56 -35.22
N LEU L 180 17.19 -16.90 -34.60
CA LEU L 180 17.00 -16.34 -33.27
C LEU L 180 16.02 -15.17 -33.23
N CYS L 181 15.68 -14.58 -34.37
CA CYS L 181 14.77 -13.46 -34.43
C CYS L 181 13.35 -13.87 -34.81
N HIS L 182 13.08 -15.17 -34.90
CA HIS L 182 11.75 -15.69 -35.19
C HIS L 182 11.32 -16.56 -34.01
N PHE L 183 10.70 -15.94 -33.02
CA PHE L 183 10.13 -16.65 -31.89
C PHE L 183 8.64 -16.83 -32.10
N GLU L 184 8.15 -18.04 -31.85
CA GLU L 184 6.75 -18.37 -32.07
C GLU L 184 6.29 -19.35 -31.00
N GLY L 185 5.04 -19.20 -30.57
CA GLY L 185 4.52 -20.08 -29.53
C GLY L 185 4.36 -21.52 -30.00
N ASN L 186 3.88 -21.70 -31.24
CA ASN L 186 3.71 -23.05 -31.77
C ASN L 186 5.05 -23.77 -31.87
N ALA L 187 6.10 -23.06 -32.30
CA ALA L 187 7.42 -23.68 -32.35
C ALA L 187 7.98 -23.95 -30.96
N GLN L 188 7.58 -23.14 -29.98
CA GLN L 188 8.05 -23.33 -28.61
C GLN L 188 7.33 -24.48 -27.91
N GLY L 189 6.11 -24.82 -28.34
CA GLY L 189 5.42 -25.94 -27.74
C GLY L 189 6.13 -27.26 -27.92
N ILE L 190 6.67 -27.49 -29.12
CA ILE L 190 7.41 -28.72 -29.39
C ILE L 190 8.63 -28.82 -28.50
N ARG L 191 9.37 -27.72 -28.38
CA ARG L 191 10.55 -27.69 -27.52
C ARG L 191 10.16 -27.92 -26.07
N LEU L 192 9.02 -27.37 -25.65
CA LEU L 192 8.57 -27.53 -24.27
C LEU L 192 8.20 -28.98 -23.97
N VAL L 193 7.52 -29.65 -24.90
CA VAL L 193 7.07 -31.01 -24.61
C VAL L 193 8.18 -32.03 -24.82
N HIS L 194 9.18 -31.72 -25.64
CA HIS L 194 10.22 -32.70 -25.92
C HIS L 194 11.45 -32.53 -25.03
N THR L 195 12.08 -31.37 -25.07
CA THR L 195 13.38 -31.20 -24.45
C THR L 195 13.32 -30.80 -22.99
N LEU L 196 12.53 -29.79 -22.64
CA LEU L 196 12.53 -29.26 -21.28
C LEU L 196 11.74 -30.15 -20.32
N MET L 197 10.44 -30.32 -20.56
CA MET L 197 9.59 -31.10 -19.66
C MET L 197 9.87 -32.59 -19.73
N ARG L 198 10.23 -33.12 -20.90
CA ARG L 198 10.51 -34.54 -21.09
C ARG L 198 9.31 -35.40 -20.69
N MET L 199 8.23 -35.24 -21.45
CA MET L 199 7.01 -36.01 -21.19
C MET L 199 7.05 -37.39 -21.82
N ASN L 200 7.80 -37.55 -22.90
CA ASN L 200 7.93 -38.83 -23.60
C ASN L 200 6.57 -39.35 -24.08
N LEU L 201 5.96 -38.58 -24.98
CA LEU L 201 4.67 -38.94 -25.54
C LEU L 201 4.83 -39.71 -26.84
N THR L 202 3.72 -40.29 -27.30
CA THR L 202 3.71 -41.06 -28.54
C THR L 202 3.86 -40.12 -29.74
N TRP L 203 4.28 -40.70 -30.86
CA TRP L 203 4.49 -39.90 -32.07
C TRP L 203 3.19 -39.27 -32.55
N ALA L 204 2.09 -40.02 -32.50
CA ALA L 204 0.81 -39.49 -32.97
C ALA L 204 0.36 -38.28 -32.15
N GLN L 205 0.68 -38.27 -30.87
CA GLN L 205 0.27 -37.14 -30.02
C GLN L 205 1.10 -35.90 -30.31
N VAL L 206 2.40 -36.09 -30.55
CA VAL L 206 3.26 -34.95 -30.89
C VAL L 206 2.91 -34.39 -32.26
N GLY L 207 2.53 -35.26 -33.19
CA GLY L 207 2.21 -34.80 -34.54
C GLY L 207 0.98 -33.92 -34.61
N GLY L 208 0.12 -33.96 -33.59
CA GLY L 208 -1.09 -33.16 -33.60
C GLY L 208 -0.92 -31.73 -33.14
N ILE L 209 0.27 -31.37 -32.69
CA ILE L 209 0.55 -30.01 -32.24
C ILE L 209 1.57 -29.31 -33.15
N LEU L 210 1.76 -29.83 -34.36
CA LEU L 210 2.64 -29.22 -35.35
C LEU L 210 1.76 -28.60 -36.43
N LYS L 211 1.42 -27.33 -36.24
CA LYS L 211 0.40 -26.70 -37.07
C LYS L 211 0.98 -26.18 -38.38
N TYR L 212 2.15 -25.55 -38.34
CA TYR L 212 2.79 -25.02 -39.52
C TYR L 212 4.13 -25.68 -39.74
N THR L 213 4.60 -25.67 -40.98
CA THR L 213 5.75 -26.47 -41.39
C THR L 213 6.90 -25.63 -41.95
N ARG L 214 6.92 -24.33 -41.69
CA ARG L 214 8.03 -23.52 -42.19
C ARG L 214 9.17 -23.53 -41.19
N PRO L 215 10.38 -23.91 -41.59
CA PRO L 215 11.52 -23.80 -40.69
C PRO L 215 11.77 -22.35 -40.31
N ALA L 216 12.17 -22.13 -39.06
CA ALA L 216 12.35 -20.78 -38.56
C ALA L 216 13.58 -20.10 -39.16
N TRP L 217 14.44 -20.85 -39.84
CA TRP L 217 15.60 -20.27 -40.50
C TRP L 217 15.36 -20.00 -41.98
N TRP L 218 14.14 -20.21 -42.46
CA TRP L 218 13.88 -20.12 -43.89
C TRP L 218 13.96 -18.68 -44.37
N ARG L 219 14.70 -18.46 -45.46
CA ARG L 219 14.82 -17.14 -46.07
C ARG L 219 14.38 -17.22 -47.53
N GLY L 220 13.53 -16.28 -47.92
CA GLY L 220 13.13 -16.20 -49.32
C GLY L 220 11.65 -16.38 -49.56
N GLU L 221 11.30 -16.90 -50.73
CA GLU L 221 9.91 -17.09 -51.13
C GLU L 221 9.51 -18.55 -50.97
N THR L 222 8.30 -18.75 -50.49
CA THR L 222 7.72 -20.08 -50.27
C THR L 222 7.18 -20.65 -51.57
N PRO L 223 7.19 -21.98 -51.72
CA PRO L 223 6.58 -22.58 -52.90
C PRO L 223 5.09 -22.26 -52.98
N GLU L 224 4.60 -22.12 -54.21
CA GLU L 224 3.21 -21.76 -54.43
C GLU L 224 2.23 -22.86 -53.99
N THR L 225 2.72 -24.10 -53.86
CA THR L 225 1.84 -25.19 -53.47
C THR L 225 1.65 -25.29 -51.95
N HIS L 226 2.36 -24.49 -51.17
CA HIS L 226 2.26 -24.55 -49.71
C HIS L 226 2.19 -23.16 -49.08
N HIS L 227 1.62 -22.18 -49.76
CA HIS L 227 1.67 -20.82 -49.26
C HIS L 227 0.77 -20.59 -48.04
N TYR L 228 -0.06 -21.55 -47.68
CA TYR L 228 -0.85 -21.46 -46.46
C TYR L 228 -0.19 -22.20 -45.29
N LEU L 229 0.45 -23.33 -45.56
CA LEU L 229 1.15 -24.09 -44.53
C LEU L 229 2.50 -23.50 -44.17
N MET L 230 2.94 -22.44 -44.87
CA MET L 230 4.23 -21.81 -44.67
C MET L 230 4.11 -20.38 -44.15
N LYS L 231 2.94 -20.00 -43.64
CA LYS L 231 2.76 -18.59 -43.33
C LYS L 231 3.39 -18.18 -42.01
N LYS L 232 3.71 -19.12 -41.14
CA LYS L 232 4.33 -18.84 -39.85
C LYS L 232 5.39 -19.90 -39.57
N PRO L 233 6.41 -19.57 -38.79
CA PRO L 233 7.43 -20.57 -38.45
C PRO L 233 6.84 -21.74 -37.70
N GLY L 234 7.39 -22.92 -37.97
CA GLY L 234 6.88 -24.14 -37.36
C GLY L 234 7.77 -24.77 -36.32
N TYR L 235 9.08 -24.74 -36.54
CA TYR L 235 10.01 -25.33 -35.58
C TYR L 235 11.36 -24.64 -35.69
N TYR L 236 12.16 -24.81 -34.65
CA TYR L 236 13.44 -24.12 -34.52
C TYR L 236 14.57 -24.95 -35.13
N LEU L 237 15.78 -24.40 -35.08
CA LEU L 237 16.94 -25.09 -35.66
C LEU L 237 17.46 -26.18 -34.73
N SER L 238 17.09 -26.13 -33.45
CA SER L 238 17.52 -27.14 -32.50
C SER L 238 16.72 -28.43 -32.59
N GLU L 239 15.71 -28.48 -33.44
CA GLU L 239 14.88 -29.67 -33.61
C GLU L 239 14.91 -30.21 -35.03
N GLU L 240 15.95 -29.88 -35.80
CA GLU L 240 16.02 -30.38 -37.17
C GLU L 240 16.24 -31.88 -37.20
N ALA L 241 16.75 -32.46 -36.11
CA ALA L 241 16.93 -33.91 -36.02
C ALA L 241 15.71 -34.61 -35.44
N TYR L 242 14.95 -33.94 -34.57
CA TYR L 242 13.77 -34.56 -33.98
C TYR L 242 12.60 -34.58 -34.94
N ILE L 243 12.51 -33.61 -35.85
CA ILE L 243 11.40 -33.58 -36.80
C ILE L 243 11.62 -34.55 -37.95
N ALA L 244 12.89 -34.82 -38.32
CA ALA L 244 13.14 -35.81 -39.36
C ALA L 244 12.68 -37.19 -38.93
N ARG L 245 12.95 -37.57 -37.68
CA ARG L 245 12.46 -38.84 -37.16
C ARG L 245 10.95 -38.86 -37.07
N LEU L 246 10.33 -37.73 -36.72
CA LEU L 246 8.88 -37.64 -36.67
C LEU L 246 8.27 -37.88 -38.06
N ARG L 247 8.86 -37.28 -39.09
CA ARG L 247 8.38 -37.51 -40.44
C ARG L 247 8.62 -38.94 -40.89
N LYS L 248 9.71 -39.56 -40.46
CA LYS L 248 9.94 -40.96 -40.80
C LYS L 248 8.94 -41.88 -40.11
N GLU L 249 8.57 -41.59 -38.87
CA GLU L 249 7.65 -42.46 -38.14
C GLU L 249 6.22 -42.34 -38.65
N LEU L 250 5.76 -41.13 -38.92
CA LEU L 250 4.37 -40.89 -39.29
C LEU L 250 4.15 -40.86 -40.80
N ASN L 251 5.17 -41.18 -41.59
CA ASN L 251 5.07 -41.27 -43.05
C ASN L 251 4.57 -39.94 -43.65
N LEU L 252 5.36 -38.89 -43.44
CA LEU L 252 5.07 -37.57 -43.96
C LEU L 252 6.20 -37.13 -44.88
N ALA L 253 5.82 -36.47 -45.97
CA ALA L 253 6.82 -35.91 -46.89
C ALA L 253 7.34 -34.61 -46.32
N LEU L 254 8.30 -33.99 -47.00
CA LEU L 254 8.80 -32.69 -46.61
C LEU L 254 7.71 -31.65 -46.79
N TYR L 255 7.52 -30.80 -45.78
CA TYR L 255 6.55 -29.72 -45.82
C TYR L 255 5.11 -30.23 -45.90
N SER L 256 4.78 -31.18 -45.03
CA SER L 256 3.44 -31.76 -44.96
C SER L 256 2.93 -31.71 -43.53
N ARG L 257 1.61 -31.82 -43.40
CA ARG L 257 0.93 -31.73 -42.12
C ARG L 257 0.22 -33.04 -41.78
N PHE L 258 0.13 -33.30 -40.49
CA PHE L 258 -0.61 -34.44 -39.95
C PHE L 258 -2.11 -34.24 -40.16
N PRO L 259 -2.86 -35.31 -40.45
CA PRO L 259 -4.30 -35.13 -40.76
C PRO L 259 -5.11 -34.53 -39.62
N LEU L 260 -5.06 -35.12 -38.44
CA LEU L 260 -5.93 -34.70 -37.34
C LEU L 260 -5.73 -33.24 -36.96
N THR L 261 -4.58 -32.66 -37.28
CA THR L 261 -4.33 -31.25 -36.98
C THR L 261 -5.38 -30.35 -37.61
N TRP L 262 -5.99 -30.76 -38.71
CA TRP L 262 -7.02 -29.93 -39.33
C TRP L 262 -8.23 -29.75 -38.42
N ILE L 263 -8.54 -30.75 -37.60
CA ILE L 263 -9.70 -30.64 -36.72
C ILE L 263 -9.43 -29.66 -35.58
N MET L 264 -8.28 -29.79 -34.93
CA MET L 264 -7.92 -28.89 -33.84
C MET L 264 -7.88 -27.44 -34.31
N GLU L 265 -7.47 -27.21 -35.56
CA GLU L 265 -7.47 -25.86 -36.10
C GLU L 265 -8.89 -25.32 -36.26
N ALA L 266 -9.84 -26.16 -36.63
CA ALA L 266 -11.21 -25.70 -36.82
C ALA L 266 -11.88 -25.39 -35.48
N ALA L 267 -11.70 -26.27 -34.49
CA ALA L 267 -12.32 -26.06 -33.19
C ALA L 267 -11.84 -24.76 -32.55
N ASP L 268 -10.58 -24.38 -32.78
CA ASP L 268 -10.10 -23.11 -32.26
C ASP L 268 -10.76 -21.93 -32.95
N ASP L 269 -11.09 -22.07 -34.23
CA ASP L 269 -11.68 -20.96 -34.96
C ASP L 269 -13.13 -20.71 -34.57
N ILE L 270 -13.86 -21.76 -34.20
CA ILE L 270 -15.25 -21.60 -33.79
C ILE L 270 -15.32 -20.90 -32.44
N SER L 271 -14.47 -21.28 -31.51
CA SER L 271 -14.42 -20.68 -30.18
C SER L 271 -13.39 -19.54 -30.13
N TYR L 272 -13.60 -18.53 -30.96
CA TYR L 272 -12.68 -17.41 -31.06
C TYR L 272 -13.21 -16.12 -30.45
N CYS L 273 -14.39 -15.69 -30.88
CA CYS L 273 -14.97 -14.44 -30.40
C CYS L 273 -16.34 -14.57 -29.77
N VAL L 274 -16.76 -15.76 -29.33
CA VAL L 274 -18.02 -15.89 -28.63
C VAL L 274 -17.88 -15.69 -27.13
N ALA L 275 -16.73 -16.02 -26.55
CA ALA L 275 -16.52 -15.92 -25.11
C ALA L 275 -16.19 -14.51 -24.65
N ASP L 276 -15.50 -13.78 -25.53
CA ASP L 276 -15.09 -12.40 -25.28
C ASP L 276 -16.31 -11.53 -25.07
N LEU L 277 -17.32 -11.74 -25.88
CA LEU L 277 -18.57 -10.98 -25.79
C LEU L 277 -19.26 -11.21 -24.45
N GLU L 278 -19.28 -12.47 -24.00
CA GLU L 278 -19.85 -12.76 -22.69
C GLU L 278 -19.04 -12.11 -21.57
N ASP L 279 -17.71 -12.12 -21.70
CA ASP L 279 -16.87 -11.46 -20.71
C ASP L 279 -17.17 -9.96 -20.65
N ALA L 280 -17.32 -9.33 -21.81
CA ALA L 280 -17.64 -7.91 -21.87
C ALA L 280 -19.01 -7.63 -21.25
N VAL L 281 -19.99 -8.48 -21.54
CA VAL L 281 -21.35 -8.27 -21.02
C VAL L 281 -21.47 -8.50 -19.52
N GLU L 282 -20.43 -9.06 -18.91
CA GLU L 282 -20.44 -9.32 -17.48
C GLU L 282 -19.36 -8.51 -16.79
N LYS L 283 -18.86 -7.51 -17.51
CA LYS L 283 -17.83 -6.62 -17.00
C LYS L 283 -18.32 -5.17 -17.10
N ARG L 284 -19.63 -5.04 -17.06
CA ARG L 284 -20.33 -3.76 -17.11
C ARG L 284 -20.03 -2.89 -18.33
N ILE L 285 -19.59 -3.48 -19.43
CA ILE L 285 -19.32 -2.70 -20.62
C ILE L 285 -20.63 -2.30 -21.26
N PHE L 286 -21.28 -3.22 -21.95
CA PHE L 286 -22.56 -2.93 -22.59
C PHE L 286 -23.63 -3.92 -22.16
N THR L 287 -24.87 -3.67 -22.60
CA THR L 287 -25.99 -4.52 -22.24
C THR L 287 -26.37 -5.42 -23.39
N VAL L 288 -27.16 -6.46 -23.08
CA VAL L 288 -27.61 -7.39 -24.09
C VAL L 288 -28.34 -6.65 -25.20
N GLU L 289 -29.23 -5.74 -24.81
CA GLU L 289 -29.98 -4.95 -25.78
C GLU L 289 -29.06 -4.24 -26.77
N GLN L 290 -27.99 -3.65 -26.24
CA GLN L 290 -27.00 -2.99 -27.06
C GLN L 290 -26.33 -4.02 -27.94
N LEU L 291 -26.00 -5.17 -27.36
CA LEU L 291 -25.36 -6.26 -28.11
C LEU L 291 -26.29 -6.75 -29.20
N TYR L 292 -27.57 -6.85 -28.90
CA TYR L 292 -28.57 -7.29 -29.87
C TYR L 292 -28.53 -6.32 -31.03
N HIS L 293 -28.54 -5.03 -30.72
CA HIS L 293 -28.55 -3.99 -31.74
C HIS L 293 -27.29 -3.96 -32.58
N HIS L 294 -26.14 -4.25 -31.96
CA HIS L 294 -24.88 -4.23 -32.67
C HIS L 294 -24.83 -5.35 -33.68
N LEU L 295 -25.30 -6.52 -33.27
CA LEU L 295 -25.32 -7.69 -34.13
C LEU L 295 -26.29 -7.49 -35.29
N HIS L 296 -27.52 -7.04 -34.99
CA HIS L 296 -28.50 -6.82 -36.05
C HIS L 296 -27.96 -5.86 -37.10
N GLU L 297 -27.34 -4.77 -36.66
CA GLU L 297 -26.82 -3.79 -37.60
C GLU L 297 -25.51 -4.26 -38.23
N ALA L 298 -25.06 -5.43 -37.81
CA ALA L 298 -23.80 -5.99 -38.29
C ALA L 298 -23.84 -6.51 -39.73
N TRP L 299 -24.78 -7.41 -40.01
CA TRP L 299 -24.92 -8.03 -41.33
C TRP L 299 -24.92 -7.01 -42.46
N PHE L 308 -30.00 -12.22 -41.07
CA PHE L 308 -28.89 -13.17 -41.00
C PHE L 308 -29.35 -14.50 -40.41
N SER L 309 -29.91 -15.35 -41.27
CA SER L 309 -30.39 -16.68 -40.93
C SER L 309 -31.40 -16.75 -39.79
N LEU L 310 -31.39 -17.89 -39.13
CA LEU L 310 -32.28 -18.18 -38.01
C LEU L 310 -31.45 -18.80 -36.92
N VAL L 311 -30.21 -18.34 -36.81
CA VAL L 311 -29.26 -18.84 -35.82
C VAL L 311 -29.16 -18.01 -34.56
N VAL L 312 -29.20 -16.69 -34.73
CA VAL L 312 -29.03 -15.77 -33.61
C VAL L 312 -30.37 -15.23 -33.11
N GLU L 313 -31.36 -15.08 -33.99
CA GLU L 313 -32.66 -14.56 -33.55
C GLU L 313 -33.34 -15.49 -32.56
N ASN L 314 -33.30 -16.80 -32.84
CA ASN L 314 -34.04 -17.77 -32.04
C ASN L 314 -33.55 -17.87 -30.61
N ALA L 315 -32.33 -17.42 -30.31
CA ALA L 315 -31.79 -17.52 -28.97
C ALA L 315 -32.31 -16.44 -28.03
N TRP L 316 -32.89 -15.37 -28.57
CA TRP L 316 -33.39 -14.30 -27.72
C TRP L 316 -34.64 -14.73 -26.96
N GLU L 317 -35.56 -15.40 -27.64
CA GLU L 317 -36.89 -15.68 -27.12
C GLU L 317 -36.95 -16.90 -26.20
N SER L 327 -32.55 -15.80 -15.30
CA SER L 327 -32.06 -14.54 -15.84
C SER L 327 -32.19 -14.50 -17.35
N THR L 328 -31.54 -13.51 -17.97
CA THR L 328 -31.55 -13.37 -19.42
C THR L 328 -30.17 -13.52 -20.04
N GLU L 329 -29.15 -12.89 -19.45
CA GLU L 329 -27.80 -13.04 -19.98
C GLU L 329 -27.30 -14.48 -19.87
N ASP L 330 -27.64 -15.14 -18.76
CA ASP L 330 -27.21 -16.52 -18.55
C ASP L 330 -27.85 -17.49 -19.52
N GLN L 331 -28.94 -17.11 -20.18
CA GLN L 331 -29.64 -18.02 -21.07
C GLN L 331 -29.81 -17.45 -22.49
N PHE L 332 -29.01 -16.46 -22.86
CA PHE L 332 -28.97 -16.01 -24.24
C PHE L 332 -27.78 -16.62 -24.98
N PHE L 333 -26.57 -16.45 -24.43
CA PHE L 333 -25.42 -17.13 -24.98
C PHE L 333 -25.56 -18.64 -24.88
N MET L 334 -26.22 -19.11 -23.81
CA MET L 334 -26.40 -20.53 -23.57
C MET L 334 -27.20 -21.22 -24.66
N TYR L 335 -27.95 -20.45 -25.47
CA TYR L 335 -28.61 -20.99 -26.65
C TYR L 335 -27.99 -20.53 -27.96
N LEU L 336 -27.35 -19.36 -27.98
CA LEU L 336 -26.65 -18.93 -29.20
C LEU L 336 -25.48 -19.87 -29.51
N ARG L 337 -24.78 -20.34 -28.48
CA ARG L 337 -23.69 -21.29 -28.69
C ARG L 337 -24.21 -22.59 -29.31
N VAL L 338 -25.33 -23.10 -28.79
CA VAL L 338 -25.90 -24.33 -29.32
C VAL L 338 -26.35 -24.13 -30.75
N ASN L 339 -26.98 -22.99 -31.04
CA ASN L 339 -27.44 -22.71 -32.39
C ASN L 339 -26.28 -22.65 -33.37
N THR L 340 -25.18 -21.99 -33.00
CA THR L 340 -24.06 -21.89 -33.93
C THR L 340 -23.35 -23.24 -34.09
N LEU L 341 -23.29 -24.03 -33.02
CA LEU L 341 -22.65 -25.34 -33.10
C LEU L 341 -23.41 -26.27 -34.04
N ASN L 342 -24.74 -26.34 -33.87
CA ASN L 342 -25.54 -27.27 -34.66
C ASN L 342 -25.52 -26.96 -36.14
N LYS L 343 -25.13 -25.74 -36.54
CA LYS L 343 -25.04 -25.38 -37.94
C LYS L 343 -23.61 -25.31 -38.46
N LEU L 344 -22.61 -25.27 -37.58
CA LEU L 344 -21.23 -25.22 -38.03
C LEU L 344 -20.51 -26.56 -37.99
N VAL L 345 -20.78 -27.41 -37.01
CA VAL L 345 -20.05 -28.68 -36.89
C VAL L 345 -20.28 -29.59 -38.08
N PRO L 346 -21.52 -29.85 -38.52
CA PRO L 346 -21.70 -30.75 -39.68
C PRO L 346 -21.01 -30.25 -40.94
N TYR L 347 -20.93 -28.93 -41.14
CA TYR L 347 -20.20 -28.42 -42.29
C TYR L 347 -18.72 -28.80 -42.23
N ALA L 348 -18.12 -28.69 -41.03
CA ALA L 348 -16.73 -29.08 -40.87
C ALA L 348 -16.55 -30.58 -41.11
N ALA L 349 -17.48 -31.40 -40.62
CA ALA L 349 -17.38 -32.84 -40.85
C ALA L 349 -17.48 -33.16 -42.34
N GLN L 350 -18.39 -32.50 -43.05
CA GLN L 350 -18.53 -32.74 -44.48
C GLN L 350 -17.30 -32.29 -45.24
N ARG L 351 -16.70 -31.16 -44.85
CA ARG L 351 -15.48 -30.70 -45.51
C ARG L 351 -14.34 -31.66 -45.27
N PHE L 352 -14.24 -32.21 -44.06
CA PHE L 352 -13.20 -33.20 -43.78
C PHE L 352 -13.39 -34.46 -44.61
N ILE L 353 -14.63 -34.95 -44.72
CA ILE L 353 -14.85 -36.19 -45.45
C ILE L 353 -14.67 -36.01 -46.95
N ASP L 354 -15.12 -34.87 -47.51
CA ASP L 354 -15.04 -34.67 -48.96
C ASP L 354 -13.59 -34.60 -49.43
N ASN L 355 -12.76 -33.80 -48.75
CA ASN L 355 -11.36 -33.64 -49.12
C ASN L 355 -10.46 -34.60 -48.35
N LEU L 356 -10.77 -35.88 -48.39
CA LEU L 356 -10.03 -36.84 -47.56
C LEU L 356 -8.68 -37.22 -48.16
N PRO L 357 -8.59 -37.55 -49.46
CA PRO L 357 -7.26 -37.94 -49.98
C PRO L 357 -6.21 -36.86 -49.86
N ALA L 358 -6.56 -35.61 -50.13
CA ALA L 358 -5.58 -34.52 -50.04
C ALA L 358 -5.15 -34.29 -48.60
N ILE L 359 -6.09 -34.36 -47.65
CA ILE L 359 -5.74 -34.20 -46.24
C ILE L 359 -4.85 -35.35 -45.79
N PHE L 360 -5.18 -36.57 -46.19
CA PHE L 360 -4.39 -37.74 -45.81
C PHE L 360 -2.98 -37.66 -46.38
N ALA L 361 -2.83 -37.14 -47.60
CA ALA L 361 -1.49 -36.92 -48.14
C ALA L 361 -0.75 -35.81 -47.41
N GLY L 362 -1.47 -34.94 -46.71
CA GLY L 362 -0.85 -33.84 -45.99
C GLY L 362 -0.55 -32.61 -46.79
N THR L 363 -1.09 -32.50 -48.01
CA THR L 363 -0.80 -31.40 -48.90
C THR L 363 -2.00 -30.51 -49.18
N PHE L 364 -3.08 -30.60 -48.40
CA PHE L 364 -4.21 -29.72 -48.57
C PHE L 364 -3.84 -28.30 -48.15
N ASN L 365 -4.16 -27.33 -48.99
CA ASN L 365 -3.67 -25.97 -48.84
C ASN L 365 -4.76 -24.98 -48.42
N HIS L 366 -5.74 -25.41 -47.66
CA HIS L 366 -6.80 -24.54 -47.17
C HIS L 366 -7.15 -24.93 -45.75
N ALA L 367 -8.15 -24.27 -45.21
CA ALA L 367 -8.76 -24.63 -43.93
C ALA L 367 -10.19 -25.09 -44.16
N LEU L 368 -10.71 -25.85 -43.20
CA LEU L 368 -12.05 -26.40 -43.35
C LEU L 368 -13.12 -25.31 -43.39
N LEU L 369 -12.86 -24.19 -42.73
CA LEU L 369 -13.81 -23.08 -42.72
C LEU L 369 -13.21 -21.84 -43.37
N ALA L 372 -15.90 -18.95 -48.12
CA ALA L 372 -16.66 -18.47 -49.27
C ALA L 372 -18.10 -18.97 -49.23
N SER L 373 -18.55 -19.36 -48.05
CA SER L 373 -19.90 -19.86 -47.84
C SER L 373 -20.62 -19.01 -46.81
N GLU L 374 -21.92 -19.27 -46.65
CA GLU L 374 -22.71 -18.54 -45.67
C GLU L 374 -22.30 -18.88 -44.24
N CYS L 375 -21.68 -20.03 -44.03
CA CYS L 375 -21.24 -20.39 -42.68
C CYS L 375 -20.00 -19.61 -42.26
N SER L 376 -19.20 -19.13 -43.22
CA SER L 376 -18.03 -18.34 -42.89
C SER L 376 -18.35 -16.87 -42.61
N ASP L 377 -19.53 -16.39 -43.01
CA ASP L 377 -19.91 -15.01 -42.74
C ASP L 377 -20.33 -14.80 -41.29
N LEU L 378 -20.98 -15.78 -40.68
CA LEU L 378 -21.41 -15.66 -39.30
C LEU L 378 -20.22 -15.48 -38.35
N LEU L 379 -19.09 -16.14 -38.63
CA LEU L 379 -17.90 -15.97 -37.81
C LEU L 379 -17.30 -14.58 -37.99
N LYS L 380 -17.25 -14.09 -39.24
CA LYS L 380 -16.75 -12.75 -39.49
C LYS L 380 -17.61 -11.71 -38.78
N LEU L 381 -18.90 -11.98 -38.63
CA LEU L 381 -19.78 -11.08 -37.89
C LEU L 381 -19.31 -10.89 -36.46
N TYR L 382 -19.10 -12.00 -35.74
CA TYR L 382 -18.64 -11.91 -34.37
C TYR L 382 -17.26 -11.27 -34.31
N LYS L 383 -16.38 -11.61 -35.25
CA LYS L 383 -15.04 -11.05 -35.23
C LYS L 383 -15.07 -9.53 -35.38
N ASN L 384 -15.91 -9.04 -36.31
CA ASN L 384 -16.02 -7.59 -36.51
C ASN L 384 -16.60 -6.90 -35.30
N VAL L 385 -17.64 -7.48 -34.69
CA VAL L 385 -18.23 -6.84 -33.51
C VAL L 385 -17.21 -6.77 -32.37
N ALA L 386 -16.47 -7.87 -32.16
CA ALA L 386 -15.47 -7.88 -31.10
C ALA L 386 -14.35 -6.88 -31.36
N VAL L 387 -13.91 -6.77 -32.62
CA VAL L 387 -12.85 -5.81 -32.95
C VAL L 387 -13.33 -4.39 -32.72
N LYS L 388 -14.57 -4.09 -33.11
CA LYS L 388 -15.07 -2.72 -33.03
C LYS L 388 -15.42 -2.29 -31.62
N HIS L 389 -15.94 -3.18 -30.77
CA HIS L 389 -16.49 -2.75 -29.50
C HIS L 389 -15.83 -3.33 -28.25
N VAL L 390 -14.93 -4.29 -28.37
CA VAL L 390 -14.33 -4.94 -27.22
C VAL L 390 -12.81 -4.76 -27.19
N PHE L 391 -12.14 -5.06 -28.30
CA PHE L 391 -10.68 -4.97 -28.36
C PHE L 391 -10.17 -3.55 -28.50
N SER L 392 -11.02 -2.55 -28.35
CA SER L 392 -10.60 -1.15 -28.39
C SER L 392 -10.87 -0.42 -27.09
N HIS L 393 -11.29 -1.11 -26.04
CA HIS L 393 -11.51 -0.48 -24.76
C HIS L 393 -10.19 0.01 -24.19
N PRO L 394 -10.19 1.14 -23.49
CA PRO L 394 -8.92 1.70 -22.98
C PRO L 394 -8.16 0.76 -22.06
N ASP L 395 -8.84 -0.06 -21.27
CA ASP L 395 -8.15 -0.94 -20.33
C ASP L 395 -7.41 -2.07 -21.02
N VAL L 396 -7.91 -2.56 -22.15
CA VAL L 396 -7.20 -3.62 -22.88
C VAL L 396 -5.92 -3.08 -23.51
N GLU L 397 -5.97 -1.87 -24.03
CA GLU L 397 -4.82 -1.30 -24.74
C GLU L 397 -3.67 -0.92 -23.81
N ARG L 398 -3.97 -0.53 -22.57
CA ARG L 398 -2.91 -0.11 -21.66
C ARG L 398 -2.06 -1.30 -21.20
N LEU L 399 -2.71 -2.43 -21.00
CA LEU L 399 -2.05 -3.66 -20.57
C LEU L 399 -1.22 -4.25 -21.69
N GLU L 400 -1.31 -3.66 -22.86
CA GLU L 400 -0.54 -4.11 -24.01
C GLU L 400 0.70 -3.26 -24.16
N LEU L 401 0.69 -2.09 -23.53
CA LEU L 401 1.82 -1.19 -23.57
C LEU L 401 2.70 -1.44 -22.37
N GLN L 402 2.07 -1.87 -21.29
CA GLN L 402 2.78 -2.24 -20.06
C GLN L 402 3.54 -3.55 -20.22
N GLY L 403 2.94 -4.54 -20.87
CA GLY L 403 3.62 -5.80 -21.11
C GLY L 403 4.80 -5.67 -22.03
N TYR L 404 4.66 -4.88 -23.10
CA TYR L 404 5.80 -4.57 -23.96
C TYR L 404 6.95 -4.00 -23.15
N ARG L 405 6.66 -3.00 -22.31
CA ARG L 405 7.71 -2.37 -21.51
C ARG L 405 8.35 -3.37 -20.56
N VAL L 406 7.54 -4.23 -19.91
CA VAL L 406 8.08 -5.15 -18.92
C VAL L 406 8.99 -6.18 -19.57
N ILE L 407 8.58 -6.75 -20.70
CA ILE L 407 9.42 -7.75 -21.35
C ILE L 407 10.69 -7.12 -21.88
N SER L 408 10.59 -5.93 -22.48
CA SER L 408 11.79 -5.26 -22.96
C SER L 408 12.76 -4.93 -21.82
N GLY L 409 12.23 -4.53 -20.67
CA GLY L 409 13.08 -4.27 -19.52
C GLY L 409 13.74 -5.51 -18.95
N LEU L 410 12.99 -6.61 -18.87
CA LEU L 410 13.57 -7.86 -18.36
C LEU L 410 14.65 -8.39 -19.29
N LEU L 411 14.50 -8.19 -20.60
CA LEU L 411 15.53 -8.66 -21.52
C LEU L 411 16.83 -7.88 -21.37
N GLU L 412 16.78 -6.68 -20.81
CA GLU L 412 17.95 -5.82 -20.68
C GLU L 412 18.71 -6.05 -19.38
N ILE L 413 18.06 -6.57 -18.34
CA ILE L 413 18.76 -6.86 -17.10
C ILE L 413 19.74 -8.01 -17.28
N TYR L 414 19.37 -9.01 -18.08
CA TYR L 414 20.18 -10.19 -18.30
C TYR L 414 21.14 -10.05 -19.48
N ARG L 415 21.29 -8.85 -20.02
CA ARG L 415 22.25 -8.55 -21.07
C ARG L 415 23.69 -8.89 -20.68
N PRO L 416 24.12 -8.64 -19.43
CA PRO L 416 25.49 -9.02 -19.05
C PRO L 416 25.84 -10.48 -19.30
N LEU L 417 24.88 -11.39 -19.14
CA LEU L 417 25.16 -12.80 -19.40
C LEU L 417 25.49 -13.07 -20.86
N LEU L 418 25.02 -12.23 -21.78
CA LEU L 418 25.28 -12.40 -23.19
C LEU L 418 26.56 -11.73 -23.66
N SER L 419 27.28 -11.05 -22.78
CA SER L 419 28.51 -10.36 -23.15
C SER L 419 29.78 -11.08 -22.70
N LEU L 420 29.66 -12.18 -21.96
CA LEU L 420 30.82 -12.90 -21.49
C LEU L 420 31.46 -13.68 -22.63
N SER L 421 32.61 -14.28 -22.35
CA SER L 421 33.33 -15.13 -23.29
C SER L 421 32.98 -16.58 -23.05
N LEU L 422 33.38 -17.43 -24.00
CA LEU L 422 33.07 -18.85 -23.90
C LEU L 422 33.73 -19.47 -22.67
N SER L 423 35.00 -19.14 -22.43
CA SER L 423 35.70 -19.69 -21.29
C SER L 423 35.10 -19.20 -19.97
N ASP L 424 34.72 -17.91 -19.92
CA ASP L 424 34.13 -17.36 -18.71
C ASP L 424 32.79 -18.04 -18.39
N PHE L 425 31.94 -18.21 -19.39
CA PHE L 425 30.65 -18.85 -19.15
C PHE L 425 30.82 -20.32 -18.79
N THR L 426 31.79 -20.99 -19.41
CA THR L 426 32.06 -22.39 -19.06
C THR L 426 32.51 -22.50 -17.61
N GLU L 427 33.43 -21.63 -17.18
CA GLU L 427 33.88 -21.65 -15.80
C GLU L 427 32.74 -21.34 -14.84
N LEU L 428 31.88 -20.41 -15.22
CA LEU L 428 30.74 -20.06 -14.38
C LEU L 428 29.76 -21.21 -14.22
N VAL L 429 29.48 -21.93 -15.32
CA VAL L 429 28.52 -23.03 -15.24
C VAL L 429 29.14 -24.24 -14.52
N GLU L 430 30.47 -24.39 -14.61
CA GLU L 430 31.12 -25.53 -13.96
C GLU L 430 31.30 -25.30 -12.47
N LYS L 431 32.06 -24.26 -12.09
CA LYS L 431 32.43 -24.07 -10.69
C LYS L 431 31.25 -23.63 -9.84
N GLU L 432 30.39 -22.77 -10.37
CA GLU L 432 29.20 -22.23 -9.71
C GLU L 432 29.52 -21.33 -8.52
N ARG L 433 30.79 -21.00 -8.30
CA ARG L 433 31.19 -20.04 -7.26
C ARG L 433 32.46 -19.36 -7.76
N VAL L 434 32.29 -18.21 -8.39
CA VAL L 434 33.38 -17.51 -9.08
C VAL L 434 33.65 -16.20 -8.35
N LYS L 435 34.92 -15.95 -8.06
CA LYS L 435 35.34 -14.72 -7.39
C LYS L 435 35.73 -13.61 -8.36
N ARG L 436 35.59 -13.86 -9.67
CA ARG L 436 35.89 -12.85 -10.67
C ARG L 436 34.66 -12.13 -11.20
N PHE L 437 33.48 -12.74 -11.11
CA PHE L 437 32.24 -12.17 -11.62
C PHE L 437 31.21 -12.18 -10.51
N PRO L 438 31.21 -11.15 -9.65
CA PRO L 438 30.23 -11.12 -8.54
C PRO L 438 28.80 -10.86 -8.98
N ILE L 439 28.58 -10.12 -10.06
CA ILE L 439 27.23 -9.78 -10.50
C ILE L 439 26.65 -10.86 -11.41
N GLU L 440 27.44 -11.33 -12.38
CA GLU L 440 26.94 -12.31 -13.34
C GLU L 440 26.69 -13.66 -12.69
N SER L 441 27.48 -14.02 -11.67
CA SER L 441 27.27 -15.29 -10.99
C SER L 441 25.96 -15.34 -10.24
N ARG L 442 25.43 -14.18 -9.81
CA ARG L 442 24.15 -14.13 -9.12
C ARG L 442 22.97 -14.07 -10.09
N LEU L 443 23.18 -13.49 -11.28
CA LEU L 443 22.13 -13.51 -12.29
C LEU L 443 21.91 -14.91 -12.84
N PHE L 444 22.98 -15.69 -12.94
CA PHE L 444 22.88 -17.04 -13.50
C PHE L 444 22.12 -17.99 -12.59
N HIS L 445 22.18 -17.75 -11.27
CA HIS L 445 21.54 -18.65 -10.32
C HIS L 445 20.02 -18.45 -10.24
N LYS L 446 19.48 -17.41 -10.87
CA LYS L 446 18.03 -17.22 -10.89
C LYS L 446 17.34 -18.00 -11.98
N LEU L 447 18.09 -18.51 -12.97
CA LEU L 447 17.48 -19.33 -14.01
C LEU L 447 17.04 -20.67 -13.42
N SER L 448 15.92 -21.18 -13.93
CA SER L 448 15.37 -22.43 -13.42
C SER L 448 16.31 -23.60 -13.70
N THR L 449 16.21 -24.62 -12.85
CA THR L 449 17.16 -25.73 -12.92
C THR L 449 17.03 -26.49 -14.24
N ARG L 450 15.80 -26.76 -14.68
CA ARG L 450 15.60 -27.58 -15.88
C ARG L 450 16.18 -26.90 -17.12
N HIS L 451 16.13 -25.58 -17.18
CA HIS L 451 16.74 -24.87 -18.31
C HIS L 451 18.25 -25.07 -18.32
N ARG L 452 18.88 -25.02 -17.15
CA ARG L 452 20.33 -25.22 -17.09
C ARG L 452 20.72 -26.64 -17.46
N LEU L 453 19.95 -27.64 -17.01
CA LEU L 453 20.22 -29.00 -17.46
C LEU L 453 20.03 -29.15 -18.97
N ALA L 454 19.02 -28.48 -19.53
CA ALA L 454 18.83 -28.53 -20.98
C ALA L 454 20.05 -27.96 -21.70
N TYR L 455 20.58 -26.86 -21.19
CA TYR L 455 21.75 -26.25 -21.81
C TYR L 455 22.97 -27.15 -21.71
N VAL L 456 23.16 -27.78 -20.55
CA VAL L 456 24.32 -28.65 -20.36
C VAL L 456 24.24 -29.86 -21.28
N GLU L 457 23.06 -30.49 -21.36
CA GLU L 457 22.89 -31.65 -22.23
C GLU L 457 23.06 -31.27 -23.69
N ALA L 458 22.54 -30.12 -24.11
CA ALA L 458 22.72 -29.69 -25.49
C ALA L 458 24.18 -29.45 -25.83
N VAL L 459 24.94 -28.84 -24.92
CA VAL L 459 26.34 -28.53 -25.21
C VAL L 459 27.20 -29.79 -25.19
N SER L 460 26.90 -30.75 -24.32
CA SER L 460 27.76 -31.92 -24.16
C SER L 460 27.71 -32.88 -25.36
N LYS L 461 26.96 -32.56 -26.41
CA LYS L 461 26.87 -33.44 -27.59
C LYS L 461 27.60 -32.86 -28.79
N LEU L 462 28.36 -31.82 -28.61
CA LEU L 462 29.03 -31.22 -29.75
C LEU L 462 30.51 -31.59 -29.77
N PRO L 463 31.13 -31.63 -30.96
CA PRO L 463 32.57 -31.91 -31.01
C PRO L 463 33.40 -30.71 -30.61
N SER L 464 34.17 -30.85 -29.53
CA SER L 464 34.97 -29.74 -29.03
C SER L 464 36.03 -29.31 -30.05
N ASP L 465 36.65 -30.26 -30.74
CA ASP L 465 37.68 -29.95 -31.73
C ASP L 465 37.00 -29.67 -33.07
N SER L 466 36.38 -28.50 -33.15
CA SER L 466 35.69 -28.09 -34.36
C SER L 466 35.60 -26.57 -34.38
N PRO L 467 35.72 -25.95 -35.55
CA PRO L 467 35.66 -24.48 -35.61
C PRO L 467 34.26 -23.91 -35.42
N GLU L 468 33.23 -24.75 -35.39
CA GLU L 468 31.85 -24.28 -35.26
C GLU L 468 31.32 -24.33 -33.83
N PHE L 469 32.17 -24.66 -32.86
CA PHE L 469 31.75 -24.74 -31.46
C PHE L 469 31.25 -23.42 -30.89
N PRO L 470 31.94 -22.28 -31.05
CA PRO L 470 31.43 -21.03 -30.45
C PRO L 470 30.06 -20.62 -30.99
N LEU L 471 29.81 -20.87 -32.26
CA LEU L 471 28.53 -20.50 -32.86
C LEU L 471 27.38 -21.24 -32.19
N TRP L 472 27.52 -22.56 -32.06
CA TRP L 472 26.50 -23.36 -31.41
C TRP L 472 26.34 -22.99 -29.94
N GLU L 473 27.47 -22.72 -29.26
CA GLU L 473 27.39 -22.33 -27.86
C GLU L 473 26.59 -21.04 -27.70
N TYR L 474 26.84 -20.05 -28.54
CA TYR L 474 26.08 -18.80 -28.47
C TYR L 474 24.61 -19.03 -28.78
N TYR L 475 24.32 -19.85 -29.79
CA TYR L 475 22.94 -20.14 -30.14
C TYR L 475 22.20 -20.76 -28.96
N TYR L 476 22.81 -21.74 -28.29
CA TYR L 476 22.15 -22.39 -27.18
C TYR L 476 22.02 -21.47 -25.98
N ARG L 477 22.98 -20.58 -25.75
CA ARG L 477 22.84 -19.60 -24.68
C ARG L 477 21.65 -18.68 -24.92
N CYS L 478 21.50 -18.18 -26.14
CA CYS L 478 20.36 -17.33 -26.47
C CYS L 478 19.05 -18.10 -26.32
N ARG L 479 19.04 -19.37 -26.69
CA ARG L 479 17.82 -20.15 -26.55
C ARG L 479 17.49 -20.30 -25.08
N LEU L 480 18.49 -20.55 -24.25
CA LEU L 480 18.26 -20.67 -22.82
C LEU L 480 17.62 -19.40 -22.26
N LEU L 481 18.14 -18.23 -22.64
CA LEU L 481 17.56 -16.98 -22.17
C LEU L 481 16.11 -16.83 -22.65
N GLN L 482 15.85 -17.15 -23.91
CA GLN L 482 14.49 -17.05 -24.45
C GLN L 482 13.54 -17.99 -23.73
N ASP L 483 13.98 -19.21 -23.45
CA ASP L 483 13.12 -20.16 -22.74
C ASP L 483 12.79 -19.66 -21.35
N TYR L 484 13.79 -19.11 -20.65
CA TYR L 484 13.53 -18.58 -19.31
C TYR L 484 12.52 -17.44 -19.37
N ILE L 485 12.67 -16.52 -20.33
CA ILE L 485 11.75 -15.39 -20.40
C ILE L 485 10.34 -15.87 -20.73
N SER L 486 10.21 -16.80 -21.69
CA SER L 486 8.89 -17.21 -22.14
C SER L 486 8.23 -18.22 -21.22
N GLY L 487 8.94 -18.77 -20.24
CA GLY L 487 8.34 -19.72 -19.34
C GLY L 487 7.67 -19.16 -18.12
N MET L 488 7.39 -17.86 -18.08
CA MET L 488 6.83 -17.22 -16.90
C MET L 488 5.32 -17.01 -17.05
N THR L 489 4.73 -16.46 -16.00
CA THR L 489 3.38 -15.94 -16.02
C THR L 489 3.43 -14.41 -16.09
N ASP L 490 2.28 -13.82 -16.35
CA ASP L 490 2.18 -12.39 -16.47
C ASP L 490 2.35 -11.69 -15.15
N LEU L 491 2.05 -12.36 -14.06
CA LEU L 491 2.19 -11.77 -12.74
C LEU L 491 3.59 -11.94 -12.16
N TYR L 492 4.19 -13.11 -12.33
CA TYR L 492 5.55 -13.34 -11.85
C TYR L 492 6.55 -12.45 -12.56
N ALA L 493 6.41 -12.30 -13.88
CA ALA L 493 7.30 -11.41 -14.62
C ALA L 493 7.14 -9.97 -14.18
N TRP L 494 5.91 -9.54 -13.95
CA TRP L 494 5.65 -8.18 -13.50
C TRP L 494 6.29 -7.93 -12.13
N ASP L 495 6.13 -8.88 -11.22
CA ASP L 495 6.72 -8.74 -9.89
C ASP L 495 8.23 -8.75 -9.93
N GLU L 496 8.82 -9.67 -10.71
CA GLU L 496 10.28 -9.70 -10.84
C GLU L 496 10.81 -8.42 -11.46
N TYR L 497 10.07 -7.85 -12.42
CA TYR L 497 10.51 -6.60 -13.02
C TYR L 497 10.50 -5.47 -12.02
N ARG L 498 9.52 -5.41 -11.16
CA ARG L 498 9.50 -4.36 -10.16
C ARG L 498 10.57 -4.58 -9.11
N ARG L 499 10.84 -5.83 -8.75
CA ARG L 499 11.81 -6.14 -7.71
C ARG L 499 13.24 -5.91 -8.17
N LEU L 500 13.57 -6.29 -9.39
CA LEU L 500 14.95 -6.15 -9.87
C LEU L 500 15.31 -4.71 -10.19
N MET L 501 14.35 -3.79 -10.24
CA MET L 501 14.62 -2.39 -10.49
C MET L 501 14.60 -1.54 -9.22
N ALA L 502 14.58 -2.18 -8.05
CA ALA L 502 14.61 -1.48 -6.76
C ALA L 502 13.46 -0.51 -6.60
N VAL L 503 12.26 -0.96 -6.98
CA VAL L 503 11.06 -0.15 -6.83
C VAL L 503 10.23 -0.69 -5.67
N GLU L 504 10.06 -2.00 -5.60
CA GLU L 504 9.33 -2.62 -4.50
C GLU L 504 10.29 -3.17 -3.47
MG MG M . -27.27 23.82 -2.52
PG DGT N . -32.89 21.80 2.35
O1G DGT N . -33.21 23.11 1.75
O2G DGT N . -31.71 21.84 3.25
O3G DGT N . -34.06 21.16 3.07
O3B DGT N . -32.51 20.80 1.27
PB DGT N . -31.29 20.30 0.58
O1B DGT N . -31.11 20.96 -0.70
O2B DGT N . -30.18 20.48 1.59
O3A DGT N . -31.58 18.76 0.42
PA DGT N . -30.97 17.59 -0.37
O1A DGT N . -30.05 16.80 0.47
O2A DGT N . -32.13 16.81 -0.96
O5' DGT N . -30.19 18.27 -1.54
C5' DGT N . -28.74 18.29 -1.59
C4' DGT N . -28.29 17.45 -2.75
O4' DGT N . -28.59 16.07 -2.49
C3' DGT N . -29.00 17.76 -4.06
O3' DGT N . -28.18 18.64 -4.82
C2' DGT N . -29.11 16.41 -4.75
C1' DGT N . -28.66 15.39 -3.72
N9 DGT N . -29.59 14.27 -3.54
C8 DGT N . -30.94 14.28 -3.57
N7 DGT N . -31.45 13.09 -3.35
C5 DGT N . -30.38 12.27 -3.15
C6 DGT N . -30.30 10.88 -2.90
O6 DGT N . -31.22 10.09 -2.76
N1 DGT N . -29.00 10.43 -2.78
C2 DGT N . -27.92 11.24 -2.90
N2 DGT N . -26.74 10.64 -2.76
N3 DGT N . -27.97 12.53 -3.16
C4 DGT N . -29.23 12.99 -3.27
PG DGT O . 3.45 36.67 -14.27
O1G DGT O . 2.53 37.81 -14.17
O2G DGT O . 2.84 35.49 -14.93
O3G DGT O . 4.76 37.00 -14.92
O3B DGT O . 3.83 36.16 -12.88
PB DGT O . 3.34 35.16 -11.89
O1B DGT O . 2.52 35.78 -10.86
O2B DGT O . 2.69 34.08 -12.72
O3A DGT O . 4.70 34.58 -11.29
PA DGT O . 5.11 33.73 -10.09
O1A DGT O . 5.30 32.31 -10.49
O2A DGT O . 6.32 34.39 -9.48
O5' DGT O . 3.91 33.86 -9.08
C5' DGT O . 3.01 32.75 -8.83
C4' DGT O . 3.20 32.31 -7.41
O4' DGT O . 4.49 31.71 -7.26
C3' DGT O . 3.17 33.44 -6.38
O3' DGT O . 1.87 33.52 -5.83
C2' DGT O . 4.18 33.01 -5.33
C1' DGT O . 4.86 31.77 -5.91
N9 DGT O . 6.33 31.84 -5.86
C8 DGT O . 7.14 32.90 -6.04
N7 DGT O . 8.40 32.58 -5.96
C5 DGT O . 8.42 31.23 -5.71
C6 DGT O . 9.49 30.34 -5.50
O6 DGT O . 10.69 30.58 -5.52
N1 DGT O . 9.07 29.04 -5.28
C2 DGT O . 7.76 28.67 -5.24
N2 DGT O . 7.53 27.38 -5.00
N3 DGT O . 6.75 29.51 -5.42
C4 DGT O . 7.14 30.76 -5.64
PG DGT P . 10.86 2.71 37.86
O1G DGT P . 12.21 2.73 38.46
O2G DGT P . 10.59 1.47 37.08
O3G DGT P . 9.75 2.94 38.85
O3B DGT P . 10.72 3.82 36.84
PB DGT P . 10.91 4.05 35.39
O1B DGT P . 12.19 4.68 35.11
O2B DGT P . 10.67 2.70 34.76
O3A DGT P . 9.69 5.00 35.02
PA DGT P . 9.28 5.87 33.82
O1A DGT P . 8.32 5.16 32.94
O2A DGT P . 8.78 7.19 34.38
O5' DGT P . 10.63 6.14 33.05
C5' DGT P . 10.91 5.53 31.77
C4' DGT P . 10.95 6.62 30.74
O4' DGT P . 9.64 7.16 30.55
C3' DGT P . 11.83 7.81 31.11
O3' DGT P . 13.10 7.65 30.50
C2' DGT P . 11.08 9.01 30.50
C1' DGT P . 9.77 8.45 30.01
N9 DGT P . 8.60 9.22 30.46
C8 DGT P . 8.39 9.83 31.65
N7 DGT P . 7.23 10.40 31.72
C5 DGT P . 6.63 10.16 30.50
C6 DGT P . 5.37 10.53 29.99
O6 DGT P . 4.48 11.19 30.55
N1 DGT P . 5.15 10.08 28.70
C2 DGT P . 6.06 9.34 28.02
N2 DGT P . 5.70 8.97 26.79
N3 DGT P . 7.25 8.99 28.48
C4 DGT P . 7.47 9.42 29.73
PG DGT Q . 38.36 -6.70 6.70
O1G DGT Q . 39.08 -6.89 7.97
O2G DGT Q . 37.67 -5.39 6.61
O3G DGT Q . 39.22 -6.91 5.47
O3B DGT Q . 37.24 -7.72 6.56
PB DGT Q . 35.79 -7.85 6.88
O1B DGT Q . 35.58 -8.56 8.13
O2B DGT Q . 35.26 -6.43 6.83
O3A DGT Q . 35.22 -8.65 5.64
PA DGT Q . 33.92 -9.37 5.27
O1A DGT Q . 33.03 -8.52 4.48
O2A DGT Q . 34.32 -10.68 4.62
O5' DGT Q . 33.26 -9.71 6.67
C5' DGT Q . 32.07 -9.03 7.12
C4' DGT Q . 30.96 -10.03 7.18
O4' DGT Q . 30.60 -10.44 5.86
C3' DGT Q . 31.30 -11.32 7.91
O3' DGT Q . 30.84 -11.23 9.26
C2' DGT Q . 30.53 -12.40 7.15
C1' DGT Q . 29.96 -11.69 5.92
N9 DGT Q . 30.24 -12.38 4.66
C8 DGT Q . 31.35 -13.07 4.29
N7 DGT Q . 31.26 -13.54 3.08
C5 DGT Q . 30.02 -13.13 2.63
C6 DGT Q . 29.36 -13.36 1.40
O6 DGT Q . 29.77 -13.98 0.42
N1 DGT Q . 28.11 -12.78 1.34
C2 DGT Q . 27.57 -12.08 2.38
N2 DGT Q . 26.36 -11.59 2.17
N3 DGT Q . 28.17 -11.87 3.54
C4 DGT Q . 29.40 -12.42 3.61
PG DGT R . -17.09 -35.56 1.91
O1G DGT R . -17.17 -36.63 0.89
O2G DGT R . -17.69 -34.29 1.47
O3G DGT R . -17.63 -35.96 3.26
O3B DGT R . -15.63 -35.20 2.18
PB DGT R . -14.59 -34.25 1.69
O1B DGT R . -13.71 -34.87 0.70
O2B DGT R . -15.37 -33.05 1.21
O3A DGT R . -13.83 -33.86 3.01
PA DGT R . -12.53 -33.13 3.37
O1A DGT R . -12.77 -31.71 3.71
O2A DGT R . -11.85 -33.94 4.46
O5' DGT R . -11.65 -33.23 2.06
C5' DGT R . -11.38 -32.09 1.24
C4' DGT R . -9.90 -31.78 1.31
O4' DGT R . -9.59 -31.30 2.63
C3' DGT R . -9.00 -32.98 1.10
O3' DGT R . -8.57 -32.99 -0.26
C2' DGT R . -7.82 -32.71 2.03
C1' DGT R . -8.21 -31.51 2.86
N9 DGT R . -8.04 -31.70 4.30
C8 DGT R . -8.24 -32.82 5.04
N7 DGT R . -8.01 -32.62 6.31
C5 DGT R . -7.64 -31.30 6.40
C6 DGT R . -7.25 -30.52 7.52
O6 DGT R . -7.19 -30.87 8.70
N1 DGT R . -6.94 -29.22 7.19
C2 DGT R . -7.01 -28.75 5.92
N2 DGT R . -6.68 -27.47 5.75
N3 DGT R . -7.35 -29.46 4.86
C4 DGT R . -7.66 -30.74 5.17
PG DGT S . -2.70 -18.91 -34.59
O1G DGT S . -3.45 -20.13 -34.95
O2G DGT S . -1.70 -19.12 -33.51
O3G DGT S . -2.04 -18.23 -35.77
O3B DGT S . -3.64 -17.86 -34.02
PB DGT S . -4.17 -17.43 -32.70
O1B DGT S . -5.49 -17.99 -32.44
O2B DGT S . -3.08 -17.78 -31.72
O3A DGT S . -4.23 -15.84 -32.84
PA DGT S . -4.84 -14.68 -32.06
O1A DGT S . -3.85 -14.05 -31.18
O2A DGT S . -5.47 -13.75 -33.10
O5' DGT S . -6.00 -15.33 -31.22
C5' DGT S . -5.90 -15.47 -29.79
C4' DGT S . -6.95 -14.59 -29.16
O4' DGT S . -6.59 -13.21 -29.37
C3' DGT S . -8.33 -14.73 -29.74
O3' DGT S . -9.08 -15.62 -28.92
C2' DGT S . -8.91 -13.32 -29.67
C1' DGT S . -7.76 -12.44 -29.25
N9 DGT S . -7.57 -11.26 -30.09
C8 DGT S . -7.73 -11.14 -31.45
N7 DGT S . -7.45 -9.94 -31.86
C5 DGT S . -7.08 -9.24 -30.75
C6 DGT S . -6.69 -7.89 -30.59
O6 DGT S . -6.58 -7.02 -31.46
N1 DGT S . -6.41 -7.56 -29.28
C2 DGT S . -6.50 -8.45 -28.26
N2 DGT S . -6.19 -7.97 -27.05
N3 DGT S . -6.88 -9.72 -28.39
C4 DGT S . -7.16 -10.05 -29.66
MG MG T . -2.34 34.93 -9.48
MG MG U . 16.17 3.15 32.29
MG MG V . 33.29 -7.17 12.49
MG MG W . -12.72 -33.72 -4.17
MG MG X . -7.17 -21.03 -28.68
#